data_7LXY
#
_entry.id   7LXY
#
_cell.length_a   1.00
_cell.length_b   1.00
_cell.length_c   1.00
_cell.angle_alpha   90.00
_cell.angle_beta   90.00
_cell.angle_gamma   90.00
#
_symmetry.space_group_name_H-M   'P 1'
#
loop_
_entity.id
_entity.type
_entity.pdbx_description
1 polymer 'Spike glycoprotein'
2 polymer 'S2M11 Fab Light Chain variable region'
3 polymer 'S2M11 Fab Heavy Chain variable region'
4 polymer 'S2X333 Fab Heavy Chain variable region'
5 polymer 'S2X333 Fab Light Chain variable region'
6 branched beta-D-mannopyranose-(1-4)-2-acetamido-2-deoxy-beta-D-glucopyranose-(1-4)-[alpha-L-fucopyranose-(1-6)]2-acetamido-2-deoxy-beta-D-glucopyranose
7 branched 2-acetamido-2-deoxy-beta-D-glucopyranose-(1-4)-2-acetamido-2-deoxy-beta-D-glucopyranose
8 non-polymer 2-acetamido-2-deoxy-beta-D-glucopyranose
9 water water
#
loop_
_entity_poly.entity_id
_entity_poly.type
_entity_poly.pdbx_seq_one_letter_code
_entity_poly.pdbx_strand_id
1 'polypeptide(L)'
;MFVFLVLLPLVSSQCVNLTTRTQLPPAYTNSFTRGVYYPDKVFRSSVLHSTQDLFLPFFSNVTWFHAIHVSGTNGTKRFD
NPVLPFNDGVYFASTEKSNIIRGWIFGTTLDSKTQSLLIVNNATNVVIKVCEFQFCNDPFLGVYYHKNNKSWMESEFRVY
SSANNCTFEYVSQPFLMDLEGKQGNFKNLREFVFKNIDGYFKIYSKHTPINLVRDLPQGFSALEPLVDLPIGINITRFQT
LLALHRSYLTPGDSSSGWTAGAAAYYVGYLQPRTFLLKYNENGTITDAVDCALDPLSETKCTLKSFTVEKGIYQTSNFRV
QPTESIVRFPNITNLCPFGEVFNATRFASVYAWNRKRISNCVADYSVLYNSASFSTFKCYGVSPTKLNDLCFTNVYADSF
VIRGDEVRQIAPGQTGKIADYNYKLPDDFTGCVIAWNSNNLDSKVGGNYNYLYRLFRKSNLKPFERDISTEIYQAGSTPC
NGVEGFNCYFPLQSYGFQPTNGVGYQPYRVVVLSFELLHAPATVCGPKKSTNLVKNKCVNFNFNGLTGTGVLTESNKKFL
PFQQFGRDIADTTDAVRDPQTLEILDITPCSFGGVSVITPGTNTSNQVAVLYQDVNCTEVPVAIHADQLTPTWRVYSTGS
NVFQTRAGCLIGAEHVNNSYECDIPIGAGICASYQTQTNSPGSASSVASQSIIAYTMSLGAENSVAYSNNSIAIPTNFTI
SVTTEILPVSMTKTSVDCTMYICGDSTECSNLLLQYGSFCTQLNRALTGIAVEQDKNTQEVFAQVKQIYKTPPIKDFGGF
NFSQILPDPSKPSKRSPIEDLLFNKVTLADAGFIKQYGDCLGDIAARDLICAQKFNGLTVLPPLLTDEMIAQYTSALLAG
TITSGWTFGAGPALQIPFPMQMAYRFNGIGVTQNVLYENQKLIANQFNSAIGKIQDSLSSTPSALGKLQDVVNQNAQALN
TLVKQLSSNFGAISSVLNDILSRLDPPEAEVQIDRLITGRLQSLQTYVTQQLIRAAEIRASANLAATKMSECVLGQSKRV
DFCGKGYHLMSFPQSAPHGVVFLHVTYVPAQEKNFTTAPAICHDGKAHFPREGVFVSNGTHWFVTQRNFYEPQIITTDNT
FVSGNCDVVIGIVNNTVYDPLQPELDSFKEELDKYFKNHTSPDVDLGDISGINASVVNIQKEIDRLNEVAKNLNESLIDL
QELGKYEQGSGYIPEAPRDGQAYVRKDGEWVLLSTFLGRSLEVLFQGPGHHHHHHHHSAWSHPQFEKGGGSGGGGSGGSA
WSHPQFEK
;
A,B,J
2 'polypeptide(L)'
;IVMMQSPGTLSLSPGERATLSCRASQSVSSSYLAWYQQKPGQAPRLLIYGASSRATGIPDRFSGSGSGTDFTLTISRLEP
EDFAVYYCQQYGSSAWTFGQGTKV
;
D,C,K
3 'polypeptide(L)'
;VQLVQSGAEVKKPGASVKVSCKASGYTFTGYYMHWVRQAPGQGLEWMGWINPISSGTSYAQTFQGRVTMTSDTSITTAYM
ELSRLRSDDTAVYYCARAAPFYDFWSGYSYFDYWGQGTLVTV
;
E,F,M
4 'polypeptide(L)'
;VQLVESGGGVVQPGRSLRLSCAASGFTFSNYGMHWVRQAPGKGLEWVAVIWYDGSNKFYADSVKGRFTISRDNSKNSLYL
QMNSLRAEDTAVYFCARAFPDSSSWSGFTIDYWGQGTLVTV
;
H,G,N
5 'polypeptide(L)'
;YELTQPPSVSTARITCGGNNIERKSVHWCQQKPGQAPALVVYDDSDRPSGIPERFSGSNSGNTATLTISRVEAGDEADYY
CQVWDSGSDQVIFGGGTKLT
;
L,I,O
#
loop_
_chem_comp.id
_chem_comp.type
_chem_comp.name
_chem_comp.formula
BMA D-saccharide, beta linking beta-D-mannopyranose 'C6 H12 O6'
FUC L-saccharide, alpha linking alpha-L-fucopyranose 'C6 H12 O5'
NAG D-saccharide, beta linking 2-acetamido-2-deoxy-beta-D-glucopyranose 'C8 H15 N O6'
#
# COMPACT_ATOMS: atom_id res chain seq x y z
N GLN A 14 -42.17 9.64 -48.71
CA GLN A 14 -41.33 8.58 -49.26
C GLN A 14 -39.98 9.14 -49.69
N CYS A 15 -39.09 8.26 -50.15
CA CYS A 15 -37.75 8.64 -50.57
C CYS A 15 -37.73 9.16 -52.00
N VAL A 16 -36.99 10.24 -52.22
CA VAL A 16 -36.82 10.84 -53.53
C VAL A 16 -35.34 10.91 -53.88
N ASN A 17 -34.99 10.41 -55.07
CA ASN A 17 -33.61 10.44 -55.56
C ASN A 17 -33.23 11.83 -56.05
N LEU A 18 -32.11 12.36 -55.55
CA LEU A 18 -31.62 13.68 -55.96
C LEU A 18 -30.23 13.57 -56.57
N ALA A 27 -12.87 20.65 -51.84
CA ALA A 27 -12.52 21.99 -51.35
C ALA A 27 -12.18 21.94 -49.86
N TYR A 28 -11.17 22.71 -49.46
CA TYR A 28 -10.72 22.79 -48.07
C TYR A 28 -10.54 24.23 -47.62
N THR A 29 -10.79 24.49 -46.35
CA THR A 29 -10.54 25.79 -45.76
C THR A 29 -9.79 25.66 -44.45
N ASN A 30 -9.23 26.77 -43.99
CA ASN A 30 -8.47 26.79 -42.75
C ASN A 30 -9.39 26.89 -41.53
N SER A 31 -9.17 26.05 -40.53
CA SER A 31 -9.98 26.07 -39.31
C SER A 31 -9.64 27.25 -38.42
N PHE A 32 -8.49 27.87 -38.67
CA PHE A 32 -7.99 28.94 -37.83
C PHE A 32 -8.02 28.54 -36.37
N THR A 33 -8.78 29.28 -35.56
CA THR A 33 -8.85 29.00 -34.14
C THR A 33 -10.29 28.68 -33.72
N ARG A 34 -11.08 28.18 -34.65
CA ARG A 34 -12.47 27.81 -34.39
C ARG A 34 -12.56 26.39 -33.83
N GLY A 35 -13.70 26.06 -33.26
CA GLY A 35 -13.96 24.68 -32.83
C GLY A 35 -13.66 24.46 -31.36
N VAL A 36 -13.40 25.54 -30.63
CA VAL A 36 -13.16 25.45 -29.20
C VAL A 36 -14.46 25.63 -28.43
N TYR A 37 -14.68 24.77 -27.47
CA TYR A 37 -15.89 24.76 -26.67
C TYR A 37 -15.58 24.61 -25.20
N TYR A 38 -16.53 24.96 -24.35
CA TYR A 38 -16.36 24.78 -22.91
C TYR A 38 -16.32 23.30 -22.56
N PRO A 39 -15.16 22.79 -22.12
CA PRO A 39 -14.85 21.39 -21.93
C PRO A 39 -15.68 20.77 -20.81
N ASP A 40 -16.18 21.61 -19.93
CA ASP A 40 -17.01 21.14 -18.82
C ASP A 40 -17.97 22.22 -18.37
N LYS A 41 -18.67 21.96 -17.27
CA LYS A 41 -19.70 22.86 -16.78
C LYS A 41 -19.25 23.57 -15.50
N VAL A 42 -17.94 23.76 -15.39
CA VAL A 42 -17.39 24.43 -14.23
C VAL A 42 -17.09 25.87 -14.53
N PHE A 43 -17.56 26.76 -13.66
CA PHE A 43 -17.26 28.18 -13.82
C PHE A 43 -15.85 28.49 -13.36
N ARG A 44 -15.09 29.13 -14.22
CA ARG A 44 -13.75 29.59 -13.91
C ARG A 44 -13.62 31.00 -14.39
N SER A 45 -12.79 31.80 -13.72
CA SER A 45 -12.60 33.17 -14.15
C SER A 45 -11.19 33.65 -13.91
N SER A 46 -10.74 34.57 -14.76
CA SER A 46 -9.42 35.17 -14.62
C SER A 46 -8.35 34.12 -14.36
N VAL A 47 -8.35 33.08 -15.19
CA VAL A 47 -7.43 31.96 -14.99
C VAL A 47 -7.12 31.26 -16.30
N LEU A 48 -5.92 30.72 -16.40
CA LEU A 48 -5.55 29.88 -17.52
C LEU A 48 -5.65 28.41 -17.13
N HIS A 49 -6.53 27.69 -17.79
CA HIS A 49 -6.79 26.30 -17.43
C HIS A 49 -6.36 25.35 -18.53
N SER A 50 -5.54 24.37 -18.17
CA SER A 50 -5.10 23.37 -19.13
C SER A 50 -6.02 22.18 -19.10
N THR A 51 -6.55 21.82 -20.27
CA THR A 51 -7.49 20.72 -20.38
C THR A 51 -7.16 19.83 -21.56
N GLN A 52 -7.34 18.53 -21.38
CA GLN A 52 -7.17 17.58 -22.46
C GLN A 52 -8.52 17.02 -22.88
N ASP A 53 -8.88 17.26 -24.14
CA ASP A 53 -10.18 16.86 -24.65
C ASP A 53 -10.15 16.75 -26.16
N LEU A 54 -11.29 16.38 -26.75
CA LEU A 54 -11.39 16.30 -28.20
C LEU A 54 -11.71 17.65 -28.80
N PHE A 55 -10.69 18.28 -29.38
CA PHE A 55 -10.82 19.61 -29.94
C PHE A 55 -10.48 19.61 -31.40
N LEU A 56 -10.99 20.58 -32.13
CA LEU A 56 -10.55 20.79 -33.49
C LEU A 56 -9.18 21.46 -33.46
N PRO A 57 -8.13 20.81 -33.99
CA PRO A 57 -6.78 21.32 -34.04
C PRO A 57 -6.75 22.66 -34.74
N PHE A 58 -5.92 23.55 -34.26
CA PHE A 58 -5.82 24.87 -34.87
C PHE A 58 -5.19 24.77 -36.25
N PHE A 59 -5.69 25.59 -37.16
CA PHE A 59 -5.18 25.64 -38.53
C PHE A 59 -5.23 24.27 -39.18
N SER A 60 -6.36 23.58 -38.97
CA SER A 60 -6.59 22.25 -39.51
C SER A 60 -7.28 22.32 -40.86
N ASN A 61 -7.28 21.14 -41.54
CA ASN A 61 -7.94 21.02 -42.85
C ASN A 61 -9.43 20.74 -42.65
N VAL A 62 -10.24 21.72 -42.98
CA VAL A 62 -11.69 21.56 -42.88
C VAL A 62 -12.30 21.41 -44.25
N THR A 63 -13.07 20.35 -44.44
CA THR A 63 -13.64 20.09 -45.76
C THR A 63 -14.85 20.98 -45.99
N TRP A 64 -14.89 21.62 -47.15
CA TRP A 64 -15.95 22.56 -47.48
C TRP A 64 -16.95 21.94 -48.46
N PHE A 65 -18.20 21.80 -48.02
CA PHE A 65 -19.22 21.15 -48.80
C PHE A 65 -20.27 22.12 -49.32
N HIS A 66 -20.86 21.79 -50.46
CA HIS A 66 -21.93 22.58 -51.07
C HIS A 66 -23.18 21.72 -51.26
N LYS A 77 -27.38 22.49 -62.98
CA LYS A 77 -27.60 22.36 -61.55
C LYS A 77 -27.31 20.92 -61.10
N ARG A 78 -27.00 20.77 -59.81
CA ARG A 78 -26.62 19.46 -59.25
C ARG A 78 -26.89 19.42 -57.75
N PHE A 79 -27.00 18.21 -57.21
CA PHE A 79 -27.14 18.00 -55.79
C PHE A 79 -26.14 16.98 -55.28
N ASP A 80 -25.45 17.33 -54.21
CA ASP A 80 -24.45 16.43 -53.63
C ASP A 80 -24.35 16.64 -52.12
N ASN A 81 -24.84 15.67 -51.37
CA ASN A 81 -24.88 15.79 -49.91
C ASN A 81 -24.48 14.47 -49.26
N PRO A 82 -23.19 14.14 -49.29
CA PRO A 82 -22.61 12.83 -49.04
C PRO A 82 -22.65 12.46 -47.58
N VAL A 83 -22.58 11.17 -47.29
CA VAL A 83 -22.44 10.71 -45.92
C VAL A 83 -21.00 10.71 -45.50
N LEU A 84 -20.71 11.36 -44.39
CA LEU A 84 -19.36 11.56 -43.93
C LEU A 84 -19.11 10.73 -42.68
N PRO A 85 -17.87 10.35 -42.41
CA PRO A 85 -17.44 9.67 -41.22
C PRO A 85 -17.56 10.60 -40.03
N PHE A 86 -17.80 10.02 -38.86
CA PHE A 86 -17.90 10.78 -37.62
C PHE A 86 -16.58 10.76 -36.87
N ASN A 87 -15.83 9.68 -37.06
CA ASN A 87 -14.56 9.49 -36.37
C ASN A 87 -14.72 9.65 -34.86
N ASP A 88 -13.93 10.56 -34.28
CA ASP A 88 -13.95 10.75 -32.83
C ASP A 88 -14.82 11.92 -32.42
N GLY A 89 -15.47 12.53 -33.39
CA GLY A 89 -16.28 13.71 -33.12
C GLY A 89 -16.17 14.68 -34.28
N VAL A 90 -17.18 15.52 -34.42
CA VAL A 90 -17.28 16.37 -35.59
C VAL A 90 -17.47 17.84 -35.26
N TYR A 91 -16.72 18.67 -35.97
CA TYR A 91 -16.96 20.11 -35.99
C TYR A 91 -17.76 20.47 -37.23
N PHE A 92 -18.88 21.13 -37.03
CA PHE A 92 -19.76 21.47 -38.15
C PHE A 92 -20.08 22.95 -38.14
N ALA A 93 -20.03 23.57 -39.30
CA ALA A 93 -20.37 24.98 -39.38
C ALA A 93 -21.04 25.32 -40.69
N SER A 94 -21.91 26.32 -40.68
CA SER A 94 -22.53 26.79 -41.91
C SER A 94 -22.82 28.28 -41.85
N THR A 95 -22.72 28.94 -42.99
CA THR A 95 -23.05 30.35 -43.09
C THR A 95 -24.18 30.56 -44.08
N GLU A 96 -25.31 31.04 -43.59
CA GLU A 96 -26.48 31.23 -44.45
C GLU A 96 -27.54 32.08 -43.80
N LYS A 97 -28.39 32.67 -44.63
CA LYS A 97 -29.57 33.38 -44.14
C LYS A 97 -30.84 32.69 -44.61
N SER A 98 -30.68 31.58 -45.33
CA SER A 98 -31.80 30.87 -45.93
C SER A 98 -32.25 29.67 -45.11
N ASN A 99 -31.55 29.42 -44.00
CA ASN A 99 -31.88 28.29 -43.14
C ASN A 99 -31.99 26.99 -43.92
N ILE A 100 -30.96 26.66 -44.69
CA ILE A 100 -30.95 25.43 -45.46
C ILE A 100 -30.63 24.24 -44.59
N ILE A 101 -29.68 24.40 -43.66
CA ILE A 101 -29.32 23.31 -42.78
C ILE A 101 -30.36 23.19 -41.68
N ARG A 102 -31.00 22.02 -41.60
CA ARG A 102 -32.10 21.83 -40.68
C ARG A 102 -31.79 20.80 -39.63
N GLY A 103 -30.89 19.89 -39.93
CA GLY A 103 -30.63 18.80 -39.00
C GLY A 103 -29.53 17.88 -39.46
N TRP A 104 -29.38 16.76 -38.77
CA TRP A 104 -28.36 15.79 -39.08
C TRP A 104 -28.84 14.38 -38.79
N ILE A 105 -28.24 13.43 -39.48
CA ILE A 105 -28.41 12.02 -39.16
C ILE A 105 -27.10 11.45 -38.66
N PHE A 106 -27.15 10.78 -37.52
CA PHE A 106 -25.97 10.12 -36.99
C PHE A 106 -26.26 8.64 -36.80
N GLY A 107 -25.29 7.79 -37.12
CA GLY A 107 -25.46 6.36 -36.92
C GLY A 107 -24.34 5.57 -37.56
N THR A 108 -24.64 4.33 -37.92
CA THR A 108 -23.66 3.45 -38.53
C THR A 108 -24.10 3.04 -39.92
N THR A 109 -25.00 2.07 -39.99
CA THR A 109 -25.52 1.61 -41.26
C THR A 109 -26.54 2.59 -41.83
N LEU A 110 -27.11 3.41 -40.95
CA LEU A 110 -28.13 4.37 -41.32
C LEU A 110 -29.33 3.68 -41.96
N ASP A 111 -29.64 2.49 -41.47
CA ASP A 111 -30.80 1.74 -41.94
C ASP A 111 -31.47 1.04 -40.76
N SER A 112 -32.50 0.26 -41.05
CA SER A 112 -33.35 -0.31 -40.01
C SER A 112 -32.64 -1.35 -39.16
N LYS A 113 -31.43 -1.73 -39.54
CA LYS A 113 -30.71 -2.78 -38.83
C LYS A 113 -30.19 -2.30 -37.48
N THR A 114 -29.91 -1.01 -37.34
CA THR A 114 -29.34 -0.49 -36.11
C THR A 114 -30.02 0.79 -35.65
N GLN A 115 -29.76 1.18 -34.41
CA GLN A 115 -30.29 2.44 -33.90
C GLN A 115 -29.54 3.62 -34.49
N SER A 116 -30.29 4.65 -34.87
CA SER A 116 -29.68 5.87 -35.39
C SER A 116 -30.31 7.10 -34.78
N LEU A 117 -29.52 8.16 -34.70
CA LEU A 117 -29.95 9.41 -34.10
C LEU A 117 -30.35 10.43 -35.14
N LEU A 118 -31.56 10.94 -35.03
CA LEU A 118 -32.07 11.92 -35.95
C LEU A 118 -32.35 13.24 -35.26
N ILE A 119 -31.68 14.30 -35.71
CA ILE A 119 -31.91 15.63 -35.17
C ILE A 119 -32.48 16.55 -36.24
N VAL A 120 -33.72 16.99 -36.03
CA VAL A 120 -34.36 17.88 -37.00
C VAL A 120 -34.96 19.11 -36.35
N ASN A 121 -34.61 20.28 -36.87
CA ASN A 121 -35.16 21.53 -36.38
C ASN A 121 -36.27 22.04 -37.29
N ASN A 122 -37.36 22.54 -36.68
CA ASN A 122 -38.41 23.24 -37.41
C ASN A 122 -38.66 24.62 -36.79
N ALA A 123 -39.74 25.27 -37.20
CA ALA A 123 -40.02 26.65 -36.83
C ALA A 123 -40.19 26.85 -35.32
N THR A 124 -40.69 25.84 -34.62
CA THR A 124 -41.07 26.02 -33.23
C THR A 124 -40.27 25.14 -32.28
N ASN A 125 -39.78 24.01 -32.78
CA ASN A 125 -39.14 23.03 -31.91
C ASN A 125 -38.05 22.25 -32.63
N VAL A 126 -37.17 21.64 -31.86
CA VAL A 126 -36.23 20.67 -32.38
C VAL A 126 -36.61 19.28 -31.91
N VAL A 127 -36.65 18.35 -32.84
CA VAL A 127 -37.01 16.98 -32.52
C VAL A 127 -35.83 16.06 -32.62
N ILE A 128 -35.49 15.42 -31.52
CA ILE A 128 -34.38 14.50 -31.48
C ILE A 128 -34.85 13.10 -31.13
N LYS A 129 -34.64 12.16 -32.04
CA LYS A 129 -35.14 10.81 -31.84
C LYS A 129 -34.07 9.78 -32.12
N VAL A 130 -34.13 8.66 -31.40
CA VAL A 130 -33.29 7.52 -31.69
C VAL A 130 -34.15 6.30 -31.97
N CYS A 131 -34.12 5.82 -33.21
CA CYS A 131 -34.99 4.76 -33.68
C CYS A 131 -34.27 3.88 -34.69
N GLU A 132 -34.90 2.77 -35.06
CA GLU A 132 -34.38 1.93 -36.11
C GLU A 132 -34.82 2.49 -37.45
N PHE A 133 -34.29 3.65 -37.78
CA PHE A 133 -34.72 4.40 -38.96
C PHE A 133 -34.25 3.73 -40.23
N GLN A 134 -35.11 3.75 -41.24
CA GLN A 134 -34.68 3.36 -42.57
C GLN A 134 -34.52 4.60 -43.42
N PHE A 135 -33.30 5.10 -43.49
CA PHE A 135 -33.06 6.41 -44.08
C PHE A 135 -32.98 6.32 -45.60
N CYS A 136 -33.37 7.42 -46.24
CA CYS A 136 -33.26 7.57 -47.69
C CYS A 136 -31.81 7.81 -48.09
N ASN A 137 -31.48 7.50 -49.34
CA ASN A 137 -30.13 7.78 -49.83
C ASN A 137 -29.89 9.27 -49.93
N ASP A 138 -30.96 10.01 -50.22
CA ASP A 138 -30.90 11.47 -50.30
C ASP A 138 -32.02 12.08 -49.46
N PRO A 139 -31.88 12.06 -48.13
CA PRO A 139 -32.84 12.56 -47.16
C PRO A 139 -32.89 14.08 -47.18
N PHE A 140 -34.07 14.64 -47.06
CA PHE A 140 -34.22 16.09 -47.05
C PHE A 140 -35.60 16.52 -46.59
N LEU A 141 -35.75 17.81 -46.36
CA LEU A 141 -37.06 18.39 -46.16
C LEU A 141 -37.44 19.22 -47.38
N GLY A 142 -38.48 18.82 -48.07
CA GLY A 142 -38.87 19.49 -49.30
C GLY A 142 -39.69 20.74 -49.00
N VAL A 143 -39.09 21.89 -49.24
CA VAL A 143 -39.73 23.15 -48.88
C VAL A 143 -40.49 23.76 -50.05
N TYR A 144 -41.71 24.16 -49.79
CA TYR A 144 -42.53 24.79 -50.80
C TYR A 144 -43.49 25.78 -50.16
N TYR A 145 -44.00 26.70 -50.96
CA TYR A 145 -45.03 27.61 -50.48
C TYR A 145 -46.39 27.02 -50.75
N HIS A 146 -47.21 26.94 -49.72
CA HIS A 146 -48.50 26.28 -49.86
C HIS A 146 -49.39 27.04 -50.82
N LYS A 147 -49.60 26.45 -51.99
CA LYS A 147 -50.37 27.09 -53.04
C LYS A 147 -49.82 28.47 -53.36
N ASN A 148 -48.50 28.58 -53.38
CA ASN A 148 -47.81 29.83 -53.72
C ASN A 148 -48.14 30.97 -52.77
N ASN A 149 -48.54 30.66 -51.52
CA ASN A 149 -48.71 31.63 -50.46
C ASN A 149 -47.37 31.84 -49.75
N LYS A 150 -46.70 32.94 -50.04
CA LYS A 150 -45.34 33.18 -49.56
C LYS A 150 -45.30 33.47 -48.07
N SER A 151 -46.47 33.67 -47.48
CA SER A 151 -46.58 33.90 -46.05
C SER A 151 -46.88 32.60 -45.32
N TRP A 152 -46.95 31.52 -46.07
CA TRP A 152 -47.29 30.21 -45.51
C TRP A 152 -46.42 29.12 -46.10
N MET A 153 -45.29 28.86 -45.47
CA MET A 153 -44.35 27.86 -45.94
C MET A 153 -44.65 26.50 -45.32
N GLU A 154 -44.54 25.46 -46.13
CA GLU A 154 -44.76 24.09 -45.68
C GLU A 154 -43.62 23.20 -46.16
N SER A 155 -43.43 22.07 -45.49
CA SER A 155 -42.36 21.18 -45.89
C SER A 155 -42.80 19.71 -45.91
N GLU A 156 -42.23 18.97 -46.85
CA GLU A 156 -42.44 17.53 -46.93
C GLU A 156 -41.28 16.80 -46.28
N PHE A 157 -41.58 16.10 -45.20
CA PHE A 157 -40.54 15.40 -44.46
C PHE A 157 -40.18 14.11 -45.16
N ARG A 158 -39.02 14.08 -45.80
CA ARG A 158 -38.61 12.93 -46.59
C ARG A 158 -37.22 12.47 -46.18
N VAL A 159 -37.11 12.02 -44.94
CA VAL A 159 -35.82 11.65 -44.39
C VAL A 159 -35.70 10.13 -44.28
N TYR A 160 -36.78 9.51 -43.84
CA TYR A 160 -36.81 8.06 -43.65
C TYR A 160 -38.14 7.48 -44.08
N SER A 161 -38.15 6.18 -44.38
CA SER A 161 -39.37 5.47 -44.75
C SER A 161 -40.00 4.79 -43.54
N SER A 162 -39.21 4.59 -42.49
CA SER A 162 -39.71 3.96 -41.27
C SER A 162 -38.93 4.43 -40.05
N ALA A 163 -39.55 4.32 -38.88
CA ALA A 163 -38.91 4.70 -37.62
C ALA A 163 -39.37 3.80 -36.50
N ASN A 164 -38.93 2.55 -36.52
CA ASN A 164 -39.45 1.55 -35.61
C ASN A 164 -38.68 1.50 -34.30
N ASN A 165 -39.37 1.05 -33.23
CA ASN A 165 -38.74 0.75 -31.94
C ASN A 165 -37.88 1.91 -31.43
N CYS A 166 -38.47 3.10 -31.36
CA CYS A 166 -37.78 4.28 -30.85
C CYS A 166 -37.44 4.13 -29.36
N THR A 167 -36.19 4.42 -29.02
CA THR A 167 -35.71 4.24 -27.65
C THR A 167 -35.55 5.57 -26.93
N PHE A 168 -35.43 6.64 -27.69
CA PHE A 168 -35.21 7.97 -27.12
C PHE A 168 -35.94 9.02 -27.91
N GLU A 169 -36.54 9.97 -27.21
CA GLU A 169 -37.14 11.13 -27.87
C GLU A 169 -37.04 12.37 -27.01
N TYR A 170 -36.65 13.47 -27.62
CA TYR A 170 -36.47 14.73 -26.94
C TYR A 170 -36.93 15.88 -27.80
N VAL A 171 -37.74 16.77 -27.23
CA VAL A 171 -38.21 17.93 -27.97
C VAL A 171 -37.98 19.21 -27.18
N SER A 172 -37.36 20.19 -27.82
CA SER A 172 -37.07 21.45 -27.16
C SER A 172 -37.09 22.61 -28.16
N GLN A 173 -36.47 23.72 -27.79
CA GLN A 173 -36.43 24.89 -28.64
C GLN A 173 -35.45 24.68 -29.80
N PRO A 174 -35.74 25.24 -30.97
CA PRO A 174 -34.97 25.15 -32.19
C PRO A 174 -33.68 25.92 -32.06
N PHE A 175 -32.63 25.43 -32.67
CA PHE A 175 -31.35 26.13 -32.68
C PHE A 175 -30.76 26.31 -34.07
N LEU A 176 -31.63 26.41 -35.08
CA LEU A 176 -31.22 26.66 -36.47
C LEU A 176 -32.18 27.66 -37.11
N LYS A 187 -24.48 35.43 -43.85
CA LYS A 187 -24.03 36.33 -42.79
C LYS A 187 -24.03 35.64 -41.42
N ASN A 188 -25.05 34.82 -41.15
CA ASN A 188 -25.20 34.15 -39.87
C ASN A 188 -24.42 32.83 -39.84
N LEU A 189 -23.36 32.80 -39.06
CA LEU A 189 -22.52 31.61 -38.93
C LEU A 189 -22.96 30.77 -37.76
N ARG A 190 -23.32 29.53 -38.04
CA ARG A 190 -23.75 28.61 -37.01
C ARG A 190 -22.74 27.48 -36.86
N GLU A 191 -22.21 27.34 -35.65
CA GLU A 191 -21.19 26.34 -35.38
C GLU A 191 -21.67 25.30 -34.39
N PHE A 192 -21.29 24.05 -34.63
CA PHE A 192 -21.66 22.95 -33.76
C PHE A 192 -20.49 22.02 -33.52
N VAL A 193 -20.45 21.43 -32.33
CA VAL A 193 -19.53 20.35 -32.05
C VAL A 193 -20.29 19.13 -31.57
N PHE A 194 -20.07 18.01 -32.26
CA PHE A 194 -20.76 16.78 -31.94
C PHE A 194 -19.82 15.75 -31.37
N LYS A 195 -20.05 15.39 -30.11
CA LYS A 195 -19.25 14.36 -29.45
C LYS A 195 -20.11 13.17 -29.09
N ASN A 196 -19.56 11.98 -29.25
CA ASN A 196 -20.25 10.77 -28.82
C ASN A 196 -19.37 10.02 -27.84
N ILE A 197 -19.62 10.22 -26.56
CA ILE A 197 -18.69 9.74 -25.54
C ILE A 197 -19.38 9.51 -24.18
N ASP A 198 -18.94 8.46 -23.49
CA ASP A 198 -19.39 8.17 -22.13
C ASP A 198 -20.90 8.09 -22.00
N GLY A 199 -21.55 7.53 -23.01
CA GLY A 199 -22.99 7.30 -22.94
C GLY A 199 -23.82 8.52 -23.34
N TYR A 200 -23.14 9.62 -23.70
CA TYR A 200 -23.84 10.82 -24.08
C TYR A 200 -23.49 11.28 -25.48
N PHE A 201 -24.47 11.85 -26.17
CA PHE A 201 -24.21 12.59 -27.39
C PHE A 201 -24.25 14.06 -27.07
N LYS A 202 -23.07 14.68 -27.03
CA LYS A 202 -22.95 16.03 -26.52
C LYS A 202 -22.86 17.03 -27.66
N ILE A 203 -23.74 18.01 -27.63
CA ILE A 203 -23.76 19.03 -28.66
C ILE A 203 -23.41 20.38 -28.09
N TYR A 204 -22.46 21.06 -28.73
CA TYR A 204 -22.11 22.43 -28.37
C TYR A 204 -22.43 23.32 -29.55
N SER A 205 -22.74 24.58 -29.31
CA SER A 205 -23.09 25.45 -30.42
C SER A 205 -22.76 26.91 -30.18
N LYS A 206 -22.65 27.66 -31.27
CA LYS A 206 -22.48 29.10 -31.23
C LYS A 206 -23.08 29.76 -32.46
N HIS A 207 -23.75 30.90 -32.27
CA HIS A 207 -24.36 31.63 -33.37
C HIS A 207 -23.88 33.06 -33.41
N THR A 208 -23.08 33.39 -34.43
CA THR A 208 -22.54 34.74 -34.58
C THR A 208 -22.65 35.22 -36.03
N PRO A 209 -22.78 36.53 -36.26
CA PRO A 209 -22.69 37.20 -37.54
C PRO A 209 -21.24 37.30 -38.01
N ILE A 210 -21.03 37.13 -39.30
CA ILE A 210 -19.69 37.28 -39.89
C ILE A 210 -19.75 38.11 -41.17
N ASN A 211 -18.58 38.57 -41.63
CA ASN A 211 -18.51 39.39 -42.83
C ASN A 211 -17.85 38.68 -44.01
N LEU A 212 -17.83 37.35 -43.97
CA LEU A 212 -17.27 36.57 -45.07
C LEU A 212 -18.09 35.31 -45.33
N VAL A 213 -18.08 34.84 -46.58
CA VAL A 213 -18.87 33.67 -46.94
C VAL A 213 -18.02 32.47 -47.33
N ARG A 214 -16.90 32.71 -47.99
CA ARG A 214 -16.13 31.65 -48.62
C ARG A 214 -15.25 30.88 -47.64
N ASP A 215 -15.20 31.35 -46.40
CA ASP A 215 -14.32 30.74 -45.41
C ASP A 215 -14.83 30.97 -44.00
N LEU A 216 -14.13 30.43 -43.03
CA LEU A 216 -14.43 30.68 -41.63
C LEU A 216 -13.69 31.93 -41.18
N PRO A 217 -14.26 32.69 -40.24
CA PRO A 217 -13.73 33.91 -39.69
C PRO A 217 -12.52 33.64 -38.82
N GLN A 218 -11.65 34.63 -38.72
CA GLN A 218 -10.58 34.59 -37.73
C GLN A 218 -11.11 35.11 -36.41
N GLY A 219 -10.27 35.13 -35.39
CA GLY A 219 -10.71 35.55 -34.07
C GLY A 219 -11.15 34.34 -33.27
N PHE A 220 -11.53 34.56 -32.02
CA PHE A 220 -11.83 33.46 -31.14
C PHE A 220 -13.21 33.58 -30.51
N SER A 221 -13.97 32.50 -30.60
CA SER A 221 -15.26 32.39 -29.95
C SER A 221 -15.53 30.97 -29.50
N ALA A 222 -15.80 30.79 -28.21
CA ALA A 222 -16.00 29.46 -27.65
C ALA A 222 -17.45 29.03 -27.78
N LEU A 223 -17.66 27.76 -28.11
CA LEU A 223 -18.99 27.20 -28.22
C LEU A 223 -19.48 26.71 -26.87
N GLU A 224 -20.75 26.95 -26.59
CA GLU A 224 -21.34 26.56 -25.32
C GLU A 224 -22.18 25.31 -25.51
N PRO A 225 -22.25 24.44 -24.50
CA PRO A 225 -23.01 23.22 -24.49
C PRO A 225 -24.47 23.54 -24.72
N LEU A 226 -25.07 22.82 -25.67
CA LEU A 226 -26.43 23.03 -26.09
C LEU A 226 -27.34 22.02 -25.43
N VAL A 227 -26.95 20.75 -25.51
CA VAL A 227 -27.71 19.68 -24.88
C VAL A 227 -26.86 18.42 -24.71
N ASP A 228 -27.01 17.76 -23.58
CA ASP A 228 -26.38 16.46 -23.35
C ASP A 228 -27.42 15.37 -23.45
N LEU A 229 -27.35 14.57 -24.50
CA LEU A 229 -28.36 13.56 -24.74
C LEU A 229 -27.92 12.19 -24.23
N PRO A 230 -28.62 11.62 -23.25
CA PRO A 230 -28.35 10.34 -22.61
C PRO A 230 -28.80 9.20 -23.51
N ILE A 231 -28.10 9.02 -24.61
CA ILE A 231 -28.51 8.07 -25.64
C ILE A 231 -27.71 6.77 -25.59
N GLY A 232 -26.40 6.88 -25.75
CA GLY A 232 -25.53 5.71 -25.63
C GLY A 232 -25.58 4.77 -26.84
N ILE A 233 -25.46 5.34 -28.04
CA ILE A 233 -25.46 4.52 -29.25
C ILE A 233 -24.16 4.61 -30.02
N ASN A 234 -23.96 3.65 -30.93
CA ASN A 234 -22.78 3.55 -31.77
C ASN A 234 -22.92 4.43 -33.01
N ILE A 235 -22.05 5.45 -33.13
CA ILE A 235 -22.06 6.39 -34.25
C ILE A 235 -20.72 6.39 -34.97
N THR A 236 -20.74 6.14 -36.27
CA THR A 236 -19.52 6.12 -37.07
C THR A 236 -19.64 7.03 -38.30
N ARG A 237 -20.88 7.33 -38.68
CA ARG A 237 -21.15 8.12 -39.87
C ARG A 237 -22.27 9.12 -39.62
N PHE A 238 -22.30 10.20 -40.38
CA PHE A 238 -23.38 11.16 -40.29
C PHE A 238 -23.58 11.91 -41.59
N GLN A 239 -24.74 12.53 -41.74
CA GLN A 239 -24.95 13.42 -42.88
C GLN A 239 -25.87 14.57 -42.51
N THR A 240 -25.77 15.65 -43.27
CA THR A 240 -26.55 16.85 -43.01
C THR A 240 -27.93 16.76 -43.68
N LEU A 241 -28.95 17.24 -42.98
CA LEU A 241 -30.29 17.33 -43.56
C LEU A 241 -30.57 18.74 -44.04
N LEU A 242 -30.85 18.86 -45.32
CA LEU A 242 -31.02 20.15 -45.95
C LEU A 242 -32.49 20.44 -46.27
N ALA A 243 -32.84 21.71 -46.25
CA ALA A 243 -34.14 22.20 -46.69
C ALA A 243 -34.05 22.63 -48.12
N LEU A 244 -34.73 21.94 -49.01
CA LEU A 244 -34.57 22.19 -50.42
C LEU A 244 -35.85 22.70 -51.05
N HIS A 245 -35.80 23.94 -51.53
CA HIS A 245 -36.91 24.46 -52.31
C HIS A 245 -36.91 23.75 -53.64
N ARG A 246 -38.10 23.52 -54.20
CA ARG A 246 -38.14 22.76 -55.43
C ARG A 246 -37.34 23.46 -56.52
N SER A 247 -37.37 24.78 -56.51
CA SER A 247 -36.72 25.60 -57.53
C SER A 247 -35.21 25.46 -57.51
N TYR A 248 -34.66 24.88 -56.45
CA TYR A 248 -33.22 24.70 -56.35
C TYR A 248 -32.74 23.61 -57.30
N LEU A 249 -33.62 22.68 -57.63
CA LEU A 249 -33.24 21.55 -58.47
C LEU A 249 -34.12 21.40 -59.71
N THR A 250 -34.29 22.52 -60.45
CA THR A 250 -35.03 22.53 -61.71
C THR A 250 -34.19 23.16 -62.83
N ALA A 264 -23.92 26.17 -48.04
CA ALA A 264 -22.67 25.44 -47.87
C ALA A 264 -22.36 25.25 -46.38
N TYR A 265 -21.52 24.26 -46.08
CA TYR A 265 -21.13 23.96 -44.70
C TYR A 265 -19.74 23.38 -44.63
N TYR A 266 -19.16 23.41 -43.44
CA TYR A 266 -17.80 22.97 -43.22
C TYR A 266 -17.76 21.82 -42.25
N VAL A 267 -16.93 20.83 -42.52
CA VAL A 267 -16.79 19.69 -41.62
C VAL A 267 -15.34 19.45 -41.22
N GLY A 268 -15.08 19.49 -39.91
CA GLY A 268 -13.77 19.19 -39.38
C GLY A 268 -13.87 18.03 -38.41
N TYR A 269 -12.74 17.53 -37.96
CA TYR A 269 -12.76 16.41 -37.02
C TYR A 269 -11.99 16.71 -35.76
N LEU A 270 -12.52 16.22 -34.65
CA LEU A 270 -11.92 16.46 -33.35
C LEU A 270 -10.79 15.48 -33.10
N GLN A 271 -9.79 15.93 -32.36
CA GLN A 271 -8.66 15.10 -31.99
C GLN A 271 -8.36 15.27 -30.50
N PRO A 272 -7.78 14.27 -29.87
CA PRO A 272 -7.29 14.29 -28.51
C PRO A 272 -6.09 15.22 -28.39
N ARG A 273 -6.35 16.45 -27.98
CA ARG A 273 -5.32 17.49 -27.93
C ARG A 273 -5.31 18.15 -26.59
N THR A 274 -4.17 18.71 -26.21
CA THR A 274 -4.09 19.50 -24.99
C THR A 274 -4.23 20.97 -25.31
N PHE A 275 -5.21 21.61 -24.69
CA PHE A 275 -5.46 23.02 -24.90
C PHE A 275 -5.26 23.82 -23.62
N LEU A 276 -4.70 25.01 -23.76
CA LEU A 276 -4.66 25.96 -22.66
C LEU A 276 -5.73 27.02 -22.91
N LEU A 277 -6.73 27.06 -22.04
CA LEU A 277 -7.86 27.95 -22.24
C LEU A 277 -7.81 29.15 -21.33
N LYS A 278 -8.03 30.33 -21.90
CA LYS A 278 -8.01 31.56 -21.12
C LYS A 278 -9.40 32.04 -20.78
N TYR A 279 -9.70 32.06 -19.48
CA TYR A 279 -10.98 32.54 -18.99
C TYR A 279 -10.85 33.98 -18.50
N ASN A 280 -11.76 34.84 -18.96
CA ASN A 280 -11.74 36.23 -18.54
C ASN A 280 -12.47 36.40 -17.22
N GLU A 281 -12.66 37.64 -16.79
CA GLU A 281 -13.27 37.92 -15.49
C GLU A 281 -14.72 37.46 -15.40
N ASN A 282 -15.42 37.37 -16.54
CA ASN A 282 -16.82 36.94 -16.59
C ASN A 282 -16.94 35.45 -16.87
N GLY A 283 -15.81 34.74 -16.84
CA GLY A 283 -15.77 33.29 -17.00
C GLY A 283 -15.93 32.83 -18.44
N THR A 284 -15.76 33.76 -19.37
CA THR A 284 -15.84 33.44 -20.78
C THR A 284 -14.47 33.03 -21.30
N ILE A 285 -14.44 31.99 -22.11
CA ILE A 285 -13.19 31.63 -22.76
C ILE A 285 -12.95 32.59 -23.90
N THR A 286 -11.87 33.35 -23.82
CA THR A 286 -11.61 34.39 -24.79
C THR A 286 -10.45 34.06 -25.69
N ASP A 287 -9.63 33.10 -25.25
CA ASP A 287 -8.50 32.67 -26.06
C ASP A 287 -8.16 31.22 -25.78
N ALA A 288 -7.23 30.66 -26.55
CA ALA A 288 -6.79 29.30 -26.34
C ALA A 288 -5.48 29.03 -27.06
N VAL A 289 -4.71 28.08 -26.52
CA VAL A 289 -3.51 27.63 -27.20
C VAL A 289 -3.58 26.13 -27.49
N ASP A 290 -3.38 25.79 -28.76
CA ASP A 290 -3.27 24.40 -29.16
C ASP A 290 -1.84 23.94 -28.93
N CYS A 291 -1.62 23.17 -27.86
CA CYS A 291 -0.30 22.91 -27.33
C CYS A 291 0.56 22.11 -28.29
N ALA A 292 -0.06 21.49 -29.28
CA ALA A 292 0.69 20.64 -30.20
C ALA A 292 0.77 21.25 -31.59
N LEU A 293 0.36 22.51 -31.71
CA LEU A 293 0.37 23.19 -33.00
C LEU A 293 1.78 23.42 -33.49
N ASP A 294 2.61 23.99 -32.63
CA ASP A 294 3.98 24.33 -32.97
C ASP A 294 4.79 24.49 -31.67
N PRO A 295 6.13 24.60 -31.74
CA PRO A 295 7.04 24.71 -30.62
C PRO A 295 6.78 25.94 -29.74
N LEU A 296 6.13 26.96 -30.30
CA LEU A 296 5.86 28.15 -29.53
C LEU A 296 4.64 27.94 -28.66
N SER A 297 3.62 27.32 -29.24
CA SER A 297 2.42 26.97 -28.50
C SER A 297 2.76 25.97 -27.41
N GLU A 298 3.69 25.07 -27.71
CA GLU A 298 4.14 24.10 -26.74
C GLU A 298 4.81 24.81 -25.57
N THR A 299 5.61 25.83 -25.87
CA THR A 299 6.25 26.64 -24.85
C THR A 299 5.21 27.35 -24.00
N LYS A 300 4.23 27.95 -24.66
CA LYS A 300 3.18 28.69 -23.95
C LYS A 300 2.44 27.79 -22.95
N CYS A 301 2.12 26.57 -23.36
CA CYS A 301 1.44 25.61 -22.51
C CYS A 301 2.36 25.15 -21.37
N THR A 302 3.63 24.95 -21.68
CA THR A 302 4.60 24.55 -20.67
C THR A 302 4.71 25.60 -19.57
N LEU A 303 4.70 26.86 -19.96
CA LEU A 303 4.83 27.97 -19.02
C LEU A 303 3.49 28.42 -18.48
N LYS A 304 2.42 27.77 -18.93
CA LYS A 304 1.07 28.13 -18.52
C LYS A 304 0.82 29.61 -18.73
N SER A 305 1.17 30.11 -19.91
CA SER A 305 0.99 31.53 -20.21
C SER A 305 0.79 31.75 -21.70
N PHE A 306 0.11 32.83 -22.05
CA PHE A 306 -0.10 33.17 -23.45
C PHE A 306 1.00 34.09 -23.96
N THR A 307 1.93 34.43 -23.08
CA THR A 307 3.09 35.21 -23.46
C THR A 307 4.36 34.51 -23.00
N VAL A 308 5.41 34.64 -23.77
CA VAL A 308 6.68 34.03 -23.43
C VAL A 308 7.78 35.07 -23.42
N GLU A 309 8.59 35.04 -22.37
CA GLU A 309 9.72 35.96 -22.25
C GLU A 309 10.88 35.47 -23.09
N LYS A 310 11.81 36.36 -23.40
CA LYS A 310 13.01 35.97 -24.10
C LYS A 310 13.77 34.92 -23.31
N GLY A 311 14.16 33.84 -23.97
CA GLY A 311 14.93 32.81 -23.30
C GLY A 311 14.84 31.46 -23.99
N ILE A 312 15.46 30.47 -23.38
CA ILE A 312 15.44 29.10 -23.87
C ILE A 312 14.70 28.22 -22.88
N TYR A 313 13.72 27.47 -23.37
CA TYR A 313 12.87 26.69 -22.49
C TYR A 313 12.84 25.23 -22.88
N GLN A 314 12.85 24.35 -21.89
CA GLN A 314 12.70 22.92 -22.14
C GLN A 314 11.23 22.55 -22.10
N THR A 315 10.67 22.22 -23.26
CA THR A 315 9.23 22.09 -23.38
C THR A 315 8.78 20.66 -23.61
N SER A 316 9.67 19.83 -24.13
CA SER A 316 9.29 18.47 -24.48
C SER A 316 10.50 17.56 -24.60
N ASN A 317 10.24 16.30 -24.88
CA ASN A 317 11.32 15.34 -25.13
C ASN A 317 11.16 14.71 -26.50
N PHE A 318 12.27 14.63 -27.22
CA PHE A 318 12.33 14.00 -28.52
C PHE A 318 12.65 12.53 -28.37
N ARG A 319 11.86 11.68 -29.04
CA ARG A 319 12.08 10.21 -28.95
C ARG A 319 11.77 9.51 -30.27
N VAL A 320 12.77 8.86 -30.86
CA VAL A 320 12.56 8.09 -32.09
C VAL A 320 11.69 6.88 -31.79
N GLN A 321 10.65 6.71 -32.59
CA GLN A 321 9.71 5.62 -32.38
C GLN A 321 10.09 4.40 -33.22
N PRO A 322 9.85 3.20 -32.70
CA PRO A 322 10.09 1.92 -33.35
C PRO A 322 9.19 1.75 -34.55
N THR A 323 9.74 1.17 -35.62
CA THR A 323 8.98 1.00 -36.85
C THR A 323 8.63 -0.46 -37.13
N GLU A 324 9.28 -1.37 -36.41
CA GLU A 324 9.05 -2.80 -36.60
C GLU A 324 9.01 -3.51 -35.26
N SER A 325 8.40 -4.69 -35.24
CA SER A 325 8.44 -5.54 -34.06
C SER A 325 9.15 -6.85 -34.37
N ILE A 326 10.26 -7.07 -33.71
CA ILE A 326 11.11 -8.22 -33.98
C ILE A 326 10.93 -9.30 -32.93
N VAL A 327 10.42 -10.45 -33.34
CA VAL A 327 10.18 -11.54 -32.42
C VAL A 327 11.09 -12.71 -32.71
N ARG A 328 11.86 -13.12 -31.72
CA ARG A 328 12.80 -14.20 -31.90
C ARG A 328 12.66 -15.25 -30.81
N PHE A 329 12.04 -16.36 -31.20
CA PHE A 329 11.87 -17.48 -30.27
C PHE A 329 12.66 -18.68 -30.77
N PRO A 330 13.07 -19.60 -29.88
CA PRO A 330 13.71 -20.86 -30.21
C PRO A 330 12.90 -21.58 -31.28
N ASN A 331 13.59 -22.11 -32.28
CA ASN A 331 12.95 -22.74 -33.44
C ASN A 331 12.62 -24.20 -33.16
N ILE A 332 11.64 -24.42 -32.28
CA ILE A 332 11.17 -25.76 -31.94
C ILE A 332 9.68 -25.88 -32.22
N THR A 333 9.24 -27.08 -32.56
CA THR A 333 7.84 -27.27 -32.92
C THR A 333 7.12 -28.26 -32.01
N ASN A 334 7.88 -29.06 -31.27
CA ASN A 334 7.26 -30.07 -30.43
C ASN A 334 6.41 -29.41 -29.36
N LEU A 335 5.18 -29.88 -29.22
CA LEU A 335 4.26 -29.31 -28.25
C LEU A 335 4.49 -29.89 -26.87
N CYS A 336 4.26 -29.07 -25.85
CA CYS A 336 4.34 -29.51 -24.46
C CYS A 336 3.23 -30.50 -24.14
N PRO A 337 3.56 -31.61 -23.48
CA PRO A 337 2.71 -32.72 -23.13
C PRO A 337 1.80 -32.38 -21.96
N PHE A 338 0.94 -31.38 -22.16
CA PHE A 338 -0.02 -31.01 -21.14
C PHE A 338 -1.18 -31.99 -21.12
N GLY A 339 -1.63 -32.40 -22.29
CA GLY A 339 -2.76 -33.30 -22.39
C GLY A 339 -2.49 -34.58 -21.60
N GLU A 340 -1.25 -35.03 -21.62
CA GLU A 340 -0.84 -36.23 -20.92
C GLU A 340 -1.00 -36.08 -19.40
N VAL A 341 -1.09 -34.84 -18.94
CA VAL A 341 -1.30 -34.57 -17.53
C VAL A 341 -2.79 -34.51 -17.23
N PHE A 342 -3.52 -33.81 -18.10
CA PHE A 342 -4.94 -33.57 -17.90
C PHE A 342 -5.81 -34.79 -18.14
N ASN A 343 -5.41 -35.67 -19.07
CA ASN A 343 -6.22 -36.83 -19.43
C ASN A 343 -5.59 -38.14 -18.97
N ALA A 344 -4.80 -38.09 -17.90
CA ALA A 344 -4.26 -39.28 -17.27
C ALA A 344 -5.40 -40.13 -16.71
N THR A 345 -5.28 -41.45 -16.82
CA THR A 345 -6.37 -42.34 -16.35
C THR A 345 -6.51 -42.19 -14.85
N ARG A 346 -5.38 -42.06 -14.15
CA ARG A 346 -5.43 -41.97 -12.72
C ARG A 346 -4.66 -40.77 -12.20
N PHE A 347 -5.25 -40.09 -11.25
CA PHE A 347 -4.59 -39.00 -10.55
C PHE A 347 -4.11 -39.47 -9.19
N ALA A 348 -3.09 -38.79 -8.68
CA ALA A 348 -2.56 -39.11 -7.38
C ALA A 348 -3.45 -38.57 -6.28
N SER A 349 -3.31 -39.15 -5.10
CA SER A 349 -3.88 -38.57 -3.91
C SER A 349 -3.19 -37.26 -3.61
N VAL A 350 -3.89 -36.33 -3.00
CA VAL A 350 -3.33 -35.02 -2.73
C VAL A 350 -2.14 -35.07 -1.77
N TYR A 351 -2.12 -36.07 -0.90
CA TYR A 351 -1.00 -36.19 0.05
C TYR A 351 0.24 -36.67 -0.67
N ALA A 352 0.06 -37.30 -1.81
CA ALA A 352 1.16 -37.89 -2.56
C ALA A 352 1.08 -37.43 -4.01
N TRP A 353 0.91 -36.13 -4.19
CA TRP A 353 0.64 -35.55 -5.49
C TRP A 353 1.77 -35.80 -6.48
N ASN A 354 1.41 -35.88 -7.75
CA ASN A 354 2.37 -36.16 -8.83
C ASN A 354 2.96 -34.86 -9.38
N ARG A 355 4.25 -34.86 -9.68
CA ARG A 355 4.90 -33.72 -10.31
C ARG A 355 5.51 -34.07 -11.64
N LYS A 356 4.96 -33.51 -12.70
CA LYS A 356 5.49 -33.70 -14.04
C LYS A 356 6.30 -32.48 -14.47
N ARG A 357 7.57 -32.69 -14.81
CA ARG A 357 8.47 -31.59 -15.25
C ARG A 357 8.39 -31.39 -16.76
N ILE A 358 7.98 -30.21 -17.20
CA ILE A 358 7.83 -29.90 -18.61
C ILE A 358 8.90 -28.93 -19.09
N SER A 359 9.60 -29.30 -20.16
CA SER A 359 10.68 -28.48 -20.68
C SER A 359 10.90 -28.69 -22.16
N ASN A 360 11.63 -27.76 -22.78
CA ASN A 360 12.07 -27.88 -24.16
C ASN A 360 10.92 -28.17 -25.12
N CYS A 361 9.90 -27.32 -25.10
CA CYS A 361 8.69 -27.54 -25.88
C CYS A 361 7.90 -26.26 -26.08
N VAL A 362 6.88 -26.33 -26.93
CA VAL A 362 6.00 -25.20 -27.17
C VAL A 362 4.71 -25.36 -26.39
N ALA A 363 4.44 -24.40 -25.53
CA ALA A 363 3.29 -24.48 -24.64
C ALA A 363 2.15 -23.60 -25.10
N ASP A 364 1.09 -24.21 -25.59
CA ASP A 364 -0.09 -23.45 -25.97
C ASP A 364 -1.13 -23.51 -24.87
N TYR A 365 -1.24 -22.45 -24.11
CA TYR A 365 -2.07 -22.44 -22.92
C TYR A 365 -3.50 -22.03 -23.23
N SER A 366 -3.72 -21.46 -24.42
CA SER A 366 -5.07 -20.99 -24.82
C SER A 366 -5.99 -22.19 -25.05
N VAL A 367 -5.40 -23.35 -25.39
CA VAL A 367 -6.17 -24.57 -25.56
C VAL A 367 -6.83 -24.95 -24.25
N LEU A 368 -6.11 -24.74 -23.16
CA LEU A 368 -6.63 -25.07 -21.84
C LEU A 368 -7.58 -23.98 -21.36
N TYR A 369 -7.17 -22.73 -21.55
CA TYR A 369 -7.95 -21.62 -21.02
C TYR A 369 -9.29 -21.45 -21.73
N ASN A 370 -9.32 -21.72 -23.02
CA ASN A 370 -10.53 -21.54 -23.80
C ASN A 370 -11.40 -22.78 -23.78
N SER A 371 -11.01 -23.76 -22.99
CA SER A 371 -11.78 -24.99 -22.86
C SER A 371 -13.03 -24.76 -22.02
N ALA A 372 -14.10 -25.46 -22.38
CA ALA A 372 -15.35 -25.38 -21.64
C ALA A 372 -15.39 -26.40 -20.53
N SER A 373 -14.36 -27.23 -20.45
CA SER A 373 -14.38 -28.40 -19.60
C SER A 373 -13.86 -28.18 -18.19
N PHE A 374 -13.31 -27.00 -17.93
CA PHE A 374 -12.73 -26.73 -16.61
C PHE A 374 -13.63 -25.80 -15.82
N SER A 375 -13.79 -26.10 -14.53
CA SER A 375 -14.62 -25.28 -13.65
C SER A 375 -13.79 -24.20 -12.98
N THR A 376 -12.52 -24.48 -12.79
CA THR A 376 -11.61 -23.52 -12.18
C THR A 376 -10.40 -23.31 -13.07
N PHE A 377 -10.04 -22.06 -13.28
CA PHE A 377 -8.82 -21.74 -13.99
C PHE A 377 -8.28 -20.41 -13.48
N LYS A 378 -7.56 -20.47 -12.37
CA LYS A 378 -7.11 -19.27 -11.71
C LYS A 378 -5.61 -19.10 -11.84
N CYS A 379 -5.17 -17.98 -12.39
CA CYS A 379 -3.75 -17.70 -12.57
C CYS A 379 -3.26 -16.68 -11.56
N TYR A 380 -2.05 -16.89 -11.08
CA TYR A 380 -1.44 -16.02 -10.11
C TYR A 380 -0.08 -15.55 -10.61
N GLY A 381 0.18 -14.27 -10.50
CA GLY A 381 1.47 -13.72 -10.90
C GLY A 381 1.58 -13.61 -12.41
N VAL A 382 0.49 -13.95 -13.10
CA VAL A 382 0.48 -13.95 -14.55
C VAL A 382 -0.95 -13.90 -15.06
N SER A 383 -1.16 -13.23 -16.19
CA SER A 383 -2.46 -13.21 -16.84
C SER A 383 -2.61 -14.39 -17.80
N PRO A 384 -3.75 -15.09 -17.75
CA PRO A 384 -4.07 -16.26 -18.53
C PRO A 384 -4.11 -15.95 -20.02
N THR A 385 -4.29 -14.68 -20.36
CA THR A 385 -4.39 -14.29 -21.76
C THR A 385 -3.06 -13.82 -22.31
N LYS A 386 -2.04 -13.81 -21.46
CA LYS A 386 -0.71 -13.40 -21.87
C LYS A 386 0.27 -14.56 -21.84
N LEU A 387 -0.23 -15.73 -21.44
CA LEU A 387 0.64 -16.89 -21.27
C LEU A 387 1.33 -17.29 -22.56
N ASN A 388 0.63 -17.20 -23.69
CA ASN A 388 1.19 -17.62 -25.00
C ASN A 388 2.27 -16.64 -25.47
N ASP A 389 2.46 -15.51 -24.79
CA ASP A 389 3.48 -14.55 -25.18
C ASP A 389 4.71 -14.66 -24.28
N LEU A 390 4.65 -15.57 -23.31
CA LEU A 390 5.71 -15.67 -22.31
C LEU A 390 6.58 -16.91 -22.51
N CYS A 391 7.82 -16.82 -22.05
CA CYS A 391 8.74 -17.95 -22.01
C CYS A 391 9.17 -18.25 -20.59
N PHE A 392 9.26 -19.53 -20.27
CA PHE A 392 9.65 -19.98 -18.95
C PHE A 392 10.84 -20.91 -19.02
N THR A 393 11.62 -20.95 -17.96
CA THR A 393 12.76 -21.86 -17.92
C THR A 393 12.27 -23.27 -17.72
N ASN A 394 11.18 -23.41 -16.98
CA ASN A 394 10.56 -24.69 -16.73
C ASN A 394 9.10 -24.55 -16.35
N VAL A 395 8.32 -25.60 -16.60
CA VAL A 395 6.97 -25.64 -16.11
C VAL A 395 6.71 -26.93 -15.35
N TYR A 396 6.23 -26.80 -14.11
CA TYR A 396 5.86 -28.00 -13.31
C TYR A 396 4.35 -28.18 -13.35
N ALA A 397 3.88 -29.37 -13.68
CA ALA A 397 2.46 -29.70 -13.64
C ALA A 397 2.18 -30.68 -12.52
N ASP A 398 1.58 -30.17 -11.44
CA ASP A 398 1.27 -30.98 -10.28
C ASP A 398 -0.18 -31.45 -10.32
N SER A 399 -0.40 -32.74 -10.22
CA SER A 399 -1.76 -33.26 -10.35
C SER A 399 -2.19 -34.08 -9.15
N PHE A 400 -3.45 -33.91 -8.76
CA PHE A 400 -4.01 -34.65 -7.63
C PHE A 400 -5.53 -34.53 -7.56
N VAL A 401 -6.13 -35.32 -6.68
CA VAL A 401 -7.57 -35.22 -6.44
C VAL A 401 -7.91 -34.77 -5.03
N ILE A 402 -8.77 -33.78 -4.95
CA ILE A 402 -9.35 -33.29 -3.70
C ILE A 402 -10.85 -33.16 -3.86
N ARG A 403 -11.56 -32.87 -2.78
CA ARG A 403 -13.00 -32.68 -2.91
C ARG A 403 -13.33 -31.23 -3.25
N GLY A 404 -14.52 -31.02 -3.80
CA GLY A 404 -14.94 -29.73 -4.32
C GLY A 404 -14.66 -28.56 -3.37
N ASP A 405 -15.05 -28.71 -2.11
CA ASP A 405 -14.92 -27.60 -1.16
C ASP A 405 -13.47 -27.20 -0.93
N GLU A 406 -12.54 -28.09 -1.23
CA GLU A 406 -11.14 -27.86 -0.95
C GLU A 406 -10.41 -27.20 -2.11
N VAL A 407 -11.08 -27.01 -3.23
CA VAL A 407 -10.41 -26.43 -4.39
C VAL A 407 -9.91 -25.02 -4.09
N ARG A 408 -10.63 -24.31 -3.22
CA ARG A 408 -10.25 -22.97 -2.84
C ARG A 408 -8.95 -22.95 -2.04
N GLN A 409 -8.58 -24.08 -1.46
CA GLN A 409 -7.35 -24.16 -0.68
C GLN A 409 -6.13 -24.24 -1.58
N ILE A 410 -6.36 -24.53 -2.85
CA ILE A 410 -5.24 -24.60 -3.78
C ILE A 410 -5.01 -23.22 -4.35
N ALA A 411 -4.45 -22.37 -3.52
CA ALA A 411 -4.16 -21.00 -3.87
C ALA A 411 -3.15 -20.46 -2.86
N PRO A 412 -2.41 -19.41 -3.20
CA PRO A 412 -1.51 -18.69 -2.33
C PRO A 412 -2.24 -18.12 -1.12
N GLY A 413 -1.60 -18.24 0.04
CA GLY A 413 -2.13 -17.63 1.26
C GLY A 413 -3.35 -18.35 1.83
N GLN A 414 -3.49 -19.63 1.53
CA GLN A 414 -4.63 -20.38 2.03
C GLN A 414 -4.26 -21.27 3.20
N THR A 415 -5.27 -21.60 4.00
CA THR A 415 -5.10 -22.51 5.12
C THR A 415 -6.13 -23.62 5.06
N GLY A 416 -5.92 -24.66 5.86
CA GLY A 416 -6.81 -25.80 5.87
C GLY A 416 -6.02 -27.07 5.74
N LYS A 417 -6.67 -28.20 5.87
CA LYS A 417 -5.97 -29.47 5.90
C LYS A 417 -5.16 -29.70 4.63
N ILE A 418 -5.66 -29.21 3.50
CA ILE A 418 -4.97 -29.44 2.24
C ILE A 418 -3.82 -28.48 2.09
N ALA A 419 -4.11 -27.20 2.30
CA ALA A 419 -3.08 -26.19 2.19
C ALA A 419 -1.94 -26.44 3.18
N ASP A 420 -2.30 -26.94 4.35
CA ASP A 420 -1.32 -27.10 5.43
C ASP A 420 -0.58 -28.44 5.42
N TYR A 421 -1.28 -29.52 5.10
CA TYR A 421 -0.67 -30.83 5.29
C TYR A 421 -0.46 -31.62 4.01
N ASN A 422 -0.98 -31.14 2.89
CA ASN A 422 -0.94 -31.94 1.68
C ASN A 422 -0.24 -31.24 0.54
N TYR A 423 -0.79 -30.11 0.11
CA TYR A 423 -0.24 -29.39 -1.02
C TYR A 423 -0.23 -27.90 -0.76
N LYS A 424 0.95 -27.36 -0.52
CA LYS A 424 1.12 -25.96 -0.19
C LYS A 424 1.70 -25.18 -1.35
N LEU A 425 1.03 -24.08 -1.72
CA LEU A 425 1.59 -23.15 -2.68
C LEU A 425 2.24 -21.99 -1.96
N PRO A 426 3.33 -21.44 -2.51
CA PRO A 426 4.05 -20.27 -2.05
C PRO A 426 3.24 -19.01 -2.27
N ASP A 427 3.48 -18.00 -1.44
CA ASP A 427 2.76 -16.74 -1.53
C ASP A 427 3.18 -15.95 -2.77
N ASP A 428 4.33 -16.29 -3.33
CA ASP A 428 4.80 -15.64 -4.55
C ASP A 428 4.61 -16.55 -5.75
N PHE A 429 3.69 -17.51 -5.62
CA PHE A 429 3.41 -18.46 -6.66
C PHE A 429 3.10 -17.80 -7.98
N THR A 430 3.76 -18.27 -9.02
CA THR A 430 3.44 -17.88 -10.38
C THR A 430 3.01 -19.11 -11.13
N GLY A 431 1.77 -19.11 -11.60
CA GLY A 431 1.23 -20.30 -12.21
C GLY A 431 -0.27 -20.28 -12.27
N CYS A 432 -0.87 -21.40 -12.70
CA CYS A 432 -2.31 -21.50 -12.84
C CYS A 432 -2.85 -22.75 -12.16
N VAL A 433 -3.97 -22.60 -11.47
CA VAL A 433 -4.64 -23.72 -10.84
C VAL A 433 -5.89 -24.09 -11.62
N ILE A 434 -5.89 -25.29 -12.18
CA ILE A 434 -6.95 -25.74 -13.03
C ILE A 434 -7.65 -26.93 -12.41
N ALA A 435 -8.96 -26.87 -12.31
CA ALA A 435 -9.70 -27.97 -11.70
C ALA A 435 -10.99 -28.26 -12.43
N TRP A 436 -11.39 -29.52 -12.39
CA TRP A 436 -12.67 -29.92 -12.94
C TRP A 436 -13.28 -31.05 -12.15
N ASN A 437 -14.59 -31.13 -12.20
CA ASN A 437 -15.33 -32.17 -11.51
C ASN A 437 -15.09 -33.51 -12.17
N SER A 438 -14.71 -34.50 -11.37
CA SER A 438 -14.41 -35.82 -11.89
C SER A 438 -15.31 -36.87 -11.24
N ASN A 439 -16.51 -36.48 -10.87
CA ASN A 439 -17.45 -37.36 -10.20
C ASN A 439 -17.75 -38.59 -11.04
N ASN A 440 -17.64 -38.45 -12.35
CA ASN A 440 -17.93 -39.54 -13.27
C ASN A 440 -16.76 -40.51 -13.41
N LEU A 441 -15.63 -40.17 -12.81
CA LEU A 441 -14.44 -41.00 -12.94
C LEU A 441 -13.95 -41.49 -11.59
N ASP A 442 -13.98 -40.62 -10.60
CA ASP A 442 -13.31 -40.86 -9.33
C ASP A 442 -14.27 -41.22 -8.21
N SER A 443 -15.53 -41.50 -8.55
CA SER A 443 -16.51 -41.90 -7.56
C SER A 443 -17.08 -43.26 -7.90
N LYS A 444 -17.22 -44.11 -6.88
CA LYS A 444 -17.84 -45.45 -7.11
C LYS A 444 -18.96 -45.65 -6.10
N VAL A 445 -19.95 -46.45 -6.46
CA VAL A 445 -21.09 -46.74 -5.53
C VAL A 445 -20.51 -47.48 -4.32
N GLY A 446 -20.85 -47.05 -3.11
CA GLY A 446 -20.25 -47.64 -1.90
C GLY A 446 -18.99 -46.91 -1.51
N GLY A 447 -18.50 -46.00 -2.35
CA GLY A 447 -17.34 -45.18 -1.97
C GLY A 447 -16.03 -45.54 -2.60
N ASN A 448 -15.32 -44.55 -3.14
CA ASN A 448 -13.96 -44.70 -3.63
C ASN A 448 -12.96 -44.30 -2.55
N TYR A 449 -12.28 -45.29 -1.99
CA TYR A 449 -11.40 -45.08 -0.85
C TYR A 449 -9.94 -45.10 -1.26
N ASN A 450 -9.69 -44.90 -2.55
CA ASN A 450 -8.33 -44.87 -3.06
C ASN A 450 -7.68 -43.51 -2.85
N TYR A 451 -8.49 -42.46 -2.81
CA TYR A 451 -7.95 -41.11 -2.69
C TYR A 451 -7.83 -40.68 -1.25
N LEU A 452 -6.59 -40.43 -0.83
CA LEU A 452 -6.30 -40.09 0.55
C LEU A 452 -5.83 -38.66 0.70
N TYR A 453 -5.96 -38.15 1.90
CA TYR A 453 -5.36 -36.88 2.25
C TYR A 453 -4.80 -36.95 3.65
N ARG A 454 -3.85 -36.09 3.95
CA ARG A 454 -3.26 -36.02 5.27
C ARG A 454 -4.11 -35.16 6.17
N LEU A 455 -4.49 -35.71 7.30
CA LEU A 455 -5.38 -35.08 8.23
C LEU A 455 -4.62 -34.49 9.41
N PHE A 456 -3.54 -35.16 9.80
CA PHE A 456 -2.74 -34.69 10.93
C PHE A 456 -1.28 -34.58 10.56
N ARG A 457 -0.62 -33.56 11.08
CA ARG A 457 0.81 -33.41 10.90
C ARG A 457 1.40 -32.57 12.02
N LYS A 458 2.67 -32.84 12.35
CA LYS A 458 3.36 -32.09 13.39
C LYS A 458 3.45 -30.61 13.06
N SER A 459 3.63 -30.30 11.79
CA SER A 459 3.76 -28.92 11.34
C SER A 459 3.27 -28.75 9.92
N ASN A 460 3.11 -27.51 9.50
CA ASN A 460 2.66 -27.22 8.15
C ASN A 460 3.75 -27.49 7.13
N LEU A 461 3.34 -27.85 5.93
CA LEU A 461 4.27 -28.07 4.83
C LEU A 461 4.86 -26.78 4.32
N LYS A 462 6.09 -26.86 3.84
CA LYS A 462 6.67 -25.81 3.05
C LYS A 462 6.09 -25.89 1.65
N PRO A 463 6.13 -24.81 0.87
CA PRO A 463 5.70 -24.75 -0.50
C PRO A 463 6.32 -25.88 -1.32
N PHE A 464 5.45 -26.62 -2.00
CA PHE A 464 5.84 -27.73 -2.86
C PHE A 464 6.56 -28.84 -2.10
N GLU A 465 6.34 -28.93 -0.80
CA GLU A 465 6.84 -30.05 -0.02
C GLU A 465 5.88 -31.23 -0.14
N ARG A 466 6.44 -32.43 -0.27
CA ARG A 466 5.64 -33.63 -0.45
C ARG A 466 5.90 -34.65 0.64
N ASP A 467 4.91 -34.89 1.48
CA ASP A 467 5.04 -35.79 2.62
C ASP A 467 4.16 -37.02 2.46
N ILE A 468 4.78 -38.18 2.28
CA ILE A 468 4.05 -39.41 2.05
C ILE A 468 4.26 -40.44 3.14
N SER A 469 4.71 -39.98 4.31
CA SER A 469 4.92 -40.88 5.43
C SER A 469 3.59 -41.27 6.06
N THR A 470 3.56 -42.40 6.76
CA THR A 470 2.35 -42.84 7.45
C THR A 470 2.60 -43.08 8.92
N GLU A 471 3.57 -42.37 9.47
CA GLU A 471 3.91 -42.51 10.88
C GLU A 471 2.75 -42.04 11.74
N ILE A 472 2.49 -42.77 12.82
CA ILE A 472 1.40 -42.43 13.71
C ILE A 472 1.60 -41.06 14.34
N TYR A 473 0.56 -40.26 14.30
CA TYR A 473 0.60 -38.89 14.79
C TYR A 473 0.34 -38.83 16.28
N GLN A 474 1.24 -38.18 16.99
CA GLN A 474 1.08 -38.04 18.43
C GLN A 474 0.34 -36.76 18.75
N ALA A 475 -0.90 -36.91 19.21
CA ALA A 475 -1.74 -35.77 19.52
C ALA A 475 -1.54 -35.34 20.95
N GLY A 476 -1.20 -36.30 21.80
CA GLY A 476 -1.02 -36.03 23.22
C GLY A 476 0.45 -35.90 23.58
N SER A 477 0.77 -36.14 24.85
CA SER A 477 2.14 -36.03 25.34
C SER A 477 2.81 -37.39 25.42
N THR A 478 2.01 -38.44 25.39
CA THR A 478 2.52 -39.81 25.50
C THR A 478 2.91 -40.34 24.13
N PRO A 479 4.13 -40.88 23.99
CA PRO A 479 4.65 -41.53 22.80
C PRO A 479 3.72 -42.64 22.32
N CYS A 480 3.56 -42.75 21.01
CA CYS A 480 2.65 -43.72 20.42
C CYS A 480 3.36 -45.05 20.15
N ASN A 481 4.66 -44.97 19.90
CA ASN A 481 5.46 -46.16 19.64
C ASN A 481 4.93 -46.96 18.45
N GLY A 482 4.36 -46.27 17.48
CA GLY A 482 3.89 -46.89 16.26
C GLY A 482 2.51 -47.52 16.39
N VAL A 483 1.93 -47.42 17.59
CA VAL A 483 0.63 -48.02 17.84
C VAL A 483 -0.45 -46.95 17.98
N GLU A 484 -1.41 -46.98 17.08
CA GLU A 484 -2.49 -46.01 17.12
C GLU A 484 -3.48 -46.34 18.22
N GLY A 485 -4.18 -45.33 18.68
CA GLY A 485 -5.09 -45.48 19.81
C GLY A 485 -5.45 -44.11 20.34
N PHE A 486 -5.66 -44.03 21.65
CA PHE A 486 -6.02 -42.76 22.25
C PHE A 486 -4.87 -41.77 22.10
N ASN A 487 -5.18 -40.60 21.55
CA ASN A 487 -4.18 -39.56 21.26
C ASN A 487 -3.06 -40.01 20.30
N CYS A 488 -3.31 -41.08 19.54
CA CYS A 488 -2.36 -41.60 18.57
C CYS A 488 -3.09 -41.93 17.28
N TYR A 489 -2.95 -41.08 16.28
CA TYR A 489 -3.83 -41.14 15.12
C TYR A 489 -3.10 -41.61 13.88
N PHE A 490 -3.83 -42.30 13.03
CA PHE A 490 -3.32 -42.56 11.69
C PHE A 490 -3.50 -41.28 10.87
N PRO A 491 -2.41 -40.73 10.34
CA PRO A 491 -2.30 -39.40 9.77
C PRO A 491 -3.13 -39.20 8.51
N LEU A 492 -3.49 -40.29 7.84
CA LEU A 492 -4.23 -40.17 6.58
C LEU A 492 -5.70 -40.53 6.72
N GLN A 493 -6.50 -40.02 5.81
CA GLN A 493 -7.90 -40.38 5.73
C GLN A 493 -8.37 -40.38 4.29
N SER A 494 -9.40 -41.18 3.99
CA SER A 494 -9.93 -41.27 2.64
C SER A 494 -11.06 -40.31 2.43
N TYR A 495 -11.27 -39.91 1.20
CA TYR A 495 -12.43 -39.11 0.85
C TYR A 495 -13.68 -39.98 0.75
N GLY A 496 -13.52 -41.19 0.22
CA GLY A 496 -14.64 -42.09 0.09
C GLY A 496 -15.66 -41.56 -0.90
N PHE A 497 -15.18 -41.11 -2.05
CA PHE A 497 -16.02 -40.41 -3.00
C PHE A 497 -17.17 -41.28 -3.50
N GLN A 498 -18.37 -40.71 -3.46
CA GLN A 498 -19.58 -41.38 -3.94
C GLN A 498 -20.31 -40.48 -4.91
N PRO A 499 -20.95 -41.06 -5.93
CA PRO A 499 -21.62 -40.40 -7.03
C PRO A 499 -22.81 -39.55 -6.57
N THR A 500 -23.29 -39.82 -5.36
CA THR A 500 -24.46 -39.14 -4.83
C THR A 500 -24.11 -38.04 -3.85
N ASN A 501 -22.81 -37.80 -3.67
CA ASN A 501 -22.35 -36.75 -2.77
C ASN A 501 -22.76 -35.38 -3.29
N GLY A 502 -22.90 -34.43 -2.37
CA GLY A 502 -23.12 -33.05 -2.77
C GLY A 502 -21.85 -32.53 -3.45
N VAL A 503 -21.96 -31.43 -4.17
CA VAL A 503 -20.86 -30.96 -4.99
C VAL A 503 -19.58 -30.75 -4.18
N GLY A 504 -19.71 -30.24 -2.98
CA GLY A 504 -18.56 -29.95 -2.13
C GLY A 504 -17.82 -31.23 -1.74
N TYR A 505 -18.47 -32.38 -1.88
CA TYR A 505 -17.88 -33.64 -1.52
C TYR A 505 -17.61 -34.53 -2.72
N GLN A 506 -17.79 -33.97 -3.90
CA GLN A 506 -17.45 -34.67 -5.12
C GLN A 506 -15.98 -34.45 -5.41
N PRO A 507 -15.32 -35.41 -6.05
CA PRO A 507 -13.93 -35.36 -6.43
C PRO A 507 -13.69 -34.35 -7.52
N TYR A 508 -12.62 -33.59 -7.37
CA TYR A 508 -12.16 -32.69 -8.41
C TYR A 508 -10.73 -33.00 -8.76
N ARG A 509 -10.46 -33.11 -10.04
CA ARG A 509 -9.10 -33.31 -10.49
C ARG A 509 -8.43 -31.97 -10.68
N VAL A 510 -7.30 -31.79 -10.03
CA VAL A 510 -6.60 -30.53 -10.03
C VAL A 510 -5.26 -30.64 -10.69
N VAL A 511 -4.98 -29.71 -11.58
CA VAL A 511 -3.66 -29.57 -12.16
C VAL A 511 -3.12 -28.19 -11.87
N VAL A 512 -1.96 -28.13 -11.26
CA VAL A 512 -1.33 -26.86 -10.95
C VAL A 512 -0.12 -26.66 -11.83
N LEU A 513 -0.14 -25.63 -12.65
CA LEU A 513 0.99 -25.33 -13.52
C LEU A 513 1.83 -24.22 -12.91
N SER A 514 2.98 -24.61 -12.35
CA SER A 514 3.91 -23.61 -11.77
C SER A 514 4.92 -23.19 -12.82
N PHE A 515 5.02 -21.89 -13.01
CA PHE A 515 5.92 -21.34 -14.02
C PHE A 515 7.22 -20.88 -13.41
N GLU A 516 8.31 -21.43 -13.89
CA GLU A 516 9.64 -21.12 -13.37
C GLU A 516 10.28 -20.00 -14.19
N LEU A 517 10.61 -18.91 -13.52
CA LEU A 517 11.18 -17.73 -14.19
C LEU A 517 12.53 -17.36 -13.59
N LEU A 518 13.57 -18.06 -14.02
CA LEU A 518 14.91 -17.81 -13.52
C LEU A 518 15.76 -17.10 -14.56
N HIS A 519 16.88 -16.54 -14.12
CA HIS A 519 17.82 -15.92 -15.05
C HIS A 519 18.60 -17.01 -15.79
N ALA A 520 17.91 -17.68 -16.68
CA ALA A 520 18.42 -18.85 -17.37
C ALA A 520 17.74 -18.95 -18.73
N PRO A 521 18.28 -19.73 -19.67
CA PRO A 521 17.71 -20.00 -20.96
C PRO A 521 16.28 -20.51 -20.78
N ALA A 522 15.35 -19.90 -21.50
CA ALA A 522 13.97 -20.35 -21.43
C ALA A 522 13.78 -21.54 -22.37
N THR A 523 13.08 -22.55 -21.89
CA THR A 523 12.93 -23.77 -22.66
C THR A 523 11.48 -24.03 -23.05
N VAL A 524 10.55 -23.38 -22.36
CA VAL A 524 9.14 -23.53 -22.67
C VAL A 524 8.54 -22.21 -23.11
N CYS A 525 8.16 -22.10 -24.37
CA CYS A 525 7.66 -20.86 -24.93
C CYS A 525 6.32 -21.07 -25.61
N GLY A 526 5.55 -20.00 -25.71
CA GLY A 526 4.27 -20.06 -26.37
C GLY A 526 4.44 -20.24 -27.87
N PRO A 527 3.33 -20.37 -28.59
CA PRO A 527 3.22 -20.62 -30.02
C PRO A 527 3.57 -19.39 -30.83
N LYS A 528 3.90 -18.29 -30.16
CA LYS A 528 4.29 -17.03 -30.78
C LYS A 528 5.29 -17.21 -31.88
N LYS A 529 4.96 -16.79 -33.09
CA LYS A 529 5.87 -17.03 -34.20
C LYS A 529 7.01 -16.02 -34.25
N SER A 530 8.15 -16.47 -34.74
CA SER A 530 9.30 -15.61 -34.91
C SER A 530 9.22 -14.81 -36.20
N THR A 531 9.98 -13.74 -36.26
CA THR A 531 10.10 -12.91 -37.45
C THR A 531 11.57 -12.81 -37.84
N ASN A 532 11.83 -12.12 -38.94
CA ASN A 532 13.20 -11.89 -39.36
C ASN A 532 13.90 -10.94 -38.41
N LEU A 533 15.19 -11.12 -38.23
CA LEU A 533 15.98 -10.26 -37.37
C LEU A 533 16.35 -8.97 -38.10
N VAL A 534 16.08 -7.84 -37.48
CA VAL A 534 16.35 -6.54 -38.08
C VAL A 534 17.35 -5.74 -37.25
N LYS A 535 18.39 -5.26 -37.91
CA LYS A 535 19.43 -4.51 -37.24
C LYS A 535 19.58 -3.11 -37.80
N ASN A 536 20.21 -2.23 -37.01
CA ASN A 536 20.52 -0.86 -37.40
C ASN A 536 19.26 0.00 -37.55
N LYS A 537 18.18 -0.44 -36.94
CA LYS A 537 16.94 0.32 -36.93
C LYS A 537 16.35 0.38 -35.54
N CYS A 538 15.52 1.39 -35.28
CA CYS A 538 14.74 1.45 -34.04
C CYS A 538 13.55 0.53 -34.13
N VAL A 539 13.58 -0.53 -33.32
CA VAL A 539 12.54 -1.54 -33.37
C VAL A 539 12.10 -1.95 -31.97
N ASN A 540 10.93 -2.57 -31.90
CA ASN A 540 10.56 -3.33 -30.72
C ASN A 540 11.16 -4.70 -30.87
N PHE A 541 11.45 -5.37 -29.77
CA PHE A 541 11.97 -6.72 -29.87
C PHE A 541 11.51 -7.62 -28.75
N ASN A 542 11.55 -8.92 -29.02
CA ASN A 542 11.26 -9.95 -28.03
C ASN A 542 12.18 -11.14 -28.24
N PHE A 543 13.21 -11.26 -27.41
CA PHE A 543 14.15 -12.35 -27.55
C PHE A 543 13.90 -13.42 -26.50
N ASN A 544 13.25 -14.49 -26.91
CA ASN A 544 12.97 -15.61 -26.02
C ASN A 544 12.30 -15.13 -24.74
N GLY A 545 11.38 -14.18 -24.87
CA GLY A 545 10.62 -13.67 -23.73
C GLY A 545 11.15 -12.33 -23.22
N LEU A 546 12.35 -11.95 -23.65
CA LEU A 546 12.96 -10.69 -23.22
C LEU A 546 12.54 -9.55 -24.14
N THR A 547 11.63 -8.72 -23.67
CA THR A 547 11.10 -7.66 -24.50
C THR A 547 11.76 -6.31 -24.23
N GLY A 548 11.64 -5.41 -25.20
CA GLY A 548 12.14 -4.05 -25.04
C GLY A 548 12.15 -3.31 -26.36
N THR A 549 12.61 -2.06 -26.33
CA THR A 549 12.70 -1.23 -27.53
C THR A 549 14.09 -0.66 -27.67
N GLY A 550 14.63 -0.70 -28.88
CA GLY A 550 15.96 -0.15 -29.12
C GLY A 550 16.49 -0.52 -30.48
N VAL A 551 17.78 -0.29 -30.68
CA VAL A 551 18.45 -0.57 -31.93
C VAL A 551 19.39 -1.76 -31.76
N LEU A 552 19.23 -2.75 -32.62
CA LEU A 552 20.03 -3.96 -32.54
C LEU A 552 21.20 -3.89 -33.51
N THR A 553 22.40 -4.18 -33.03
CA THR A 553 23.57 -4.24 -33.89
C THR A 553 24.42 -5.45 -33.57
N GLU A 554 25.31 -5.82 -34.48
CA GLU A 554 26.24 -6.90 -34.20
C GLU A 554 27.15 -6.52 -33.06
N SER A 555 27.33 -7.43 -32.11
CA SER A 555 28.15 -7.18 -30.94
C SER A 555 29.58 -7.63 -31.13
N ASN A 556 30.50 -6.95 -30.46
CA ASN A 556 31.89 -7.38 -30.42
C ASN A 556 32.25 -7.88 -29.03
N LYS A 557 31.22 -8.15 -28.23
CA LYS A 557 31.42 -8.61 -26.86
C LYS A 557 31.77 -10.09 -26.83
N LYS A 558 32.75 -10.43 -26.02
CA LYS A 558 33.24 -11.80 -25.94
C LYS A 558 32.37 -12.66 -25.04
N PHE A 559 31.18 -12.98 -25.52
CA PHE A 559 30.28 -13.83 -24.76
C PHE A 559 30.85 -15.23 -24.65
N LEU A 560 30.68 -15.83 -23.49
CA LEU A 560 31.02 -17.23 -23.31
C LEU A 560 29.83 -18.08 -23.77
N PRO A 561 30.05 -19.33 -24.18
CA PRO A 561 29.07 -20.24 -24.75
C PRO A 561 27.81 -20.39 -23.90
N PHE A 562 27.94 -20.14 -22.60
CA PHE A 562 26.80 -20.32 -21.70
C PHE A 562 26.03 -19.03 -21.43
N GLN A 563 26.59 -17.90 -21.82
CA GLN A 563 25.99 -16.61 -21.52
C GLN A 563 24.94 -16.23 -22.56
N GLN A 564 23.76 -15.86 -22.09
CA GLN A 564 22.62 -15.63 -22.98
C GLN A 564 22.39 -14.16 -23.26
N PHE A 565 22.80 -13.33 -22.32
CA PHE A 565 22.64 -11.89 -22.45
C PHE A 565 23.62 -11.20 -21.55
N GLY A 566 23.86 -9.92 -21.79
CA GLY A 566 24.78 -9.16 -20.99
C GLY A 566 24.10 -7.96 -20.36
N ARG A 567 24.78 -7.37 -19.39
CA ARG A 567 24.29 -6.18 -18.73
C ARG A 567 25.39 -5.17 -18.50
N ASP A 568 25.02 -3.90 -18.47
CA ASP A 568 25.96 -2.82 -18.21
C ASP A 568 26.12 -2.56 -16.73
N ILE A 569 26.83 -1.49 -16.39
CA ILE A 569 27.08 -1.12 -15.00
C ILE A 569 25.79 -0.71 -14.29
N ALA A 570 24.76 -0.42 -15.08
CA ALA A 570 23.45 -0.06 -14.54
C ALA A 570 22.62 -1.30 -14.25
N ASP A 571 23.18 -2.46 -14.57
CA ASP A 571 22.51 -3.74 -14.40
C ASP A 571 21.24 -3.83 -15.23
N THR A 572 21.31 -3.36 -16.48
CA THR A 572 20.22 -3.54 -17.43
C THR A 572 20.72 -4.22 -18.69
N THR A 573 19.84 -4.99 -19.33
CA THR A 573 20.23 -5.74 -20.51
C THR A 573 20.75 -4.82 -21.60
N ASP A 574 21.95 -5.10 -22.09
CA ASP A 574 22.53 -4.28 -23.14
C ASP A 574 23.07 -5.15 -24.27
N ALA A 575 22.79 -6.45 -24.18
CA ALA A 575 23.20 -7.39 -25.20
C ALA A 575 22.42 -8.69 -25.05
N VAL A 576 22.09 -9.32 -26.16
CA VAL A 576 21.41 -10.61 -26.13
C VAL A 576 22.01 -11.59 -27.11
N ARG A 577 21.82 -12.87 -26.83
CA ARG A 577 22.13 -13.92 -27.78
C ARG A 577 20.88 -14.34 -28.53
N ASP A 578 20.90 -14.19 -29.83
CA ASP A 578 19.76 -14.56 -30.64
C ASP A 578 19.50 -16.06 -30.55
N PRO A 579 18.30 -16.45 -30.11
CA PRO A 579 17.91 -17.81 -29.77
C PRO A 579 17.86 -18.75 -30.97
N GLN A 580 18.00 -18.21 -32.18
CA GLN A 580 18.02 -19.06 -33.37
C GLN A 580 19.38 -19.11 -34.04
N THR A 581 20.07 -17.97 -34.08
CA THR A 581 21.34 -17.88 -34.80
C THR A 581 22.53 -17.91 -33.87
N LEU A 582 22.28 -17.69 -32.58
CA LEU A 582 23.33 -17.61 -31.57
C LEU A 582 24.25 -16.42 -31.80
N GLU A 583 23.78 -15.48 -32.60
CA GLU A 583 24.47 -14.22 -32.84
C GLU A 583 24.36 -13.32 -31.62
N ILE A 584 25.44 -12.63 -31.27
CA ILE A 584 25.39 -11.70 -30.16
C ILE A 584 25.05 -10.31 -30.66
N LEU A 585 24.00 -9.72 -30.10
CA LEU A 585 23.53 -8.42 -30.52
C LEU A 585 23.64 -7.41 -29.40
N ASP A 586 24.14 -6.23 -29.72
CA ASP A 586 24.17 -5.12 -28.77
C ASP A 586 22.85 -4.37 -28.81
N ILE A 587 22.40 -3.92 -27.65
CA ILE A 587 21.16 -3.16 -27.58
C ILE A 587 21.41 -1.75 -27.06
N THR A 588 21.00 -0.78 -27.86
CA THR A 588 21.01 0.61 -27.43
C THR A 588 19.60 1.15 -27.56
N PRO A 589 19.23 2.16 -26.78
CA PRO A 589 17.96 2.85 -26.84
C PRO A 589 17.88 3.64 -28.13
N CYS A 590 16.66 3.85 -28.61
CA CYS A 590 16.41 4.65 -29.79
C CYS A 590 16.70 6.11 -29.48
N SER A 591 17.31 6.80 -30.43
CA SER A 591 17.78 8.16 -30.16
C SER A 591 16.69 9.02 -29.54
N PHE A 592 17.07 9.73 -28.49
CA PHE A 592 16.15 10.60 -27.79
C PHE A 592 16.93 11.71 -27.11
N GLY A 593 16.23 12.72 -26.64
CA GLY A 593 16.86 13.80 -25.89
C GLY A 593 15.86 14.91 -25.60
N GLY A 594 16.27 15.86 -24.78
CA GLY A 594 15.39 16.97 -24.44
C GLY A 594 15.23 17.90 -25.63
N VAL A 595 14.10 18.58 -25.69
CA VAL A 595 13.87 19.56 -26.72
C VAL A 595 13.58 20.91 -26.11
N SER A 596 14.41 21.89 -26.45
CA SER A 596 14.24 23.22 -25.92
C SER A 596 13.93 24.21 -27.02
N VAL A 597 13.13 25.21 -26.69
CA VAL A 597 12.72 26.20 -27.66
C VAL A 597 13.37 27.53 -27.36
N ILE A 598 14.08 28.04 -28.34
CA ILE A 598 14.78 29.30 -28.24
C ILE A 598 13.93 30.39 -28.84
N THR A 599 13.61 31.40 -28.06
CA THR A 599 12.74 32.43 -28.56
C THR A 599 13.07 33.77 -27.95
N PRO A 600 12.87 34.85 -28.71
CA PRO A 600 12.72 36.20 -28.24
C PRO A 600 11.34 36.28 -27.62
N GLY A 601 11.09 37.31 -26.84
CA GLY A 601 9.78 37.37 -26.23
C GLY A 601 8.71 37.44 -27.32
N THR A 602 7.52 36.94 -26.99
CA THR A 602 6.39 37.02 -27.91
C THR A 602 5.94 38.47 -28.11
N ASN A 603 6.48 39.38 -27.29
CA ASN A 603 6.29 40.81 -27.39
C ASN A 603 7.10 41.39 -28.57
N THR A 604 8.01 40.57 -29.12
CA THR A 604 8.88 40.96 -30.23
C THR A 604 8.58 40.14 -31.49
N SER A 605 8.57 38.83 -31.35
CA SER A 605 8.40 37.94 -32.50
C SER A 605 7.90 36.57 -32.10
N ASN A 606 7.18 35.92 -33.01
CA ASN A 606 6.70 34.56 -32.79
C ASN A 606 7.62 33.53 -33.43
N GLN A 607 8.76 33.98 -33.94
CA GLN A 607 9.73 33.07 -34.51
C GLN A 607 10.44 32.31 -33.40
N VAL A 608 10.66 31.03 -33.61
CA VAL A 608 11.40 30.24 -32.65
C VAL A 608 12.45 29.39 -33.34
N ALA A 609 13.44 28.97 -32.57
CA ALA A 609 14.38 27.95 -33.01
C ALA A 609 14.34 26.80 -32.04
N VAL A 610 14.55 25.60 -32.52
CA VAL A 610 14.44 24.44 -31.66
C VAL A 610 15.75 23.70 -31.53
N LEU A 611 16.15 23.46 -30.29
CA LEU A 611 17.36 22.69 -30.02
C LEU A 611 17.02 21.29 -29.57
N TYR A 612 17.54 20.31 -30.29
CA TYR A 612 17.40 18.92 -29.91
C TYR A 612 18.63 18.48 -29.15
N GLN A 613 18.51 18.44 -27.83
CA GLN A 613 19.66 18.35 -26.95
C GLN A 613 20.35 17.02 -27.06
N ASP A 614 21.65 17.07 -27.34
CA ASP A 614 22.46 15.87 -27.51
C ASP A 614 21.87 14.95 -28.57
N VAL A 615 21.34 15.54 -29.64
CA VAL A 615 20.80 14.80 -30.76
C VAL A 615 21.49 15.20 -32.06
N ASN A 616 21.77 14.22 -32.92
CA ASN A 616 22.34 14.44 -34.22
C ASN A 616 21.29 15.02 -35.19
N CYS A 617 21.69 15.99 -36.02
CA CYS A 617 20.80 16.62 -36.96
C CYS A 617 20.30 15.65 -38.03
N THR A 618 20.93 14.48 -38.08
CA THR A 618 20.54 13.44 -39.03
C THR A 618 19.46 12.53 -38.44
N GLU A 619 19.23 12.66 -37.13
CA GLU A 619 18.27 11.82 -36.42
C GLU A 619 16.96 12.56 -36.15
N VAL A 620 17.05 13.88 -36.05
CA VAL A 620 15.90 14.70 -35.65
C VAL A 620 14.60 14.43 -36.43
N PRO A 621 14.58 14.46 -37.79
CA PRO A 621 13.38 14.35 -38.62
C PRO A 621 12.90 12.91 -38.71
N ASN A 641 18.05 26.25 -42.15
CA ASN A 641 18.74 26.60 -40.91
C ASN A 641 18.88 25.38 -39.99
N VAL A 642 19.87 24.53 -40.28
CA VAL A 642 20.19 23.38 -39.44
C VAL A 642 21.65 23.45 -39.00
N PHE A 643 21.86 23.70 -37.73
CA PHE A 643 23.19 23.93 -37.19
C PHE A 643 23.54 22.93 -36.09
N GLN A 644 24.56 22.13 -36.33
CA GLN A 644 24.96 21.12 -35.36
C GLN A 644 25.94 21.70 -34.35
N THR A 645 25.59 21.64 -33.08
CA THR A 645 26.44 22.13 -32.01
C THR A 645 26.73 21.02 -31.03
N ARG A 646 27.53 21.33 -30.01
CA ARG A 646 27.81 20.37 -28.95
C ARG A 646 26.65 20.25 -27.99
N ALA A 647 25.74 21.21 -28.04
CA ALA A 647 24.58 21.21 -27.17
C ALA A 647 23.48 20.35 -27.77
N GLY A 648 23.54 20.17 -29.08
CA GLY A 648 22.51 19.45 -29.80
C GLY A 648 22.31 20.06 -31.18
N CYS A 649 21.23 19.64 -31.86
CA CYS A 649 20.92 20.14 -33.20
C CYS A 649 19.99 21.35 -33.10
N LEU A 650 20.47 22.49 -33.59
CA LEU A 650 19.69 23.71 -33.52
C LEU A 650 19.06 24.02 -34.86
N ILE A 651 17.74 24.02 -34.90
CA ILE A 651 17.03 24.22 -36.15
C ILE A 651 16.17 25.47 -36.11
N GLY A 652 16.32 26.32 -37.12
CA GLY A 652 15.54 27.55 -37.19
C GLY A 652 16.40 28.77 -36.92
N ALA A 653 17.64 28.56 -36.52
CA ALA A 653 18.56 29.65 -36.27
C ALA A 653 19.64 29.70 -37.34
N GLU A 654 19.95 30.90 -37.81
CA GLU A 654 20.99 31.07 -38.80
C GLU A 654 22.33 31.28 -38.15
N HIS A 655 23.25 30.36 -38.38
CA HIS A 655 24.57 30.48 -37.81
C HIS A 655 25.39 31.51 -38.57
N VAL A 656 26.04 32.39 -37.83
CA VAL A 656 26.91 33.39 -38.42
C VAL A 656 28.28 33.39 -37.78
N ASN A 657 29.28 33.91 -38.49
CA ASN A 657 30.65 34.02 -37.98
C ASN A 657 30.81 35.18 -37.02
N ASN A 658 29.98 36.21 -37.16
CA ASN A 658 30.04 37.38 -36.30
C ASN A 658 29.77 37.01 -34.85
N SER A 659 30.67 37.42 -33.97
CA SER A 659 30.54 37.12 -32.55
C SER A 659 29.95 38.30 -31.80
N TYR A 660 28.94 38.03 -30.99
CA TYR A 660 28.27 39.07 -30.22
C TYR A 660 28.25 38.70 -28.75
N GLU A 661 27.83 39.63 -27.92
CA GLU A 661 27.58 39.31 -26.53
C GLU A 661 26.49 38.25 -26.45
N CYS A 662 26.57 37.36 -25.46
CA CYS A 662 25.59 36.30 -25.33
C CYS A 662 24.21 36.85 -24.95
N ASP A 663 23.19 36.39 -25.64
CA ASP A 663 21.83 36.81 -25.37
C ASP A 663 21.05 35.64 -24.79
N ILE A 664 20.68 34.68 -25.63
CA ILE A 664 20.08 33.46 -25.17
C ILE A 664 21.09 32.32 -25.29
N PRO A 665 21.59 31.80 -24.16
CA PRO A 665 22.64 30.81 -24.10
C PRO A 665 22.16 29.49 -24.65
N ILE A 666 22.97 28.87 -25.50
CA ILE A 666 22.68 27.56 -26.04
C ILE A 666 23.53 26.51 -25.34
N GLY A 667 24.81 26.81 -25.22
CA GLY A 667 25.76 25.91 -24.58
C GLY A 667 27.01 25.75 -25.42
N ALA A 668 28.11 25.38 -24.76
CA ALA A 668 29.37 25.14 -25.44
C ALA A 668 29.82 26.33 -26.26
N GLY A 669 29.63 27.52 -25.71
CA GLY A 669 30.12 28.74 -26.34
C GLY A 669 29.14 29.33 -27.33
N ILE A 670 28.06 28.63 -27.59
CA ILE A 670 27.07 29.10 -28.56
C ILE A 670 25.92 29.82 -27.87
N CYS A 671 25.55 30.97 -28.43
CA CYS A 671 24.40 31.75 -27.99
C CYS A 671 23.55 32.11 -29.20
N ALA A 672 22.29 32.45 -28.94
CA ALA A 672 21.40 32.87 -30.00
C ALA A 672 20.77 34.21 -29.67
N SER A 673 20.40 34.94 -30.70
CA SER A 673 19.73 36.22 -30.50
C SER A 673 18.83 36.55 -31.68
N TYR A 674 17.93 37.49 -31.48
CA TYR A 674 17.04 37.93 -32.54
C TYR A 674 17.57 39.21 -33.18
N GLN A 675 17.92 39.15 -34.47
CA GLN A 675 18.54 40.25 -35.19
C GLN A 675 17.82 40.49 -36.51
N GLN A 690 13.85 40.58 -39.55
CA GLN A 690 14.71 40.04 -38.50
C GLN A 690 14.50 38.54 -38.35
N SER A 691 15.54 37.85 -37.86
CA SER A 691 15.51 36.40 -37.66
C SER A 691 16.38 35.99 -36.48
N ILE A 692 16.23 34.74 -36.05
CA ILE A 692 17.05 34.20 -34.98
C ILE A 692 18.37 33.71 -35.53
N ILE A 693 19.46 34.12 -34.90
CA ILE A 693 20.79 33.70 -35.33
C ILE A 693 21.52 32.98 -34.23
N ALA A 694 22.51 32.20 -34.62
CA ALA A 694 23.36 31.52 -33.66
C ALA A 694 24.81 31.93 -33.90
N TYR A 695 25.57 32.08 -32.83
CA TYR A 695 26.94 32.53 -32.93
C TYR A 695 27.77 32.09 -31.75
N THR A 696 29.09 32.12 -31.92
CA THR A 696 29.97 31.97 -30.79
C THR A 696 30.04 33.28 -30.03
N MET A 697 29.78 33.22 -28.74
CA MET A 697 29.70 34.44 -27.95
C MET A 697 31.06 35.11 -27.82
N SER A 698 31.05 36.43 -27.79
CA SER A 698 32.24 37.21 -27.56
C SER A 698 32.50 37.33 -26.07
N LEU A 699 33.77 37.38 -25.69
CA LEU A 699 34.12 37.53 -24.29
C LEU A 699 34.44 38.99 -23.98
N GLY A 700 34.31 39.84 -24.99
CA GLY A 700 34.61 41.26 -24.83
C GLY A 700 35.60 41.72 -25.89
N ALA A 701 35.74 43.03 -26.03
CA ALA A 701 36.66 43.60 -27.00
C ALA A 701 38.09 43.35 -26.58
N GLU A 702 38.97 43.17 -27.56
CA GLU A 702 40.39 43.01 -27.27
C GLU A 702 41.01 44.34 -26.92
N ASN A 703 41.94 44.32 -25.97
CA ASN A 703 42.62 45.52 -25.52
C ASN A 703 44.09 45.25 -25.25
N SER A 704 44.95 45.66 -26.16
CA SER A 704 46.37 45.52 -25.95
C SER A 704 46.89 46.71 -25.17
N VAL A 705 47.42 46.45 -23.99
CA VAL A 705 47.94 47.50 -23.13
C VAL A 705 49.32 47.91 -23.61
N ALA A 706 49.54 49.21 -23.71
CA ALA A 706 50.81 49.73 -24.22
C ALA A 706 51.91 49.60 -23.18
N TYR A 707 52.25 48.36 -22.85
CA TYR A 707 53.25 48.09 -21.84
C TYR A 707 54.65 48.35 -22.35
N SER A 708 55.47 48.93 -21.50
CA SER A 708 56.90 49.03 -21.71
C SER A 708 57.57 49.12 -20.36
N ASN A 709 58.90 49.05 -20.34
CA ASN A 709 59.63 49.03 -19.08
C ASN A 709 59.85 50.44 -18.51
N ASN A 710 59.36 51.47 -19.22
CA ASN A 710 59.51 52.85 -18.77
C ASN A 710 58.34 53.72 -19.19
N SER A 711 57.15 53.15 -19.25
CA SER A 711 55.97 53.93 -19.64
C SER A 711 54.83 53.72 -18.67
N ILE A 712 54.27 54.80 -18.19
CA ILE A 712 53.16 54.75 -17.26
C ILE A 712 52.00 55.61 -17.74
N ALA A 713 50.79 55.13 -17.53
CA ALA A 713 49.62 55.94 -17.82
C ALA A 713 49.04 56.49 -16.53
N ILE A 714 48.81 57.80 -16.51
CA ILE A 714 48.26 58.44 -15.33
C ILE A 714 47.03 59.28 -15.69
N PRO A 715 45.90 59.04 -15.03
CA PRO A 715 44.65 59.75 -15.16
C PRO A 715 44.85 61.23 -14.96
N THR A 716 44.39 62.03 -15.91
CA THR A 716 44.40 63.48 -15.73
C THR A 716 43.04 63.98 -15.27
N ASN A 717 42.06 63.08 -15.23
CA ASN A 717 40.69 63.39 -14.85
C ASN A 717 40.07 62.19 -14.14
N PHE A 718 38.82 62.34 -13.74
CA PHE A 718 38.07 61.28 -13.07
C PHE A 718 36.58 61.52 -13.22
N THR A 719 35.80 60.48 -13.00
CA THR A 719 34.37 60.62 -12.94
C THR A 719 33.83 60.03 -11.65
N ILE A 720 32.69 60.53 -11.21
CA ILE A 720 32.02 59.95 -10.06
C ILE A 720 30.91 59.05 -10.54
N SER A 721 31.07 57.77 -10.29
CA SER A 721 30.11 56.79 -10.77
C SER A 721 29.23 56.32 -9.64
N VAL A 722 27.95 56.15 -9.94
CA VAL A 722 27.05 55.54 -8.98
C VAL A 722 26.45 54.30 -9.59
N THR A 723 26.60 53.18 -8.91
CA THR A 723 26.04 51.93 -9.38
C THR A 723 25.09 51.36 -8.37
N THR A 724 24.19 50.51 -8.82
CA THR A 724 23.18 49.95 -7.96
C THR A 724 23.43 48.47 -7.73
N GLU A 725 23.47 48.08 -6.46
CA GLU A 725 23.55 46.66 -6.13
C GLU A 725 22.32 46.24 -5.35
N ILE A 726 21.63 45.24 -5.85
CA ILE A 726 20.38 44.82 -5.26
C ILE A 726 20.49 43.46 -4.63
N LEU A 727 20.21 43.38 -3.34
CA LEU A 727 20.29 42.12 -2.62
C LEU A 727 18.98 41.80 -1.93
N PRO A 728 18.52 40.55 -2.03
CA PRO A 728 17.49 39.95 -1.23
C PRO A 728 17.89 39.94 0.22
N VAL A 729 16.96 40.27 1.10
CA VAL A 729 17.21 40.21 2.53
C VAL A 729 16.25 39.26 3.20
N SER A 730 15.00 39.31 2.81
CA SER A 730 13.98 38.52 3.47
C SER A 730 13.11 37.78 2.48
N MET A 731 12.36 36.83 3.01
CA MET A 731 11.49 35.98 2.22
C MET A 731 10.11 35.99 2.86
N THR A 732 9.08 35.80 2.05
CA THR A 732 7.73 35.78 2.60
C THR A 732 7.62 34.76 3.72
N LYS A 733 7.11 35.21 4.86
CA LYS A 733 6.96 34.33 6.01
C LYS A 733 5.69 33.52 5.92
N THR A 734 5.76 32.41 5.22
CA THR A 734 4.58 31.58 5.07
C THR A 734 4.41 30.68 6.28
N SER A 735 3.18 30.24 6.50
CA SER A 735 2.88 29.27 7.53
C SER A 735 1.83 28.29 7.05
N VAL A 736 2.20 27.02 7.00
CA VAL A 736 1.27 26.03 6.49
C VAL A 736 0.81 25.12 7.62
N ASP A 737 -0.49 25.09 7.85
CA ASP A 737 -1.05 24.23 8.87
C ASP A 737 -1.10 22.80 8.36
N CYS A 738 -0.16 21.96 8.81
CA CYS A 738 0.00 20.60 8.31
C CYS A 738 -1.30 19.83 8.38
N THR A 739 -1.92 19.80 9.54
CA THR A 739 -3.13 19.02 9.74
C THR A 739 -4.24 19.49 8.81
N MET A 740 -4.44 20.79 8.71
CA MET A 740 -5.51 21.29 7.85
C MET A 740 -5.20 21.06 6.38
N TYR A 741 -3.96 21.25 5.98
CA TYR A 741 -3.56 21.02 4.60
C TYR A 741 -3.90 19.60 4.18
N ILE A 742 -3.52 18.64 5.02
CA ILE A 742 -3.69 17.24 4.70
C ILE A 742 -5.14 16.75 4.88
N CYS A 743 -5.76 17.12 6.00
CA CYS A 743 -7.02 16.53 6.42
C CYS A 743 -8.18 17.51 6.39
N GLY A 744 -7.90 18.79 6.19
CA GLY A 744 -8.94 19.79 6.29
C GLY A 744 -9.55 19.76 7.69
N ASP A 745 -10.86 19.62 7.77
CA ASP A 745 -11.54 19.54 9.06
C ASP A 745 -12.07 18.13 9.32
N SER A 746 -11.50 17.15 8.63
CA SER A 746 -11.92 15.76 8.78
C SER A 746 -11.28 15.10 9.99
N THR A 747 -12.12 14.64 10.91
CA THR A 747 -11.65 13.98 12.11
C THR A 747 -11.08 12.61 11.78
N GLU A 748 -11.71 11.93 10.83
CA GLU A 748 -11.27 10.59 10.44
C GLU A 748 -9.85 10.61 9.88
N CYS A 749 -9.56 11.60 9.03
CA CYS A 749 -8.24 11.78 8.47
C CYS A 749 -7.24 12.17 9.55
N SER A 750 -7.64 13.09 10.43
CA SER A 750 -6.77 13.54 11.49
C SER A 750 -6.30 12.38 12.34
N ASN A 751 -7.22 11.48 12.68
CA ASN A 751 -6.87 10.32 13.50
C ASN A 751 -5.89 9.39 12.79
N LEU A 752 -6.04 9.27 11.48
CA LEU A 752 -5.11 8.46 10.70
C LEU A 752 -3.75 9.13 10.62
N LEU A 753 -3.77 10.45 10.55
CA LEU A 753 -2.53 11.23 10.46
C LEU A 753 -1.66 11.06 11.69
N LEU A 754 -2.30 10.82 12.84
CA LEU A 754 -1.57 10.61 14.08
C LEU A 754 -0.73 9.34 14.05
N GLN A 755 -1.04 8.44 13.13
CA GLN A 755 -0.32 7.18 13.03
C GLN A 755 1.07 7.39 12.47
N TYR A 756 1.31 8.58 11.93
CA TYR A 756 2.58 8.88 11.30
C TYR A 756 3.52 9.58 12.26
N GLY A 757 3.09 9.74 13.49
CA GLY A 757 3.95 10.34 14.50
C GLY A 757 3.91 11.85 14.44
N SER A 758 5.08 12.47 14.50
CA SER A 758 5.20 13.90 14.69
C SER A 758 5.63 14.64 13.43
N PHE A 759 5.42 14.03 12.28
CA PHE A 759 5.82 14.66 11.03
C PHE A 759 5.26 16.07 10.89
N CYS A 760 3.99 16.26 11.26
CA CYS A 760 3.35 17.58 11.19
C CYS A 760 3.98 18.56 12.16
N THR A 761 4.42 18.07 13.32
CA THR A 761 5.08 18.92 14.29
C THR A 761 6.42 19.39 13.72
N GLN A 762 7.13 18.50 13.07
CA GLN A 762 8.40 18.82 12.45
C GLN A 762 8.23 19.86 11.34
N LEU A 763 7.20 19.68 10.54
CA LEU A 763 6.97 20.55 9.40
C LEU A 763 6.53 21.93 9.84
N ASN A 764 5.67 21.99 10.86
CA ASN A 764 5.24 23.25 11.40
C ASN A 764 6.41 23.98 12.03
N ARG A 765 7.27 23.22 12.69
CA ARG A 765 8.45 23.75 13.34
C ARG A 765 9.46 24.30 12.34
N ALA A 766 9.67 23.57 11.25
CA ALA A 766 10.61 23.99 10.23
C ALA A 766 10.20 25.31 9.60
N LEU A 767 8.92 25.46 9.32
CA LEU A 767 8.43 26.69 8.71
C LEU A 767 8.45 27.84 9.70
N THR A 768 8.21 27.54 10.97
CA THR A 768 8.30 28.55 12.01
C THR A 768 9.72 29.06 12.12
N GLY A 769 10.68 28.15 12.08
CA GLY A 769 12.09 28.52 12.14
C GLY A 769 12.46 29.44 10.99
N ILE A 770 11.95 29.13 9.80
CA ILE A 770 12.21 29.97 8.63
C ILE A 770 11.62 31.35 8.83
N ALA A 771 10.36 31.39 9.29
CA ALA A 771 9.68 32.66 9.46
C ALA A 771 10.43 33.57 10.42
N VAL A 772 10.95 32.99 11.49
CA VAL A 772 11.70 33.78 12.46
C VAL A 772 12.99 34.30 11.85
N GLU A 773 13.69 33.45 11.10
CA GLU A 773 14.91 33.86 10.45
C GLU A 773 14.72 35.11 9.61
N GLN A 774 13.57 35.21 8.95
CA GLN A 774 13.33 36.31 8.04
C GLN A 774 13.32 37.66 8.75
N ASP A 775 12.92 37.67 10.01
CA ASP A 775 12.94 38.91 10.78
C ASP A 775 14.36 39.19 11.25
N LYS A 776 15.08 38.11 11.54
CA LYS A 776 16.48 38.23 11.92
C LYS A 776 17.30 38.79 10.76
N ASN A 777 17.01 38.32 9.54
CA ASN A 777 17.73 38.78 8.36
C ASN A 777 17.55 40.27 8.16
N THR A 778 16.32 40.73 8.28
CA THR A 778 16.01 42.14 8.09
C THR A 778 16.70 42.97 9.16
N GLN A 779 16.64 42.50 10.39
CA GLN A 779 17.24 43.21 11.50
C GLN A 779 18.75 43.34 11.34
N GLU A 780 19.39 42.27 10.89
CA GLU A 780 20.83 42.27 10.72
C GLU A 780 21.29 43.29 9.69
N VAL A 781 20.47 43.49 8.65
CA VAL A 781 20.83 44.41 7.59
C VAL A 781 20.54 45.87 7.96
N PHE A 782 19.35 46.12 8.47
CA PHE A 782 18.90 47.50 8.61
C PHE A 782 19.07 48.07 10.02
N ALA A 783 18.91 47.25 11.04
CA ALA A 783 18.99 47.75 12.40
C ALA A 783 20.42 47.76 12.90
N GLN A 784 21.27 48.51 12.22
CA GLN A 784 22.68 48.57 12.54
C GLN A 784 23.06 49.86 13.24
N VAL A 785 22.08 50.71 13.47
CA VAL A 785 22.34 52.02 14.01
C VAL A 785 21.75 52.17 15.41
N LYS A 786 22.55 52.68 16.33
CA LYS A 786 22.13 52.83 17.73
C LYS A 786 21.06 53.90 17.89
N GLN A 787 21.20 54.99 17.14
CA GLN A 787 20.26 56.10 17.22
C GLN A 787 19.65 56.39 15.87
N ILE A 788 18.48 57.00 15.88
CA ILE A 788 17.86 57.44 14.65
C ILE A 788 18.31 58.84 14.31
N TYR A 789 19.20 58.92 13.33
CA TYR A 789 19.79 60.20 12.97
C TYR A 789 18.91 60.95 11.99
N LYS A 790 18.96 62.25 12.09
CA LYS A 790 18.14 63.08 11.18
C LYS A 790 19.05 64.07 10.48
N THR A 791 18.72 64.41 9.24
CA THR A 791 19.42 65.46 8.52
C THR A 791 18.92 66.81 9.00
N PRO A 792 19.71 67.87 8.79
CA PRO A 792 19.35 69.24 9.04
C PRO A 792 18.24 69.68 8.09
N PRO A 793 17.41 70.63 8.53
CA PRO A 793 16.41 71.34 7.75
C PRO A 793 17.00 72.00 6.51
N ILE A 794 18.25 72.43 6.62
CA ILE A 794 18.92 73.08 5.50
C ILE A 794 19.90 72.13 4.83
N LYS A 795 19.58 71.73 3.61
CA LYS A 795 20.37 70.73 2.91
C LYS A 795 21.56 71.38 2.20
N ASP A 796 22.49 71.92 2.99
CA ASP A 796 23.69 72.52 2.43
C ASP A 796 24.89 71.61 2.62
N PHE A 797 25.24 70.90 1.57
CA PHE A 797 26.31 69.93 1.64
C PHE A 797 27.41 70.29 0.66
N GLY A 798 27.49 71.57 0.33
CA GLY A 798 28.55 72.06 -0.55
C GLY A 798 28.27 71.80 -2.01
N GLY A 799 27.01 71.68 -2.38
CA GLY A 799 26.62 71.44 -3.76
C GLY A 799 26.17 70.01 -3.99
N PHE A 800 26.39 69.15 -3.00
CA PHE A 800 25.99 67.76 -3.10
C PHE A 800 24.50 67.60 -2.77
N ASN A 801 23.76 67.02 -3.70
CA ASN A 801 22.30 66.92 -3.64
C ASN A 801 21.86 65.49 -3.38
N PHE A 802 21.24 65.26 -2.21
CA PHE A 802 20.82 63.93 -1.78
C PHE A 802 19.31 63.78 -1.78
N SER A 803 18.62 64.67 -2.49
CA SER A 803 17.16 64.72 -2.45
C SER A 803 16.50 63.45 -2.99
N GLN A 804 17.22 62.68 -3.79
CA GLN A 804 16.65 61.49 -4.38
C GLN A 804 16.83 60.26 -3.51
N ILE A 805 17.65 60.37 -2.48
CA ILE A 805 17.88 59.25 -1.58
C ILE A 805 17.33 59.53 -0.19
N LEU A 806 17.14 60.81 0.13
CA LEU A 806 16.53 61.20 1.38
C LEU A 806 15.02 61.10 1.28
N PRO A 807 14.33 60.88 2.40
CA PRO A 807 12.90 60.77 2.52
C PRO A 807 12.18 61.97 1.92
N ASP A 808 11.12 61.72 1.18
CA ASP A 808 10.29 62.78 0.63
C ASP A 808 9.10 63.02 1.56
N PRO A 809 9.12 64.14 2.31
CA PRO A 809 8.22 64.44 3.40
C PRO A 809 6.79 64.70 2.93
N SER A 810 6.62 64.86 1.62
CA SER A 810 5.31 65.14 1.06
C SER A 810 4.50 63.86 0.89
N LYS A 811 5.17 62.72 1.03
CA LYS A 811 4.49 61.43 0.88
C LYS A 811 4.32 60.76 2.25
N PRO A 812 3.12 60.23 2.54
CA PRO A 812 2.75 59.52 3.76
C PRO A 812 3.73 58.40 4.11
N SER A 813 4.30 57.77 3.08
CA SER A 813 5.20 56.64 3.28
C SER A 813 6.59 57.07 3.74
N LYS A 814 6.89 58.36 3.61
CA LYS A 814 8.20 58.89 3.97
C LYS A 814 9.33 58.12 3.30
N ARG A 815 9.17 57.82 2.02
CA ARG A 815 10.20 57.17 1.24
C ARG A 815 10.93 58.19 0.39
N SER A 816 12.16 57.88 0.03
CA SER A 816 12.85 58.71 -0.95
C SER A 816 12.22 58.47 -2.30
N PRO A 817 12.41 59.38 -3.25
CA PRO A 817 12.03 59.25 -4.65
C PRO A 817 12.51 57.94 -5.26
N ILE A 818 13.72 57.51 -4.91
CA ILE A 818 14.24 56.24 -5.41
C ILE A 818 13.57 55.05 -4.71
N GLU A 819 13.41 55.13 -3.40
CA GLU A 819 12.75 54.06 -2.67
C GLU A 819 11.32 53.89 -3.16
N ASP A 820 10.65 55.00 -3.43
CA ASP A 820 9.29 54.96 -3.92
C ASP A 820 9.23 54.23 -5.25
N LEU A 821 10.20 54.52 -6.11
CA LEU A 821 10.31 53.83 -7.38
C LEU A 821 10.56 52.34 -7.20
N LEU A 822 11.44 51.98 -6.28
CA LEU A 822 11.77 50.58 -6.05
C LEU A 822 10.56 49.80 -5.58
N PHE A 823 9.77 50.39 -4.71
CA PHE A 823 8.58 49.73 -4.18
C PHE A 823 7.48 49.60 -5.23
N ASN A 824 7.42 50.54 -6.15
CA ASN A 824 6.44 50.47 -7.23
C ASN A 824 6.82 49.40 -8.24
N LYS A 825 8.12 49.19 -8.44
CA LYS A 825 8.58 48.18 -9.38
C LYS A 825 8.33 46.76 -8.89
N VAL A 826 8.54 46.52 -7.60
CA VAL A 826 8.30 45.22 -6.96
C VAL A 826 7.41 45.40 -5.73
N ILE A 850 -4.24 34.95 -3.08
CA ILE A 850 -3.84 34.69 -1.70
C ILE A 850 -4.92 33.88 -0.96
N CYS A 851 -6.19 34.22 -1.19
CA CYS A 851 -7.31 33.57 -0.51
C CYS A 851 -7.42 32.09 -0.87
N ALA A 852 -7.15 31.77 -2.13
CA ALA A 852 -7.21 30.38 -2.58
C ALA A 852 -6.21 29.52 -1.81
N GLN A 853 -5.08 30.14 -1.44
CA GLN A 853 -4.06 29.46 -0.65
C GLN A 853 -4.48 29.40 0.81
N LYS A 854 -4.90 30.55 1.34
CA LYS A 854 -5.30 30.64 2.75
C LYS A 854 -6.38 29.64 3.10
N PHE A 855 -7.32 29.44 2.18
CA PHE A 855 -8.45 28.57 2.43
C PHE A 855 -8.03 27.13 2.64
N ASN A 856 -6.76 26.83 2.33
CA ASN A 856 -6.23 25.48 2.50
C ASN A 856 -5.23 25.41 3.65
N GLY A 857 -5.23 26.42 4.51
CA GLY A 857 -4.38 26.43 5.69
C GLY A 857 -3.02 27.08 5.45
N LEU A 858 -2.90 27.79 4.32
CA LEU A 858 -1.65 28.45 3.97
C LEU A 858 -1.72 29.94 4.24
N THR A 859 -1.17 30.38 5.36
CA THR A 859 -1.27 31.78 5.74
C THR A 859 0.06 32.49 5.56
N VAL A 860 0.02 33.82 5.57
CA VAL A 860 1.22 34.61 5.52
C VAL A 860 1.32 35.52 6.73
N LEU A 861 2.45 35.45 7.41
CA LEU A 861 2.68 36.27 8.58
C LEU A 861 3.37 37.56 8.15
N PRO A 862 3.02 38.68 8.76
CA PRO A 862 3.60 39.99 8.55
C PRO A 862 5.00 40.01 9.16
N PRO A 863 5.93 40.71 8.52
CA PRO A 863 7.25 41.06 9.01
C PRO A 863 7.15 41.83 10.31
N LEU A 864 8.10 41.60 11.19
CA LEU A 864 8.13 42.33 12.45
C LEU A 864 8.32 43.81 12.18
N LEU A 865 9.24 44.14 11.28
CA LEU A 865 9.44 45.52 10.89
C LEU A 865 8.62 45.83 9.66
N THR A 866 7.82 46.88 9.75
CA THR A 866 7.04 47.32 8.61
C THR A 866 7.93 48.03 7.63
N ASP A 867 7.42 48.27 6.43
CA ASP A 867 8.20 48.97 5.42
C ASP A 867 8.56 50.38 5.88
N GLU A 868 7.67 51.00 6.67
CA GLU A 868 7.90 52.37 7.23
C GLU A 868 9.01 52.34 8.26
N MET A 869 9.13 51.26 9.03
CA MET A 869 10.21 51.13 10.00
C MET A 869 11.54 50.90 9.32
N ILE A 870 11.52 50.10 8.26
CA ILE A 870 12.73 49.83 7.51
C ILE A 870 13.22 51.10 6.83
N ALA A 871 12.29 51.87 6.28
CA ALA A 871 12.62 53.15 5.66
C ALA A 871 13.22 54.11 6.69
N GLN A 872 12.71 54.04 7.92
CA GLN A 872 13.24 54.87 9.00
C GLN A 872 14.67 54.48 9.36
N TYR A 873 14.96 53.18 9.35
CA TYR A 873 16.32 52.73 9.58
C TYR A 873 17.23 53.22 8.46
N THR A 874 16.74 53.13 7.24
CA THR A 874 17.52 53.53 6.09
C THR A 874 17.82 55.02 6.13
N SER A 875 16.81 55.82 6.45
CA SER A 875 16.99 57.26 6.51
C SER A 875 17.93 57.65 7.63
N ALA A 876 17.90 56.89 8.72
CA ALA A 876 18.82 57.12 9.83
C ALA A 876 20.26 56.87 9.38
N LEU A 877 20.45 55.80 8.62
CA LEU A 877 21.76 55.47 8.09
C LEU A 877 22.25 56.52 7.13
N LEU A 878 21.35 57.04 6.30
CA LEU A 878 21.70 58.09 5.36
C LEU A 878 22.08 59.36 6.08
N ALA A 879 21.29 59.71 7.09
CA ALA A 879 21.55 60.92 7.84
C ALA A 879 22.89 60.84 8.53
N GLY A 880 23.19 59.68 9.09
CA GLY A 880 24.45 59.46 9.76
C GLY A 880 25.59 59.60 8.78
N THR A 881 25.48 58.95 7.65
CA THR A 881 26.53 58.96 6.65
C THR A 881 26.79 60.36 6.13
N ILE A 882 25.72 61.10 5.89
CA ILE A 882 25.83 62.43 5.29
C ILE A 882 26.38 63.46 6.26
N THR A 883 26.01 63.37 7.54
CA THR A 883 26.39 64.40 8.49
C THR A 883 27.61 64.05 9.34
N SER A 884 27.93 62.76 9.48
CA SER A 884 29.02 62.37 10.35
C SER A 884 29.96 61.34 9.72
N GLY A 885 29.78 61.08 8.45
CA GLY A 885 30.64 60.14 7.74
C GLY A 885 30.58 58.75 8.34
N TRP A 886 31.75 58.18 8.64
CA TRP A 886 31.81 56.84 9.19
C TRP A 886 31.90 56.82 10.70
N THR A 887 31.92 57.98 11.32
CA THR A 887 32.17 58.03 12.75
C THR A 887 31.02 57.43 13.55
N PHE A 888 29.80 57.58 13.05
CA PHE A 888 28.62 57.11 13.76
C PHE A 888 28.55 55.60 13.74
N GLY A 889 29.32 54.97 12.87
CA GLY A 889 29.34 53.53 12.76
C GLY A 889 30.39 52.92 13.68
N ALA A 890 31.16 53.77 14.35
CA ALA A 890 32.22 53.30 15.23
C ALA A 890 31.91 53.67 16.67
N GLY A 891 31.49 54.91 16.87
CA GLY A 891 31.16 55.41 18.20
C GLY A 891 30.05 56.43 18.08
N PRO A 892 30.21 57.60 18.72
CA PRO A 892 29.30 58.72 18.65
C PRO A 892 29.38 59.36 17.28
N ALA A 893 28.29 59.95 16.83
CA ALA A 893 28.27 60.59 15.53
C ALA A 893 28.95 61.94 15.60
N LEU A 894 30.07 62.08 14.91
CA LEU A 894 30.84 63.30 14.93
C LEU A 894 30.58 64.10 13.67
N GLN A 895 29.98 65.27 13.81
CA GLN A 895 29.62 66.04 12.64
C GLN A 895 30.86 66.47 11.88
N ILE A 896 30.71 66.54 10.57
CA ILE A 896 31.76 67.02 9.69
C ILE A 896 31.09 67.57 8.43
N PRO A 897 31.56 68.68 7.86
CA PRO A 897 31.11 69.24 6.61
C PRO A 897 31.21 68.19 5.52
N PHE A 898 30.19 68.10 4.66
CA PHE A 898 30.20 67.03 3.69
C PHE A 898 31.42 67.06 2.75
N PRO A 899 31.80 68.22 2.20
CA PRO A 899 32.95 68.40 1.33
C PRO A 899 34.22 67.90 2.01
N MET A 900 34.31 68.09 3.32
CA MET A 900 35.46 67.65 4.08
C MET A 900 35.45 66.15 4.25
N GLN A 901 34.26 65.60 4.43
CA GLN A 901 34.08 64.16 4.49
C GLN A 901 34.48 63.53 3.18
N MET A 902 34.12 64.16 2.07
CA MET A 902 34.46 63.64 0.77
C MET A 902 35.96 63.71 0.55
N ALA A 903 36.58 64.76 1.08
CA ALA A 903 38.02 64.92 1.00
C ALA A 903 38.73 63.78 1.73
N TYR A 904 38.17 63.37 2.86
CA TYR A 904 38.73 62.24 3.61
C TYR A 904 38.63 60.97 2.79
N ARG A 905 37.51 60.82 2.10
CA ARG A 905 37.27 59.65 1.29
C ARG A 905 38.15 59.62 0.05
N PHE A 906 38.55 60.80 -0.42
CA PHE A 906 39.53 60.88 -1.50
C PHE A 906 40.89 60.40 -1.02
N ASN A 907 41.28 60.81 0.18
CA ASN A 907 42.52 60.33 0.77
C ASN A 907 42.49 58.82 0.92
N GLY A 908 41.31 58.30 1.22
CA GLY A 908 41.12 56.87 1.41
C GLY A 908 41.33 56.06 0.14
N ILE A 909 41.39 56.73 -1.00
CA ILE A 909 41.61 56.04 -2.26
C ILE A 909 42.94 56.47 -2.89
N GLY A 910 43.77 57.12 -2.10
CA GLY A 910 45.10 57.50 -2.55
C GLY A 910 45.09 58.74 -3.44
N VAL A 911 44.11 59.62 -3.24
CA VAL A 911 44.02 60.87 -3.96
C VAL A 911 44.04 62.02 -2.96
N THR A 912 44.84 63.03 -3.21
CA THR A 912 45.02 64.09 -2.22
C THR A 912 43.74 64.90 -2.06
N GLN A 913 43.58 65.49 -0.87
CA GLN A 913 42.37 66.20 -0.51
C GLN A 913 42.17 67.47 -1.33
N ASN A 914 43.26 68.02 -1.85
CA ASN A 914 43.15 69.23 -2.64
C ASN A 914 42.49 68.95 -3.99
N VAL A 915 42.51 67.69 -4.41
CA VAL A 915 41.85 67.32 -5.65
C VAL A 915 40.34 67.43 -5.48
N LEU A 916 39.86 67.10 -4.30
CA LEU A 916 38.45 67.26 -3.97
C LEU A 916 38.08 68.74 -3.95
N TYR A 917 38.85 69.50 -3.18
CA TYR A 917 38.49 70.90 -2.93
C TYR A 917 38.62 71.77 -4.17
N GLU A 918 39.56 71.45 -5.03
CA GLU A 918 39.79 72.25 -6.22
C GLU A 918 38.84 71.87 -7.34
N ASN A 919 38.08 70.79 -7.12
CA ASN A 919 37.14 70.31 -8.12
C ASN A 919 35.78 70.08 -7.49
N GLN A 920 35.51 70.76 -6.38
CA GLN A 920 34.32 70.49 -5.61
C GLN A 920 33.01 70.58 -6.37
N LYS A 921 32.88 71.59 -7.22
CA LYS A 921 31.65 71.77 -7.99
C LYS A 921 31.52 70.74 -9.09
N LEU A 922 32.65 70.40 -9.70
CA LEU A 922 32.67 69.36 -10.73
C LEU A 922 32.23 68.06 -10.08
N ILE A 923 32.80 67.75 -8.93
CA ILE A 923 32.51 66.51 -8.24
C ILE A 923 31.07 66.47 -7.79
N ALA A 924 30.58 67.55 -7.22
CA ALA A 924 29.21 67.63 -6.79
C ALA A 924 28.27 67.46 -7.98
N ASN A 925 28.66 68.02 -9.12
CA ASN A 925 27.84 67.94 -10.33
C ASN A 925 27.85 66.54 -10.91
N GLN A 926 29.01 65.89 -10.92
CA GLN A 926 29.10 64.53 -11.41
C GLN A 926 28.31 63.60 -10.51
N PHE A 927 28.38 63.84 -9.21
CA PHE A 927 27.62 63.07 -8.25
C PHE A 927 26.13 63.24 -8.45
N ASN A 928 25.69 64.50 -8.54
CA ASN A 928 24.27 64.79 -8.66
C ASN A 928 23.71 64.20 -9.94
N SER A 929 24.51 64.25 -11.00
CA SER A 929 24.11 63.69 -12.28
C SER A 929 23.99 62.18 -12.19
N ALA A 930 24.96 61.54 -11.56
CA ALA A 930 24.96 60.10 -11.42
C ALA A 930 23.75 59.62 -10.64
N ILE A 931 23.38 60.33 -9.59
CA ILE A 931 22.22 59.95 -8.80
C ILE A 931 20.94 60.06 -9.63
N GLY A 932 20.83 61.14 -10.40
CA GLY A 932 19.68 61.33 -11.28
C GLY A 932 19.57 60.19 -12.28
N LYS A 933 20.71 59.74 -12.79
CA LYS A 933 20.75 58.64 -13.74
C LYS A 933 20.23 57.35 -13.13
N ILE A 934 20.49 57.15 -11.83
CA ILE A 934 20.04 55.94 -11.16
C ILE A 934 18.53 55.82 -11.20
N GLN A 935 17.84 56.92 -10.90
CA GLN A 935 16.40 56.91 -10.89
C GLN A 935 15.85 56.62 -12.27
N ASP A 936 16.48 57.19 -13.29
CA ASP A 936 16.05 56.96 -14.67
C ASP A 936 16.35 55.54 -15.12
N SER A 937 17.49 55.03 -14.71
CA SER A 937 17.91 53.68 -15.08
C SER A 937 16.94 52.66 -14.52
N LEU A 938 16.57 52.81 -13.26
CA LEU A 938 15.64 51.89 -12.64
C LEU A 938 14.26 51.99 -13.27
N SER A 939 13.81 53.22 -13.51
CA SER A 939 12.48 53.45 -14.04
C SER A 939 12.29 52.82 -15.42
N SER A 940 13.32 52.93 -16.25
CA SER A 940 13.23 52.47 -17.64
C SER A 940 13.69 51.01 -17.81
N THR A 941 14.04 50.35 -16.70
CA THR A 941 14.51 48.97 -16.78
C THR A 941 13.77 48.06 -15.81
N PRO A 942 12.66 47.46 -16.26
CA PRO A 942 11.76 46.60 -15.50
C PRO A 942 12.48 45.40 -14.89
N SER A 943 13.59 45.00 -15.50
CA SER A 943 14.35 43.84 -15.06
C SER A 943 15.36 44.20 -13.98
N ALA A 944 15.45 45.49 -13.67
CA ALA A 944 16.46 45.98 -12.74
C ALA A 944 16.37 45.30 -11.39
N LEU A 945 15.14 44.99 -10.96
CA LEU A 945 14.93 44.40 -9.66
C LEU A 945 14.61 42.93 -9.78
N GLY A 946 15.10 42.31 -10.84
CA GLY A 946 14.85 40.90 -11.09
C GLY A 946 15.27 40.03 -9.91
N LYS A 947 16.34 40.41 -9.22
CA LYS A 947 16.82 39.62 -8.09
C LYS A 947 15.78 39.51 -6.98
N LEU A 948 14.99 40.56 -6.78
CA LEU A 948 13.98 40.54 -5.74
C LEU A 948 12.71 39.90 -6.25
N GLN A 949 12.43 40.11 -7.53
CA GLN A 949 11.24 39.54 -8.14
C GLN A 949 11.37 38.02 -8.24
N ASP A 950 12.59 37.55 -8.46
CA ASP A 950 12.86 36.12 -8.54
C ASP A 950 12.53 35.42 -7.23
N VAL A 951 12.80 36.08 -6.12
CA VAL A 951 12.50 35.52 -4.81
C VAL A 951 11.00 35.41 -4.63
N VAL A 952 10.29 36.45 -5.01
CA VAL A 952 8.85 36.47 -4.92
C VAL A 952 8.24 35.38 -5.80
N ASN A 953 8.77 35.24 -7.01
CA ASN A 953 8.23 34.28 -7.98
C ASN A 953 8.47 32.85 -7.54
N GLN A 954 9.65 32.57 -6.99
CA GLN A 954 9.98 31.22 -6.56
C GLN A 954 9.09 30.76 -5.42
N ASN A 955 8.79 31.67 -4.50
CA ASN A 955 7.97 31.31 -3.35
C ASN A 955 6.50 31.22 -3.73
N ALA A 956 6.05 32.10 -4.62
CA ALA A 956 4.67 32.05 -5.08
C ALA A 956 4.44 30.76 -5.84
N GLN A 957 5.43 30.37 -6.63
CA GLN A 957 5.35 29.14 -7.40
C GLN A 957 5.31 27.93 -6.49
N ALA A 958 6.13 27.95 -5.44
CA ALA A 958 6.16 26.84 -4.49
C ALA A 958 4.82 26.67 -3.80
N LEU A 959 4.19 27.78 -3.41
CA LEU A 959 2.89 27.72 -2.77
C LEU A 959 1.82 27.24 -3.72
N ASN A 960 1.88 27.71 -4.96
CA ASN A 960 0.89 27.34 -5.93
C ASN A 960 0.97 25.86 -6.23
N THR A 961 2.20 25.35 -6.29
CA THR A 961 2.40 23.93 -6.51
C THR A 961 1.86 23.13 -5.35
N LEU A 962 2.14 23.58 -4.13
CA LEU A 962 1.68 22.90 -2.94
C LEU A 962 0.16 22.81 -2.92
N VAL A 963 -0.50 23.91 -3.27
CA VAL A 963 -1.95 23.93 -3.30
C VAL A 963 -2.52 23.01 -4.36
N LYS A 964 -1.92 23.03 -5.56
CA LYS A 964 -2.39 22.20 -6.65
C LYS A 964 -2.26 20.72 -6.35
N GLN A 965 -1.33 20.35 -5.48
CA GLN A 965 -1.15 18.96 -5.10
C GLN A 965 -2.38 18.42 -4.38
N LEU A 966 -3.23 19.30 -3.88
CA LEU A 966 -4.44 18.88 -3.19
C LEU A 966 -5.49 18.37 -4.16
N SER A 967 -5.24 18.54 -5.45
CA SER A 967 -6.14 18.05 -6.49
C SER A 967 -5.72 16.68 -6.99
N SER A 968 -4.61 16.16 -6.47
CA SER A 968 -4.12 14.86 -6.90
C SER A 968 -4.81 13.73 -6.15
N ASN A 969 -5.10 12.66 -6.86
CA ASN A 969 -5.74 11.50 -6.26
C ASN A 969 -4.74 10.65 -5.50
N PHE A 970 -3.51 10.59 -6.00
CA PHE A 970 -2.48 9.76 -5.41
C PHE A 970 -2.91 8.30 -5.34
N GLY A 971 -3.78 7.89 -6.25
CA GLY A 971 -4.24 6.51 -6.32
C GLY A 971 -5.61 6.33 -5.68
N ALA A 972 -6.07 7.35 -4.97
CA ALA A 972 -7.37 7.30 -4.31
C ALA A 972 -8.48 7.48 -5.34
N ILE A 973 -9.69 7.08 -4.97
CA ILE A 973 -10.85 7.26 -5.83
C ILE A 973 -11.17 8.72 -6.07
N SER A 974 -10.71 9.58 -5.17
CA SER A 974 -10.96 11.01 -5.28
C SER A 974 -9.91 11.82 -4.54
N SER A 975 -9.63 13.01 -5.06
CA SER A 975 -8.76 13.96 -4.40
C SER A 975 -9.51 14.72 -3.32
N VAL A 976 -10.83 14.60 -3.33
CA VAL A 976 -11.67 15.29 -2.36
C VAL A 976 -11.98 14.39 -1.19
N LEU A 977 -11.51 14.78 -0.03
CA LEU A 977 -11.62 13.97 1.17
C LEU A 977 -13.08 13.78 1.57
N ASN A 978 -13.88 14.82 1.38
CA ASN A 978 -15.29 14.76 1.75
C ASN A 978 -16.07 13.79 0.88
N ASP A 979 -15.65 13.60 -0.36
CA ASP A 979 -16.33 12.68 -1.26
C ASP A 979 -16.06 11.26 -0.82
N ILE A 980 -14.85 10.99 -0.39
CA ILE A 980 -14.49 9.67 0.11
C ILE A 980 -15.30 9.34 1.35
N LEU A 981 -15.40 10.31 2.25
CA LEU A 981 -16.10 10.12 3.51
C LEU A 981 -17.60 9.97 3.33
N SER A 982 -18.16 10.65 2.33
CA SER A 982 -19.60 10.58 2.10
C SER A 982 -19.99 9.31 1.37
N ARG A 983 -19.04 8.70 0.66
CA ARG A 983 -19.33 7.49 -0.09
C ARG A 983 -19.04 6.21 0.68
N LEU A 984 -17.88 6.15 1.32
CA LEU A 984 -17.41 4.90 1.91
C LEU A 984 -17.56 4.85 3.41
N ASP A 985 -17.72 3.64 3.93
CA ASP A 985 -17.64 3.38 5.36
C ASP A 985 -16.18 3.35 5.77
N PRO A 986 -15.86 3.64 7.04
CA PRO A 986 -14.53 3.74 7.59
C PRO A 986 -13.54 2.64 7.14
N PRO A 987 -13.91 1.35 7.16
CA PRO A 987 -13.05 0.24 6.80
C PRO A 987 -12.46 0.40 5.41
N GLU A 988 -13.21 1.05 4.53
CA GLU A 988 -12.75 1.27 3.15
C GLU A 988 -12.29 2.70 2.94
N ALA A 989 -12.89 3.63 3.68
CA ALA A 989 -12.54 5.02 3.57
C ALA A 989 -11.11 5.23 4.01
N GLU A 990 -10.69 4.50 5.03
CA GLU A 990 -9.36 4.63 5.57
C GLU A 990 -8.29 4.27 4.55
N VAL A 991 -8.59 3.32 3.68
CA VAL A 991 -7.65 2.92 2.64
C VAL A 991 -7.47 4.06 1.65
N GLN A 992 -8.58 4.68 1.25
CA GLN A 992 -8.53 5.76 0.29
C GLN A 992 -7.90 7.00 0.91
N ILE A 993 -8.17 7.23 2.18
CA ILE A 993 -7.64 8.38 2.88
C ILE A 993 -6.15 8.22 3.10
N ASP A 994 -5.73 7.01 3.45
CA ASP A 994 -4.32 6.71 3.63
C ASP A 994 -3.52 7.13 2.40
N ARG A 995 -4.08 6.87 1.22
CA ARG A 995 -3.42 7.26 -0.02
C ARG A 995 -3.29 8.76 -0.14
N LEU A 996 -4.33 9.49 0.26
CA LEU A 996 -4.27 10.95 0.20
C LEU A 996 -3.33 11.51 1.24
N ILE A 997 -3.30 10.92 2.43
CA ILE A 997 -2.41 11.40 3.46
C ILE A 997 -0.97 11.23 3.05
N THR A 998 -0.64 10.08 2.49
CA THR A 998 0.70 9.81 2.05
C THR A 998 1.13 10.82 1.00
N GLY A 999 0.27 11.04 0.01
CA GLY A 999 0.58 11.95 -1.07
C GLY A 999 0.68 13.39 -0.61
N ARG A 1000 -0.23 13.80 0.25
CA ARG A 1000 -0.27 15.18 0.71
C ARG A 1000 0.86 15.46 1.69
N LEU A 1001 1.23 14.47 2.49
CA LEU A 1001 2.37 14.62 3.44
C LEU A 1001 3.67 14.68 2.66
N GLN A 1002 3.77 13.89 1.63
CA GLN A 1002 4.94 13.93 0.79
C GLN A 1002 5.06 15.27 0.07
N SER A 1003 3.93 15.80 -0.38
CA SER A 1003 3.91 17.09 -1.05
C SER A 1003 4.33 18.20 -0.12
N LEU A 1004 3.87 18.12 1.11
CA LEU A 1004 4.19 19.12 2.11
C LEU A 1004 5.65 19.03 2.55
N GLN A 1005 6.22 17.84 2.64
CA GLN A 1005 7.63 17.62 3.05
C GLN A 1005 8.53 18.12 1.92
N THR A 1006 8.06 17.99 0.69
CA THR A 1006 8.82 18.52 -0.43
C THR A 1006 8.87 20.05 -0.35
N TYR A 1007 7.71 20.65 -0.09
CA TYR A 1007 7.63 22.09 0.03
C TYR A 1007 8.55 22.61 1.12
N VAL A 1008 8.47 22.03 2.30
CA VAL A 1008 9.26 22.50 3.43
C VAL A 1008 10.74 22.34 3.17
N THR A 1009 11.14 21.22 2.60
CA THR A 1009 12.55 20.99 2.33
C THR A 1009 13.09 22.07 1.40
N GLN A 1010 12.35 22.35 0.33
CA GLN A 1010 12.75 23.40 -0.63
C GLN A 1010 12.73 24.79 0.01
N GLN A 1011 11.85 25.04 0.99
CA GLN A 1011 11.83 26.32 1.68
C GLN A 1011 13.04 26.47 2.60
N LEU A 1012 13.46 25.37 3.21
CA LEU A 1012 14.64 25.40 4.07
C LEU A 1012 15.90 25.68 3.26
N ILE A 1013 15.99 25.05 2.10
CA ILE A 1013 17.14 25.26 1.24
C ILE A 1013 17.14 26.68 0.69
N ARG A 1014 15.98 27.14 0.26
CA ARG A 1014 15.84 28.50 -0.25
C ARG A 1014 16.08 29.53 0.85
N ALA A 1015 15.60 29.24 2.05
CA ALA A 1015 15.81 30.13 3.17
C ALA A 1015 17.29 30.31 3.44
N ALA A 1016 18.04 29.22 3.31
CA ALA A 1016 19.48 29.27 3.54
C ALA A 1016 20.15 30.19 2.54
N GLU A 1017 19.68 30.16 1.30
CA GLU A 1017 20.21 31.06 0.28
C GLU A 1017 19.91 32.52 0.60
N ILE A 1018 18.69 32.78 1.05
CA ILE A 1018 18.30 34.12 1.43
C ILE A 1018 19.10 34.60 2.62
N ARG A 1019 19.34 33.72 3.58
CA ARG A 1019 20.13 34.06 4.73
C ARG A 1019 21.53 34.51 4.32
N ALA A 1020 22.13 33.76 3.40
CA ALA A 1020 23.45 34.11 2.90
C ALA A 1020 23.44 35.47 2.22
N SER A 1021 22.38 35.74 1.48
CA SER A 1021 22.24 37.02 0.81
C SER A 1021 22.09 38.14 1.84
N ALA A 1022 21.29 37.90 2.87
CA ALA A 1022 21.10 38.87 3.93
C ALA A 1022 22.39 39.11 4.68
N ASN A 1023 23.18 38.06 4.88
CA ASN A 1023 24.46 38.19 5.55
C ASN A 1023 25.41 39.05 4.74
N LEU A 1024 25.38 38.87 3.43
CA LEU A 1024 26.19 39.68 2.54
C LEU A 1024 25.73 41.13 2.57
N ALA A 1025 24.42 41.32 2.56
CA ALA A 1025 23.85 42.66 2.61
C ALA A 1025 24.21 43.36 3.91
N ALA A 1026 24.19 42.62 5.01
CA ALA A 1026 24.55 43.17 6.30
C ALA A 1026 26.01 43.55 6.31
N THR A 1027 26.85 42.73 5.69
CA THR A 1027 28.27 43.00 5.60
C THR A 1027 28.53 44.25 4.79
N LYS A 1028 27.84 44.39 3.67
CA LYS A 1028 27.97 45.57 2.84
C LYS A 1028 27.46 46.81 3.54
N MET A 1029 26.38 46.67 4.30
CA MET A 1029 25.89 47.80 5.05
C MET A 1029 27.00 48.30 5.97
N SER A 1030 27.65 47.37 6.67
CA SER A 1030 28.71 47.74 7.58
C SER A 1030 29.92 48.33 6.86
N GLU A 1031 30.34 47.68 5.79
CA GLU A 1031 31.62 48.02 5.17
C GLU A 1031 31.53 49.05 4.04
N CYS A 1032 30.36 49.18 3.43
CA CYS A 1032 30.16 50.10 2.31
C CYS A 1032 29.47 51.38 2.76
N VAL A 1033 28.56 51.25 3.72
CA VAL A 1033 27.76 52.39 4.15
C VAL A 1033 28.32 53.01 5.42
N LEU A 1034 28.67 52.19 6.39
CA LEU A 1034 29.19 52.68 7.66
C LEU A 1034 30.70 52.85 7.63
N GLY A 1035 31.28 52.73 6.45
CA GLY A 1035 32.71 52.91 6.30
C GLY A 1035 33.12 52.93 4.84
N GLN A 1036 34.40 53.15 4.60
CA GLN A 1036 34.94 53.14 3.26
C GLN A 1036 35.75 51.88 3.05
N SER A 1037 35.39 51.10 2.04
CA SER A 1037 35.98 49.79 1.86
C SER A 1037 37.17 49.79 0.91
N LYS A 1038 38.21 49.07 1.28
CA LYS A 1038 39.37 48.87 0.43
C LYS A 1038 39.21 47.64 -0.46
N ARG A 1039 38.16 46.87 -0.20
CA ARG A 1039 37.96 45.60 -0.88
C ARG A 1039 37.48 45.82 -2.30
N VAL A 1040 38.26 45.32 -3.25
CA VAL A 1040 37.96 45.55 -4.66
C VAL A 1040 36.65 44.89 -5.07
N ASP A 1041 35.82 45.65 -5.77
CA ASP A 1041 34.53 45.19 -6.28
C ASP A 1041 33.56 44.80 -5.19
N PHE A 1042 33.87 45.10 -3.95
CA PHE A 1042 32.95 44.79 -2.87
C PHE A 1042 31.84 45.83 -2.76
N CYS A 1043 32.18 47.10 -3.03
CA CYS A 1043 31.24 48.20 -2.93
C CYS A 1043 31.17 48.92 -4.28
N GLY A 1044 30.91 48.16 -5.34
CA GLY A 1044 30.80 48.74 -6.67
C GLY A 1044 32.13 48.70 -7.42
N LYS A 1045 32.07 49.03 -8.72
CA LYS A 1045 33.28 49.03 -9.57
C LYS A 1045 33.96 50.40 -9.48
N GLY A 1046 35.26 50.43 -9.24
CA GLY A 1046 36.02 51.65 -9.07
C GLY A 1046 36.52 51.76 -7.64
N TYR A 1047 37.09 52.89 -7.29
CA TYR A 1047 37.61 53.05 -5.94
C TYR A 1047 36.51 53.57 -5.04
N HIS A 1048 36.11 52.77 -4.08
CA HIS A 1048 34.95 53.09 -3.27
C HIS A 1048 35.14 54.37 -2.48
N LEU A 1049 34.16 55.26 -2.57
CA LEU A 1049 34.14 56.45 -1.75
C LEU A 1049 33.14 56.27 -0.63
N MET A 1050 31.91 55.96 -1.00
CA MET A 1050 30.83 55.82 -0.02
C MET A 1050 29.64 55.13 -0.64
N SER A 1051 28.72 54.69 0.18
CA SER A 1051 27.50 54.07 -0.32
C SER A 1051 26.28 54.53 0.44
N PHE A 1052 25.15 54.49 -0.23
CA PHE A 1052 23.88 54.86 0.37
C PHE A 1052 22.86 53.75 0.19
N PRO A 1053 22.31 53.21 1.28
CA PRO A 1053 21.30 52.20 1.30
C PRO A 1053 19.95 52.78 0.91
N GLN A 1054 19.16 51.98 0.22
CA GLN A 1054 17.77 52.31 -0.06
C GLN A 1054 16.92 51.08 0.20
N SER A 1055 15.79 51.28 0.85
CA SER A 1055 14.90 50.17 1.16
C SER A 1055 14.22 49.64 -0.10
N ALA A 1056 14.03 48.34 -0.15
CA ALA A 1056 13.29 47.71 -1.23
C ALA A 1056 12.44 46.58 -0.66
N PRO A 1057 11.40 46.14 -1.37
CA PRO A 1057 10.55 45.02 -1.02
C PRO A 1057 11.38 43.78 -0.76
N HIS A 1058 11.39 43.33 0.49
CA HIS A 1058 12.12 42.14 0.89
C HIS A 1058 13.60 42.19 0.50
N GLY A 1059 14.17 43.39 0.48
CA GLY A 1059 15.55 43.51 0.09
C GLY A 1059 16.11 44.90 0.30
N VAL A 1060 17.37 45.07 -0.04
CA VAL A 1060 18.06 46.34 0.11
C VAL A 1060 18.76 46.69 -1.18
N VAL A 1061 18.78 47.97 -1.49
CA VAL A 1061 19.50 48.44 -2.64
C VAL A 1061 20.61 49.38 -2.23
N PHE A 1062 21.82 49.09 -2.66
CA PHE A 1062 22.95 49.93 -2.34
C PHE A 1062 23.34 50.78 -3.51
N LEU A 1063 23.43 52.08 -3.28
CA LEU A 1063 23.97 52.97 -4.30
C LEU A 1063 25.42 53.24 -3.98
N HIS A 1064 26.30 52.64 -4.75
CA HIS A 1064 27.72 52.72 -4.48
C HIS A 1064 28.33 53.87 -5.25
N VAL A 1065 28.97 54.76 -4.53
CA VAL A 1065 29.62 55.91 -5.14
C VAL A 1065 31.11 55.64 -5.24
N THR A 1066 31.62 55.57 -6.45
CA THR A 1066 33.01 55.24 -6.63
C THR A 1066 33.75 56.27 -7.46
N TYR A 1067 35.04 56.32 -7.26
CA TYR A 1067 35.92 57.16 -8.04
C TYR A 1067 36.50 56.37 -9.19
N VAL A 1068 36.25 56.83 -10.40
CA VAL A 1068 36.75 56.15 -11.57
C VAL A 1068 37.69 57.05 -12.35
N PRO A 1069 38.97 56.68 -12.45
CA PRO A 1069 40.00 57.37 -13.19
C PRO A 1069 39.58 57.56 -14.63
N ALA A 1070 39.92 58.71 -15.19
CA ALA A 1070 39.53 59.02 -16.56
C ALA A 1070 40.59 59.83 -17.27
N GLN A 1071 40.59 59.77 -18.60
CA GLN A 1071 41.46 60.58 -19.42
C GLN A 1071 42.92 60.43 -19.05
N GLU A 1072 43.40 59.20 -19.05
CA GLU A 1072 44.80 58.95 -18.77
C GLU A 1072 45.66 59.36 -19.95
N LYS A 1073 46.91 59.67 -19.67
CA LYS A 1073 47.87 59.95 -20.74
C LYS A 1073 49.21 59.31 -20.44
N ASN A 1074 49.99 59.07 -21.50
CA ASN A 1074 51.28 58.40 -21.43
C ASN A 1074 52.36 59.33 -20.86
N PHE A 1075 53.18 58.77 -19.97
CA PHE A 1075 54.40 59.43 -19.52
C PHE A 1075 55.55 58.46 -19.52
N THR A 1076 56.76 58.98 -19.62
CA THR A 1076 57.94 58.18 -19.39
C THR A 1076 58.19 58.14 -17.89
N THR A 1077 58.56 56.99 -17.37
CA THR A 1077 58.74 56.89 -15.93
C THR A 1077 60.10 56.32 -15.57
N ALA A 1078 60.47 56.51 -14.31
CA ALA A 1078 61.70 55.96 -13.77
C ALA A 1078 61.48 55.59 -12.31
N PRO A 1079 62.11 54.52 -11.84
CA PRO A 1079 62.04 54.00 -10.48
C PRO A 1079 62.74 54.91 -9.50
N ALA A 1080 63.68 55.70 -9.99
CA ALA A 1080 64.46 56.57 -9.13
C ALA A 1080 65.12 57.69 -9.92
N ILE A 1081 65.47 58.75 -9.21
CA ILE A 1081 66.22 59.85 -9.80
C ILE A 1081 67.62 59.91 -9.20
N CYS A 1082 68.63 60.02 -10.06
CA CYS A 1082 70.02 60.11 -9.64
C CYS A 1082 70.46 61.56 -9.53
N HIS A 1083 70.92 61.93 -8.34
CA HIS A 1083 71.36 63.30 -8.08
C HIS A 1083 72.43 63.33 -7.00
N ASP A 1084 73.55 63.95 -7.31
CA ASP A 1084 74.69 64.01 -6.40
C ASP A 1084 75.15 62.61 -5.98
N GLY A 1085 75.00 61.66 -6.89
CA GLY A 1085 75.46 60.29 -6.64
C GLY A 1085 74.49 59.48 -5.79
N LYS A 1086 73.37 60.09 -5.40
CA LYS A 1086 72.40 59.42 -4.53
C LYS A 1086 71.15 59.01 -5.31
N ALA A 1087 70.56 57.88 -4.93
CA ALA A 1087 69.31 57.44 -5.52
C ALA A 1087 68.11 57.97 -4.77
N HIS A 1088 67.31 58.78 -5.44
CA HIS A 1088 66.13 59.38 -4.85
C HIS A 1088 64.87 58.67 -5.28
N PHE A 1089 64.03 58.34 -4.31
CA PHE A 1089 62.77 57.68 -4.56
C PHE A 1089 61.63 58.59 -4.11
N PRO A 1090 60.48 58.56 -4.77
CA PRO A 1090 59.32 59.37 -4.48
C PRO A 1090 58.71 58.91 -3.17
N ARG A 1091 58.37 59.86 -2.30
CA ARG A 1091 57.80 59.52 -1.01
C ARG A 1091 56.38 58.98 -1.11
N GLU A 1092 55.60 59.56 -2.02
CA GLU A 1092 54.21 59.16 -2.15
C GLU A 1092 53.86 58.80 -3.59
N GLY A 1093 54.42 59.53 -4.53
CA GLY A 1093 53.98 59.44 -5.92
C GLY A 1093 54.94 58.65 -6.80
N VAL A 1094 54.96 59.01 -8.07
CA VAL A 1094 55.78 58.35 -9.06
C VAL A 1094 56.50 59.38 -9.91
N PHE A 1095 57.73 59.09 -10.30
CA PHE A 1095 58.48 59.99 -11.17
C PHE A 1095 58.04 59.84 -12.62
N VAL A 1096 57.69 60.94 -13.23
CA VAL A 1096 57.26 60.94 -14.61
C VAL A 1096 57.91 62.04 -15.42
N SER A 1097 58.05 61.82 -16.70
CA SER A 1097 58.53 62.84 -17.61
C SER A 1097 57.51 63.18 -18.66
N ASN A 1098 57.37 64.46 -18.97
CA ASN A 1098 56.47 64.93 -20.02
C ASN A 1098 57.17 64.99 -21.38
N GLY A 1099 58.38 64.43 -21.45
CA GLY A 1099 59.18 64.38 -22.66
C GLY A 1099 60.46 65.17 -22.51
N THR A 1100 60.46 66.14 -21.59
CA THR A 1100 61.65 66.95 -21.37
C THR A 1100 62.00 67.07 -19.89
N HIS A 1101 60.98 67.24 -19.05
CA HIS A 1101 61.22 67.49 -17.63
C HIS A 1101 60.63 66.41 -16.75
N TRP A 1102 61.31 66.13 -15.65
CA TRP A 1102 60.85 65.15 -14.69
C TRP A 1102 60.09 65.77 -13.54
N PHE A 1103 58.98 65.14 -13.18
CA PHE A 1103 58.12 65.58 -12.10
C PHE A 1103 57.77 64.41 -11.22
N VAL A 1104 57.28 64.69 -10.03
CA VAL A 1104 56.70 63.64 -9.21
C VAL A 1104 55.22 63.90 -9.02
N THR A 1105 54.41 62.88 -9.23
CA THR A 1105 52.97 63.03 -9.17
C THR A 1105 52.31 61.94 -8.35
N GLN A 1106 51.21 62.27 -7.71
CA GLN A 1106 50.39 61.28 -7.07
C GLN A 1106 49.88 60.29 -8.13
N ARG A 1107 49.81 59.03 -7.75
CA ARG A 1107 49.67 57.93 -8.69
C ARG A 1107 48.31 57.85 -9.37
N ASN A 1108 47.27 58.35 -8.73
CA ASN A 1108 45.92 58.19 -9.26
C ASN A 1108 45.37 59.46 -9.88
N PHE A 1109 46.20 60.48 -9.99
CA PHE A 1109 45.75 61.75 -10.53
C PHE A 1109 46.92 62.62 -10.92
N TYR A 1110 47.02 62.96 -12.20
CA TYR A 1110 48.17 63.68 -12.68
C TYR A 1110 48.26 65.07 -12.09
N GLU A 1111 49.32 65.30 -11.36
CA GLU A 1111 49.57 66.55 -10.67
C GLU A 1111 51.06 66.75 -10.49
N PRO A 1112 51.76 67.15 -11.55
CA PRO A 1112 53.19 67.14 -11.72
C PRO A 1112 53.87 68.19 -10.87
N GLN A 1113 54.50 67.76 -9.79
CA GLN A 1113 55.23 68.66 -8.91
C GLN A 1113 56.70 68.61 -9.23
N ILE A 1114 57.41 69.67 -8.90
CA ILE A 1114 58.86 69.68 -9.03
C ILE A 1114 59.46 68.67 -8.08
N ILE A 1115 60.46 67.95 -8.54
CA ILE A 1115 61.10 66.95 -7.70
C ILE A 1115 62.02 67.63 -6.70
N THR A 1116 61.72 67.45 -5.42
CA THR A 1116 62.46 68.13 -4.36
C THR A 1116 62.81 67.14 -3.28
N THR A 1117 63.64 67.58 -2.34
CA THR A 1117 64.03 66.75 -1.22
C THR A 1117 62.88 66.56 -0.24
N ASP A 1118 61.79 67.32 -0.43
CA ASP A 1118 60.65 67.23 0.47
C ASP A 1118 59.61 66.23 -0.02
N ASN A 1119 59.78 65.74 -1.25
CA ASN A 1119 58.83 64.77 -1.79
C ASN A 1119 59.54 63.52 -2.30
N THR A 1120 60.80 63.40 -1.93
CA THR A 1120 61.58 62.20 -2.20
C THR A 1120 62.36 61.79 -0.96
N PHE A 1121 62.92 60.59 -1.00
CA PHE A 1121 63.84 60.15 0.04
C PHE A 1121 65.03 59.46 -0.60
N VAL A 1122 66.14 59.44 0.10
CA VAL A 1122 67.35 58.85 -0.45
C VAL A 1122 67.64 57.49 0.13
N SER A 1123 67.99 56.56 -0.74
CA SER A 1123 68.42 55.24 -0.30
C SER A 1123 69.48 54.67 -1.22
N GLY A 1124 70.72 54.66 -0.75
CA GLY A 1124 71.82 54.09 -1.51
C GLY A 1124 72.29 55.02 -2.62
N ASN A 1125 73.17 54.49 -3.47
CA ASN A 1125 73.73 55.25 -4.58
C ASN A 1125 73.04 54.87 -5.89
N CYS A 1126 73.50 55.45 -7.00
CA CYS A 1126 72.87 55.33 -8.29
C CYS A 1126 73.28 54.08 -9.06
N ASP A 1127 74.13 53.25 -8.44
CA ASP A 1127 74.69 52.11 -9.14
C ASP A 1127 73.91 50.82 -8.90
N VAL A 1128 72.81 50.92 -8.18
CA VAL A 1128 72.04 49.72 -7.83
C VAL A 1128 70.72 49.63 -8.59
N VAL A 1129 69.98 50.73 -8.61
CA VAL A 1129 68.65 50.73 -9.22
C VAL A 1129 68.73 50.59 -10.72
N ILE A 1130 67.93 49.69 -11.27
CA ILE A 1130 67.88 49.48 -12.70
C ILE A 1130 66.87 50.43 -13.34
N GLY A 1131 67.32 51.24 -14.27
CA GLY A 1131 66.44 52.18 -14.95
C GLY A 1131 66.44 53.56 -14.29
N ILE A 1132 67.39 53.78 -13.38
CA ILE A 1132 67.52 55.07 -12.74
C ILE A 1132 67.95 56.13 -13.74
N VAL A 1133 67.36 57.31 -13.65
CA VAL A 1133 67.67 58.37 -14.60
C VAL A 1133 68.26 59.57 -13.89
N ASN A 1134 69.06 60.35 -14.62
CA ASN A 1134 69.67 61.57 -14.09
C ASN A 1134 68.71 62.74 -14.15
N ASN A 1135 68.56 63.43 -13.00
CA ASN A 1135 67.83 64.69 -12.95
C ASN A 1135 68.29 65.50 -11.76
N THR A 1136 67.75 66.69 -11.62
CA THR A 1136 68.03 67.51 -10.47
C THR A 1136 66.99 67.29 -9.40
N VAL A 1137 67.44 67.22 -8.16
CA VAL A 1137 66.53 67.20 -7.03
C VAL A 1137 66.66 68.50 -6.27
N TYR A 1138 65.62 69.31 -6.33
CA TYR A 1138 65.66 70.65 -5.79
C TYR A 1138 65.63 70.67 -4.28
N ASP A 1139 66.51 71.45 -3.69
CA ASP A 1139 66.55 71.62 -2.25
C ASP A 1139 66.06 73.03 -1.88
N PRO A 1140 64.87 73.14 -1.29
CA PRO A 1140 64.18 74.36 -0.90
C PRO A 1140 65.02 75.27 -0.01
N LEU A 1141 66.05 74.71 0.61
CA LEU A 1141 66.91 75.48 1.49
C LEU A 1141 68.02 76.20 0.74
N GLN A 1142 68.41 75.66 -0.42
CA GLN A 1142 69.55 76.18 -1.16
C GLN A 1142 69.43 77.66 -1.55
N PRO A 1143 68.25 78.14 -1.97
CA PRO A 1143 67.97 79.51 -2.36
C PRO A 1143 68.23 80.50 -1.24
N GLU A 1144 68.24 80.00 0.00
CA GLU A 1144 68.49 80.87 1.15
C GLU A 1144 69.94 80.75 1.62
N LEU A 1145 70.49 79.53 1.56
CA LEU A 1145 71.86 79.26 1.95
C LEU A 1145 72.66 78.71 0.78
N ILE B 1 -12.40 -51.70 35.33
CA ILE B 1 -13.58 -51.05 35.88
C ILE B 1 -14.76 -52.02 35.93
N VAL B 2 -15.66 -51.80 36.89
CA VAL B 2 -16.90 -52.56 37.00
C VAL B 2 -18.10 -51.64 36.94
N MET B 3 -19.03 -51.94 36.02
CA MET B 3 -20.25 -51.16 35.88
C MET B 3 -21.44 -51.88 36.50
N MET B 4 -22.06 -51.23 37.50
CA MET B 4 -23.14 -51.91 38.27
C MET B 4 -24.51 -51.28 38.02
N GLN B 5 -25.40 -52.03 37.37
CA GLN B 5 -26.76 -51.55 37.14
C GLN B 5 -27.72 -52.08 38.18
N SER B 6 -28.75 -51.29 38.47
CA SER B 6 -29.74 -51.66 39.49
C SER B 6 -31.06 -50.96 39.25
N PRO B 7 -32.17 -51.65 39.52
CA PRO B 7 -32.30 -53.05 39.93
C PRO B 7 -32.08 -53.97 38.75
N GLY B 8 -31.72 -55.22 39.03
CA GLY B 8 -31.57 -56.21 37.97
C GLY B 8 -32.86 -56.31 37.15
N THR B 9 -33.98 -56.22 37.83
CA THR B 9 -35.28 -56.22 37.18
C THR B 9 -36.15 -55.08 37.68
N LEU B 10 -36.75 -54.36 36.75
CA LEU B 10 -37.67 -53.28 37.06
C LEU B 10 -39.01 -53.58 36.43
N SER B 11 -40.09 -53.37 37.17
CA SER B 11 -41.42 -53.66 36.65
C SER B 11 -42.43 -52.64 37.12
N LEU B 12 -43.11 -52.02 36.16
CA LEU B 12 -44.16 -51.07 36.46
C LEU B 12 -45.05 -50.86 35.25
N SER B 13 -46.20 -50.23 35.46
CA SER B 13 -47.20 -50.07 34.41
C SER B 13 -46.71 -49.14 33.30
N PRO B 14 -47.15 -49.39 32.06
CA PRO B 14 -47.06 -48.50 30.93
C PRO B 14 -47.70 -47.17 31.26
N GLY B 15 -47.09 -46.09 30.79
CA GLY B 15 -47.58 -44.75 31.05
C GLY B 15 -46.95 -44.15 32.30
N GLU B 16 -46.24 -44.98 33.05
CA GLU B 16 -45.57 -44.53 34.27
C GLU B 16 -44.10 -44.21 34.00
N ARG B 17 -43.41 -43.73 35.02
CA ARG B 17 -42.00 -43.39 34.90
C ARG B 17 -41.11 -44.49 35.48
N ALA B 18 -39.93 -44.66 34.88
CA ALA B 18 -38.95 -45.60 35.41
C ALA B 18 -37.57 -44.97 35.49
N THR B 19 -36.85 -45.25 36.57
CA THR B 19 -35.47 -44.79 36.71
C THR B 19 -34.52 -45.97 36.82
N LEU B 20 -33.55 -46.00 35.93
CA LEU B 20 -32.56 -47.07 35.89
C LEU B 20 -31.22 -46.56 36.36
N SER B 21 -30.62 -47.27 37.30
CA SER B 21 -29.35 -46.77 37.89
C SER B 21 -28.14 -47.53 37.39
N CYS B 22 -27.01 -46.84 37.22
CA CYS B 22 -25.72 -47.45 36.90
C CYS B 22 -24.62 -46.84 37.74
N ARG B 23 -23.91 -47.69 38.47
CA ARG B 23 -22.86 -47.19 39.39
C ARG B 23 -21.49 -47.72 38.95
N ALA B 24 -20.46 -46.90 39.10
CA ALA B 24 -19.12 -47.26 38.68
C ALA B 24 -18.23 -47.50 39.88
N SER B 25 -17.32 -48.47 39.75
CA SER B 25 -16.33 -48.73 40.78
C SER B 25 -15.31 -47.59 40.87
N GLN B 26 -15.28 -46.75 39.86
CA GLN B 26 -14.39 -45.59 39.82
C GLN B 26 -15.05 -44.48 39.01
N SER B 27 -14.59 -43.26 39.21
CA SER B 27 -15.19 -42.11 38.51
C SER B 27 -15.13 -42.29 37.00
N VAL B 28 -16.21 -41.93 36.34
CA VAL B 28 -16.31 -41.97 34.89
C VAL B 28 -16.71 -40.61 34.36
N SER B 29 -15.99 -40.12 33.37
CA SER B 29 -16.34 -38.86 32.74
C SER B 29 -17.71 -38.97 32.11
N SER B 30 -18.48 -37.90 32.15
CA SER B 30 -19.82 -37.92 31.59
C SER B 30 -19.76 -38.22 30.10
N SER B 31 -18.68 -37.81 29.45
CA SER B 31 -18.50 -38.01 28.02
C SER B 31 -18.33 -39.49 27.67
N TYR B 32 -18.01 -40.29 28.67
CA TYR B 32 -17.69 -41.70 28.45
C TYR B 32 -18.77 -42.63 28.95
N LEU B 33 -19.93 -42.10 29.32
CA LEU B 33 -21.03 -42.95 29.78
C LEU B 33 -22.18 -42.97 28.77
N ALA B 34 -22.58 -44.17 28.36
CA ALA B 34 -23.66 -44.30 27.39
C ALA B 34 -24.69 -45.35 27.83
N TRP B 35 -25.91 -45.22 27.32
CA TRP B 35 -26.96 -46.19 27.58
C TRP B 35 -27.46 -46.80 26.28
N TYR B 36 -27.74 -48.10 26.32
CA TYR B 36 -28.27 -48.83 25.17
C TYR B 36 -29.58 -49.52 25.51
N GLN B 37 -30.41 -49.73 24.50
CA GLN B 37 -31.63 -50.49 24.64
C GLN B 37 -31.64 -51.69 23.72
N GLN B 38 -31.79 -52.87 24.29
CA GLN B 38 -31.86 -54.07 23.49
C GLN B 38 -33.22 -54.75 23.61
N LYS B 39 -34.02 -54.65 22.57
CA LYS B 39 -35.30 -55.31 22.53
C LYS B 39 -35.08 -56.78 22.24
N PRO B 40 -36.02 -57.65 22.65
CA PRO B 40 -36.00 -59.07 22.39
C PRO B 40 -35.83 -59.36 20.91
N GLY B 41 -34.82 -60.16 20.59
CA GLY B 41 -34.57 -60.58 19.21
C GLY B 41 -33.86 -59.52 18.38
N GLN B 42 -33.46 -58.43 19.02
CA GLN B 42 -32.83 -57.33 18.30
C GLN B 42 -31.44 -56.99 18.83
N ALA B 43 -30.65 -56.33 18.00
CA ALA B 43 -29.35 -55.80 18.42
C ALA B 43 -29.58 -54.60 19.33
N PRO B 44 -28.62 -54.29 20.21
CA PRO B 44 -28.59 -53.11 21.04
C PRO B 44 -28.60 -51.85 20.19
N ARG B 45 -29.32 -50.84 20.65
CA ARG B 45 -29.27 -49.54 19.99
C ARG B 45 -28.92 -48.47 21.00
N LEU B 46 -28.24 -47.44 20.55
CA LEU B 46 -27.84 -46.34 21.42
C LEU B 46 -29.01 -45.45 21.76
N LEU B 47 -29.18 -45.15 23.04
CA LEU B 47 -30.18 -44.19 23.47
C LEU B 47 -29.54 -42.91 23.94
N ILE B 48 -28.60 -43.04 24.87
CA ILE B 48 -27.97 -41.88 25.47
C ILE B 48 -26.46 -42.00 25.38
N TYR B 49 -25.81 -40.91 25.04
CA TYR B 49 -24.36 -40.86 25.07
C TYR B 49 -23.93 -39.59 25.77
N GLY B 50 -22.74 -39.58 26.31
CA GLY B 50 -22.25 -38.40 27.01
C GLY B 50 -23.07 -38.17 28.27
N ALA B 51 -23.54 -39.26 28.87
CA ALA B 51 -24.37 -39.26 30.06
C ALA B 51 -25.80 -38.78 29.79
N SER B 52 -25.96 -37.68 29.05
CA SER B 52 -27.26 -37.04 28.94
C SER B 52 -27.76 -36.80 27.52
N SER B 53 -26.89 -36.96 26.52
CA SER B 53 -27.27 -36.60 25.16
C SER B 53 -28.02 -37.73 24.46
N ARG B 54 -29.17 -37.41 23.88
CA ARG B 54 -29.93 -38.41 23.15
C ARG B 54 -29.31 -38.72 21.80
N ALA B 55 -29.34 -39.99 21.44
CA ALA B 55 -28.92 -40.43 20.12
C ALA B 55 -29.97 -40.06 19.09
N THR B 56 -29.55 -39.95 17.84
CA THR B 56 -30.46 -39.61 16.77
C THR B 56 -31.59 -40.64 16.67
N GLY B 57 -32.83 -40.15 16.61
CA GLY B 57 -33.99 -41.02 16.45
C GLY B 57 -34.63 -41.41 17.78
N ILE B 58 -34.02 -40.98 18.88
CA ILE B 58 -34.52 -41.32 20.20
C ILE B 58 -35.49 -40.25 20.71
N PRO B 59 -36.71 -40.65 21.13
CA PRO B 59 -37.75 -39.84 21.71
C PRO B 59 -37.27 -39.09 22.94
N ASP B 60 -37.87 -37.92 23.19
CA ASP B 60 -37.50 -37.08 24.31
C ASP B 60 -38.04 -37.61 25.62
N ARG B 61 -38.69 -38.77 25.55
CA ARG B 61 -39.16 -39.47 26.73
C ARG B 61 -37.97 -40.06 27.47
N PHE B 62 -36.85 -40.20 26.77
CA PHE B 62 -35.64 -40.72 27.35
C PHE B 62 -34.70 -39.61 27.73
N SER B 63 -34.15 -39.68 28.94
CA SER B 63 -33.16 -38.72 29.36
C SER B 63 -32.13 -39.38 30.26
N GLY B 64 -30.94 -38.81 30.29
CA GLY B 64 -29.90 -39.34 31.16
C GLY B 64 -29.29 -38.23 32.00
N SER B 65 -28.65 -38.62 33.09
CA SER B 65 -27.99 -37.67 33.94
C SER B 65 -27.01 -38.36 34.86
N GLY B 66 -26.20 -37.58 35.54
CA GLY B 66 -25.29 -38.13 36.54
C GLY B 66 -23.85 -37.79 36.22
N SER B 67 -22.96 -38.18 37.12
CA SER B 67 -21.54 -37.89 36.99
C SER B 67 -20.76 -38.77 37.94
N GLY B 68 -19.45 -38.77 37.80
CA GLY B 68 -18.62 -39.52 38.73
C GLY B 68 -18.95 -41.00 38.68
N THR B 69 -19.50 -41.52 39.77
CA THR B 69 -19.81 -42.94 39.86
C THR B 69 -21.30 -43.23 39.88
N ASP B 70 -22.13 -42.23 39.60
CA ASP B 70 -23.57 -42.41 39.70
C ASP B 70 -24.31 -41.82 38.51
N PHE B 71 -24.84 -42.70 37.66
CA PHE B 71 -25.56 -42.29 36.46
C PHE B 71 -26.94 -42.92 36.41
N THR B 72 -27.88 -42.23 35.78
CA THR B 72 -29.22 -42.77 35.64
C THR B 72 -29.77 -42.61 34.23
N LEU B 73 -30.70 -43.50 33.89
CA LEU B 73 -31.52 -43.36 32.69
C LEU B 73 -32.98 -43.27 33.09
N THR B 74 -33.66 -42.24 32.63
CA THR B 74 -35.04 -42.04 33.00
C THR B 74 -35.97 -42.13 31.80
N ILE B 75 -37.03 -42.88 31.96
CA ILE B 75 -38.09 -42.94 30.96
C ILE B 75 -39.34 -42.28 31.52
N SER B 76 -39.67 -41.10 31.02
CA SER B 76 -40.74 -40.31 31.63
C SER B 76 -42.09 -41.00 31.50
N ARG B 77 -42.30 -41.64 30.36
CA ARG B 77 -43.52 -42.42 30.13
C ARG B 77 -43.15 -43.71 29.41
N LEU B 78 -43.47 -44.83 30.01
CA LEU B 78 -43.14 -46.11 29.40
C LEU B 78 -44.17 -46.55 28.39
N GLU B 79 -43.68 -46.89 27.21
CA GLU B 79 -44.50 -47.48 26.17
C GLU B 79 -44.19 -48.96 26.10
N PRO B 80 -45.07 -49.78 25.51
CA PRO B 80 -44.92 -51.21 25.31
C PRO B 80 -43.54 -51.55 24.73
N GLU B 81 -43.04 -50.75 23.81
CA GLU B 81 -41.70 -50.97 23.21
C GLU B 81 -40.56 -50.72 24.21
N ASP B 82 -40.81 -50.06 25.33
CA ASP B 82 -39.75 -49.68 26.25
C ASP B 82 -39.45 -50.77 27.26
N PHE B 83 -40.23 -51.85 27.22
CA PHE B 83 -40.03 -52.93 28.17
C PHE B 83 -38.96 -53.90 27.68
N ALA B 84 -37.73 -53.41 27.66
CA ALA B 84 -36.59 -54.13 27.11
C ALA B 84 -35.45 -54.15 28.11
N VAL B 85 -34.31 -54.68 27.69
CA VAL B 85 -33.12 -54.69 28.54
C VAL B 85 -32.25 -53.48 28.24
N TYR B 86 -31.88 -52.76 29.27
CA TYR B 86 -31.05 -51.57 29.11
C TYR B 86 -29.67 -51.80 29.67
N TYR B 87 -28.68 -51.29 28.96
CA TYR B 87 -27.29 -51.41 29.39
C TYR B 87 -26.66 -50.05 29.56
N CYS B 88 -25.75 -49.94 30.53
CA CYS B 88 -24.88 -48.78 30.62
C CYS B 88 -23.48 -49.18 30.15
N GLN B 89 -22.79 -48.26 29.51
CA GLN B 89 -21.48 -48.54 28.96
C GLN B 89 -20.50 -47.44 29.28
N GLN B 90 -19.30 -47.83 29.62
CA GLN B 90 -18.24 -46.89 29.95
C GLN B 90 -17.06 -47.04 29.03
N TYR B 91 -16.42 -45.95 28.71
CA TYR B 91 -15.13 -46.00 28.05
C TYR B 91 -14.03 -45.49 28.96
N GLY B 92 -12.90 -46.16 28.93
CA GLY B 92 -11.70 -45.66 29.58
C GLY B 92 -10.58 -46.67 29.46
N SER B 93 -9.35 -46.21 29.66
CA SER B 93 -8.18 -47.08 29.55
C SER B 93 -8.19 -47.86 28.26
N SER B 94 -8.58 -47.19 27.17
CA SER B 94 -8.63 -47.81 25.85
C SER B 94 -9.47 -49.08 25.83
N ALA B 95 -10.55 -49.10 26.60
CA ALA B 95 -11.43 -50.25 26.64
C ALA B 95 -12.88 -49.82 26.81
N TRP B 96 -13.78 -50.66 26.33
CA TRP B 96 -15.21 -50.41 26.46
C TRP B 96 -15.83 -51.47 27.34
N THR B 97 -16.51 -51.04 28.40
CA THR B 97 -17.09 -51.95 29.37
C THR B 97 -18.59 -51.74 29.50
N PHE B 98 -19.34 -52.84 29.50
CA PHE B 98 -20.78 -52.76 29.65
C PHE B 98 -21.21 -53.24 31.04
N GLY B 99 -22.34 -52.74 31.51
CA GLY B 99 -22.95 -53.26 32.72
C GLY B 99 -23.64 -54.57 32.43
N GLN B 100 -24.19 -55.21 33.46
CA GLN B 100 -24.82 -56.51 33.28
C GLN B 100 -26.17 -56.37 32.61
N GLY B 101 -26.73 -55.16 32.64
CA GLY B 101 -28.01 -54.89 32.03
C GLY B 101 -29.15 -55.06 33.02
N THR B 102 -30.24 -54.33 32.79
CA THR B 102 -31.44 -54.49 33.60
C THR B 102 -32.66 -54.63 32.72
N LYS B 103 -33.63 -55.43 33.15
CA LYS B 103 -34.82 -55.68 32.36
C LYS B 103 -36.00 -54.87 32.88
N VAL B 104 -36.63 -54.09 31.99
CA VAL B 104 -37.79 -53.27 32.33
C VAL B 104 -39.08 -54.00 32.01
N VAL C 1 -27.26 -45.18 7.64
CA VAL C 1 -26.20 -46.08 8.06
C VAL C 1 -26.75 -47.49 8.29
N GLN C 2 -26.15 -48.47 7.60
CA GLN C 2 -26.52 -49.87 7.75
C GLN C 2 -25.31 -50.73 8.01
N LEU C 3 -25.48 -51.71 8.87
CA LEU C 3 -24.46 -52.73 9.08
C LEU C 3 -25.09 -54.10 8.92
N VAL C 4 -24.63 -54.84 7.91
CA VAL C 4 -25.21 -56.13 7.60
C VAL C 4 -24.22 -57.25 7.79
N GLN C 5 -24.52 -58.12 8.74
CA GLN C 5 -23.62 -59.19 9.09
C GLN C 5 -23.99 -60.50 8.41
N SER C 6 -23.05 -61.43 8.39
CA SER C 6 -23.26 -62.75 7.81
C SER C 6 -24.24 -63.57 8.65
N GLY C 7 -24.68 -64.70 8.08
CA GLY C 7 -25.65 -65.56 8.75
C GLY C 7 -25.01 -66.41 9.84
N ALA C 8 -25.84 -67.16 10.55
CA ALA C 8 -25.37 -67.95 11.69
C ALA C 8 -24.42 -69.05 11.26
N GLU C 9 -23.49 -69.39 12.16
CA GLU C 9 -22.51 -70.44 11.91
C GLU C 9 -22.54 -71.49 13.00
N VAL C 10 -22.27 -72.73 12.63
CA VAL C 10 -22.12 -73.81 13.60
C VAL C 10 -20.75 -74.46 13.47
N LYS C 11 -19.98 -74.39 14.54
CA LYS C 11 -18.59 -74.84 14.53
C LYS C 11 -18.30 -75.83 15.64
N LYS C 12 -17.24 -76.59 15.47
CA LYS C 12 -16.77 -77.48 16.50
C LYS C 12 -15.68 -76.79 17.31
N PRO C 13 -15.45 -77.21 18.54
CA PRO C 13 -14.35 -76.78 19.38
C PRO C 13 -13.02 -76.96 18.64
N GLY C 14 -12.21 -75.91 18.64
CA GLY C 14 -10.92 -75.93 17.96
C GLY C 14 -11.01 -75.31 16.57
N ALA C 15 -12.24 -75.13 16.09
CA ALA C 15 -12.47 -74.55 14.76
C ALA C 15 -12.37 -73.04 14.81
N SER C 16 -12.29 -72.41 13.65
CA SER C 16 -12.30 -70.96 13.56
C SER C 16 -13.55 -70.46 12.84
N VAL C 17 -14.04 -69.31 13.26
CA VAL C 17 -15.18 -68.68 12.60
C VAL C 17 -14.84 -67.26 12.15
N LYS C 18 -15.23 -66.92 10.93
CA LYS C 18 -15.03 -65.56 10.45
C LYS C 18 -16.36 -64.89 10.17
N VAL C 19 -16.65 -63.84 10.93
CA VAL C 19 -17.90 -63.12 10.77
C VAL C 19 -17.67 -61.82 10.02
N SER C 20 -18.41 -61.63 8.94
CA SER C 20 -18.28 -60.42 8.15
C SER C 20 -19.29 -59.37 8.59
N CYS C 21 -19.02 -58.11 8.24
CA CYS C 21 -19.96 -57.01 8.46
C CYS C 21 -19.85 -55.99 7.34
N LYS C 22 -20.84 -55.96 6.47
CA LYS C 22 -20.85 -55.04 5.35
C LYS C 22 -21.45 -53.72 5.77
N ALA C 23 -20.72 -52.64 5.57
CA ALA C 23 -21.17 -51.33 5.98
C ALA C 23 -21.61 -50.53 4.77
N SER C 24 -22.62 -49.68 4.97
CA SER C 24 -23.04 -48.77 3.91
C SER C 24 -23.71 -47.54 4.49
N GLY C 25 -23.79 -46.50 3.68
CA GLY C 25 -24.50 -45.28 4.06
C GLY C 25 -23.56 -44.26 4.70
N TYR C 26 -22.29 -44.58 4.78
CA TYR C 26 -21.31 -43.68 5.38
C TYR C 26 -19.91 -43.94 4.85
N THR C 27 -19.00 -43.00 5.10
CA THR C 27 -17.61 -43.17 4.72
C THR C 27 -16.98 -44.25 5.60
N PHE C 28 -16.72 -45.39 4.99
CA PHE C 28 -16.30 -46.57 5.73
C PHE C 28 -15.07 -46.31 6.58
N THR C 29 -14.11 -45.62 6.02
CA THR C 29 -12.81 -45.45 6.65
C THR C 29 -12.81 -44.33 7.68
N GLY C 30 -13.95 -43.67 7.83
CA GLY C 30 -14.07 -42.55 8.76
C GLY C 30 -14.46 -43.01 10.15
N TYR C 31 -14.67 -44.31 10.31
CA TYR C 31 -15.11 -44.86 11.57
C TYR C 31 -14.36 -46.12 11.95
N TYR C 32 -14.32 -46.40 13.24
CA TYR C 32 -13.80 -47.67 13.72
C TYR C 32 -14.90 -48.70 13.67
N MET C 33 -14.53 -49.94 13.39
CA MET C 33 -15.48 -51.02 13.49
C MET C 33 -15.18 -51.88 14.69
N HIS C 34 -16.11 -51.94 15.62
CA HIS C 34 -15.94 -52.71 16.83
C HIS C 34 -16.73 -54.00 16.76
N TRP C 35 -16.28 -54.99 17.50
CA TRP C 35 -17.05 -56.21 17.65
C TRP C 35 -17.42 -56.43 19.10
N VAL C 36 -18.68 -56.77 19.32
CA VAL C 36 -19.21 -56.99 20.66
C VAL C 36 -19.89 -58.34 20.75
N ARG C 37 -19.53 -59.13 21.75
CA ARG C 37 -20.08 -60.47 21.90
C ARG C 37 -21.16 -60.51 22.96
N GLN C 38 -22.21 -61.28 22.70
CA GLN C 38 -23.25 -61.50 23.70
C GLN C 38 -23.59 -62.97 23.86
N ALA C 39 -22.99 -63.60 24.86
CA ALA C 39 -23.30 -65.00 25.15
C ALA C 39 -24.75 -65.07 25.66
N PRO C 40 -25.46 -66.18 25.42
CA PRO C 40 -26.82 -66.41 25.83
C PRO C 40 -27.01 -66.15 27.31
N GLY C 41 -27.96 -65.28 27.64
CA GLY C 41 -28.28 -64.97 29.03
C GLY C 41 -27.28 -64.00 29.64
N GLN C 42 -26.32 -63.54 28.86
CA GLN C 42 -25.28 -62.65 29.35
C GLN C 42 -25.40 -61.25 28.79
N GLY C 43 -24.53 -60.36 29.25
CA GLY C 43 -24.51 -58.99 28.77
C GLY C 43 -23.58 -58.86 27.58
N LEU C 44 -23.22 -57.62 27.28
CA LEU C 44 -22.40 -57.33 26.11
C LEU C 44 -20.93 -57.24 26.48
N GLU C 45 -20.07 -57.86 25.68
CA GLU C 45 -18.63 -57.82 25.93
C GLU C 45 -17.88 -57.30 24.71
N TRP C 46 -17.06 -56.28 24.92
CA TRP C 46 -16.27 -55.70 23.84
C TRP C 46 -15.08 -56.60 23.50
N MET C 47 -14.90 -56.87 22.21
CA MET C 47 -13.83 -57.76 21.76
C MET C 47 -12.63 -57.00 21.25
N GLY C 48 -12.86 -55.89 20.58
CA GLY C 48 -11.79 -55.16 19.91
C GLY C 48 -12.33 -54.28 18.78
N TRP C 49 -11.43 -53.57 18.12
CA TRP C 49 -11.80 -52.77 16.96
C TRP C 49 -10.75 -52.81 15.87
N ILE C 50 -11.19 -52.51 14.66
CA ILE C 50 -10.30 -52.29 13.54
C ILE C 50 -10.54 -50.93 12.91
N ASN C 51 -9.47 -50.29 12.48
CA ASN C 51 -9.54 -49.03 11.77
C ASN C 51 -9.23 -49.24 10.29
N PRO C 52 -10.24 -49.33 9.43
CA PRO C 52 -10.18 -49.70 8.02
C PRO C 52 -9.15 -48.91 7.22
N ILE C 53 -8.90 -47.67 7.61
CA ILE C 53 -7.96 -46.83 6.88
C ILE C 53 -6.54 -47.32 7.02
N SER C 54 -6.22 -47.90 8.16
CA SER C 54 -4.87 -48.31 8.47
C SER C 54 -4.76 -49.80 8.71
N SER C 55 -5.90 -50.45 8.91
CA SER C 55 -5.99 -51.83 9.33
C SER C 55 -5.34 -52.04 10.69
N GLY C 56 -5.25 -50.96 11.46
CA GLY C 56 -4.80 -51.04 12.83
C GLY C 56 -5.89 -51.64 13.70
N THR C 57 -5.49 -52.38 14.72
CA THR C 57 -6.46 -53.01 15.61
C THR C 57 -6.10 -52.85 17.06
N SER C 58 -7.07 -53.11 17.91
CA SER C 58 -6.85 -53.27 19.33
C SER C 58 -7.83 -54.30 19.87
N TYR C 59 -7.34 -55.21 20.69
CA TYR C 59 -8.18 -56.29 21.18
C TYR C 59 -8.32 -56.25 22.69
N ALA C 60 -9.45 -56.72 23.17
CA ALA C 60 -9.63 -56.94 24.60
C ALA C 60 -8.73 -58.07 25.05
N GLN C 61 -8.19 -57.95 26.27
CA GLN C 61 -7.27 -58.95 26.79
C GLN C 61 -7.89 -60.35 26.79
N THR C 62 -9.21 -60.40 26.89
CA THR C 62 -9.94 -61.65 26.90
C THR C 62 -9.74 -62.42 25.59
N PHE C 63 -9.70 -61.70 24.48
CA PHE C 63 -9.67 -62.34 23.17
C PHE C 63 -8.31 -62.21 22.50
N GLN C 64 -7.44 -61.38 23.04
CA GLN C 64 -6.15 -61.16 22.44
C GLN C 64 -5.41 -62.49 22.28
N GLY C 65 -4.96 -62.75 21.06
CA GLY C 65 -4.26 -63.99 20.76
C GLY C 65 -5.17 -65.01 20.08
N ARG C 66 -6.47 -64.77 20.14
CA ARG C 66 -7.43 -65.66 19.51
C ARG C 66 -8.22 -64.95 18.41
N VAL C 67 -8.41 -63.64 18.57
CA VAL C 67 -9.22 -62.92 17.60
C VAL C 67 -8.36 -62.09 16.67
N THR C 68 -8.65 -62.18 15.38
CA THR C 68 -8.01 -61.35 14.38
C THR C 68 -9.05 -60.56 13.62
N MET C 69 -8.87 -59.24 13.57
CA MET C 69 -9.79 -58.40 12.84
C MET C 69 -9.14 -57.84 11.60
N THR C 70 -9.85 -57.93 10.49
CA THR C 70 -9.37 -57.42 9.20
C THR C 70 -10.49 -56.66 8.52
N SER C 71 -10.15 -56.00 7.42
CA SER C 71 -11.16 -55.30 6.65
C SER C 71 -10.76 -55.16 5.19
N ASP C 72 -11.73 -54.89 4.35
CA ASP C 72 -11.50 -54.63 2.95
C ASP C 72 -12.34 -53.46 2.49
N THR C 73 -11.68 -52.32 2.28
CA THR C 73 -12.39 -51.09 2.00
C THR C 73 -13.05 -51.09 0.63
N SER C 74 -12.58 -51.95 -0.26
CA SER C 74 -13.11 -51.97 -1.62
C SER C 74 -14.54 -52.46 -1.64
N ILE C 75 -14.92 -53.18 -0.59
CA ILE C 75 -16.28 -53.69 -0.44
C ILE C 75 -16.86 -53.26 0.89
N THR C 76 -16.25 -52.22 1.48
CA THR C 76 -16.64 -51.70 2.78
C THR C 76 -17.10 -52.79 3.73
N THR C 77 -16.26 -53.79 3.93
CA THR C 77 -16.59 -54.90 4.80
C THR C 77 -15.53 -55.15 5.86
N ALA C 78 -15.97 -55.33 7.09
CA ALA C 78 -15.09 -55.68 8.19
C ALA C 78 -15.24 -57.16 8.55
N TYR C 79 -14.16 -57.76 9.01
CA TYR C 79 -14.18 -59.17 9.38
C TYR C 79 -13.63 -59.40 10.77
N MET C 80 -14.20 -60.36 11.46
CA MET C 80 -13.66 -60.79 12.75
C MET C 80 -13.53 -62.30 12.79
N GLU C 81 -12.31 -62.77 12.91
CA GLU C 81 -12.05 -64.21 12.94
C GLU C 81 -11.63 -64.65 14.33
N LEU C 82 -12.43 -65.51 14.94
CA LEU C 82 -12.12 -66.01 16.28
C LEU C 82 -11.69 -67.47 16.20
N SER C 83 -10.43 -67.72 16.49
CA SER C 83 -9.85 -69.06 16.33
C SER C 83 -9.86 -69.83 17.64
N ARG C 84 -9.57 -71.13 17.54
CA ARG C 84 -9.52 -72.00 18.70
C ARG C 84 -10.80 -71.90 19.51
N LEU C 85 -11.92 -72.02 18.82
CA LEU C 85 -13.22 -71.84 19.45
C LEU C 85 -13.45 -72.82 20.58
N ARG C 86 -14.04 -72.31 21.66
CA ARG C 86 -14.41 -73.11 22.81
C ARG C 86 -15.92 -73.14 22.95
N SER C 87 -16.43 -74.04 23.78
CA SER C 87 -17.88 -74.14 23.95
C SER C 87 -18.48 -72.84 24.50
N ASP C 88 -17.68 -72.07 25.23
CA ASP C 88 -18.18 -70.83 25.82
C ASP C 88 -18.05 -69.65 24.87
N ASP C 89 -17.66 -69.93 23.62
CA ASP C 89 -17.64 -68.90 22.60
C ASP C 89 -18.96 -68.85 21.86
N THR C 90 -19.90 -69.70 22.27
CA THR C 90 -21.24 -69.62 21.73
C THR C 90 -21.85 -68.30 22.12
N ALA C 91 -22.17 -67.48 21.14
CA ALA C 91 -22.65 -66.13 21.39
C ALA C 91 -23.16 -65.48 20.13
N VAL C 92 -23.89 -64.39 20.31
CA VAL C 92 -24.24 -63.54 19.20
C VAL C 92 -23.20 -62.44 19.05
N TYR C 93 -22.58 -62.38 17.89
CA TYR C 93 -21.52 -61.42 17.66
C TYR C 93 -22.02 -60.26 16.84
N TYR C 94 -21.85 -59.06 17.38
CA TYR C 94 -22.30 -57.85 16.72
C TYR C 94 -21.12 -57.06 16.20
N CYS C 95 -21.31 -56.40 15.06
CA CYS C 95 -20.41 -55.35 14.62
C CYS C 95 -21.05 -54.01 14.95
N ALA C 96 -20.24 -53.04 15.33
CA ALA C 96 -20.77 -51.75 15.70
C ALA C 96 -19.84 -50.63 15.28
N ARG C 97 -20.43 -49.50 14.92
CA ARG C 97 -19.65 -48.37 14.47
C ARG C 97 -19.42 -47.39 15.60
N ALA C 98 -18.20 -46.84 15.64
CA ALA C 98 -17.86 -45.78 16.56
C ALA C 98 -16.87 -44.82 15.90
N ALA C 99 -16.85 -43.59 16.36
CA ALA C 99 -15.91 -42.62 15.81
C ALA C 99 -14.50 -43.04 16.17
N PRO C 100 -13.51 -42.60 15.39
CA PRO C 100 -12.10 -42.77 15.63
C PRO C 100 -11.66 -41.94 16.83
N PHE C 101 -10.50 -42.26 17.37
CA PHE C 101 -10.02 -41.61 18.58
C PHE C 101 -9.78 -40.12 18.42
N TYR C 102 -9.68 -39.65 17.19
CA TYR C 102 -9.41 -38.24 16.98
C TYR C 102 -10.68 -37.41 16.97
N ASP C 103 -11.82 -38.05 17.20
CA ASP C 103 -13.09 -37.35 17.24
C ASP C 103 -13.13 -36.38 18.42
N PHE C 104 -13.36 -35.11 18.11
CA PHE C 104 -13.30 -34.05 19.11
C PHE C 104 -14.30 -34.25 20.24
N TRP C 105 -15.50 -34.72 19.89
CA TRP C 105 -16.57 -34.82 20.88
C TRP C 105 -16.73 -36.22 21.42
N SER C 106 -15.63 -36.98 21.43
CA SER C 106 -15.58 -38.29 22.06
C SER C 106 -16.62 -39.25 21.52
N GLY C 107 -16.80 -39.25 20.22
CA GLY C 107 -17.73 -40.18 19.58
C GLY C 107 -17.19 -41.60 19.58
N TYR C 108 -15.94 -41.74 20.01
CA TYR C 108 -15.30 -43.05 20.06
C TYR C 108 -15.69 -43.81 21.31
N SER C 109 -16.28 -43.10 22.27
CA SER C 109 -16.55 -43.68 23.58
C SER C 109 -17.79 -44.56 23.56
N TYR C 110 -18.54 -44.52 22.47
CA TYR C 110 -19.79 -45.25 22.38
C TYR C 110 -20.05 -45.77 20.97
N PHE C 111 -21.03 -46.66 20.85
CA PHE C 111 -21.34 -47.29 19.58
C PHE C 111 -22.68 -46.81 19.07
N ASP C 112 -22.68 -46.07 17.98
CA ASP C 112 -23.92 -45.44 17.53
C ASP C 112 -24.72 -46.31 16.58
N TYR C 113 -24.05 -47.23 15.90
CA TYR C 113 -24.75 -48.14 15.01
C TYR C 113 -24.33 -49.57 15.19
N TRP C 114 -25.32 -50.45 15.17
CA TRP C 114 -25.09 -51.87 15.36
C TRP C 114 -25.66 -52.64 14.18
N GLY C 115 -25.00 -53.73 13.82
CA GLY C 115 -25.55 -54.64 12.83
C GLY C 115 -26.44 -55.67 13.51
N GLN C 116 -27.12 -56.48 12.72
CA GLN C 116 -27.88 -57.58 13.30
C GLN C 116 -26.89 -58.63 13.72
N GLY C 117 -27.08 -59.20 14.89
CA GLY C 117 -26.06 -60.08 15.43
C GLY C 117 -25.93 -61.36 14.63
N THR C 118 -24.72 -61.90 14.59
CA THR C 118 -24.47 -63.19 13.98
C THR C 118 -24.25 -64.24 15.05
N LEU C 119 -25.11 -65.24 15.08
CA LEU C 119 -25.00 -66.29 16.08
C LEU C 119 -23.99 -67.33 15.67
N VAL C 120 -23.05 -67.60 16.55
CA VAL C 120 -22.10 -68.67 16.35
C VAL C 120 -22.23 -69.70 17.46
N THR C 121 -22.48 -70.94 17.07
CA THR C 121 -22.65 -72.02 18.04
C THR C 121 -21.44 -72.94 18.04
N VAL C 122 -20.91 -73.25 19.23
CA VAL C 122 -19.74 -74.11 19.36
C VAL C 122 -20.02 -75.26 20.32
N VAL D 1 -48.37 20.60 -79.00
CA VAL D 1 -48.22 19.56 -77.99
C VAL D 1 -49.15 18.39 -78.31
N GLN D 2 -48.58 17.24 -78.67
CA GLN D 2 -49.34 16.03 -78.95
C GLN D 2 -48.67 14.79 -78.38
N LEU D 3 -49.49 13.82 -78.00
CA LEU D 3 -49.00 12.55 -77.46
C LEU D 3 -49.71 11.39 -78.15
N VAL D 4 -48.93 10.44 -78.67
CA VAL D 4 -49.51 9.32 -79.38
C VAL D 4 -49.14 7.97 -78.77
N GLU D 5 -50.14 7.26 -78.25
CA GLU D 5 -49.94 5.94 -77.68
C GLU D 5 -49.96 4.84 -78.73
N SER D 6 -49.22 3.77 -78.48
CA SER D 6 -49.25 2.59 -79.32
C SER D 6 -48.82 1.37 -78.52
N GLY D 7 -49.00 0.19 -79.10
CA GLY D 7 -48.57 -1.04 -78.44
C GLY D 7 -49.70 -1.74 -77.68
N GLY D 8 -50.93 -1.32 -77.93
CA GLY D 8 -52.08 -1.95 -77.28
C GLY D 8 -52.40 -3.26 -77.96
N GLY D 9 -53.52 -3.88 -77.60
CA GLY D 9 -53.86 -5.17 -78.17
C GLY D 9 -54.53 -6.09 -77.16
N VAL D 10 -54.60 -7.38 -77.50
CA VAL D 10 -55.27 -8.36 -76.66
C VAL D 10 -54.30 -9.42 -76.19
N VAL D 11 -54.24 -9.63 -74.88
CA VAL D 11 -53.37 -10.62 -74.28
C VAL D 11 -54.13 -11.51 -73.30
N GLN D 12 -53.54 -12.64 -72.93
CA GLN D 12 -54.11 -13.48 -71.89
C GLN D 12 -53.49 -13.15 -70.54
N PRO D 13 -54.18 -13.42 -69.44
CA PRO D 13 -53.71 -13.26 -68.08
C PRO D 13 -52.40 -14.00 -67.87
N GLY D 14 -51.47 -13.34 -67.19
CA GLY D 14 -50.17 -13.92 -66.87
C GLY D 14 -49.09 -13.50 -67.86
N ARG D 15 -49.50 -12.94 -69.00
CA ARG D 15 -48.55 -12.53 -70.00
C ARG D 15 -48.29 -11.03 -69.94
N SER D 16 -47.20 -10.58 -70.57
CA SER D 16 -46.81 -9.18 -70.50
C SER D 16 -47.11 -8.41 -71.78
N LEU D 17 -47.09 -7.08 -71.68
CA LEU D 17 -47.28 -6.19 -72.82
C LEU D 17 -46.55 -4.88 -72.59
N ARG D 18 -45.81 -4.41 -73.60
CA ARG D 18 -45.15 -3.11 -73.50
C ARG D 18 -45.89 -2.05 -74.30
N LEU D 19 -46.22 -0.95 -73.65
CA LEU D 19 -46.83 0.19 -74.31
C LEU D 19 -45.80 1.28 -74.51
N SER D 20 -46.01 2.12 -75.50
CA SER D 20 -45.14 3.25 -75.72
C SER D 20 -45.94 4.47 -76.14
N CYS D 21 -45.37 5.66 -75.91
CA CYS D 21 -45.97 6.94 -76.27
C CYS D 21 -44.94 7.87 -76.89
N ALA D 22 -45.26 8.38 -78.08
CA ALA D 22 -44.37 9.31 -78.77
C ALA D 22 -44.78 10.73 -78.48
N ALA D 23 -43.83 11.55 -78.05
CA ALA D 23 -44.13 12.93 -77.70
C ALA D 23 -43.52 13.89 -78.70
N SER D 24 -44.27 14.93 -79.04
CA SER D 24 -43.76 15.98 -79.91
C SER D 24 -44.48 17.30 -79.68
N GLY D 25 -43.88 18.39 -80.14
CA GLY D 25 -44.48 19.71 -80.01
C GLY D 25 -43.94 20.47 -78.80
N PHE D 26 -43.13 19.78 -78.01
CA PHE D 26 -42.52 20.36 -76.81
C PHE D 26 -41.23 19.64 -76.48
N THR D 27 -40.45 20.21 -75.57
CA THR D 27 -39.22 19.57 -75.16
C THR D 27 -39.52 18.48 -74.15
N PHE D 28 -39.48 17.23 -74.62
CA PHE D 28 -39.88 16.09 -73.82
C PHE D 28 -39.08 16.02 -72.52
N SER D 29 -37.79 16.24 -72.64
CA SER D 29 -36.85 16.12 -71.52
C SER D 29 -37.07 17.15 -70.41
N ASN D 30 -37.95 18.12 -70.63
CA ASN D 30 -38.20 19.13 -69.60
C ASN D 30 -39.46 18.87 -68.79
N TYR D 31 -40.18 17.78 -69.10
CA TYR D 31 -41.43 17.51 -68.40
C TYR D 31 -41.51 16.10 -67.87
N GLY D 32 -42.21 15.93 -66.75
CA GLY D 32 -42.51 14.60 -66.24
C GLY D 32 -43.69 14.04 -67.03
N MET D 33 -43.91 12.74 -66.92
CA MET D 33 -45.00 12.11 -67.66
C MET D 33 -45.80 11.16 -66.80
N HIS D 34 -47.08 11.03 -67.12
CA HIS D 34 -47.98 10.13 -66.42
C HIS D 34 -48.53 9.04 -67.32
N TRP D 35 -48.88 7.93 -66.69
CA TRP D 35 -49.77 6.95 -67.32
C TRP D 35 -51.04 6.85 -66.49
N VAL D 36 -52.17 6.86 -67.17
CA VAL D 36 -53.47 6.74 -66.53
C VAL D 36 -54.31 5.72 -67.30
N ARG D 37 -55.09 4.92 -66.60
CA ARG D 37 -55.91 3.94 -67.30
C ARG D 37 -57.38 4.09 -66.96
N GLN D 38 -58.24 3.79 -67.93
CA GLN D 38 -59.67 3.86 -67.72
C GLN D 38 -60.39 2.60 -68.16
N ALA D 39 -60.83 1.81 -67.20
CA ALA D 39 -61.59 0.61 -67.52
C ALA D 39 -62.95 1.02 -68.08
N PRO D 40 -63.52 0.28 -69.03
CA PRO D 40 -64.81 0.51 -69.62
C PRO D 40 -65.87 0.68 -68.54
N GLY D 41 -66.61 1.79 -68.61
CA GLY D 41 -67.70 2.05 -67.67
C GLY D 41 -67.20 2.64 -66.35
N LYS D 42 -65.90 2.83 -66.23
CA LYS D 42 -65.32 3.33 -64.99
C LYS D 42 -64.67 4.69 -65.16
N GLY D 43 -64.27 5.29 -64.04
CA GLY D 43 -63.60 6.59 -64.06
C GLY D 43 -62.11 6.41 -64.29
N LEU D 44 -61.36 7.50 -64.14
CA LEU D 44 -59.92 7.46 -64.39
C LEU D 44 -59.18 6.91 -63.19
N GLU D 45 -58.23 6.02 -63.45
CA GLU D 45 -57.37 5.49 -62.40
C GLU D 45 -55.91 5.71 -62.75
N TRP D 46 -55.19 6.34 -61.86
CA TRP D 46 -53.79 6.67 -62.09
C TRP D 46 -52.90 5.43 -62.04
N VAL D 47 -51.91 5.36 -62.91
CA VAL D 47 -51.00 4.23 -62.94
C VAL D 47 -49.60 4.58 -62.43
N ALA D 48 -48.95 5.56 -63.05
CA ALA D 48 -47.58 5.89 -62.66
C ALA D 48 -47.15 7.27 -63.16
N VAL D 49 -46.15 7.85 -62.50
CA VAL D 49 -45.52 9.07 -62.97
C VAL D 49 -44.01 8.95 -62.95
N ILE D 50 -43.36 9.52 -63.95
CA ILE D 50 -41.92 9.55 -64.02
C ILE D 50 -41.41 10.97 -64.15
N TRP D 51 -40.34 11.30 -63.43
CA TRP D 51 -39.74 12.62 -63.52
C TRP D 51 -39.03 12.83 -64.84
N TYR D 52 -38.85 14.09 -65.22
CA TYR D 52 -38.25 14.44 -66.49
C TYR D 52 -36.86 13.85 -66.72
N ASP D 53 -36.12 13.59 -65.65
CA ASP D 53 -34.78 13.05 -65.78
C ASP D 53 -34.74 11.54 -65.57
N GLY D 54 -35.90 10.95 -65.32
CA GLY D 54 -36.03 9.51 -65.15
C GLY D 54 -35.52 9.03 -63.79
N SER D 55 -35.21 9.96 -62.90
CA SER D 55 -34.63 9.59 -61.61
C SER D 55 -35.65 9.06 -60.61
N ASN D 56 -36.90 9.49 -60.75
CA ASN D 56 -37.93 9.11 -59.79
C ASN D 56 -39.16 8.53 -60.44
N LYS D 57 -39.53 7.33 -60.01
CA LYS D 57 -40.66 6.60 -60.55
C LYS D 57 -41.64 6.22 -59.45
N PHE D 58 -42.87 6.69 -59.57
CA PHE D 58 -43.89 6.39 -58.57
C PHE D 58 -45.04 5.63 -59.20
N TYR D 59 -45.60 4.68 -58.47
CA TYR D 59 -46.65 3.82 -59.01
C TYR D 59 -47.85 3.75 -58.11
N ALA D 60 -49.02 3.53 -58.71
CA ALA D 60 -50.23 3.26 -57.95
C ALA D 60 -50.10 1.95 -57.20
N ASP D 61 -50.75 1.88 -56.04
CA ASP D 61 -50.69 0.69 -55.21
C ASP D 61 -51.09 -0.57 -55.96
N SER D 62 -52.05 -0.45 -56.88
CA SER D 62 -52.59 -1.60 -57.59
C SER D 62 -51.67 -2.15 -58.67
N VAL D 63 -50.64 -1.41 -59.07
CA VAL D 63 -49.74 -1.86 -60.12
C VAL D 63 -48.30 -1.96 -59.64
N LYS D 64 -48.04 -1.44 -58.45
CA LYS D 64 -46.69 -1.44 -57.92
C LYS D 64 -46.13 -2.85 -57.85
N GLY D 65 -44.95 -3.04 -58.41
CA GLY D 65 -44.28 -4.33 -58.39
C GLY D 65 -44.51 -5.11 -59.69
N ARG D 66 -45.45 -4.67 -60.50
CA ARG D 66 -45.74 -5.35 -61.75
C ARG D 66 -45.43 -4.47 -62.95
N PHE D 67 -45.79 -3.19 -62.85
CA PHE D 67 -45.59 -2.28 -63.97
C PHE D 67 -44.33 -1.46 -63.78
N THR D 68 -43.61 -1.22 -64.87
CA THR D 68 -42.43 -0.37 -64.83
C THR D 68 -42.55 0.80 -65.80
N ILE D 69 -42.35 2.01 -65.29
CA ILE D 69 -42.40 3.20 -66.12
C ILE D 69 -40.99 3.67 -66.42
N SER D 70 -40.74 4.00 -67.68
CA SER D 70 -39.43 4.46 -68.08
C SER D 70 -39.54 5.47 -69.20
N ARG D 71 -38.49 6.26 -69.41
CA ARG D 71 -38.50 7.24 -70.48
C ARG D 71 -37.18 7.21 -71.23
N ASP D 72 -37.24 7.62 -72.49
CA ASP D 72 -36.04 7.78 -73.29
C ASP D 72 -36.02 9.18 -73.88
N ASN D 73 -35.25 10.07 -73.26
CA ASN D 73 -35.27 11.47 -73.66
C ASN D 73 -34.67 11.66 -75.04
N SER D 74 -33.70 10.82 -75.39
CA SER D 74 -33.05 10.93 -76.69
C SER D 74 -34.03 10.65 -77.81
N LYS D 75 -34.96 9.73 -77.58
CA LYS D 75 -35.94 9.36 -78.59
C LYS D 75 -37.29 10.05 -78.38
N ASN D 76 -37.35 10.96 -77.42
CA ASN D 76 -38.58 11.67 -77.11
C ASN D 76 -39.75 10.72 -76.93
N SER D 77 -39.55 9.66 -76.17
CA SER D 77 -40.60 8.65 -75.99
C SER D 77 -40.73 8.16 -74.56
N LEU D 78 -41.94 7.74 -74.22
CA LEU D 78 -42.28 7.21 -72.91
C LEU D 78 -42.69 5.74 -73.03
N TYR D 79 -42.27 4.92 -72.08
CA TYR D 79 -42.62 3.51 -72.10
C TYR D 79 -43.30 3.04 -70.82
N LEU D 80 -44.15 2.03 -70.95
CA LEU D 80 -44.72 1.35 -69.80
C LEU D 80 -44.69 -0.15 -70.01
N GLN D 81 -43.92 -0.85 -69.19
CA GLN D 81 -43.82 -2.30 -69.30
C GLN D 81 -44.73 -2.97 -68.28
N MET D 82 -45.74 -3.67 -68.75
CA MET D 82 -46.70 -4.28 -67.85
C MET D 82 -46.52 -5.78 -67.79
N ASN D 83 -46.07 -6.28 -66.64
CA ASN D 83 -45.86 -7.70 -66.47
C ASN D 83 -47.01 -8.33 -65.70
N SER D 84 -47.20 -9.64 -65.87
CA SER D 84 -48.21 -10.36 -65.12
C SER D 84 -49.56 -9.67 -65.17
N LEU D 85 -50.04 -9.39 -66.38
CA LEU D 85 -51.33 -8.74 -66.55
C LEU D 85 -52.47 -9.65 -66.12
N ARG D 86 -53.50 -9.05 -65.54
CA ARG D 86 -54.67 -9.79 -65.09
C ARG D 86 -55.92 -9.24 -65.76
N ALA D 87 -57.02 -9.97 -65.68
CA ALA D 87 -58.27 -9.52 -66.29
C ALA D 87 -58.66 -8.14 -65.79
N GLU D 88 -58.35 -7.87 -64.53
CA GLU D 88 -58.69 -6.60 -63.88
C GLU D 88 -57.95 -5.40 -64.49
N ASP D 89 -56.93 -5.67 -65.31
CA ASP D 89 -56.13 -4.62 -65.90
C ASP D 89 -56.66 -4.15 -67.25
N THR D 90 -57.80 -4.68 -67.67
CA THR D 90 -58.38 -4.23 -68.93
C THR D 90 -58.79 -2.77 -68.82
N ALA D 91 -58.24 -1.95 -69.71
CA ALA D 91 -58.49 -0.51 -69.67
C ALA D 91 -57.89 0.19 -70.87
N VAL D 92 -58.32 1.43 -71.11
CA VAL D 92 -57.65 2.28 -72.06
C VAL D 92 -56.52 3.03 -71.36
N TYR D 93 -55.31 2.88 -71.88
CA TYR D 93 -54.14 3.50 -71.27
C TYR D 93 -53.77 4.79 -71.97
N PHE D 94 -53.59 5.84 -71.20
CA PHE D 94 -53.24 7.15 -71.70
C PHE D 94 -51.86 7.54 -71.20
N CYS D 95 -51.10 8.26 -72.02
CA CYS D 95 -49.90 8.96 -71.59
C CYS D 95 -50.27 10.44 -71.47
N ALA D 96 -49.64 11.14 -70.53
CA ALA D 96 -49.97 12.55 -70.37
C ALA D 96 -48.80 13.37 -69.83
N ARG D 97 -48.79 14.65 -70.17
CA ARG D 97 -47.74 15.55 -69.73
C ARG D 97 -48.05 16.14 -68.36
N ALA D 98 -47.11 15.99 -67.43
CA ALA D 98 -47.25 16.43 -66.05
C ALA D 98 -47.19 17.95 -65.90
N PHE D 99 -47.87 18.45 -64.88
CA PHE D 99 -47.84 19.87 -64.54
C PHE D 99 -47.70 20.02 -63.01
N PRO D 100 -46.77 20.86 -62.52
CA PRO D 100 -46.49 21.08 -61.12
C PRO D 100 -47.73 21.40 -60.27
N ASP D 101 -47.84 20.73 -59.13
CA ASP D 101 -48.92 20.93 -58.18
C ASP D 101 -48.50 21.87 -57.04
N SER D 102 -49.16 23.01 -56.93
CA SER D 102 -48.74 24.06 -56.00
C SER D 102 -48.88 23.69 -54.51
N SER D 103 -49.56 22.59 -54.21
CA SER D 103 -49.77 22.21 -52.82
C SER D 103 -48.80 21.13 -52.35
N SER D 104 -47.83 20.78 -53.20
CA SER D 104 -46.87 19.73 -52.87
C SER D 104 -45.48 20.08 -53.36
N TRP D 105 -44.46 19.56 -52.68
CA TRP D 105 -43.09 19.87 -53.04
C TRP D 105 -42.75 19.43 -54.47
N SER D 106 -43.13 18.21 -54.83
CA SER D 106 -42.86 17.69 -56.16
C SER D 106 -44.05 16.91 -56.68
N GLY D 107 -45.25 17.37 -56.35
CA GLY D 107 -46.45 16.70 -56.79
C GLY D 107 -46.83 17.17 -58.19
N PHE D 108 -47.64 16.37 -58.87
CA PHE D 108 -48.05 16.72 -60.22
C PHE D 108 -49.54 16.55 -60.44
N THR D 109 -50.07 17.35 -61.34
CA THR D 109 -51.37 17.14 -61.94
C THR D 109 -51.15 16.85 -63.41
N ILE D 110 -52.22 16.72 -64.17
CA ILE D 110 -52.07 16.35 -65.57
C ILE D 110 -52.58 17.43 -66.50
N ASP D 111 -51.75 17.82 -67.46
CA ASP D 111 -52.08 18.87 -68.40
C ASP D 111 -52.58 18.32 -69.73
N TYR D 112 -51.67 17.75 -70.51
CA TYR D 112 -52.01 17.24 -71.83
C TYR D 112 -52.16 15.74 -71.86
N TRP D 113 -53.27 15.28 -72.42
CA TRP D 113 -53.55 13.86 -72.51
C TRP D 113 -53.44 13.38 -73.96
N GLY D 114 -52.99 12.15 -74.15
CA GLY D 114 -53.02 11.52 -75.47
C GLY D 114 -54.40 10.93 -75.71
N GLN D 115 -54.60 10.28 -76.85
CA GLN D 115 -55.90 9.70 -77.17
C GLN D 115 -56.11 8.37 -76.44
N GLY D 116 -55.02 7.66 -76.16
CA GLY D 116 -55.08 6.43 -75.41
C GLY D 116 -55.12 5.19 -76.30
N THR D 117 -54.66 4.07 -75.76
CA THR D 117 -54.67 2.80 -76.47
C THR D 117 -55.32 1.73 -75.62
N LEU D 118 -56.17 0.91 -76.23
CA LEU D 118 -56.91 -0.10 -75.48
C LEU D 118 -56.11 -1.36 -75.25
N VAL D 119 -56.07 -1.79 -73.99
CA VAL D 119 -55.45 -3.06 -73.63
C VAL D 119 -56.49 -3.99 -73.02
N THR D 120 -56.68 -5.14 -73.64
CA THR D 120 -57.61 -6.15 -73.15
C THR D 120 -56.84 -7.39 -72.74
N VAL D 121 -57.12 -7.90 -71.55
CA VAL D 121 -56.39 -9.06 -71.01
C VAL D 121 -57.29 -10.30 -71.04
N TYR E 1 -56.08 7.97 -49.31
CA TYR E 1 -56.91 9.14 -49.54
C TYR E 1 -57.81 8.92 -50.75
N GLU E 2 -59.07 9.36 -50.65
CA GLU E 2 -60.06 9.24 -51.72
C GLU E 2 -60.91 10.49 -51.84
N LEU E 3 -61.47 10.70 -53.03
CA LEU E 3 -62.40 11.80 -53.25
C LEU E 3 -63.80 11.27 -53.42
N THR E 4 -64.79 12.05 -53.02
CA THR E 4 -66.18 11.67 -53.19
C THR E 4 -66.98 12.73 -53.94
N GLN E 5 -67.58 12.33 -55.05
CA GLN E 5 -68.39 13.25 -55.86
C GLN E 5 -69.56 12.47 -56.47
N PRO E 6 -70.71 13.13 -56.68
CA PRO E 6 -71.96 12.55 -57.18
C PRO E 6 -71.81 12.05 -58.62
N PRO E 7 -72.50 10.97 -58.98
CA PRO E 7 -72.58 10.39 -60.31
C PRO E 7 -72.95 11.40 -61.40
N SER E 8 -73.85 12.33 -61.10
CA SER E 8 -74.27 13.29 -62.11
C SER E 8 -74.89 14.56 -61.53
N VAL E 9 -74.84 15.63 -62.33
CA VAL E 9 -75.48 16.91 -62.04
C VAL E 9 -76.24 17.42 -63.27
N SER E 10 -77.48 17.88 -63.08
CA SER E 10 -78.30 18.42 -64.17
C SER E 10 -77.68 19.68 -64.77
N THR E 11 -76.62 27.46 -63.48
CA THR E 11 -75.23 27.17 -63.13
C THR E 11 -75.12 25.76 -62.57
N ALA E 12 -74.22 24.95 -63.15
CA ALA E 12 -73.95 23.59 -62.66
C ALA E 12 -72.83 23.63 -61.64
N ARG E 13 -72.99 22.90 -60.55
CA ARG E 13 -71.96 22.86 -59.54
C ARG E 13 -71.61 21.42 -59.19
N ILE E 14 -70.35 21.06 -59.39
CA ILE E 14 -69.87 19.73 -59.10
C ILE E 14 -69.03 19.73 -57.84
N THR E 15 -69.49 19.00 -56.84
CA THR E 15 -68.81 18.98 -55.56
C THR E 15 -67.82 17.81 -55.48
N CYS E 16 -66.75 18.02 -54.74
CA CYS E 16 -65.70 17.02 -54.50
C CYS E 16 -65.28 17.03 -53.04
N GLY E 17 -65.71 16.03 -52.29
CA GLY E 17 -65.44 15.96 -50.87
C GLY E 17 -64.14 15.25 -50.56
N GLY E 18 -63.61 15.50 -49.38
CA GLY E 18 -62.39 14.84 -48.91
C GLY E 18 -62.08 15.24 -47.48
N ASN E 19 -61.02 14.68 -46.91
CA ASN E 19 -60.66 14.97 -45.53
C ASN E 19 -59.78 16.21 -45.44
N ASN E 20 -60.37 17.31 -45.00
CA ASN E 20 -59.67 18.58 -44.96
C ASN E 20 -59.04 18.87 -46.31
N ILE E 21 -59.84 18.74 -47.36
CA ILE E 21 -59.41 18.91 -48.73
C ILE E 21 -58.85 20.30 -48.97
N GLU E 22 -59.18 21.25 -48.10
CA GLU E 22 -58.67 22.61 -48.20
C GLU E 22 -57.15 22.64 -48.29
N ARG E 23 -56.48 21.72 -47.59
CA ARG E 23 -55.02 21.71 -47.58
C ARG E 23 -54.41 21.13 -48.85
N LYS E 24 -55.23 20.55 -49.70
CA LYS E 24 -54.75 19.96 -50.95
C LYS E 24 -55.22 20.76 -52.15
N SER E 25 -54.41 20.81 -53.19
CA SER E 25 -54.83 21.46 -54.42
C SER E 25 -55.74 20.56 -55.21
N VAL E 26 -56.87 21.09 -55.64
CA VAL E 26 -57.81 20.32 -56.45
C VAL E 26 -57.76 20.72 -57.90
N HIS E 27 -57.66 19.73 -58.78
CA HIS E 27 -57.61 19.97 -60.21
C HIS E 27 -58.77 19.26 -60.87
N TRP E 28 -59.24 19.81 -61.99
CA TRP E 28 -60.38 19.22 -62.69
C TRP E 28 -60.08 18.99 -64.15
N CYS E 29 -60.52 17.84 -64.67
CA CYS E 29 -60.38 17.57 -66.09
C CYS E 29 -61.71 17.11 -66.68
N GLN E 30 -61.94 17.47 -67.94
CA GLN E 30 -63.19 17.18 -68.62
C GLN E 30 -63.01 16.13 -69.70
N GLN E 31 -63.77 15.05 -69.61
CA GLN E 31 -63.71 14.01 -70.61
C GLN E 31 -65.02 13.86 -71.37
N LYS E 32 -64.99 14.15 -72.66
CA LYS E 32 -66.17 13.98 -73.49
C LYS E 32 -66.18 12.55 -74.03
N PRO E 33 -67.35 11.97 -74.29
CA PRO E 33 -67.52 10.64 -74.83
C PRO E 33 -66.69 10.45 -76.08
N GLY E 34 -65.87 9.40 -76.10
CA GLY E 34 -65.03 9.08 -77.25
C GLY E 34 -63.76 9.92 -77.31
N GLN E 35 -63.53 10.74 -76.30
CA GLN E 35 -62.38 11.64 -76.29
C GLN E 35 -61.54 11.52 -75.02
N ALA E 36 -60.29 11.92 -75.12
CA ALA E 36 -59.40 11.98 -73.96
C ALA E 36 -59.82 13.14 -73.06
N PRO E 37 -59.52 13.06 -71.75
CA PRO E 37 -59.69 14.13 -70.78
C PRO E 37 -58.84 15.34 -71.14
N ALA E 38 -59.27 16.51 -70.70
CA ALA E 38 -58.47 17.73 -70.85
C ALA E 38 -58.55 18.58 -69.59
N LEU E 39 -57.44 19.22 -69.24
CA LEU E 39 -57.42 20.04 -68.03
C LEU E 39 -58.30 21.27 -68.18
N VAL E 40 -59.17 21.50 -67.21
CA VAL E 40 -60.06 22.65 -67.23
C VAL E 40 -59.69 23.65 -66.14
N VAL E 41 -59.47 23.13 -64.93
CA VAL E 41 -59.07 23.96 -63.79
C VAL E 41 -57.91 23.30 -63.06
N TYR E 42 -56.97 24.10 -62.59
CA TYR E 42 -55.87 23.59 -61.80
C TYR E 42 -55.57 24.51 -60.64
N ASP E 43 -54.93 23.98 -59.60
CA ASP E 43 -54.62 24.79 -58.44
C ASP E 43 -55.88 25.50 -57.94
N ASP E 44 -56.96 24.73 -57.79
CA ASP E 44 -58.24 25.19 -57.26
C ASP E 44 -59.07 26.03 -58.24
N SER E 45 -58.51 27.14 -58.71
CA SER E 45 -59.31 28.07 -59.52
C SER E 45 -58.62 28.62 -60.75
N ASP E 46 -57.39 28.20 -61.04
CA ASP E 46 -56.69 28.73 -62.21
C ASP E 46 -57.12 27.99 -63.47
N ARG E 47 -57.14 28.70 -64.59
CA ARG E 47 -57.46 28.07 -65.87
C ARG E 47 -56.27 28.10 -66.80
N PRO E 48 -56.08 27.05 -67.60
CA PRO E 48 -55.15 26.98 -68.71
C PRO E 48 -55.73 27.73 -69.90
N SER E 49 -54.88 28.18 -70.79
CA SER E 49 -55.36 28.90 -71.96
C SER E 49 -56.32 28.03 -72.77
N GLY E 50 -57.38 28.66 -73.27
CA GLY E 50 -58.37 27.96 -74.08
C GLY E 50 -59.65 27.63 -73.32
N ILE E 51 -59.60 27.72 -71.99
CA ILE E 51 -60.77 27.45 -71.17
C ILE E 51 -61.57 28.72 -70.89
N PRO E 52 -62.86 28.76 -71.27
CA PRO E 52 -63.78 29.87 -71.08
C PRO E 52 -63.88 30.31 -69.62
N GLU E 53 -64.12 31.59 -69.44
CA GLU E 53 -64.24 32.20 -68.11
C GLU E 53 -65.43 31.65 -67.33
N ARG E 54 -66.26 30.87 -68.02
CA ARG E 54 -67.43 30.25 -67.42
C ARG E 54 -67.01 29.24 -66.36
N PHE E 55 -65.78 28.74 -66.47
CA PHE E 55 -65.28 27.73 -65.56
C PHE E 55 -64.52 28.35 -64.38
N SER E 56 -65.05 28.15 -63.19
CA SER E 56 -64.44 28.67 -61.98
C SER E 56 -64.56 27.64 -60.90
N GLY E 57 -64.02 27.93 -59.72
CA GLY E 57 -64.11 26.95 -58.65
C GLY E 57 -63.57 27.49 -57.34
N SER E 58 -63.68 26.67 -56.31
CA SER E 58 -63.24 27.04 -54.98
C SER E 58 -62.86 25.80 -54.19
N ASN E 59 -62.17 26.01 -53.08
CA ASN E 59 -61.74 24.91 -52.23
C ASN E 59 -61.72 25.35 -50.77
N SER E 60 -62.60 24.78 -49.96
CA SER E 60 -62.71 25.18 -48.56
C SER E 60 -63.20 24.05 -47.67
N GLY E 61 -62.63 23.96 -46.47
CA GLY E 61 -63.06 22.97 -45.50
C GLY E 61 -62.88 21.56 -46.01
N ASN E 62 -63.98 20.81 -46.04
CA ASN E 62 -63.96 19.42 -46.47
C ASN E 62 -64.58 19.23 -47.85
N THR E 63 -64.67 20.31 -48.62
CA THR E 63 -65.25 20.20 -49.96
C THR E 63 -64.65 21.20 -50.96
N ALA E 64 -64.57 20.77 -52.21
CA ALA E 64 -64.16 21.62 -53.32
C ALA E 64 -65.25 21.63 -54.37
N THR E 65 -65.36 22.71 -55.13
CA THR E 65 -66.41 22.81 -56.12
C THR E 65 -65.91 23.32 -57.47
N LEU E 66 -66.39 22.68 -58.54
CA LEU E 66 -66.22 23.20 -59.88
C LEU E 66 -67.53 23.84 -60.33
N THR E 67 -67.48 25.13 -60.61
CA THR E 67 -68.68 25.86 -60.96
C THR E 67 -68.66 26.23 -62.43
N ILE E 68 -69.70 25.82 -63.14
CA ILE E 68 -69.78 26.12 -64.57
C ILE E 68 -71.00 26.97 -64.85
N SER E 69 -70.78 28.25 -65.11
CA SER E 69 -71.89 29.16 -65.35
C SER E 69 -72.33 29.06 -66.80
N ARG E 70 -73.53 29.54 -67.08
CA ARG E 70 -74.02 29.55 -68.45
C ARG E 70 -73.73 28.22 -69.14
N VAL E 71 -74.20 27.14 -68.54
CA VAL E 71 -73.90 25.79 -69.01
C VAL E 71 -74.47 25.56 -70.40
N GLU E 72 -73.63 25.01 -71.28
CA GLU E 72 -74.00 24.74 -72.66
C GLU E 72 -74.17 23.24 -72.88
N ALA E 73 -74.83 22.86 -73.96
CA ALA E 73 -74.97 21.45 -74.32
C ALA E 73 -73.60 20.85 -74.63
N GLY E 74 -72.65 21.69 -74.99
CA GLY E 74 -71.31 21.24 -75.34
C GLY E 74 -70.50 20.87 -74.10
N ASP E 75 -71.08 21.08 -72.92
CA ASP E 75 -70.42 20.77 -71.67
C ASP E 75 -70.82 19.40 -71.13
N GLU E 76 -71.63 18.67 -71.90
CA GLU E 76 -72.10 17.37 -71.43
C GLU E 76 -70.95 16.38 -71.44
N ALA E 77 -70.23 16.35 -70.33
CA ALA E 77 -69.00 15.57 -70.20
C ALA E 77 -68.82 15.07 -68.77
N ASP E 78 -67.91 14.12 -68.61
CA ASP E 78 -67.55 13.60 -67.29
C ASP E 78 -66.43 14.41 -66.68
N TYR E 79 -66.72 15.09 -65.58
CA TYR E 79 -65.71 15.93 -64.94
C TYR E 79 -65.11 15.21 -63.74
N TYR E 80 -63.79 15.09 -63.73
CA TYR E 80 -63.12 14.38 -62.66
C TYR E 80 -62.39 15.30 -61.72
N CYS E 81 -62.49 15.01 -60.43
CA CYS E 81 -61.76 15.71 -59.37
C CYS E 81 -60.50 14.93 -59.01
N GLN E 82 -59.35 15.60 -59.01
CA GLN E 82 -58.12 14.92 -58.63
C GLN E 82 -57.21 15.76 -57.73
N VAL E 83 -56.47 15.09 -56.86
CA VAL E 83 -55.46 15.74 -56.03
C VAL E 83 -54.16 14.94 -56.04
N TRP E 84 -53.07 15.55 -55.61
CA TRP E 84 -51.85 14.81 -55.36
C TRP E 84 -51.72 14.45 -53.89
N ASP E 85 -51.61 13.16 -53.60
CA ASP E 85 -51.44 12.71 -52.23
C ASP E 85 -49.97 12.58 -51.88
N SER E 86 -49.43 13.57 -51.17
CA SER E 86 -48.02 13.61 -50.86
C SER E 86 -47.67 12.55 -49.82
N GLY E 87 -48.68 11.95 -49.20
CA GLY E 87 -48.46 10.92 -48.21
C GLY E 87 -48.08 9.59 -48.84
N SER E 88 -48.48 9.39 -50.09
CA SER E 88 -48.21 8.14 -50.78
C SER E 88 -47.69 8.36 -52.19
N ASP E 89 -47.55 9.63 -52.57
CA ASP E 89 -47.09 10.00 -53.90
C ASP E 89 -47.96 9.41 -55.00
N GLN E 90 -49.27 9.54 -54.84
CA GLN E 90 -50.20 9.06 -55.85
C GLN E 90 -51.16 10.15 -56.29
N VAL E 91 -51.62 10.07 -57.53
CA VAL E 91 -52.70 10.93 -57.99
C VAL E 91 -54.01 10.26 -57.67
N ILE E 92 -54.85 10.95 -56.94
CA ILE E 92 -56.12 10.39 -56.50
C ILE E 92 -57.25 10.97 -57.31
N PHE E 93 -58.02 10.10 -57.96
CA PHE E 93 -59.16 10.55 -58.75
C PHE E 93 -60.47 10.21 -58.07
N GLY E 94 -61.47 11.06 -58.26
CA GLY E 94 -62.83 10.77 -57.81
C GLY E 94 -63.55 9.92 -58.84
N GLY E 95 -64.79 9.56 -58.56
CA GLY E 95 -65.58 8.72 -59.46
C GLY E 95 -65.84 9.39 -60.80
N GLY E 96 -66.04 10.70 -60.78
CA GLY E 96 -66.36 11.45 -61.98
C GLY E 96 -67.84 11.82 -62.02
N THR E 97 -68.13 13.08 -62.32
CA THR E 97 -69.50 13.57 -62.35
C THR E 97 -69.93 13.90 -63.77
N LYS E 98 -71.02 13.28 -64.23
CA LYS E 98 -71.54 13.53 -65.57
C LYS E 98 -72.53 14.68 -65.59
N LEU E 99 -72.38 15.60 -66.53
CA LEU E 99 -73.39 16.65 -66.68
C LEU E 99 -74.44 16.30 -67.71
N THR E 100 -75.66 16.72 -67.43
CA THR E 100 -76.78 16.61 -68.35
C THR E 100 -77.57 17.92 -68.36
N GLN F 14 -34.81 -6.17 54.72
CA GLN F 14 -35.79 -5.58 53.82
C GLN F 14 -35.49 -4.09 53.61
N CYS F 15 -36.29 -3.44 52.76
CA CYS F 15 -36.10 -2.04 52.43
C CYS F 15 -36.77 -1.14 53.46
N VAL F 16 -36.07 -0.08 53.84
CA VAL F 16 -36.57 0.92 54.77
C VAL F 16 -36.54 2.30 54.14
N ASN F 17 -37.66 3.01 54.19
CA ASN F 17 -37.78 4.37 53.66
C ASN F 17 -37.11 5.38 54.59
N LEU F 18 -36.22 6.21 54.03
CA LEU F 18 -35.53 7.24 54.80
C LEU F 18 -35.82 8.62 54.23
N ALA F 27 -24.85 22.50 46.43
CA ALA F 27 -23.54 22.98 46.84
C ALA F 27 -22.45 22.49 45.89
N TYR F 28 -21.48 23.36 45.60
CA TYR F 28 -20.36 23.04 44.70
C TYR F 28 -19.04 23.45 45.31
N THR F 29 -18.00 22.71 45.01
CA THR F 29 -16.64 23.05 45.42
C THR F 29 -15.68 22.95 44.25
N ASN F 30 -14.50 23.54 44.41
CA ASN F 30 -13.48 23.53 43.36
C ASN F 30 -12.69 22.23 43.37
N SER F 31 -12.52 21.62 42.20
CA SER F 31 -11.77 20.37 42.09
C SER F 31 -10.27 20.59 42.21
N PHE F 32 -9.85 21.84 42.08
CA PHE F 32 -8.43 22.18 42.06
C PHE F 32 -7.67 21.29 41.10
N THR F 33 -6.71 20.53 41.61
CA THR F 33 -5.89 19.66 40.78
C THR F 33 -6.04 18.20 41.20
N ARG F 34 -7.18 17.88 41.80
CA ARG F 34 -7.46 16.50 42.24
C ARG F 34 -8.06 15.69 41.09
N GLY F 35 -8.05 14.37 41.25
CA GLY F 35 -8.73 13.48 40.30
C GLY F 35 -7.78 12.91 39.25
N VAL F 36 -6.49 13.12 39.44
CA VAL F 36 -5.49 12.57 38.54
C VAL F 36 -5.03 11.21 39.03
N TYR F 37 -4.96 10.26 38.11
CA TYR F 37 -4.60 8.90 38.43
C TYR F 37 -3.60 8.37 37.42
N TYR F 38 -2.91 7.29 37.78
CA TYR F 38 -1.98 6.65 36.86
C TYR F 38 -2.74 6.02 35.70
N PRO F 39 -2.59 6.56 34.49
CA PRO F 39 -3.36 6.23 33.30
C PRO F 39 -3.12 4.81 32.83
N ASP F 40 -1.99 4.24 33.23
CA ASP F 40 -1.66 2.87 32.86
C ASP F 40 -0.75 2.23 33.89
N LYS F 41 -0.25 1.04 33.58
CA LYS F 41 0.55 0.27 34.52
C LYS F 41 2.01 0.24 34.09
N VAL F 42 2.44 1.29 33.41
CA VAL F 42 3.80 1.38 32.93
C VAL F 42 4.63 2.25 33.85
N PHE F 43 5.77 1.74 34.28
CA PHE F 43 6.68 2.53 35.10
C PHE F 43 7.45 3.53 34.25
N ARG F 44 7.38 4.78 34.66
CA ARG F 44 8.13 5.85 34.02
C ARG F 44 8.79 6.66 35.10
N SER F 45 9.93 7.27 34.81
CA SER F 45 10.59 8.09 35.80
C SER F 45 11.32 9.26 35.18
N SER F 46 11.42 10.35 35.92
CA SER F 46 12.14 11.53 35.49
C SER F 46 11.76 11.91 34.06
N VAL F 47 10.47 11.97 33.79
CA VAL F 47 10.00 12.23 32.44
C VAL F 47 8.63 12.90 32.44
N LEU F 48 8.38 13.73 31.45
CA LEU F 48 7.06 14.30 31.25
C LEU F 48 6.32 13.54 30.16
N HIS F 49 5.22 12.92 30.52
CA HIS F 49 4.48 12.07 29.60
C HIS F 49 3.11 12.65 29.27
N SER F 50 2.84 12.79 27.99
CA SER F 50 1.54 13.29 27.55
C SER F 50 0.59 12.15 27.30
N THR F 51 -0.55 12.18 27.95
CA THR F 51 -1.54 11.12 27.84
C THR F 51 -2.94 11.67 27.64
N GLN F 52 -3.72 11.00 26.82
CA GLN F 52 -5.12 11.36 26.64
C GLN F 52 -6.02 10.32 27.27
N ASP F 53 -6.81 10.73 28.25
CA ASP F 53 -7.66 9.82 28.99
C ASP F 53 -8.80 10.56 29.66
N LEU F 54 -9.65 9.81 30.36
CA LEU F 54 -10.75 10.42 31.08
C LEU F 54 -10.30 10.92 32.44
N PHE F 55 -10.13 12.23 32.55
CA PHE F 55 -9.63 12.85 33.76
C PHE F 55 -10.63 13.86 34.27
N LEU F 56 -10.56 14.14 35.57
CA LEU F 56 -11.33 15.24 36.13
C LEU F 56 -10.62 16.54 35.75
N PRO F 57 -11.28 17.43 34.98
CA PRO F 57 -10.74 18.70 34.54
C PRO F 57 -10.33 19.52 35.74
N PHE F 58 -9.25 20.25 35.61
CA PHE F 58 -8.77 21.08 36.71
C PHE F 58 -9.71 22.23 36.96
N PHE F 59 -9.88 22.56 38.23
CA PHE F 59 -10.74 23.66 38.63
C PHE F 59 -12.15 23.49 38.11
N SER F 60 -12.66 22.27 38.21
CA SER F 60 -13.98 21.91 37.73
C SER F 60 -15.01 22.05 38.84
N ASN F 61 -16.28 21.98 38.42
CA ASN F 61 -17.41 22.07 39.38
C ASN F 61 -17.70 20.70 39.95
N VAL F 62 -17.40 20.54 41.22
CA VAL F 62 -17.66 19.28 41.90
C VAL F 62 -18.84 19.43 42.84
N THR F 63 -19.83 18.54 42.70
CA THR F 63 -21.03 18.67 43.51
C THR F 63 -20.78 18.11 44.90
N TRP F 64 -21.18 18.87 45.91
CA TRP F 64 -20.94 18.50 47.30
C TRP F 64 -22.21 17.98 47.96
N PHE F 65 -22.19 16.72 48.37
CA PHE F 65 -23.36 16.07 48.93
C PHE F 65 -23.22 15.82 50.42
N HIS F 66 -24.36 15.80 51.13
CA HIS F 66 -24.42 15.51 52.56
C HIS F 66 -25.34 14.32 52.81
N LYS F 77 -33.84 17.08 61.53
CA LYS F 77 -32.94 16.15 60.86
C LYS F 77 -33.56 15.67 59.54
N ARG F 78 -32.69 15.22 58.62
CA ARG F 78 -33.12 14.80 57.29
C ARG F 78 -32.13 13.83 56.67
N PHE F 79 -32.59 13.07 55.69
CA PHE F 79 -31.73 12.17 54.93
C PHE F 79 -31.91 12.38 53.43
N ASP F 80 -30.81 12.52 52.72
CA ASP F 80 -30.85 12.73 51.29
C ASP F 80 -29.62 12.12 50.62
N ASN F 81 -29.82 11.02 49.90
CA ASN F 81 -28.71 10.31 49.28
C ASN F 81 -29.08 9.86 47.87
N PRO F 82 -29.13 10.80 46.92
CA PRO F 82 -29.75 10.71 45.62
C PRO F 82 -28.96 9.81 44.68
N VAL F 83 -29.64 9.29 43.66
CA VAL F 83 -28.95 8.56 42.61
C VAL F 83 -28.43 9.51 41.57
N LEU F 84 -27.14 9.40 41.28
CA LEU F 84 -26.46 10.32 40.39
C LEU F 84 -26.10 9.62 39.09
N PRO F 85 -25.97 10.35 38.00
CA PRO F 85 -25.52 9.88 36.72
C PRO F 85 -24.05 9.49 36.80
N PHE F 86 -23.66 8.52 35.99
CA PHE F 86 -22.27 8.08 35.92
C PHE F 86 -21.55 8.76 34.78
N ASN F 87 -22.29 9.08 33.74
CA ASN F 87 -21.74 9.69 32.54
C ASN F 87 -20.58 8.87 31.99
N ASP F 88 -19.41 9.51 31.84
CA ASP F 88 -18.25 8.84 31.25
C ASP F 88 -17.30 8.32 32.31
N GLY F 89 -17.67 8.49 33.56
CA GLY F 89 -16.81 8.11 34.66
C GLY F 89 -16.95 9.10 35.80
N VAL F 90 -16.63 8.64 37.01
CA VAL F 90 -16.90 9.43 38.19
C VAL F 90 -15.70 9.61 39.09
N TYR F 91 -15.51 10.84 39.55
CA TYR F 91 -14.58 11.13 40.63
C TYR F 91 -15.35 11.24 41.93
N PHE F 92 -14.94 10.47 42.92
CA PHE F 92 -15.63 10.43 44.20
C PHE F 92 -14.67 10.67 45.34
N ALA F 93 -15.06 11.49 46.28
CA ALA F 93 -14.21 11.73 47.44
C ALA F 93 -15.02 11.97 48.70
N SER F 94 -14.47 11.60 49.84
CA SER F 94 -15.12 11.88 51.10
C SER F 94 -14.10 12.11 52.22
N THR F 95 -14.45 12.98 53.15
CA THR F 95 -13.61 13.24 54.31
C THR F 95 -14.35 12.90 55.58
N GLU F 96 -13.85 11.91 56.31
CA GLU F 96 -14.52 11.47 57.52
C GLU F 96 -13.64 10.58 58.38
N LYS F 97 -13.96 10.52 59.66
CA LYS F 97 -13.32 9.57 60.56
C LYS F 97 -14.34 8.56 61.10
N SER F 98 -15.57 8.67 60.63
CA SER F 98 -16.67 7.84 61.12
C SER F 98 -16.98 6.67 60.19
N ASN F 99 -16.25 6.59 59.07
CA ASN F 99 -16.45 5.52 58.11
C ASN F 99 -17.92 5.38 57.72
N ILE F 100 -18.52 6.48 57.29
CA ILE F 100 -19.91 6.46 56.87
C ILE F 100 -20.06 5.89 55.47
N ILE F 101 -19.14 6.24 54.57
CA ILE F 101 -19.20 5.71 53.22
C ILE F 101 -18.66 4.30 53.19
N ARG F 102 -19.50 3.36 52.78
CA ARG F 102 -19.15 1.95 52.83
C ARG F 102 -19.06 1.32 51.46
N GLY F 103 -19.75 1.89 50.50
CA GLY F 103 -19.78 1.27 49.19
C GLY F 103 -20.57 2.08 48.19
N TRP F 104 -20.82 1.48 47.04
CA TRP F 104 -21.55 2.12 45.95
C TRP F 104 -22.39 1.13 45.18
N ILE F 105 -23.43 1.63 44.55
CA ILE F 105 -24.19 0.86 43.58
C ILE F 105 -24.01 1.46 42.21
N PHE F 106 -23.67 0.64 41.23
CA PHE F 106 -23.56 1.09 39.86
C PHE F 106 -24.48 0.27 38.98
N GLY F 107 -25.13 0.92 38.03
CA GLY F 107 -25.99 0.20 37.09
C GLY F 107 -26.81 1.16 36.25
N THR F 108 -27.97 0.68 35.80
CA THR F 108 -28.84 1.48 34.95
C THR F 108 -30.18 1.69 35.63
N THR F 109 -31.04 0.67 35.56
CA THR F 109 -32.35 0.74 36.19
C THR F 109 -32.24 0.53 37.70
N LEU F 110 -31.14 -0.08 38.12
CA LEU F 110 -30.92 -0.39 39.52
C LEU F 110 -32.04 -1.26 40.08
N ASP F 111 -32.54 -2.16 39.26
CA ASP F 111 -33.57 -3.10 39.67
C ASP F 111 -33.32 -4.46 39.02
N SER F 112 -34.22 -5.40 39.26
CA SER F 112 -34.01 -6.79 38.86
C SER F 112 -34.00 -6.99 37.35
N LYS F 113 -34.35 -5.96 36.60
CA LYS F 113 -34.43 -6.09 35.15
C LYS F 113 -33.06 -6.19 34.49
N THR F 114 -32.04 -5.60 35.11
CA THR F 114 -30.71 -5.58 34.50
C THR F 114 -29.62 -5.93 35.50
N GLN F 115 -28.43 -6.22 34.99
CA GLN F 115 -27.29 -6.47 35.86
C GLN F 115 -26.79 -5.19 36.49
N SER F 116 -26.47 -5.25 37.77
CA SER F 116 -25.92 -4.09 38.46
C SER F 116 -24.73 -4.49 39.32
N LEU F 117 -23.83 -3.55 39.51
CA LEU F 117 -22.61 -3.77 40.28
C LEU F 117 -22.71 -3.23 41.68
N LEU F 118 -22.49 -4.08 42.66
CA LEU F 118 -22.56 -3.70 44.06
C LEU F 118 -21.20 -3.82 44.73
N ILE F 119 -20.70 -2.71 45.26
CA ILE F 119 -19.44 -2.71 45.98
C ILE F 119 -19.66 -2.34 47.44
N VAL F 120 -19.41 -3.28 48.34
CA VAL F 120 -19.60 -3.01 49.77
C VAL F 120 -18.37 -3.40 50.59
N ASN F 121 -17.89 -2.48 51.41
CA ASN F 121 -16.77 -2.75 52.29
C ASN F 121 -17.25 -3.01 53.71
N ASN F 122 -16.66 -4.00 54.36
CA ASN F 122 -16.86 -4.25 55.79
C ASN F 122 -15.52 -4.30 56.52
N ALA F 123 -15.54 -4.74 57.78
CA ALA F 123 -14.37 -4.69 58.65
C ALA F 123 -13.19 -5.51 58.13
N THR F 124 -13.46 -6.60 57.43
CA THR F 124 -12.40 -7.53 57.08
C THR F 124 -12.20 -7.67 55.57
N ASN F 125 -13.25 -7.40 54.80
CA ASN F 125 -13.21 -7.65 53.36
C ASN F 125 -14.07 -6.68 52.59
N VAL F 126 -13.80 -6.56 51.29
CA VAL F 126 -14.69 -5.87 50.38
C VAL F 126 -15.37 -6.88 49.46
N VAL F 127 -16.67 -6.76 49.34
CA VAL F 127 -17.43 -7.67 48.51
C VAL F 127 -17.95 -6.98 47.27
N ILE F 128 -17.55 -7.48 46.12
CA ILE F 128 -17.98 -6.91 44.86
C ILE F 128 -18.75 -7.94 44.05
N LYS F 129 -20.01 -7.62 43.77
CA LYS F 129 -20.88 -8.57 43.09
C LYS F 129 -21.61 -7.93 41.93
N VAL F 130 -21.86 -8.71 40.89
CA VAL F 130 -22.72 -8.27 39.80
C VAL F 130 -23.89 -9.23 39.65
N CYS F 131 -25.10 -8.74 39.92
CA CYS F 131 -26.29 -9.56 39.98
C CYS F 131 -27.50 -8.78 39.49
N GLU F 132 -28.61 -9.48 39.32
CA GLU F 132 -29.86 -8.81 39.00
C GLU F 132 -30.51 -8.31 40.27
N PHE F 133 -29.86 -7.33 40.89
CA PHE F 133 -30.26 -6.84 42.20
C PHE F 133 -31.55 -6.05 42.13
N GLN F 134 -32.39 -6.22 43.12
CA GLN F 134 -33.54 -5.35 43.27
C GLN F 134 -33.27 -4.37 44.41
N PHE F 135 -32.78 -3.19 44.05
CA PHE F 135 -32.27 -2.28 45.06
C PHE F 135 -33.39 -1.49 45.71
N CYS F 136 -33.17 -1.10 46.97
CA CYS F 136 -34.07 -0.24 47.72
C CYS F 136 -33.97 1.20 47.22
N ASN F 137 -35.02 1.97 47.45
CA ASN F 137 -34.97 3.39 47.09
C ASN F 137 -33.97 4.14 47.97
N ASP F 138 -33.86 3.68 49.22
CA ASP F 138 -32.90 4.24 50.16
C ASP F 138 -32.06 3.14 50.79
N PRO F 139 -31.09 2.57 50.05
CA PRO F 139 -30.22 1.49 50.46
C PRO F 139 -29.21 1.98 51.47
N PHE F 140 -28.92 1.15 52.47
CA PHE F 140 -27.94 1.52 53.47
C PHE F 140 -27.55 0.33 54.33
N LEU F 141 -26.53 0.52 55.15
CA LEU F 141 -26.19 -0.43 56.18
C LEU F 141 -26.56 0.16 57.54
N GLY F 142 -27.49 -0.46 58.22
CA GLY F 142 -27.97 0.06 59.50
C GLY F 142 -27.03 -0.33 60.62
N VAL F 143 -26.31 0.65 61.15
CA VAL F 143 -25.30 0.39 62.15
C VAL F 143 -25.83 0.56 63.56
N TYR F 144 -25.57 -0.40 64.41
CA TYR F 144 -25.99 -0.34 65.79
C TYR F 144 -25.02 -1.10 66.67
N TYR F 145 -25.04 -0.79 67.96
CA TYR F 145 -24.23 -1.55 68.91
C TYR F 145 -25.04 -2.70 69.46
N HIS F 146 -24.50 -3.90 69.37
CA HIS F 146 -25.25 -5.08 69.75
C HIS F 146 -25.56 -5.06 71.23
N LYS F 147 -26.83 -4.84 71.55
CA LYS F 147 -27.26 -4.72 72.94
C LYS F 147 -26.46 -3.66 73.67
N ASN F 148 -26.18 -2.56 72.98
CA ASN F 148 -25.46 -1.43 73.55
C ASN F 148 -24.05 -1.78 74.03
N ASN F 149 -23.45 -2.82 73.44
CA ASN F 149 -22.05 -3.16 73.64
C ASN F 149 -21.19 -2.37 72.65
N LYS F 150 -20.54 -1.32 73.12
CA LYS F 150 -19.82 -0.40 72.25
C LYS F 150 -18.55 -1.01 71.68
N SER F 151 -18.19 -2.18 72.20
CA SER F 151 -17.03 -2.89 71.70
C SER F 151 -17.44 -3.94 70.67
N TRP F 152 -18.73 -3.99 70.38
CA TRP F 152 -19.28 -4.97 69.45
C TRP F 152 -20.31 -4.35 68.53
N MET F 153 -19.85 -3.85 67.40
CA MET F 153 -20.73 -3.20 66.44
C MET F 153 -21.25 -4.20 65.42
N GLU F 154 -22.53 -4.05 65.08
CA GLU F 154 -23.18 -4.91 64.10
C GLU F 154 -23.95 -4.06 63.10
N SER F 155 -24.21 -4.62 61.93
CA SER F 155 -24.94 -3.87 60.92
C SER F 155 -26.03 -4.69 60.24
N GLU F 156 -27.12 -4.02 59.88
CA GLU F 156 -28.18 -4.63 59.12
C GLU F 156 -28.03 -4.27 57.65
N PHE F 157 -27.80 -5.28 56.84
CA PHE F 157 -27.58 -5.06 55.42
C PHE F 157 -28.91 -4.86 54.71
N ARG F 158 -29.19 -3.62 54.34
CA ARG F 158 -30.48 -3.28 53.75
C ARG F 158 -30.29 -2.53 52.44
N VAL F 159 -29.68 -3.21 51.48
CA VAL F 159 -29.34 -2.58 50.21
C VAL F 159 -30.28 -3.04 49.11
N TYR F 160 -30.58 -4.33 49.10
CA TYR F 160 -31.43 -4.93 48.09
C TYR F 160 -32.34 -5.98 48.71
N SER F 161 -33.45 -6.27 48.01
CA SER F 161 -34.39 -7.30 48.45
C SER F 161 -34.09 -8.64 47.77
N SER F 162 -33.36 -8.60 46.66
CA SER F 162 -32.99 -9.81 45.94
C SER F 162 -31.68 -9.64 45.20
N ALA F 163 -31.02 -10.76 44.90
CA ALA F 163 -29.76 -10.75 44.16
C ALA F 163 -29.64 -11.99 43.29
N ASN F 164 -30.45 -12.03 42.24
CA ASN F 164 -30.57 -13.24 41.43
C ASN F 164 -29.54 -13.30 40.31
N ASN F 165 -29.20 -14.53 39.89
CA ASN F 165 -28.40 -14.76 38.70
C ASN F 165 -27.09 -13.95 38.70
N CYS F 166 -26.33 -14.06 39.78
CA CYS F 166 -25.04 -13.37 39.89
C CYS F 166 -24.04 -13.89 38.87
N THR F 167 -23.39 -12.96 38.16
CA THR F 167 -22.48 -13.32 37.09
C THR F 167 -21.03 -13.11 37.50
N PHE F 168 -20.81 -12.27 38.50
CA PHE F 168 -19.46 -11.94 38.96
C PHE F 168 -19.42 -11.78 40.46
N GLU F 169 -18.37 -12.29 41.07
CA GLU F 169 -18.15 -12.05 42.49
C GLU F 169 -16.66 -11.99 42.81
N TYR F 170 -16.29 -11.00 43.61
CA TYR F 170 -14.91 -10.78 43.98
C TYR F 170 -14.81 -10.33 45.43
N VAL F 171 -13.92 -10.96 46.18
CA VAL F 171 -13.73 -10.58 47.57
C VAL F 171 -12.26 -10.36 47.88
N SER F 172 -11.95 -9.21 48.47
CA SER F 172 -10.57 -8.89 48.81
C SER F 172 -10.49 -8.02 50.06
N GLN F 173 -9.38 -7.34 50.23
CA GLN F 173 -9.17 -6.49 51.39
C GLN F 173 -9.98 -5.21 51.26
N PRO F 174 -10.48 -4.66 52.37
CA PRO F 174 -11.29 -3.47 52.46
C PRO F 174 -10.46 -2.25 52.15
N PHE F 175 -11.07 -1.26 51.52
CA PHE F 175 -10.39 0.00 51.24
C PHE F 175 -11.17 1.23 51.70
N LEU F 176 -11.96 1.07 52.77
CA LEU F 176 -12.71 2.16 53.38
C LEU F 176 -12.64 2.06 54.90
N LYS F 187 -10.90 14.17 58.80
CA LYS F 187 -9.46 14.31 58.60
C LYS F 187 -8.95 13.39 57.47
N ASN F 188 -9.49 12.17 57.41
CA ASN F 188 -9.05 11.18 56.42
C ASN F 188 -9.81 11.35 55.11
N LEU F 189 -9.10 11.79 54.07
CA LEU F 189 -9.70 12.01 52.77
C LEU F 189 -9.51 10.80 51.89
N ARG F 190 -10.62 10.24 51.43
CA ARG F 190 -10.58 9.06 50.58
C ARG F 190 -11.08 9.41 49.19
N GLU F 191 -10.23 9.19 48.19
CA GLU F 191 -10.56 9.54 46.82
C GLU F 191 -10.65 8.32 45.94
N PHE F 192 -11.61 8.32 45.02
CA PHE F 192 -11.79 7.22 44.09
C PHE F 192 -12.08 7.72 42.69
N VAL F 193 -11.62 6.96 41.70
CA VAL F 193 -12.02 7.20 40.33
C VAL F 193 -12.64 5.95 39.74
N PHE F 194 -13.85 6.08 39.22
CA PHE F 194 -14.57 4.96 38.68
C PHE F 194 -14.73 5.08 37.17
N LYS F 195 -14.11 4.16 36.45
CA LYS F 195 -14.22 4.12 35.00
C LYS F 195 -14.91 2.86 34.55
N ASN F 196 -15.75 2.97 33.54
CA ASN F 196 -16.38 1.79 32.94
C ASN F 196 -16.06 1.77 31.46
N ILE F 197 -15.04 0.99 31.10
CA ILE F 197 -14.50 1.07 29.75
C ILE F 197 -13.81 -0.23 29.33
N ASP F 198 -13.95 -0.58 28.05
CA ASP F 198 -13.26 -1.72 27.45
C ASP F 198 -13.46 -3.01 28.22
N GLY F 199 -14.67 -3.22 28.73
CA GLY F 199 -15.00 -4.48 29.38
C GLY F 199 -14.58 -4.53 30.85
N TYR F 200 -13.98 -3.45 31.33
CA TYR F 200 -13.54 -3.41 32.72
C TYR F 200 -14.18 -2.27 33.51
N PHE F 201 -14.43 -2.53 34.78
CA PHE F 201 -14.76 -1.46 35.71
C PHE F 201 -13.52 -1.16 36.52
N LYS F 202 -12.88 -0.04 36.22
CA LYS F 202 -11.58 0.26 36.78
C LYS F 202 -11.69 1.23 37.94
N ILE F 203 -11.14 0.84 39.08
CA ILE F 203 -11.19 1.69 40.25
C ILE F 203 -9.79 2.13 40.64
N TYR F 204 -9.63 3.43 40.85
CA TYR F 204 -8.38 3.99 41.36
C TYR F 204 -8.68 4.63 42.70
N SER F 205 -7.69 4.68 43.59
CA SER F 205 -7.95 5.24 44.90
C SER F 205 -6.71 5.87 45.54
N LYS F 206 -6.97 6.77 46.50
CA LYS F 206 -5.92 7.36 47.32
C LYS F 206 -6.45 7.72 48.69
N HIS F 207 -5.64 7.47 49.72
CA HIS F 207 -6.02 7.77 51.10
C HIS F 207 -4.99 8.66 51.77
N THR F 208 -5.36 9.91 52.02
CA THR F 208 -4.46 10.87 52.66
C THR F 208 -5.19 11.67 53.75
N PRO F 209 -4.47 12.11 54.78
CA PRO F 209 -4.91 13.05 55.80
C PRO F 209 -4.95 14.47 55.25
N ILE F 210 -5.96 15.24 55.66
CA ILE F 210 -6.05 16.64 55.28
C ILE F 210 -6.41 17.51 56.48
N ASN F 211 -6.23 18.83 56.33
CA ASN F 211 -6.52 19.76 57.41
C ASN F 211 -7.74 20.64 57.15
N LEU F 212 -8.63 20.20 56.26
CA LEU F 212 -9.85 20.93 55.96
C LEU F 212 -11.02 19.98 55.76
N VAL F 213 -12.22 20.45 56.06
CA VAL F 213 -13.42 19.62 55.93
C VAL F 213 -14.38 20.08 54.85
N ARG F 214 -14.51 21.39 54.70
CA ARG F 214 -15.56 21.97 53.86
C ARG F 214 -15.25 21.92 52.38
N ASP F 215 -14.04 21.51 52.03
CA ASP F 215 -13.61 21.51 50.64
C ASP F 215 -12.52 20.47 50.39
N LEU F 216 -12.09 20.37 49.15
CA LEU F 216 -10.97 19.52 48.80
C LEU F 216 -9.68 20.30 48.97
N PRO F 217 -8.59 19.63 49.33
CA PRO F 217 -7.27 20.19 49.53
C PRO F 217 -6.64 20.63 48.23
N GLN F 218 -5.76 21.60 48.31
CA GLN F 218 -4.91 21.96 47.19
C GLN F 218 -3.70 21.04 47.18
N GLY F 219 -2.83 21.21 46.20
CA GLY F 219 -1.67 20.35 46.07
C GLY F 219 -1.99 19.18 45.16
N PHE F 220 -1.01 18.33 44.90
CA PHE F 220 -1.18 17.28 43.92
C PHE F 220 -0.88 15.91 44.48
N SER F 221 -1.81 14.98 44.27
CA SER F 221 -1.61 13.58 44.64
C SER F 221 -2.31 12.67 43.63
N ALA F 222 -1.55 11.76 43.04
CA ALA F 222 -2.10 10.88 42.02
C ALA F 222 -2.71 9.63 42.65
N LEU F 223 -3.85 9.21 42.11
CA LEU F 223 -4.53 8.01 42.57
C LEU F 223 -3.97 6.77 41.87
N GLU F 224 -3.81 5.70 42.62
CA GLU F 224 -3.27 4.47 42.08
C GLU F 224 -4.39 3.47 41.85
N PRO F 225 -4.28 2.63 40.83
CA PRO F 225 -5.22 1.60 40.48
C PRO F 225 -5.41 0.65 41.65
N LEU F 226 -6.66 0.41 41.98
CA LEU F 226 -7.04 -0.39 43.12
C LEU F 226 -7.41 -1.79 42.67
N VAL F 227 -8.26 -1.86 41.66
CA VAL F 227 -8.67 -3.14 41.10
C VAL F 227 -9.28 -2.96 39.70
N ASP F 228 -8.94 -3.87 38.81
CA ASP F 228 -9.57 -3.93 37.50
C ASP F 228 -10.55 -5.07 37.43
N LEU F 229 -11.83 -4.76 37.39
CA LEU F 229 -12.85 -5.79 37.44
C LEU F 229 -13.36 -6.14 36.04
N PRO F 230 -13.16 -7.38 35.60
CA PRO F 230 -13.54 -7.92 34.30
C PRO F 230 -15.02 -8.21 34.26
N ILE F 231 -15.82 -7.16 34.27
CA ILE F 231 -17.27 -7.29 34.41
C ILE F 231 -18.00 -7.11 33.07
N GLY F 232 -17.83 -5.95 32.46
CA GLY F 232 -18.41 -5.71 31.14
C GLY F 232 -19.92 -5.45 31.17
N ILE F 233 -20.37 -4.57 32.06
CA ILE F 233 -21.79 -4.24 32.12
C ILE F 233 -22.06 -2.79 31.81
N ASN F 234 -23.33 -2.49 31.52
CA ASN F 234 -23.83 -1.16 31.17
C ASN F 234 -24.13 -0.35 32.44
N ILE F 235 -23.38 0.73 32.66
CA ILE F 235 -23.54 1.60 33.83
C ILE F 235 -23.84 3.03 33.40
N THR F 236 -24.93 3.58 33.90
CA THR F 236 -25.32 4.95 33.58
C THR F 236 -25.60 5.77 34.84
N ARG F 237 -25.86 5.07 35.93
CA ARG F 237 -26.21 5.71 37.21
C ARG F 237 -25.52 5.02 38.37
N PHE F 238 -25.33 5.75 39.46
CA PHE F 238 -24.78 5.16 40.66
C PHE F 238 -25.24 5.90 41.90
N GLN F 239 -25.10 5.26 43.06
CA GLN F 239 -25.33 5.95 44.32
C GLN F 239 -24.43 5.42 45.43
N THR F 240 -24.22 6.24 46.43
CA THR F 240 -23.34 5.88 47.54
C THR F 240 -24.10 5.09 48.61
N LEU F 241 -23.43 4.09 49.16
CA LEU F 241 -23.99 3.33 50.28
C LEU F 241 -23.42 3.82 51.59
N LEU F 242 -24.30 4.28 52.47
CA LEU F 242 -23.88 4.88 53.72
C LEU F 242 -24.15 3.97 54.91
N ALA F 243 -23.31 4.10 55.93
CA ALA F 243 -23.50 3.44 57.21
C ALA F 243 -24.21 4.38 58.16
N LEU F 244 -25.43 4.04 58.53
CA LEU F 244 -26.23 4.95 59.31
C LEU F 244 -26.53 4.42 60.69
N HIS F 245 -26.03 5.11 61.70
CA HIS F 245 -26.39 4.79 63.07
C HIS F 245 -27.83 5.22 63.26
N ARG F 246 -28.58 4.47 64.07
CA ARG F 246 -29.99 4.80 64.22
C ARG F 246 -30.15 6.21 64.74
N SER F 247 -29.25 6.63 65.61
CA SER F 247 -29.31 7.93 66.26
C SER F 247 -29.16 9.09 65.28
N TYR F 248 -28.71 8.80 64.07
CA TYR F 248 -28.53 9.84 63.07
C TYR F 248 -29.87 10.33 62.56
N LEU F 249 -30.89 9.49 62.63
CA LEU F 249 -32.19 9.83 62.09
C LEU F 249 -33.32 9.69 63.11
N THR F 250 -33.11 10.30 64.29
CA THR F 250 -34.12 10.34 65.36
C THR F 250 -34.34 11.78 65.83
N ALA F 264 -20.13 13.62 54.54
CA ALA F 264 -20.31 14.29 53.25
C ALA F 264 -19.33 13.72 52.23
N TYR F 265 -19.65 13.91 50.94
CA TYR F 265 -18.82 13.44 49.85
C TYR F 265 -18.94 14.32 48.61
N TYR F 266 -17.99 14.21 47.72
CA TYR F 266 -17.91 15.04 46.54
C TYR F 266 -17.99 14.19 45.29
N VAL F 267 -18.74 14.66 44.30
CA VAL F 267 -18.84 13.94 43.03
C VAL F 267 -18.51 14.82 41.83
N GLY F 268 -17.51 14.39 41.08
CA GLY F 268 -17.13 15.07 39.85
C GLY F 268 -17.24 14.11 38.68
N TYR F 269 -17.08 14.63 37.47
CA TYR F 269 -17.18 13.78 36.30
C TYR F 269 -15.95 13.85 35.43
N LEU F 270 -15.58 12.71 34.87
CA LEU F 270 -14.40 12.63 34.04
C LEU F 270 -14.71 13.08 32.63
N GLN F 271 -13.71 13.66 31.97
CA GLN F 271 -13.84 14.09 30.60
C GLN F 271 -12.61 13.65 29.81
N PRO F 272 -12.75 13.46 28.50
CA PRO F 272 -11.69 13.18 27.56
C PRO F 272 -10.79 14.40 27.40
N ARG F 273 -9.70 14.40 28.14
CA ARG F 273 -8.79 15.55 28.20
C ARG F 273 -7.37 15.10 27.96
N THR F 274 -6.54 16.01 27.49
CA THR F 274 -5.12 15.73 27.35
C THR F 274 -4.37 16.26 28.55
N PHE F 275 -3.64 15.39 29.22
CA PHE F 275 -2.86 15.77 30.37
C PHE F 275 -1.38 15.56 30.15
N LEU F 276 -0.58 16.48 30.66
CA LEU F 276 0.86 16.28 30.73
C LEU F 276 1.24 15.89 32.15
N LEU F 277 1.73 14.68 32.32
CA LEU F 277 2.02 14.17 33.66
C LEU F 277 3.50 14.16 33.96
N LYS F 278 3.86 14.65 35.13
CA LYS F 278 5.25 14.71 35.54
C LYS F 278 5.60 13.58 36.48
N TYR F 279 6.50 12.70 36.03
CA TYR F 279 6.98 11.58 36.83
C TYR F 279 8.32 11.93 37.47
N ASN F 280 8.44 11.72 38.77
CA ASN F 280 9.69 11.99 39.46
C ASN F 280 10.64 10.80 39.33
N GLU F 281 11.76 10.86 40.04
CA GLU F 281 12.78 9.81 39.93
C GLU F 281 12.30 8.45 40.42
N ASN F 282 11.32 8.44 41.33
CA ASN F 282 10.77 7.20 41.89
C ASN F 282 9.52 6.74 41.13
N GLY F 283 9.24 7.39 40.01
CA GLY F 283 8.15 7.02 39.12
C GLY F 283 6.78 7.46 39.62
N THR F 284 6.79 8.36 40.58
CA THR F 284 5.54 8.90 41.12
C THR F 284 5.11 10.11 40.32
N ILE F 285 3.83 10.20 40.02
CA ILE F 285 3.32 11.41 39.38
C ILE F 285 3.19 12.48 40.44
N THR F 286 3.94 13.56 40.27
CA THR F 286 4.01 14.60 41.27
C THR F 286 3.32 15.87 40.81
N ASP F 287 3.11 15.98 39.51
CA ASP F 287 2.42 17.15 38.98
C ASP F 287 1.68 16.79 37.70
N ALA F 288 0.90 17.73 37.18
CA ALA F 288 0.18 17.53 35.93
C ALA F 288 -0.30 18.84 35.35
N VAL F 289 -0.44 18.87 34.03
CA VAL F 289 -1.05 20.02 33.36
C VAL F 289 -2.29 19.61 32.59
N ASP F 290 -3.39 20.28 32.87
CA ASP F 290 -4.61 20.11 32.10
C ASP F 290 -4.54 20.98 30.87
N CYS F 291 -4.27 20.36 29.72
CA CYS F 291 -3.85 21.07 28.51
C CYS F 291 -4.95 21.97 27.96
N ALA F 292 -6.18 21.76 28.41
CA ALA F 292 -7.30 22.53 27.89
C ALA F 292 -7.86 23.49 28.92
N LEU F 293 -7.15 23.64 30.04
CA LEU F 293 -7.60 24.52 31.10
C LEU F 293 -7.56 25.98 30.68
N ASP F 294 -6.43 26.40 30.13
CA ASP F 294 -6.22 27.78 29.74
C ASP F 294 -5.06 27.83 28.73
N PRO F 295 -4.82 28.98 28.06
CA PRO F 295 -3.80 29.18 27.05
C PRO F 295 -2.38 28.94 27.57
N LEU F 296 -2.19 29.05 28.88
CA LEU F 296 -0.86 28.84 29.43
C LEU F 296 -0.58 27.36 29.57
N SER F 297 -1.57 26.63 30.04
CA SER F 297 -1.48 25.18 30.14
C SER F 297 -1.33 24.57 28.77
N GLU F 298 -2.01 25.17 27.79
CA GLU F 298 -1.91 24.72 26.42
C GLU F 298 -0.49 24.91 25.92
N THR F 299 0.12 26.04 26.27
CA THR F 299 1.51 26.31 25.92
C THR F 299 2.43 25.30 26.57
N LYS F 300 2.22 25.04 27.84
CA LYS F 300 3.06 24.09 28.58
C LYS F 300 3.04 22.70 27.94
N CYS F 301 1.85 22.25 27.53
CA CYS F 301 1.70 20.96 26.88
C CYS F 301 2.35 20.96 25.49
N THR F 302 2.19 22.06 24.78
CA THR F 302 2.79 22.21 23.45
C THR F 302 4.31 22.09 23.52
N LEU F 303 4.89 22.71 24.54
CA LEU F 303 6.33 22.72 24.73
C LEU F 303 6.81 21.52 25.53
N LYS F 304 5.89 20.67 25.94
CA LYS F 304 6.21 19.51 26.77
C LYS F 304 7.03 19.91 27.97
N SER F 305 6.59 20.94 28.67
CA SER F 305 7.32 21.43 29.85
C SER F 305 6.37 22.09 30.84
N PHE F 306 6.75 22.08 32.10
CA PHE F 306 5.95 22.73 33.14
C PHE F 306 6.39 24.16 33.35
N THR F 307 7.40 24.58 32.60
CA THR F 307 7.85 25.96 32.62
C THR F 307 7.91 26.50 31.21
N VAL F 308 7.60 27.78 31.07
CA VAL F 308 7.63 28.42 29.77
C VAL F 308 8.53 29.64 29.79
N GLU F 309 9.38 29.76 28.78
CA GLU F 309 10.27 30.91 28.66
C GLU F 309 9.53 32.09 28.09
N LYS F 310 10.07 33.28 28.28
CA LYS F 310 9.49 34.46 27.68
C LYS F 310 9.46 34.32 26.17
N GLY F 311 8.31 34.60 25.57
CA GLY F 311 8.20 34.55 24.12
C GLY F 311 6.77 34.36 23.65
N ILE F 312 6.63 34.22 22.33
CA ILE F 312 5.34 34.00 21.70
C ILE F 312 5.33 32.62 21.07
N TYR F 313 4.31 31.83 21.40
CA TYR F 313 4.26 30.45 20.95
C TYR F 313 2.98 30.12 20.21
N GLN F 314 3.09 29.34 19.15
CA GLN F 314 1.92 28.87 18.42
C GLN F 314 1.45 27.55 19.02
N THR F 315 0.31 27.58 19.69
CA THR F 315 -0.08 26.44 20.51
C THR F 315 -1.29 25.71 19.95
N SER F 316 -2.10 26.41 19.17
CA SER F 316 -3.34 25.82 18.67
C SER F 316 -3.85 26.55 17.45
N ASN F 317 -4.96 26.06 16.91
CA ASN F 317 -5.61 26.72 15.80
C ASN F 317 -7.06 27.07 16.14
N PHE F 318 -7.44 28.28 15.81
CA PHE F 318 -8.79 28.78 16.00
C PHE F 318 -9.63 28.46 14.79
N ARG F 319 -10.82 27.89 15.03
CA ARG F 319 -11.72 27.51 13.90
C ARG F 319 -13.19 27.71 14.28
N VAL F 320 -13.90 28.59 13.57
CA VAL F 320 -15.33 28.76 13.79
C VAL F 320 -16.09 27.51 13.37
N GLN F 321 -16.93 27.02 14.27
CA GLN F 321 -17.69 25.81 14.00
C GLN F 321 -19.06 26.13 13.39
N PRO F 322 -19.55 25.28 12.50
CA PRO F 322 -20.84 25.35 11.85
C PRO F 322 -21.96 25.18 12.86
N THR F 323 -23.02 25.95 12.69
CA THR F 323 -24.15 25.91 13.62
C THR F 323 -25.39 25.27 13.01
N GLU F 324 -25.40 25.14 11.70
CA GLU F 324 -26.54 24.56 11.00
C GLU F 324 -26.09 23.63 9.90
N SER F 325 -26.97 22.73 9.48
CA SER F 325 -26.71 21.89 8.32
C SER F 325 -27.72 22.18 7.22
N ILE F 326 -27.22 22.67 6.09
CA ILE F 326 -28.06 23.08 4.99
C ILE F 326 -28.08 22.06 3.87
N VAL F 327 -29.24 21.48 3.63
CA VAL F 327 -29.36 20.46 2.61
C VAL F 327 -30.23 20.94 1.47
N ARG F 328 -29.68 20.92 0.26
CA ARG F 328 -30.41 21.40 -0.90
C ARG F 328 -30.36 20.39 -2.04
N PHE F 329 -31.50 19.73 -2.20
CA PHE F 329 -31.63 18.75 -3.29
C PHE F 329 -32.68 19.24 -4.27
N PRO F 330 -32.61 18.80 -5.55
CA PRO F 330 -33.61 19.06 -6.57
C PRO F 330 -34.99 18.71 -6.04
N ASN F 331 -35.96 19.58 -6.30
CA ASN F 331 -37.31 19.43 -5.77
C ASN F 331 -38.17 18.55 -6.66
N ILE F 332 -37.84 17.25 -6.66
CA ILE F 332 -38.59 16.25 -7.43
C ILE F 332 -39.11 15.17 -6.50
N THR F 333 -40.23 14.58 -6.86
CA THR F 333 -40.85 13.58 -5.99
C THR F 333 -40.99 12.22 -6.66
N ASN F 334 -40.89 12.19 -7.99
CA ASN F 334 -41.09 10.93 -8.70
C ASN F 334 -40.01 9.94 -8.30
N LEU F 335 -40.42 8.73 -7.97
CA LEU F 335 -39.49 7.70 -7.54
C LEU F 335 -38.86 7.00 -8.74
N CYS F 336 -37.61 6.58 -8.57
CA CYS F 336 -36.90 5.81 -9.59
C CYS F 336 -37.53 4.42 -9.75
N PRO F 337 -37.77 3.99 -10.99
CA PRO F 337 -38.41 2.76 -11.39
C PRO F 337 -37.50 1.57 -11.21
N PHE F 338 -37.09 1.31 -9.97
CA PHE F 338 -36.26 0.16 -9.67
C PHE F 338 -37.10 -1.11 -9.64
N GLY F 339 -38.29 -1.01 -9.08
CA GLY F 339 -39.15 -2.17 -8.96
C GLY F 339 -39.42 -2.78 -10.32
N GLU F 340 -39.56 -1.92 -11.33
CA GLU F 340 -39.80 -2.35 -12.70
C GLU F 340 -38.65 -3.18 -13.25
N VAL F 341 -37.48 -3.07 -12.63
CA VAL F 341 -36.33 -3.85 -13.02
C VAL F 341 -36.31 -5.17 -12.26
N PHE F 342 -36.57 -5.09 -10.97
CA PHE F 342 -36.48 -6.24 -10.09
C PHE F 342 -37.63 -7.23 -10.25
N ASN F 343 -38.82 -6.74 -10.59
CA ASN F 343 -40.01 -7.60 -10.70
C ASN F 343 -40.47 -7.77 -12.15
N ALA F 344 -39.55 -7.64 -13.10
CA ALA F 344 -39.83 -7.92 -14.49
C ALA F 344 -40.20 -9.39 -14.66
N THR F 345 -41.16 -9.68 -15.54
CA THR F 345 -41.61 -11.09 -15.71
C THR F 345 -40.45 -11.91 -16.27
N ARG F 346 -39.69 -11.31 -17.18
CA ARG F 346 -38.61 -12.04 -17.81
C ARG F 346 -37.31 -11.27 -17.72
N PHE F 347 -36.25 -12.00 -17.42
CA PHE F 347 -34.90 -11.45 -17.43
C PHE F 347 -34.18 -11.90 -18.68
N ALA F 348 -33.20 -11.11 -19.09
CA ALA F 348 -32.40 -11.45 -20.24
C ALA F 348 -31.39 -12.52 -19.91
N SER F 349 -30.92 -13.20 -20.95
CA SER F 349 -29.77 -14.06 -20.84
C SER F 349 -28.55 -13.21 -20.54
N VAL F 350 -27.59 -13.77 -19.83
CA VAL F 350 -26.41 -13.01 -19.44
C VAL F 350 -25.57 -12.57 -20.64
N TYR F 351 -25.63 -13.31 -21.72
CA TYR F 351 -24.87 -12.93 -22.91
C TYR F 351 -25.51 -11.74 -23.61
N ALA F 352 -26.78 -11.53 -23.35
CA ALA F 352 -27.54 -10.47 -23.98
C ALA F 352 -28.27 -9.66 -22.93
N TRP F 353 -27.54 -9.26 -21.90
CA TRP F 353 -28.11 -8.64 -20.73
C TRP F 353 -28.81 -7.33 -21.05
N ASN F 354 -29.82 -7.01 -20.26
CA ASN F 354 -30.63 -5.79 -20.48
C ASN F 354 -30.04 -4.61 -19.70
N ARG F 355 -30.06 -3.43 -20.29
CA ARG F 355 -29.61 -2.22 -19.62
C ARG F 355 -30.71 -1.18 -19.55
N LYS F 356 -31.17 -0.91 -18.34
CA LYS F 356 -32.17 0.12 -18.11
C LYS F 356 -31.51 1.40 -17.58
N ARG F 357 -31.69 2.50 -18.28
CA ARG F 357 -31.11 3.82 -17.87
C ARG F 357 -32.07 4.58 -16.96
N ILE F 358 -31.64 4.86 -15.74
CA ILE F 358 -32.46 5.55 -14.74
C ILE F 358 -31.96 6.96 -14.50
N SER F 359 -32.87 7.93 -14.62
CA SER F 359 -32.51 9.34 -14.46
C SER F 359 -33.67 10.18 -13.99
N ASN F 360 -33.35 11.38 -13.50
CA ASN F 360 -34.36 12.39 -13.16
C ASN F 360 -35.42 11.85 -12.22
N CYS F 361 -34.99 11.31 -11.08
CA CYS F 361 -35.88 10.64 -10.14
C CYS F 361 -35.27 10.54 -8.74
N VAL F 362 -36.09 10.14 -7.78
CA VAL F 362 -35.63 9.93 -6.42
C VAL F 362 -35.38 8.45 -6.16
N ALA F 363 -34.16 8.12 -5.80
CA ALA F 363 -33.77 6.74 -5.63
C ALA F 363 -33.67 6.35 -4.17
N ASP F 364 -34.61 5.55 -3.71
CA ASP F 364 -34.54 5.05 -2.35
C ASP F 364 -33.97 3.65 -2.34
N TYR F 365 -32.71 3.53 -1.94
CA TYR F 365 -31.99 2.28 -2.05
C TYR F 365 -32.17 1.43 -0.81
N SER F 366 -32.66 2.04 0.28
CA SER F 366 -32.84 1.32 1.57
C SER F 366 -33.97 0.30 1.43
N VAL F 367 -34.91 0.55 0.51
CA VAL F 367 -35.99 -0.39 0.25
C VAL F 367 -35.42 -1.70 -0.26
N LEU F 368 -34.39 -1.60 -1.09
CA LEU F 368 -33.75 -2.79 -1.64
C LEU F 368 -32.82 -3.41 -0.63
N TYR F 369 -32.02 -2.58 0.05
CA TYR F 369 -31.01 -3.09 0.95
C TYR F 369 -31.61 -3.76 2.18
N ASN F 370 -32.73 -3.22 2.66
CA ASN F 370 -33.35 -3.74 3.87
C ASN F 370 -34.33 -4.86 3.56
N SER F 371 -34.38 -5.27 2.30
CA SER F 371 -35.24 -6.37 1.90
C SER F 371 -34.68 -7.70 2.36
N ALA F 372 -35.59 -8.61 2.71
CA ALA F 372 -35.20 -9.96 3.11
C ALA F 372 -35.12 -10.89 1.92
N SER F 373 -35.47 -10.38 0.75
CA SER F 373 -35.66 -11.21 -0.42
C SER F 373 -34.42 -11.42 -1.27
N PHE F 374 -33.34 -10.72 -0.95
CA PHE F 374 -32.13 -10.83 -1.75
C PHE F 374 -31.06 -11.64 -1.04
N SER F 375 -30.38 -12.50 -1.77
CA SER F 375 -29.32 -13.33 -1.20
C SER F 375 -27.98 -12.64 -1.29
N THR F 376 -27.83 -11.81 -2.32
CA THR F 376 -26.60 -11.07 -2.53
C THR F 376 -26.90 -9.59 -2.65
N PHE F 377 -26.13 -8.78 -1.95
CA PHE F 377 -26.22 -7.35 -2.08
C PHE F 377 -24.87 -6.72 -1.79
N LYS F 378 -24.01 -6.72 -2.79
CA LYS F 378 -22.64 -6.29 -2.60
C LYS F 378 -22.38 -4.97 -3.31
N CYS F 379 -21.94 -3.96 -2.55
CA CYS F 379 -21.65 -2.64 -3.11
C CYS F 379 -20.16 -2.41 -3.24
N TYR F 380 -19.77 -1.75 -4.30
CA TYR F 380 -18.38 -1.46 -4.57
C TYR F 380 -18.20 0.02 -4.82
N GLY F 381 -17.20 0.61 -4.18
CA GLY F 381 -16.91 2.03 -4.38
C GLY F 381 -17.90 2.90 -3.62
N VAL F 382 -18.79 2.27 -2.88
CA VAL F 382 -19.82 2.98 -2.14
C VAL F 382 -20.39 2.11 -1.03
N SER F 383 -20.76 2.73 0.08
CA SER F 383 -21.41 2.02 1.16
C SER F 383 -22.93 1.98 0.96
N PRO F 384 -23.55 0.81 1.15
CA PRO F 384 -24.96 0.55 0.96
C PRO F 384 -25.82 1.38 1.91
N THR F 385 -25.23 1.83 3.01
CA THR F 385 -25.97 2.57 4.01
C THR F 385 -25.83 4.07 3.81
N LYS F 386 -25.05 4.46 2.81
CA LYS F 386 -24.85 5.87 2.50
C LYS F 386 -25.47 6.24 1.18
N LEU F 387 -26.06 5.26 0.50
CA LEU F 387 -26.60 5.48 -0.83
C LEU F 387 -27.68 6.54 -0.86
N ASN F 388 -28.53 6.57 0.18
CA ASN F 388 -29.67 7.53 0.21
C ASN F 388 -29.17 8.97 0.45
N ASP F 389 -27.87 9.15 0.75
CA ASP F 389 -27.33 10.49 0.95
C ASP F 389 -26.57 10.98 -0.27
N LEU F 390 -26.50 10.14 -1.30
CA LEU F 390 -25.70 10.46 -2.47
C LEU F 390 -26.55 10.84 -3.67
N CYS F 391 -25.96 11.63 -4.56
CA CYS F 391 -26.56 11.97 -5.85
C CYS F 391 -25.69 11.50 -7.00
N PHE F 392 -26.32 10.99 -8.04
CA PHE F 392 -25.62 10.48 -9.20
C PHE F 392 -26.13 11.16 -10.46
N THR F 393 -25.27 11.25 -11.47
CA THR F 393 -25.68 11.83 -12.73
C THR F 393 -26.58 10.86 -13.46
N ASN F 394 -26.32 9.58 -13.28
CA ASN F 394 -27.13 8.54 -13.89
C ASN F 394 -26.99 7.22 -13.14
N VAL F 395 -28.00 6.38 -13.24
CA VAL F 395 -27.90 5.03 -12.72
C VAL F 395 -28.27 4.01 -13.79
N TYR F 396 -27.39 3.06 -14.04
CA TYR F 396 -27.69 1.97 -14.99
C TYR F 396 -28.08 0.71 -14.22
N ALA F 397 -29.22 0.11 -14.55
CA ALA F 397 -29.63 -1.16 -13.96
C ALA F 397 -29.54 -2.28 -14.98
N ASP F 398 -28.53 -3.12 -14.84
CA ASP F 398 -28.30 -4.22 -15.76
C ASP F 398 -28.88 -5.51 -15.20
N SER F 399 -29.73 -6.17 -15.96
CA SER F 399 -30.39 -7.36 -15.44
C SER F 399 -30.17 -8.58 -16.32
N PHE F 400 -29.98 -9.72 -15.68
CA PHE F 400 -29.77 -10.99 -16.39
C PHE F 400 -29.87 -12.19 -15.46
N VAL F 401 -29.88 -13.38 -16.05
CA VAL F 401 -29.87 -14.61 -15.28
C VAL F 401 -28.62 -15.44 -15.49
N ILE F 402 -28.02 -15.84 -14.37
CA ILE F 402 -26.89 -16.76 -14.34
C ILE F 402 -27.15 -17.84 -13.32
N ARG F 403 -26.29 -18.85 -13.25
CA ARG F 403 -26.48 -19.87 -12.22
C ARG F 403 -25.78 -19.48 -10.93
N GLY F 404 -26.21 -20.09 -9.83
CA GLY F 404 -25.77 -19.73 -8.50
C GLY F 404 -24.25 -19.59 -8.36
N ASP F 405 -23.52 -20.58 -8.86
CA ASP F 405 -22.06 -20.58 -8.68
C ASP F 405 -21.39 -19.41 -9.38
N GLU F 406 -22.07 -18.80 -10.34
CA GLU F 406 -21.49 -17.75 -11.14
C GLU F 406 -21.75 -16.36 -10.57
N VAL F 407 -22.53 -16.28 -9.51
CA VAL F 407 -22.84 -14.97 -8.94
C VAL F 407 -21.58 -14.26 -8.46
N ARG F 408 -20.60 -15.02 -8.01
CA ARG F 408 -19.35 -14.46 -7.55
C ARG F 408 -18.56 -13.81 -8.69
N GLN F 409 -18.86 -14.19 -9.93
CA GLN F 409 -18.17 -13.62 -11.08
C GLN F 409 -18.67 -12.23 -11.38
N ILE F 410 -19.82 -11.86 -10.82
CA ILE F 410 -20.34 -10.53 -11.05
C ILE F 410 -19.77 -9.59 -10.01
N ALA F 411 -18.51 -9.28 -10.19
CA ALA F 411 -17.76 -8.42 -9.30
C ALA F 411 -16.52 -7.93 -10.03
N PRO F 412 -15.93 -6.82 -9.61
CA PRO F 412 -14.68 -6.29 -10.10
C PRO F 412 -13.55 -7.29 -9.90
N GLY F 413 -12.69 -7.41 -10.92
CA GLY F 413 -11.49 -8.22 -10.82
C GLY F 413 -11.77 -9.73 -10.87
N GLN F 414 -12.88 -10.12 -11.47
CA GLN F 414 -13.22 -11.53 -11.54
C GLN F 414 -12.93 -12.12 -12.90
N THR F 415 -12.75 -13.44 -12.94
CA THR F 415 -12.54 -14.17 -14.17
C THR F 415 -13.52 -15.33 -14.27
N GLY F 416 -13.63 -15.91 -15.45
CA GLY F 416 -14.54 -17.00 -15.67
C GLY F 416 -15.38 -16.72 -16.90
N LYS F 417 -16.16 -17.70 -17.32
CA LYS F 417 -16.89 -17.58 -18.57
C LYS F 417 -17.83 -16.37 -18.55
N ILE F 418 -18.37 -16.05 -17.39
CA ILE F 418 -19.32 -14.94 -17.31
C ILE F 418 -18.59 -13.63 -17.28
N ALA F 419 -17.61 -13.53 -16.40
CA ALA F 419 -16.84 -12.31 -16.29
C ALA F 419 -16.11 -11.99 -17.59
N ASP F 420 -15.68 -13.02 -18.30
CA ASP F 420 -14.86 -12.83 -19.49
C ASP F 420 -15.67 -12.68 -20.77
N TYR F 421 -16.76 -13.44 -20.93
CA TYR F 421 -17.42 -13.49 -22.22
C TYR F 421 -18.83 -12.95 -22.22
N ASN F 422 -19.39 -12.64 -21.05
CA ASN F 422 -20.79 -12.28 -20.99
C ASN F 422 -21.02 -10.91 -20.38
N TYR F 423 -20.63 -10.76 -19.13
CA TYR F 423 -20.86 -9.51 -18.42
C TYR F 423 -19.66 -9.13 -17.59
N LYS F 424 -18.93 -8.13 -18.04
CA LYS F 424 -17.71 -7.69 -17.39
C LYS F 424 -17.90 -6.39 -16.64
N LEU F 425 -17.53 -6.37 -15.38
CA LEU F 425 -17.48 -5.14 -14.61
C LEU F 425 -16.06 -4.59 -14.60
N PRO F 426 -15.92 -3.26 -14.59
CA PRO F 426 -14.67 -2.53 -14.49
C PRO F 426 -14.10 -2.64 -13.09
N ASP F 427 -12.78 -2.52 -12.98
CA ASP F 427 -12.10 -2.62 -11.70
C ASP F 427 -12.37 -1.42 -10.82
N ASP F 428 -12.82 -0.33 -11.42
CA ASP F 428 -13.17 0.88 -10.69
C ASP F 428 -14.68 1.02 -10.56
N PHE F 429 -15.38 -0.10 -10.73
CA PHE F 429 -16.82 -0.13 -10.66
C PHE F 429 -17.36 0.51 -9.40
N THR F 430 -18.32 1.40 -9.58
CA THR F 430 -19.07 1.95 -8.47
C THR F 430 -20.51 1.56 -8.65
N GLY F 431 -21.05 0.82 -7.70
CA GLY F 431 -22.39 0.29 -7.86
C GLY F 431 -22.65 -0.88 -6.94
N CYS F 432 -23.81 -1.52 -7.11
CA CYS F 432 -24.21 -2.63 -6.26
C CYS F 432 -24.67 -3.82 -7.11
N VAL F 433 -24.25 -5.01 -6.71
CA VAL F 433 -24.68 -6.23 -7.35
C VAL F 433 -25.68 -6.96 -6.47
N ILE F 434 -26.89 -7.09 -7.00
CA ILE F 434 -27.98 -7.66 -6.24
C ILE F 434 -28.47 -8.92 -6.91
N ALA F 435 -28.56 -10.01 -6.17
CA ALA F 435 -29.00 -11.27 -6.76
C ALA F 435 -29.92 -12.04 -5.84
N TRP F 436 -30.82 -12.79 -6.43
CA TRP F 436 -31.68 -13.67 -5.68
C TRP F 436 -31.99 -14.94 -6.45
N ASN F 437 -32.28 -16.00 -5.72
CA ASN F 437 -32.62 -17.27 -6.30
C ASN F 437 -33.97 -17.19 -7.00
N SER F 438 -34.01 -17.62 -8.24
CA SER F 438 -35.24 -17.57 -9.02
C SER F 438 -35.64 -18.96 -9.50
N ASN F 439 -35.30 -19.97 -8.73
CA ASN F 439 -35.58 -21.36 -9.09
C ASN F 439 -37.06 -21.59 -9.29
N ASN F 440 -37.89 -20.80 -8.63
CA ASN F 440 -39.33 -20.94 -8.72
C ASN F 440 -39.91 -20.26 -9.94
N LEU F 441 -39.07 -19.54 -10.67
CA LEU F 441 -39.54 -18.80 -11.84
C LEU F 441 -38.84 -19.24 -13.11
N ASP F 442 -37.54 -19.46 -13.02
CA ASP F 442 -36.70 -19.65 -14.19
C ASP F 442 -36.29 -21.10 -14.41
N SER F 443 -36.93 -22.02 -13.70
CA SER F 443 -36.65 -23.44 -13.88
C SER F 443 -37.91 -24.18 -14.27
N LYS F 444 -37.79 -25.09 -15.24
CA LYS F 444 -38.96 -25.91 -15.64
C LYS F 444 -38.57 -27.38 -15.61
N VAL F 445 -39.52 -28.27 -15.38
CA VAL F 445 -39.23 -29.73 -15.36
C VAL F 445 -38.79 -30.12 -16.78
N GLY F 446 -37.69 -30.85 -16.90
CA GLY F 446 -37.14 -31.18 -18.23
C GLY F 446 -36.16 -30.12 -18.69
N GLY F 447 -36.06 -29.00 -17.95
CA GLY F 447 -35.04 -28.00 -18.28
C GLY F 447 -35.53 -26.75 -18.97
N ASN F 448 -35.13 -25.58 -18.46
CA ASN F 448 -35.36 -24.30 -19.11
C ASN F 448 -34.16 -23.91 -19.97
N TYR F 449 -34.33 -23.98 -21.28
CA TYR F 449 -33.23 -23.77 -22.21
C TYR F 449 -33.31 -22.41 -22.87
N ASN F 450 -34.05 -21.50 -22.25
CA ASN F 450 -34.17 -20.15 -22.77
C ASN F 450 -33.00 -19.27 -22.36
N TYR F 451 -32.38 -19.58 -21.24
CA TYR F 451 -31.29 -18.77 -20.73
C TYR F 451 -29.94 -19.24 -21.24
N LEU F 452 -29.28 -18.38 -21.99
CA LEU F 452 -28.02 -18.72 -22.62
C LEU F 452 -26.86 -17.94 -22.04
N TYR F 453 -25.67 -18.47 -22.23
CA TYR F 453 -24.46 -17.74 -21.93
C TYR F 453 -23.42 -18.02 -22.99
N ARG F 454 -22.48 -17.11 -23.13
CA ARG F 454 -21.38 -17.29 -24.08
C ARG F 454 -20.29 -18.13 -23.47
N LEU F 455 -19.93 -19.18 -24.17
CA LEU F 455 -18.97 -20.15 -23.70
C LEU F 455 -17.62 -19.93 -24.34
N PHE F 456 -17.61 -19.49 -25.59
CA PHE F 456 -16.37 -19.25 -26.31
C PHE F 456 -16.32 -17.86 -26.90
N ARG F 457 -15.15 -17.26 -26.88
CA ARG F 457 -14.95 -15.97 -27.52
C ARG F 457 -13.48 -15.78 -27.87
N LYS F 458 -13.23 -15.02 -28.94
CA LYS F 458 -11.86 -14.74 -29.37
C LYS F 458 -11.07 -14.01 -28.29
N SER F 459 -11.74 -13.12 -27.57
CA SER F 459 -11.10 -12.33 -26.54
C SER F 459 -12.06 -11.96 -25.44
N ASN F 460 -11.55 -11.46 -24.34
CA ASN F 460 -12.37 -11.05 -23.22
C ASN F 460 -13.12 -9.76 -23.53
N LEU F 461 -14.29 -9.61 -22.93
CA LEU F 461 -15.08 -8.38 -23.07
C LEU F 461 -14.46 -7.23 -22.32
N LYS F 462 -14.67 -6.03 -22.85
CA LYS F 462 -14.41 -4.83 -22.11
C LYS F 462 -15.56 -4.62 -21.13
N PRO F 463 -15.37 -3.84 -20.08
CA PRO F 463 -16.37 -3.47 -19.12
C PRO F 463 -17.63 -2.95 -19.80
N PHE F 464 -18.75 -3.55 -19.44
CA PHE F 464 -20.06 -3.18 -19.97
C PHE F 464 -20.18 -3.35 -21.48
N GLU F 465 -19.33 -4.21 -22.05
CA GLU F 465 -19.48 -4.57 -23.45
C GLU F 465 -20.52 -5.67 -23.60
N ARG F 466 -21.33 -5.57 -24.64
CA ARG F 466 -22.41 -6.52 -24.86
C ARG F 466 -22.30 -7.20 -26.22
N ASP F 467 -22.01 -8.49 -26.21
CA ASP F 467 -21.80 -9.26 -27.43
C ASP F 467 -22.89 -10.29 -27.65
N ILE F 468 -23.72 -10.08 -28.67
CA ILE F 468 -24.83 -10.98 -28.91
C ILE F 468 -24.73 -11.69 -30.25
N SER F 469 -23.52 -11.76 -30.79
CA SER F 469 -23.30 -12.46 -32.05
C SER F 469 -23.33 -13.97 -31.84
N THR F 470 -23.60 -14.72 -32.90
CA THR F 470 -23.61 -16.17 -32.81
C THR F 470 -22.68 -16.79 -33.84
N GLU F 471 -21.66 -16.05 -34.23
CA GLU F 471 -20.69 -16.53 -35.21
C GLU F 471 -19.94 -17.73 -34.66
N ILE F 472 -19.71 -18.72 -35.51
CA ILE F 472 -19.01 -19.92 -35.09
C ILE F 472 -17.60 -19.61 -34.64
N TYR F 473 -17.25 -20.16 -33.49
CA TYR F 473 -15.96 -19.91 -32.87
C TYR F 473 -14.90 -20.84 -33.41
N GLN F 474 -13.79 -20.27 -33.86
CA GLN F 474 -12.71 -21.06 -34.39
C GLN F 474 -11.72 -21.39 -33.29
N ALA F 475 -11.70 -22.65 -32.89
CA ALA F 475 -10.83 -23.09 -31.82
C ALA F 475 -9.48 -23.52 -32.37
N GLY F 476 -9.47 -23.99 -33.60
CA GLY F 476 -8.25 -24.47 -34.24
C GLY F 476 -7.67 -23.42 -35.18
N SER F 477 -6.88 -23.88 -36.15
CA SER F 477 -6.24 -22.99 -37.11
C SER F 477 -7.01 -22.94 -38.43
N THR F 478 -7.87 -23.93 -38.63
CA THR F 478 -8.65 -24.04 -39.86
C THR F 478 -9.93 -23.22 -39.75
N PRO F 479 -10.20 -22.35 -40.75
CA PRO F 479 -11.41 -21.56 -40.89
C PRO F 479 -12.65 -22.44 -40.84
N CYS F 480 -13.69 -21.94 -40.15
CA CYS F 480 -14.93 -22.70 -39.97
C CYS F 480 -15.91 -22.44 -41.11
N ASN F 481 -15.83 -21.25 -41.69
CA ASN F 481 -16.70 -20.87 -42.79
C ASN F 481 -18.17 -20.98 -42.42
N GLY F 482 -18.48 -20.72 -41.16
CA GLY F 482 -19.87 -20.69 -40.69
C GLY F 482 -20.40 -22.08 -40.36
N VAL F 483 -19.58 -23.10 -40.55
CA VAL F 483 -20.02 -24.47 -40.31
C VAL F 483 -19.36 -25.04 -39.07
N GLU F 484 -20.17 -25.37 -38.08
CA GLU F 484 -19.65 -25.93 -36.85
C GLU F 484 -19.26 -27.37 -37.03
N GLY F 485 -18.34 -27.84 -36.20
CA GLY F 485 -17.79 -29.17 -36.31
C GLY F 485 -16.52 -29.28 -35.50
N PHE F 486 -15.57 -30.06 -35.96
CA PHE F 486 -14.34 -30.22 -35.22
C PHE F 486 -13.58 -28.90 -35.17
N ASN F 487 -13.23 -28.47 -33.97
CA ASN F 487 -12.56 -27.19 -33.73
C ASN F 487 -13.37 -25.97 -34.19
N CYS F 488 -14.68 -26.15 -34.37
CA CYS F 488 -15.59 -25.07 -34.77
C CYS F 488 -16.85 -25.13 -33.93
N TYR F 489 -16.95 -24.22 -32.96
CA TYR F 489 -17.96 -24.37 -31.93
C TYR F 489 -19.04 -23.33 -32.04
N PHE F 490 -20.24 -23.71 -31.65
CA PHE F 490 -21.30 -22.73 -31.43
C PHE F 490 -21.03 -22.03 -30.11
N PRO F 491 -20.86 -20.71 -30.12
CA PRO F 491 -20.34 -19.90 -29.05
C PRO F 491 -21.23 -19.86 -27.81
N LEU F 492 -22.52 -20.19 -27.97
CA LEU F 492 -23.45 -20.10 -26.86
C LEU F 492 -23.82 -21.47 -26.31
N GLN F 493 -24.26 -21.48 -25.06
CA GLN F 493 -24.77 -22.69 -24.44
C GLN F 493 -25.89 -22.34 -23.45
N SER F 494 -26.80 -23.28 -23.23
CA SER F 494 -27.91 -23.06 -22.32
C SER F 494 -27.57 -23.55 -20.93
N TYR F 495 -28.22 -22.96 -19.95
CA TYR F 495 -28.10 -23.45 -18.58
C TYR F 495 -28.96 -24.69 -18.38
N GLY F 496 -30.14 -24.70 -19.00
CA GLY F 496 -31.04 -25.83 -18.86
C GLY F 496 -31.54 -25.97 -17.44
N PHE F 497 -31.97 -24.86 -16.86
CA PHE F 497 -32.31 -24.83 -15.44
C PHE F 497 -33.44 -25.79 -15.09
N GLN F 498 -33.22 -26.58 -14.05
CA GLN F 498 -34.21 -27.52 -13.55
C GLN F 498 -34.40 -27.32 -12.06
N PRO F 499 -35.62 -27.52 -11.57
CA PRO F 499 -36.06 -27.29 -10.21
C PRO F 499 -35.34 -28.18 -9.20
N THR F 500 -34.74 -29.26 -9.69
CA THR F 500 -34.08 -30.23 -8.83
C THR F 500 -32.57 -30.07 -8.81
N ASN F 501 -32.08 -29.04 -9.49
CA ASN F 501 -30.65 -28.78 -9.52
C ASN F 501 -30.14 -28.39 -8.14
N GLY F 502 -28.86 -28.64 -7.88
CA GLY F 502 -28.24 -28.15 -6.67
C GLY F 502 -28.17 -26.62 -6.73
N VAL F 503 -27.94 -25.99 -5.60
CA VAL F 503 -28.03 -24.53 -5.53
C VAL F 503 -27.12 -23.85 -6.54
N GLY F 504 -25.92 -24.39 -6.72
CA GLY F 504 -24.95 -23.79 -7.62
C GLY F 504 -25.41 -23.82 -9.08
N TYR F 505 -26.40 -24.66 -9.36
CA TYR F 505 -26.92 -24.79 -10.71
C TYR F 505 -28.34 -24.26 -10.84
N GLN F 506 -28.83 -23.63 -9.79
CA GLN F 506 -30.13 -22.98 -9.85
C GLN F 506 -29.94 -21.60 -10.42
N PRO F 507 -30.94 -21.07 -11.11
CA PRO F 507 -30.96 -19.76 -11.70
C PRO F 507 -31.01 -18.68 -10.63
N TYR F 508 -30.22 -17.65 -10.83
CA TYR F 508 -30.28 -16.45 -10.00
C TYR F 508 -30.50 -15.25 -10.87
N ARG F 509 -31.44 -14.43 -10.46
CA ARG F 509 -31.68 -13.19 -11.15
C ARG F 509 -30.80 -12.10 -10.58
N VAL F 510 -30.04 -11.47 -11.44
CA VAL F 510 -29.06 -10.49 -11.03
C VAL F 510 -29.40 -9.12 -11.55
N VAL F 511 -29.35 -8.14 -10.68
CA VAL F 511 -29.46 -6.75 -11.06
C VAL F 511 -28.23 -5.99 -10.62
N VAL F 512 -27.56 -5.36 -11.56
CA VAL F 512 -26.38 -4.58 -11.24
C VAL F 512 -26.68 -3.10 -11.40
N LEU F 513 -26.56 -2.37 -10.30
CA LEU F 513 -26.78 -0.94 -10.33
C LEU F 513 -25.47 -0.19 -10.41
N SER F 514 -25.15 0.32 -11.59
CA SER F 514 -23.90 1.10 -11.78
C SER F 514 -24.20 2.57 -11.57
N PHE F 515 -23.43 3.19 -10.70
CA PHE F 515 -23.64 4.59 -10.35
C PHE F 515 -22.68 5.48 -11.11
N GLU F 516 -23.23 6.41 -11.88
CA GLU F 516 -22.43 7.32 -12.69
C GLU F 516 -22.15 8.61 -11.93
N LEU F 517 -20.87 8.91 -11.74
CA LEU F 517 -20.45 10.09 -10.98
C LEU F 517 -19.56 10.99 -11.81
N LEU F 518 -20.18 11.81 -12.66
CA LEU F 518 -19.44 12.71 -13.53
C LEU F 518 -19.56 14.14 -13.04
N HIS F 519 -18.69 15.01 -13.54
CA HIS F 519 -18.78 16.43 -13.23
C HIS F 519 -19.92 17.05 -14.03
N ALA F 520 -21.13 16.73 -13.63
CA ALA F 520 -22.34 17.09 -14.34
C ALA F 520 -23.48 17.19 -13.34
N PRO F 521 -24.60 17.83 -13.69
CA PRO F 521 -25.79 17.92 -12.90
C PRO F 521 -26.24 16.53 -12.48
N ALA F 522 -26.48 16.35 -11.20
CA ALA F 522 -26.97 15.06 -10.73
C ALA F 522 -28.46 14.97 -10.92
N THR F 523 -28.93 13.84 -11.42
CA THR F 523 -30.34 13.69 -11.74
C THR F 523 -31.02 12.64 -10.88
N VAL F 524 -30.23 11.78 -10.25
CA VAL F 524 -30.79 10.76 -9.38
C VAL F 524 -30.28 10.93 -7.96
N CYS F 525 -31.18 11.30 -7.04
CA CYS F 525 -30.80 11.59 -5.67
C CYS F 525 -31.64 10.79 -4.70
N GLY F 526 -31.10 10.58 -3.51
CA GLY F 526 -31.82 9.86 -2.47
C GLY F 526 -32.98 10.69 -1.96
N PRO F 527 -33.76 10.12 -1.05
CA PRO F 527 -34.97 10.65 -0.43
C PRO F 527 -34.65 11.76 0.56
N LYS F 528 -33.37 12.05 0.76
CA LYS F 528 -32.89 13.10 1.66
C LYS F 528 -33.63 14.39 1.50
N LYS F 529 -34.26 14.87 2.57
CA LYS F 529 -35.07 16.07 2.42
C LYS F 529 -34.23 17.33 2.44
N SER F 530 -34.72 18.35 1.74
CA SER F 530 -34.06 19.64 1.71
C SER F 530 -34.45 20.49 2.91
N THR F 531 -33.64 21.48 3.19
CA THR F 531 -33.90 22.45 4.24
C THR F 531 -33.88 23.85 3.66
N ASN F 532 -34.16 24.84 4.49
CA ASN F 532 -34.07 26.23 4.05
C ASN F 532 -32.63 26.62 3.80
N LEU F 533 -32.42 27.50 2.83
CA LEU F 533 -31.09 27.99 2.52
C LEU F 533 -30.67 29.09 3.50
N VAL F 534 -29.50 28.93 4.08
CA VAL F 534 -29.00 29.89 5.06
C VAL F 534 -27.70 30.54 4.59
N LYS F 535 -27.68 31.87 4.63
CA LYS F 535 -26.53 32.61 4.17
C LYS F 535 -25.94 33.48 5.28
N ASN F 536 -24.68 33.88 5.09
CA ASN F 536 -23.98 34.78 6.00
C ASN F 536 -23.70 34.15 7.35
N LYS F 537 -23.73 32.82 7.40
CA LYS F 537 -23.41 32.09 8.61
C LYS F 537 -22.46 30.94 8.30
N CYS F 538 -21.72 30.48 9.31
CA CYS F 538 -20.92 29.26 9.18
C CYS F 538 -21.80 28.04 9.33
N VAL F 539 -21.94 27.30 8.23
CA VAL F 539 -22.83 26.17 8.19
C VAL F 539 -22.19 24.97 7.50
N ASN F 540 -22.75 23.81 7.73
CA ASN F 540 -22.48 22.66 6.88
C ASN F 540 -23.43 22.75 5.71
N PHE F 541 -23.05 22.21 4.57
CA PHE F 541 -23.97 22.23 3.44
C PHE F 541 -23.85 21.00 2.56
N ASN F 542 -24.93 20.73 1.84
CA ASN F 542 -24.97 19.67 0.85
C ASN F 542 -25.80 20.10 -0.36
N PHE F 543 -25.12 20.47 -1.44
CA PHE F 543 -25.82 20.93 -2.63
C PHE F 543 -25.84 19.85 -3.70
N ASN F 544 -26.98 19.18 -3.81
CA ASN F 544 -27.15 18.14 -4.81
C ASN F 544 -26.01 17.12 -4.74
N GLY F 545 -25.60 16.77 -3.52
CA GLY F 545 -24.56 15.76 -3.31
C GLY F 545 -23.20 16.38 -3.00
N LEU F 546 -23.06 17.69 -3.24
CA LEU F 546 -21.79 18.38 -2.99
C LEU F 546 -21.74 18.88 -1.56
N THR F 547 -20.98 18.20 -0.72
CA THR F 547 -20.93 18.54 0.70
C THR F 547 -19.71 19.38 1.05
N GLY F 548 -19.80 20.07 2.17
CA GLY F 548 -18.68 20.85 2.69
C GLY F 548 -19.12 21.77 3.82
N THR F 549 -18.16 22.54 4.34
CA THR F 549 -18.44 23.48 5.42
C THR F 549 -17.93 24.85 5.05
N GLY F 550 -18.73 25.88 5.33
CA GLY F 550 -18.31 27.24 5.02
C GLY F 550 -19.46 28.23 5.14
N VAL F 551 -19.23 29.43 4.63
CA VAL F 551 -20.21 30.49 4.69
C VAL F 551 -20.75 30.76 3.29
N LEU F 552 -22.07 30.74 3.17
CA LEU F 552 -22.71 30.93 1.87
C LEU F 552 -23.17 32.37 1.72
N THR F 553 -22.83 32.99 0.60
CA THR F 553 -23.29 34.34 0.31
C THR F 553 -23.76 34.45 -1.13
N GLU F 554 -24.52 35.49 -1.43
CA GLU F 554 -24.91 35.74 -2.81
C GLU F 554 -23.69 36.02 -3.66
N SER F 555 -23.62 35.39 -4.83
CA SER F 555 -22.48 35.54 -5.71
C SER F 555 -22.69 36.63 -6.73
N ASN F 556 -21.61 37.26 -7.16
CA ASN F 556 -21.65 38.20 -8.26
C ASN F 556 -20.94 37.63 -9.48
N LYS F 557 -20.72 36.32 -9.46
CA LYS F 557 -20.03 35.64 -10.55
C LYS F 557 -20.97 35.42 -11.72
N LYS F 558 -20.46 35.67 -12.92
CA LYS F 558 -21.27 35.57 -14.12
C LYS F 558 -21.36 34.14 -14.62
N PHE F 559 -22.10 33.31 -13.90
CA PHE F 559 -22.29 31.94 -14.31
C PHE F 559 -23.08 31.87 -15.59
N LEU F 560 -22.68 30.95 -16.47
CA LEU F 560 -23.46 30.67 -17.65
C LEU F 560 -24.55 29.66 -17.28
N PRO F 561 -25.67 29.63 -18.02
CA PRO F 561 -26.85 28.82 -17.77
C PRO F 561 -26.54 27.33 -17.56
N PHE F 562 -25.43 26.88 -18.10
CA PHE F 562 -25.09 25.46 -18.01
C PHE F 562 -24.14 25.13 -16.87
N GLN F 563 -23.56 26.16 -16.26
CA GLN F 563 -22.56 25.96 -15.22
C GLN F 563 -23.21 25.77 -13.86
N GLN F 564 -22.81 24.71 -13.16
CA GLN F 564 -23.47 24.32 -11.91
C GLN F 564 -22.69 24.77 -10.69
N PHE F 565 -21.39 24.90 -10.84
CA PHE F 565 -20.52 25.32 -9.75
C PHE F 565 -19.25 25.89 -10.33
N GLY F 566 -18.52 26.63 -9.51
CA GLY F 566 -17.28 27.22 -9.95
C GLY F 566 -16.12 26.77 -9.09
N ARG F 567 -14.92 27.03 -9.58
CA ARG F 567 -13.70 26.69 -8.85
C ARG F 567 -12.69 27.80 -8.94
N ASP F 568 -11.84 27.90 -7.92
CA ASP F 568 -10.78 28.90 -7.90
C ASP F 568 -9.52 28.37 -8.55
N ILE F 569 -8.43 29.13 -8.43
CA ILE F 569 -7.15 28.76 -9.02
C ILE F 569 -6.57 27.51 -8.35
N ALA F 570 -7.10 27.17 -7.19
CA ALA F 570 -6.68 25.99 -6.45
C ALA F 570 -7.46 24.76 -6.92
N ASP F 571 -8.38 24.98 -7.85
CA ASP F 571 -9.24 23.93 -8.37
C ASP F 571 -10.10 23.29 -7.28
N THR F 572 -10.65 24.14 -6.40
CA THR F 572 -11.62 23.67 -5.42
C THR F 572 -12.91 24.48 -5.52
N THR F 573 -14.03 23.84 -5.20
CA THR F 573 -15.33 24.49 -5.33
C THR F 573 -15.38 25.75 -4.50
N ASP F 574 -15.74 26.86 -5.12
CA ASP F 574 -15.84 28.13 -4.42
C ASP F 574 -17.15 28.83 -4.74
N ALA F 575 -18.02 28.13 -5.46
CA ALA F 575 -19.33 28.65 -5.80
C ALA F 575 -20.22 27.52 -6.28
N VAL F 576 -21.50 27.60 -5.95
CA VAL F 576 -22.46 26.61 -6.40
C VAL F 576 -23.75 27.25 -6.90
N ARG F 577 -24.45 26.52 -7.75
CA ARG F 577 -25.80 26.90 -8.15
C ARG F 577 -26.81 26.13 -7.33
N ASP F 578 -27.64 26.86 -6.60
CA ASP F 578 -28.65 26.22 -5.78
C ASP F 578 -29.64 25.46 -6.65
N PRO F 579 -29.80 24.16 -6.43
CA PRO F 579 -30.54 23.22 -7.24
C PRO F 579 -32.04 23.46 -7.24
N GLN F 580 -32.52 24.36 -6.38
CA GLN F 580 -33.94 24.68 -6.35
C GLN F 580 -34.24 26.09 -6.83
N THR F 581 -33.38 27.04 -6.48
CA THR F 581 -33.63 28.44 -6.80
C THR F 581 -32.80 28.92 -7.96
N LEU F 582 -31.77 28.16 -8.32
CA LEU F 582 -30.82 28.51 -9.37
C LEU F 582 -30.03 29.76 -9.01
N GLU F 583 -30.03 30.10 -7.74
CA GLU F 583 -29.23 31.19 -7.21
C GLU F 583 -27.76 30.79 -7.16
N ILE F 584 -26.87 31.72 -7.52
CA ILE F 584 -25.45 31.43 -7.42
C ILE F 584 -24.91 31.88 -6.08
N LEU F 585 -24.28 30.96 -5.37
CA LEU F 585 -23.77 31.23 -4.05
C LEU F 585 -22.25 31.09 -4.00
N ASP F 586 -21.59 32.04 -3.36
CA ASP F 586 -20.16 31.97 -3.13
C ASP F 586 -19.87 31.18 -1.87
N ILE F 587 -18.82 30.39 -1.89
CA ILE F 587 -18.44 29.62 -0.72
C ILE F 587 -17.07 30.03 -0.19
N THR F 588 -17.04 30.43 1.07
CA THR F 588 -15.79 30.69 1.75
C THR F 588 -15.73 29.80 2.99
N PRO F 589 -14.55 29.46 3.46
CA PRO F 589 -14.32 28.71 4.68
C PRO F 589 -14.71 29.55 5.88
N CYS F 590 -15.10 28.88 6.95
CA CYS F 590 -15.44 29.54 8.20
C CYS F 590 -14.17 30.11 8.82
N SER F 591 -14.28 31.30 9.39
CA SER F 591 -13.09 32.00 9.87
C SER F 591 -12.23 31.11 10.74
N PHE F 592 -10.94 31.12 10.47
CA PHE F 592 -9.99 30.33 11.23
C PHE F 592 -8.62 30.99 11.16
N GLY F 593 -7.71 30.53 11.99
CA GLY F 593 -6.33 31.01 11.96
C GLY F 593 -5.53 30.45 13.10
N GLY F 594 -4.23 30.68 13.08
CA GLY F 594 -3.37 30.18 14.14
C GLY F 594 -3.60 30.96 15.43
N VAL F 595 -3.36 30.31 16.55
CA VAL F 595 -3.47 30.97 17.83
C VAL F 595 -2.15 30.89 18.57
N SER F 596 -1.59 32.05 18.89
CA SER F 596 -0.33 32.09 19.59
C SER F 596 -0.49 32.72 20.95
N VAL F 597 0.30 32.26 21.90
CA VAL F 597 0.23 32.74 23.26
C VAL F 597 1.45 33.55 23.61
N ILE F 598 1.22 34.78 24.01
CA ILE F 598 2.26 35.71 24.38
C ILE F 598 2.44 35.71 25.87
N THR F 599 3.64 35.39 26.31
CA THR F 599 3.85 35.29 27.74
C THR F 599 5.25 35.70 28.13
N PRO F 600 5.41 36.28 29.31
CA PRO F 600 6.65 36.38 30.04
C PRO F 600 6.92 35.00 30.59
N GLY F 601 8.14 34.75 31.02
CA GLY F 601 8.41 33.42 31.51
C GLY F 601 7.52 33.12 32.71
N THR F 602 7.21 31.85 32.91
CA THR F 602 6.44 31.43 34.08
C THR F 602 7.22 31.65 35.38
N ASN F 603 8.52 31.97 35.24
CA ASN F 603 9.37 32.36 36.35
C ASN F 603 9.06 33.79 36.82
N THR F 604 8.26 34.51 36.04
CA THR F 604 7.87 35.89 36.33
C THR F 604 6.37 36.01 36.59
N SER F 605 5.57 35.49 35.68
CA SER F 605 4.12 35.63 35.77
C SER F 605 3.38 34.57 34.98
N ASN F 606 2.18 34.23 35.42
CA ASN F 606 1.33 33.29 34.71
C ASN F 606 0.32 33.99 33.83
N GLN F 607 0.44 35.31 33.71
CA GLN F 607 -0.43 36.06 32.83
C GLN F 607 -0.05 35.82 31.39
N VAL F 608 -1.04 35.68 30.53
CA VAL F 608 -0.78 35.53 29.11
C VAL F 608 -1.68 36.42 28.30
N ALA F 609 -1.27 36.69 27.07
CA ALA F 609 -2.12 37.32 26.09
C ALA F 609 -2.22 36.42 24.88
N VAL F 610 -3.35 36.43 24.21
CA VAL F 610 -3.55 35.52 23.10
C VAL F 610 -3.76 36.25 21.80
N LEU F 611 -2.98 35.88 20.79
CA LEU F 611 -3.12 36.45 19.47
C LEU F 611 -3.81 35.49 18.52
N TYR F 612 -4.91 35.94 17.95
CA TYR F 612 -5.61 35.16 16.94
C TYR F 612 -5.17 35.62 15.57
N GLN F 613 -4.28 34.86 14.97
CA GLN F 613 -3.54 35.31 13.81
C GLN F 613 -4.41 35.47 12.59
N ASP F 614 -4.37 36.67 12.01
CA ASP F 614 -5.19 37.00 10.85
C ASP F 614 -6.67 36.75 11.12
N VAL F 615 -7.10 37.05 12.33
CA VAL F 615 -8.50 36.93 12.72
C VAL F 615 -9.04 38.27 13.21
N ASN F 616 -10.27 38.59 12.85
CA ASN F 616 -10.96 39.78 13.31
C ASN F 616 -11.41 39.61 14.75
N CYS F 617 -11.29 40.67 15.56
CA CYS F 617 -11.66 40.63 16.96
C CYS F 617 -13.17 40.45 17.15
N THR F 618 -13.91 40.58 16.04
CA THR F 618 -15.36 40.39 16.06
C THR F 618 -15.72 38.93 15.81
N GLU F 619 -14.74 38.14 15.39
CA GLU F 619 -14.97 36.74 15.05
C GLU F 619 -14.47 35.81 16.15
N VAL F 620 -13.48 36.27 16.91
CA VAL F 620 -12.82 35.43 17.90
C VAL F 620 -13.77 34.68 18.88
N PRO F 621 -14.72 35.36 19.57
CA PRO F 621 -15.57 34.77 20.60
C PRO F 621 -16.70 33.96 19.99
N ASN F 641 -9.21 44.25 27.35
CA ASN F 641 -7.98 44.29 26.57
C ASN F 641 -8.13 43.54 25.25
N VAL F 642 -8.77 44.20 24.27
CA VAL F 642 -8.91 43.65 22.92
C VAL F 642 -8.32 44.62 21.90
N PHE F 643 -7.20 44.23 21.31
CA PHE F 643 -6.45 45.11 20.43
C PHE F 643 -6.30 44.51 19.03
N GLN F 644 -6.85 45.17 18.04
CA GLN F 644 -6.79 44.67 16.67
C GLN F 644 -5.52 45.14 15.99
N THR F 645 -4.71 44.20 15.52
CA THR F 645 -3.48 44.52 14.83
C THR F 645 -3.49 43.89 13.44
N ARG F 646 -2.42 44.13 12.68
CA ARG F 646 -2.28 43.50 11.38
C ARG F 646 -1.86 42.05 11.50
N ALA F 647 -1.38 41.66 12.68
CA ALA F 647 -0.95 40.30 12.92
C ALA F 647 -2.14 39.44 13.30
N GLY F 648 -3.19 40.08 13.78
CA GLY F 648 -4.36 39.38 14.27
C GLY F 648 -4.96 40.11 15.47
N CYS F 649 -5.90 39.45 16.15
CA CYS F 649 -6.56 40.04 17.32
C CYS F 649 -5.81 39.65 18.59
N LEU F 650 -5.30 40.65 19.29
CA LEU F 650 -4.54 40.40 20.50
C LEU F 650 -5.38 40.68 21.73
N ILE F 651 -5.63 39.64 22.52
CA ILE F 651 -6.49 39.76 23.67
C ILE F 651 -5.74 39.47 24.96
N GLY F 652 -5.85 40.37 25.92
CA GLY F 652 -5.19 40.20 27.21
C GLY F 652 -4.03 41.17 27.38
N ALA F 653 -3.69 41.89 26.32
CA ALA F 653 -2.61 42.86 26.37
C ALA F 653 -3.17 44.27 26.30
N GLU F 654 -2.64 45.16 27.14
CA GLU F 654 -3.07 46.54 27.14
C GLU F 654 -2.25 47.36 26.17
N HIS F 655 -2.90 47.90 25.16
CA HIS F 655 -2.19 48.71 24.19
C HIS F 655 -1.91 50.09 24.74
N VAL F 656 -0.67 50.54 24.58
CA VAL F 656 -0.27 51.86 25.03
C VAL F 656 0.40 52.64 23.90
N ASN F 657 0.41 53.96 24.01
CA ASN F 657 1.06 54.84 23.04
C ASN F 657 2.57 54.87 23.21
N ASN F 658 3.04 54.63 24.44
CA ASN F 658 4.47 54.64 24.74
C ASN F 658 5.20 53.57 23.95
N SER F 659 6.25 53.99 23.25
CA SER F 659 7.04 53.08 22.44
C SER F 659 8.29 52.63 23.17
N TYR F 660 8.52 51.32 23.18
CA TYR F 660 9.66 50.75 23.87
C TYR F 660 10.45 49.88 22.91
N GLU F 661 11.62 49.43 23.35
CA GLU F 661 12.36 48.43 22.60
C GLU F 661 11.52 47.16 22.51
N CYS F 662 11.62 46.44 21.39
CA CYS F 662 10.84 45.24 21.20
C CYS F 662 11.26 44.14 22.17
N ASP F 663 10.29 43.51 22.81
CA ASP F 663 10.55 42.43 23.74
C ASP F 663 10.04 41.12 23.15
N ILE F 664 8.73 40.93 23.16
CA ILE F 664 8.13 39.81 22.48
C ILE F 664 7.43 40.29 21.21
N PRO F 665 7.95 39.96 20.04
CA PRO F 665 7.50 40.43 18.75
C PRO F 665 6.12 39.88 18.44
N ILE F 666 5.22 40.75 17.99
CA ILE F 666 3.89 40.34 17.58
C ILE F 666 3.81 40.32 16.07
N GLY F 667 4.30 41.39 15.45
CA GLY F 667 4.30 41.52 14.01
C GLY F 667 3.79 42.89 13.58
N ALA F 668 4.18 43.32 12.39
CA ALA F 668 3.72 44.59 11.83
C ALA F 668 4.03 45.75 12.76
N GLY F 669 5.20 45.73 13.36
CA GLY F 669 5.67 46.83 14.18
C GLY F 669 5.21 46.75 15.62
N ILE F 670 4.37 45.78 15.93
CA ILE F 670 3.85 45.63 17.28
C ILE F 670 4.64 44.61 18.07
N CYS F 671 4.98 44.98 19.30
CA CYS F 671 5.64 44.10 20.26
C CYS F 671 4.89 44.14 21.58
N ALA F 672 5.11 43.12 22.41
CA ALA F 672 4.50 43.08 23.71
C ALA F 672 5.55 42.85 24.78
N SER F 673 5.26 43.32 25.99
CA SER F 673 6.16 43.12 27.11
C SER F 673 5.41 43.09 28.42
N TYR F 674 6.05 42.59 29.46
CA TYR F 674 5.45 42.56 30.78
C TYR F 674 5.96 43.73 31.62
N GLN F 675 5.05 44.63 32.01
CA GLN F 675 5.39 45.84 32.72
C GLN F 675 4.51 46.01 33.95
N GLN F 690 1.77 44.39 37.80
CA GLN F 690 2.29 44.37 36.45
C GLN F 690 1.33 43.62 35.50
N SER F 691 1.37 43.99 34.22
CA SER F 691 0.52 43.38 33.19
C SER F 691 1.22 43.35 31.85
N ILE F 692 0.65 42.58 30.91
CA ILE F 692 1.17 42.53 29.56
C ILE F 692 0.64 43.70 28.74
N ILE F 693 1.55 44.39 28.07
CA ILE F 693 1.17 45.53 27.25
C ILE F 693 1.58 45.32 25.80
N ALA F 694 0.93 46.05 24.91
CA ALA F 694 1.28 46.02 23.51
C ALA F 694 1.62 47.44 23.05
N TYR F 695 2.60 47.55 22.18
CA TYR F 695 3.05 48.85 21.73
C TYR F 695 3.72 48.78 20.38
N THR F 696 3.84 49.93 19.73
CA THR F 696 4.68 50.03 18.55
C THR F 696 6.13 50.13 18.99
N MET F 697 6.97 49.26 18.47
CA MET F 697 8.35 49.21 18.91
C MET F 697 9.11 50.46 18.49
N SER F 698 10.04 50.88 19.35
CA SER F 698 10.93 51.98 19.05
C SER F 698 12.11 51.48 18.23
N LEU F 699 12.62 52.32 17.35
CA LEU F 699 13.77 51.95 16.56
C LEU F 699 15.04 52.54 17.16
N GLY F 700 14.88 53.23 18.28
CA GLY F 700 16.00 53.87 18.95
C GLY F 700 15.73 55.34 19.20
N ALA F 701 16.55 55.96 20.03
CA ALA F 701 16.39 57.37 20.36
C ALA F 701 16.75 58.22 19.16
N GLU F 702 16.07 59.35 19.01
CA GLU F 702 16.39 60.28 17.94
C GLU F 702 17.65 61.05 18.27
N ASN F 703 18.46 61.31 17.25
CA ASN F 703 19.70 62.04 17.42
C ASN F 703 19.95 62.98 16.26
N SER F 704 19.72 64.26 16.47
CA SER F 704 19.99 65.25 15.45
C SER F 704 21.45 65.67 15.54
N VAL F 705 22.19 65.41 14.47
CA VAL F 705 23.60 65.76 14.44
C VAL F 705 23.76 67.24 14.14
N ALA F 706 24.62 67.90 14.91
CA ALA F 706 24.81 69.34 14.75
C ALA F 706 25.63 69.65 13.52
N TYR F 707 25.08 69.35 12.36
CA TYR F 707 25.76 69.55 11.10
C TYR F 707 25.81 71.01 10.71
N SER F 708 26.94 71.43 10.20
CA SER F 708 27.08 72.72 9.54
C SER F 708 28.22 72.62 8.54
N ASN F 709 28.39 73.64 7.72
CA ASN F 709 29.39 73.59 6.66
C ASN F 709 30.80 73.95 7.16
N ASN F 710 30.92 74.26 8.46
CA ASN F 710 32.20 74.62 9.05
C ASN F 710 32.32 74.19 10.50
N SER F 711 31.70 73.07 10.85
CA SER F 711 31.77 72.58 12.23
C SER F 711 32.13 71.11 12.27
N ILE F 712 33.12 70.79 13.08
CA ILE F 712 33.57 69.42 13.21
C ILE F 712 33.63 69.03 14.68
N ALA F 713 33.27 67.78 14.97
CA ALA F 713 33.43 67.27 16.31
C ALA F 713 34.63 66.35 16.38
N ILE F 714 35.50 66.59 17.34
CA ILE F 714 36.70 65.77 17.50
C ILE F 714 36.81 65.26 18.93
N PRO F 715 36.95 63.94 19.10
CA PRO F 715 37.14 63.24 20.35
C PRO F 715 38.33 63.79 21.10
N THR F 716 38.12 64.18 22.35
CA THR F 716 39.24 64.58 23.20
C THR F 716 39.70 63.43 24.09
N ASN F 717 38.95 62.32 24.05
CA ASN F 717 39.22 61.14 24.85
C ASN F 717 38.80 59.89 24.09
N PHE F 718 39.00 58.74 24.71
CA PHE F 718 38.63 57.45 24.14
C PHE F 718 38.44 56.42 25.22
N THR F 719 37.76 55.34 24.89
CA THR F 719 37.68 54.21 25.78
C THR F 719 38.11 52.94 25.07
N ILE F 720 38.58 51.98 25.84
CA ILE F 720 38.90 50.67 25.30
C ILE F 720 37.77 49.72 25.60
N SER F 721 37.10 49.30 24.55
CA SER F 721 35.93 48.44 24.70
C SER F 721 36.27 47.02 24.35
N VAL F 722 35.74 46.09 25.12
CA VAL F 722 35.86 44.69 24.77
C VAL F 722 34.48 44.09 24.62
N THR F 723 34.24 43.50 23.47
CA THR F 723 32.95 42.87 23.22
C THR F 723 33.13 41.41 22.90
N THR F 724 32.08 40.64 23.10
CA THR F 724 32.15 39.21 22.89
C THR F 724 31.35 38.80 21.68
N GLU F 725 31.99 38.08 20.77
CA GLU F 725 31.28 37.49 19.64
C GLU F 725 31.35 35.98 19.70
N ILE F 726 30.19 35.34 19.69
CA ILE F 726 30.13 33.91 19.87
C ILE F 726 29.66 33.23 18.59
N LEU F 727 30.49 32.33 18.06
CA LEU F 727 30.14 31.62 16.85
C LEU F 727 30.21 30.12 17.06
N PRO F 728 29.21 29.39 16.58
CA PRO F 728 29.22 27.95 16.39
C PRO F 728 30.31 27.55 15.42
N VAL F 729 31.00 26.48 15.75
CA VAL F 729 32.02 25.94 14.87
C VAL F 729 31.69 24.53 14.46
N SER F 730 31.25 23.73 15.42
CA SER F 730 31.02 22.33 15.17
C SER F 730 29.68 21.88 15.68
N MET F 731 29.28 20.70 15.24
CA MET F 731 28.01 20.12 15.58
C MET F 731 28.24 18.70 16.07
N THR F 732 27.37 18.21 16.95
CA THR F 732 27.54 16.85 17.44
C THR F 732 27.62 15.86 16.29
N LYS F 733 28.66 15.03 16.32
CA LYS F 733 28.85 14.05 15.27
C LYS F 733 28.03 12.80 15.52
N THR F 734 26.79 12.83 15.11
CA THR F 734 25.93 11.69 15.32
C THR F 734 26.15 10.65 14.25
N SER F 735 25.80 9.42 14.56
CA SER F 735 25.84 8.33 13.59
C SER F 735 24.65 7.41 13.81
N VAL F 736 23.80 7.30 12.81
CA VAL F 736 22.62 6.48 12.94
C VAL F 736 22.73 5.25 12.07
N ASP F 737 22.67 4.08 12.68
CA ASP F 737 22.72 2.83 11.95
C ASP F 737 21.36 2.58 11.30
N CYS F 738 21.26 2.82 9.99
CA CYS F 738 20.00 2.75 9.26
C CYS F 738 19.32 1.41 9.48
N THR F 739 20.03 0.33 9.25
CA THR F 739 19.44 -1.00 9.35
C THR F 739 18.92 -1.26 10.75
N MET F 740 19.71 -0.94 11.76
CA MET F 740 19.27 -1.19 13.12
C MET F 740 18.11 -0.29 13.52
N TYR F 741 18.15 0.96 13.12
CA TYR F 741 17.08 1.89 13.44
C TYR F 741 15.75 1.36 12.91
N ILE F 742 15.76 0.92 11.67
CA ILE F 742 14.55 0.47 11.00
C ILE F 742 14.11 -0.94 11.44
N CYS F 743 15.07 -1.87 11.48
CA CYS F 743 14.76 -3.29 11.63
C CYS F 743 15.23 -3.88 12.95
N GLY F 744 16.00 -3.12 13.71
CA GLY F 744 16.60 -3.67 14.91
C GLY F 744 17.47 -4.86 14.55
N ASP F 745 17.22 -6.00 15.18
CA ASP F 745 17.98 -7.21 14.89
C ASP F 745 17.12 -8.24 14.16
N SER F 746 16.04 -7.76 13.54
CA SER F 746 15.14 -8.64 12.80
C SER F 746 15.65 -8.95 11.41
N THR F 747 15.86 -10.24 11.14
CA THR F 747 16.33 -10.68 9.84
C THR F 747 15.25 -10.52 8.79
N GLU F 748 14.01 -10.77 9.18
CA GLU F 748 12.89 -10.68 8.25
C GLU F 748 12.73 -9.26 7.73
N CYS F 749 12.85 -8.27 8.61
CA CYS F 749 12.78 -6.87 8.23
C CYS F 749 13.97 -6.49 7.38
N SER F 750 15.16 -6.93 7.78
CA SER F 750 16.37 -6.61 7.04
C SER F 750 16.26 -7.06 5.59
N ASN F 751 15.73 -8.25 5.37
CA ASN F 751 15.58 -8.78 4.02
C ASN F 751 14.60 -7.95 3.20
N LEU F 752 13.55 -7.46 3.85
CA LEU F 752 12.59 -6.59 3.17
C LEU F 752 13.21 -5.24 2.86
N LEU F 753 14.07 -4.78 3.75
CA LEU F 753 14.72 -3.49 3.60
C LEU F 753 15.62 -3.47 2.37
N LEU F 754 16.18 -4.63 2.03
CA LEU F 754 17.04 -4.74 0.85
C LEU F 754 16.28 -4.47 -0.45
N GLN F 755 14.96 -4.56 -0.40
CA GLN F 755 14.14 -4.36 -1.59
C GLN F 755 14.11 -2.90 -1.98
N TYR F 756 14.57 -2.04 -1.07
CA TYR F 756 14.52 -0.61 -1.31
C TYR F 756 15.84 -0.10 -1.87
N GLY F 757 16.76 -1.00 -2.14
CA GLY F 757 18.03 -0.63 -2.74
C GLY F 757 19.01 -0.12 -1.70
N SER F 758 19.66 0.99 -2.02
CA SER F 758 20.80 1.47 -1.25
C SER F 758 20.48 2.68 -0.39
N PHE F 759 19.19 2.90 -0.10
CA PHE F 759 18.80 4.05 0.70
C PHE F 759 19.59 4.14 2.00
N CYS F 760 19.77 3.01 2.68
CA CYS F 760 20.52 2.98 3.94
C CYS F 760 21.99 3.32 3.72
N THR F 761 22.53 2.93 2.59
CA THR F 761 23.92 3.26 2.28
C THR F 761 24.05 4.77 2.09
N GLN F 762 23.08 5.37 1.41
CA GLN F 762 23.06 6.80 1.20
C GLN F 762 22.96 7.56 2.51
N LEU F 763 22.11 7.08 3.39
CA LEU F 763 21.85 7.75 4.66
C LEU F 763 23.04 7.65 5.58
N ASN F 764 23.66 6.47 5.61
CA ASN F 764 24.85 6.27 6.43
C ASN F 764 25.98 7.13 5.90
N ARG F 765 26.06 7.25 4.58
CA ARG F 765 27.09 8.03 3.93
C ARG F 765 26.90 9.53 4.20
N ALA F 766 25.66 9.99 4.14
CA ALA F 766 25.37 11.40 4.36
C ALA F 766 25.77 11.83 5.77
N LEU F 767 25.46 11.00 6.75
CA LEU F 767 25.79 11.32 8.13
C LEU F 767 27.28 11.23 8.37
N THR F 768 27.94 10.30 7.69
CA THR F 768 29.39 10.19 7.79
C THR F 768 30.04 11.44 7.25
N GLY F 769 29.55 11.93 6.12
CA GLY F 769 30.07 13.14 5.51
C GLY F 769 29.93 14.33 6.46
N ILE F 770 28.79 14.41 7.13
CA ILE F 770 28.58 15.48 8.10
C ILE F 770 29.57 15.37 9.25
N ALA F 771 29.72 14.15 9.78
CA ALA F 771 30.60 13.94 10.91
C ALA F 771 32.03 14.36 10.59
N VAL F 772 32.48 14.05 9.38
CA VAL F 772 33.83 14.44 8.97
C VAL F 772 33.95 15.94 8.88
N GLU F 773 32.95 16.59 8.29
CA GLU F 773 32.95 18.03 8.17
C GLU F 773 33.18 18.72 9.51
N GLN F 774 32.60 18.16 10.57
CA GLN F 774 32.66 18.79 11.87
C GLN F 774 34.09 18.88 12.38
N ASP F 775 34.93 17.93 12.01
CA ASP F 775 36.33 17.98 12.42
C ASP F 775 37.08 18.97 11.55
N LYS F 776 36.67 19.04 10.29
CA LYS F 776 37.24 20.02 9.36
C LYS F 776 36.93 21.43 9.82
N ASN F 777 35.70 21.65 10.30
CA ASN F 777 35.28 22.97 10.75
C ASN F 777 36.13 23.43 11.93
N THR F 778 36.33 22.53 12.88
CA THR F 778 37.12 22.85 14.06
C THR F 778 38.55 23.15 13.67
N GLN F 779 39.10 22.34 12.79
CA GLN F 779 40.47 22.50 12.36
C GLN F 779 40.68 23.82 11.65
N GLU F 780 39.73 24.20 10.80
CA GLU F 780 39.83 25.44 10.05
C GLU F 780 39.87 26.66 10.97
N VAL F 781 39.15 26.59 12.07
CA VAL F 781 39.07 27.72 12.99
C VAL F 781 40.28 27.80 13.92
N PHE F 782 40.64 26.67 14.52
CA PHE F 782 41.60 26.69 15.60
C PHE F 782 43.02 26.33 15.19
N ALA F 783 43.17 25.41 14.24
CA ALA F 783 44.49 24.96 13.85
C ALA F 783 45.08 25.86 12.78
N GLN F 784 45.24 27.14 13.11
CA GLN F 784 45.73 28.12 12.17
C GLN F 784 47.17 28.51 12.45
N VAL F 785 47.76 27.89 13.46
CA VAL F 785 49.10 28.26 13.88
C VAL F 785 50.09 27.15 13.64
N LYS F 786 51.23 27.49 13.04
CA LYS F 786 52.25 26.52 12.69
C LYS F 786 52.93 25.94 13.93
N GLN F 787 53.17 26.78 14.93
CA GLN F 787 53.83 26.36 16.15
C GLN F 787 52.98 26.65 17.36
N ILE F 788 53.21 25.92 18.42
CA ILE F 788 52.54 26.18 19.68
C ILE F 788 53.32 27.18 20.49
N TYR F 789 52.83 28.40 20.52
CA TYR F 789 53.54 29.48 21.17
C TYR F 789 53.21 29.52 22.65
N LYS F 790 54.18 29.94 23.44
CA LYS F 790 53.97 30.02 24.89
C LYS F 790 54.29 31.43 25.35
N THR F 791 53.59 31.90 26.37
CA THR F 791 53.90 33.17 26.99
C THR F 791 55.08 32.99 27.92
N PRO F 792 55.79 34.08 28.26
CA PRO F 792 56.85 34.12 29.24
C PRO F 792 56.29 33.86 30.64
N PRO F 793 57.12 33.28 31.51
CA PRO F 793 56.89 33.12 32.94
C PRO F 793 56.56 34.42 33.63
N ILE F 794 57.13 35.52 33.14
CA ILE F 794 56.87 36.83 33.72
C ILE F 794 55.91 37.63 32.87
N LYS F 795 54.72 37.84 33.39
CA LYS F 795 53.66 38.50 32.64
C LYS F 795 53.79 40.01 32.71
N ASP F 796 54.87 40.54 32.14
CA ASP F 796 55.07 41.99 32.11
C ASP F 796 54.77 42.54 30.73
N PHE F 797 53.60 43.11 30.58
CA PHE F 797 53.15 43.61 29.30
C PHE F 797 52.87 45.10 29.39
N GLY F 798 53.52 45.76 30.33
CA GLY F 798 53.42 47.19 30.47
C GLY F 798 52.14 47.62 31.18
N GLY F 799 51.60 46.75 32.01
CA GLY F 799 50.39 47.05 32.76
C GLY F 799 49.17 46.33 32.21
N PHE F 800 49.33 45.72 31.03
CA PHE F 800 48.24 44.98 30.43
C PHE F 800 48.13 43.58 31.02
N ASN F 801 46.95 43.26 31.53
CA ASN F 801 46.70 42.03 32.28
C ASN F 801 45.83 41.06 31.47
N PHE F 802 46.41 39.91 31.11
CA PHE F 802 45.74 38.92 30.27
C PHE F 802 45.40 37.66 31.06
N SER F 803 45.39 37.77 32.38
CA SER F 803 45.22 36.60 33.24
C SER F 803 43.87 35.91 33.07
N GLN F 804 42.89 36.63 32.55
CA GLN F 804 41.56 36.06 32.40
C GLN F 804 41.36 35.37 31.06
N ILE F 805 42.31 35.54 30.15
CA ILE F 805 42.22 34.90 28.85
C ILE F 805 43.31 33.86 28.66
N LEU F 806 44.38 33.98 29.45
CA LEU F 806 45.45 33.00 29.43
C LEU F 806 45.07 31.80 30.29
N PRO F 807 45.60 30.62 29.99
CA PRO F 807 45.39 29.38 30.70
C PRO F 807 45.67 29.51 32.19
N ASP F 808 44.79 28.95 33.01
CA ASP F 808 45.00 28.91 34.44
C ASP F 808 45.64 27.58 34.83
N PRO F 809 46.94 27.59 35.17
CA PRO F 809 47.79 26.43 35.36
C PRO F 809 47.39 25.62 36.58
N SER F 810 46.54 26.18 37.44
CA SER F 810 46.12 25.51 38.65
C SER F 810 45.00 24.52 38.37
N LYS F 811 44.43 24.60 37.18
CA LYS F 811 43.33 23.70 36.80
C LYS F 811 43.83 22.66 35.80
N PRO F 812 43.48 21.38 36.01
CA PRO F 812 43.80 20.24 35.15
C PRO F 812 43.44 20.47 33.69
N SER F 813 42.37 21.23 33.46
CA SER F 813 41.89 21.47 32.11
C SER F 813 42.73 22.49 31.35
N LYS F 814 43.56 23.23 32.08
CA LYS F 814 44.39 24.27 31.49
C LYS F 814 43.56 25.26 30.66
N ARG F 815 42.42 25.66 31.20
CA ARG F 815 41.58 26.66 30.55
C ARG F 815 41.79 28.01 31.21
N SER F 816 41.52 29.07 30.48
CA SER F 816 41.50 30.39 31.10
C SER F 816 40.27 30.48 31.98
N PRO F 817 40.24 31.41 32.93
CA PRO F 817 39.10 31.76 33.75
C PRO F 817 37.84 32.01 32.93
N ILE F 818 37.99 32.65 31.78
CA ILE F 818 36.86 32.89 30.89
C ILE F 818 36.43 31.62 30.17
N GLU F 819 37.40 30.86 29.66
CA GLU F 819 37.08 29.61 29.00
C GLU F 819 36.39 28.64 29.94
N ASP F 820 36.85 28.62 31.20
CA ASP F 820 36.25 27.76 32.21
C ASP F 820 34.80 28.14 32.41
N LEU F 821 34.54 29.44 32.46
CA LEU F 821 33.18 29.94 32.59
C LEU F 821 32.33 29.54 31.39
N LEU F 822 32.88 29.67 30.18
CA LEU F 822 32.14 29.35 28.97
C LEU F 822 31.74 27.89 28.94
N PHE F 823 32.64 27.02 29.35
CA PHE F 823 32.38 25.59 29.34
C PHE F 823 31.38 25.18 30.41
N ASN F 824 31.35 25.91 31.52
CA ASN F 824 30.39 25.64 32.57
C ASN F 824 28.98 26.09 32.16
N LYS F 825 28.91 27.15 31.36
CA LYS F 825 27.61 27.66 30.91
C LYS F 825 26.95 26.74 29.88
N VAL F 826 27.76 26.18 28.97
CA VAL F 826 27.27 25.24 27.96
C VAL F 826 28.13 23.98 27.98
N ILE F 850 21.03 9.84 26.65
CA ILE F 850 21.90 9.38 25.57
C ILE F 850 21.69 7.88 25.30
N CYS F 851 21.57 7.09 26.37
CA CYS F 851 21.43 5.64 26.26
C CYS F 851 20.15 5.24 25.54
N ALA F 852 19.07 5.98 25.80
CA ALA F 852 17.79 5.69 25.16
C ALA F 852 17.91 5.81 23.64
N GLN F 853 18.77 6.74 23.20
CA GLN F 853 19.03 6.93 21.78
C GLN F 853 19.97 5.84 21.27
N LYS F 854 21.06 5.63 22.00
CA LYS F 854 22.06 4.64 21.59
C LYS F 854 21.45 3.27 21.40
N PHE F 855 20.51 2.92 22.25
CA PHE F 855 19.92 1.59 22.23
C PHE F 855 19.15 1.34 20.95
N ASN F 856 18.94 2.40 20.17
CA ASN F 856 18.22 2.29 18.91
C ASN F 856 19.14 2.49 17.70
N GLY F 857 20.44 2.41 17.95
CA GLY F 857 21.43 2.50 16.87
C GLY F 857 21.91 3.93 16.64
N LEU F 858 21.61 4.83 17.57
CA LEU F 858 22.02 6.22 17.44
C LEU F 858 23.21 6.53 18.32
N THR F 859 24.40 6.56 17.73
CA THR F 859 25.60 6.76 18.51
C THR F 859 26.18 8.15 18.30
N VAL F 860 27.08 8.55 19.17
CA VAL F 860 27.78 9.80 19.02
C VAL F 860 29.28 9.58 18.95
N LEU F 861 29.90 10.11 17.92
CA LEU F 861 31.33 10.00 17.74
C LEU F 861 32.02 11.19 18.39
N PRO F 862 33.17 10.97 19.02
CA PRO F 862 34.00 11.99 19.63
C PRO F 862 34.68 12.81 18.54
N PRO F 863 34.84 14.11 18.77
CA PRO F 863 35.63 15.04 17.99
C PRO F 863 37.07 14.57 17.90
N LEU F 864 37.70 14.80 16.76
CA LEU F 864 39.09 14.45 16.60
C LEU F 864 39.95 15.23 17.58
N LEU F 865 39.68 16.52 17.71
CA LEU F 865 40.37 17.34 18.68
C LEU F 865 39.58 17.40 19.97
N THR F 866 40.23 17.06 21.07
CA THR F 866 39.61 17.15 22.37
C THR F 866 39.53 18.60 22.79
N ASP F 867 38.76 18.87 23.84
CA ASP F 867 38.65 20.23 24.34
C ASP F 867 39.99 20.76 24.81
N GLU F 868 40.84 19.87 25.35
CA GLU F 868 42.19 20.23 25.83
C GLU F 868 43.10 20.59 24.65
N MET F 869 42.93 19.93 23.50
CA MET F 869 43.71 20.27 22.32
C MET F 869 43.27 21.60 21.73
N ILE F 870 41.97 21.84 21.75
CA ILE F 870 41.44 23.10 21.24
C ILE F 870 41.90 24.26 22.12
N ALA F 871 41.88 24.04 23.43
CA ALA F 871 42.37 25.04 24.37
C ALA F 871 43.85 25.33 24.13
N GLN F 872 44.61 24.29 23.78
CA GLN F 872 46.03 24.45 23.47
C GLN F 872 46.24 25.28 22.22
N TYR F 873 45.39 25.08 21.22
CA TYR F 873 45.46 25.91 20.02
C TYR F 873 45.14 27.35 20.36
N THR F 874 44.13 27.54 21.19
CA THR F 874 43.71 28.87 21.56
C THR F 874 44.80 29.59 22.33
N SER F 875 45.42 28.89 23.28
CA SER F 875 46.47 29.49 24.08
C SER F 875 47.70 29.81 23.24
N ALA F 876 47.95 28.99 22.23
CA ALA F 876 49.03 29.25 21.30
C ALA F 876 48.78 30.54 20.52
N LEU F 877 47.54 30.71 20.10
CA LEU F 877 47.14 31.91 19.37
C LEU F 877 47.25 33.14 20.25
N LEU F 878 46.87 33.00 21.52
CA LEU F 878 46.97 34.11 22.46
C LEU F 878 48.42 34.47 22.71
N ALA F 879 49.25 33.46 22.90
CA ALA F 879 50.66 33.69 23.17
C ALA F 879 51.30 34.39 21.99
N GLY F 880 50.95 33.96 20.78
CA GLY F 880 51.48 34.56 19.58
C GLY F 880 51.07 36.01 19.49
N THR F 881 49.79 36.27 19.69
CA THR F 881 49.25 37.62 19.59
C THR F 881 49.89 38.54 20.60
N ILE F 882 50.05 38.06 21.82
CA ILE F 882 50.55 38.88 22.92
C ILE F 882 52.03 39.19 22.79
N THR F 883 52.82 38.23 22.31
CA THR F 883 54.27 38.40 22.28
C THR F 883 54.82 38.83 20.94
N SER F 884 54.09 38.59 19.85
CA SER F 884 54.62 38.89 18.52
C SER F 884 53.62 39.61 17.63
N GLY F 885 52.50 40.02 18.19
CA GLY F 885 51.49 40.75 17.43
C GLY F 885 50.96 39.94 16.27
N TRP F 886 50.97 40.53 15.08
CA TRP F 886 50.45 39.85 13.90
C TRP F 886 51.53 39.17 13.09
N THR F 887 52.77 39.26 13.53
CA THR F 887 53.86 38.76 12.70
C THR F 887 53.84 37.24 12.58
N PHE F 888 53.39 36.57 13.64
CA PHE F 888 53.39 35.11 13.67
C PHE F 888 52.33 34.56 12.74
N GLY F 889 51.40 35.41 12.32
CA GLY F 889 50.34 34.99 11.43
C GLY F 889 50.74 35.17 9.97
N ALA F 890 51.92 35.74 9.74
CA ALA F 890 52.40 35.98 8.39
C ALA F 890 53.63 35.14 8.09
N GLY F 891 54.55 35.12 9.04
CA GLY F 891 55.79 34.36 8.90
C GLY F 891 56.24 33.87 10.27
N PRO F 892 57.51 34.07 10.63
CA PRO F 892 58.09 33.75 11.91
C PRO F 892 57.56 34.72 12.95
N ALA F 893 57.46 34.27 14.19
CA ALA F 893 56.97 35.12 15.26
C ALA F 893 58.06 36.08 15.70
N LEU F 894 57.83 37.36 15.49
CA LEU F 894 58.80 38.38 15.82
C LEU F 894 58.41 39.06 17.11
N GLN F 895 59.22 38.90 18.15
CA GLN F 895 58.85 39.46 19.43
C GLN F 895 58.80 40.98 19.37
N ILE F 896 57.90 41.53 20.14
CA ILE F 896 57.76 42.97 20.29
C ILE F 896 57.13 43.25 21.65
N PRO F 897 57.56 44.28 22.37
CA PRO F 897 56.98 44.73 23.61
C PRO F 897 55.50 45.00 23.41
N PHE F 898 54.67 44.59 24.36
CA PHE F 898 53.24 44.72 24.16
C PHE F 898 52.80 46.17 23.93
N PRO F 899 53.25 47.14 24.74
CA PRO F 899 52.94 48.55 24.61
C PRO F 899 53.28 49.06 23.21
N MET F 900 54.35 48.55 22.64
CA MET F 900 54.79 48.94 21.32
C MET F 900 53.88 48.34 20.27
N GLN F 901 53.44 47.12 20.50
CA GLN F 901 52.48 46.46 19.65
C GLN F 901 51.17 47.22 19.65
N MET F 902 50.76 47.70 20.82
CA MET F 902 49.52 48.45 20.93
C MET F 902 49.66 49.78 20.21
N ALA F 903 50.84 50.36 20.28
CA ALA F 903 51.12 51.61 19.57
C ALA F 903 50.98 51.43 18.07
N TYR F 904 51.42 50.29 17.56
CA TYR F 904 51.27 49.98 16.15
C TYR F 904 49.80 49.89 15.78
N ARG F 905 49.02 49.29 16.68
CA ARG F 905 47.60 49.11 16.45
C ARG F 905 46.84 50.42 16.55
N PHE F 906 47.38 51.36 17.31
CA PHE F 906 46.83 52.71 17.32
C PHE F 906 47.06 53.40 15.98
N ASN F 907 48.26 53.24 15.43
CA ASN F 907 48.54 53.79 14.11
C ASN F 907 47.61 53.18 13.08
N GLY F 908 47.28 51.92 13.27
CA GLY F 908 46.42 51.18 12.36
C GLY F 908 44.99 51.72 12.34
N ILE F 909 44.64 52.56 13.30
CA ILE F 909 43.30 53.14 13.34
C ILE F 909 43.36 54.66 13.17
N GLY F 910 44.50 55.15 12.72
CA GLY F 910 44.65 56.56 12.42
C GLY F 910 44.87 57.41 13.67
N VAL F 911 45.45 56.82 14.70
CA VAL F 911 45.78 57.52 15.93
C VAL F 911 47.28 57.42 16.17
N THR F 912 47.92 58.53 16.47
CA THR F 912 49.37 58.53 16.58
C THR F 912 49.85 57.69 17.76
N GLN F 913 51.07 57.18 17.65
CA GLN F 913 51.62 56.27 18.64
C GLN F 913 51.87 56.94 19.98
N ASN F 914 52.04 58.25 19.96
CA ASN F 914 52.29 58.97 21.20
C ASN F 914 51.05 59.02 22.06
N VAL F 915 49.88 58.83 21.44
CA VAL F 915 48.64 58.79 22.20
C VAL F 915 48.60 57.54 23.06
N LEU F 916 49.14 56.45 22.54
CA LEU F 916 49.25 55.22 23.30
C LEU F 916 50.22 55.41 24.46
N TYR F 917 51.41 55.90 24.14
CA TYR F 917 52.49 55.95 25.13
C TYR F 917 52.23 56.95 26.23
N GLU F 918 51.55 58.03 25.89
CA GLU F 918 51.29 59.07 26.87
C GLU F 918 50.07 58.75 27.71
N ASN F 919 49.37 57.68 27.36
CA ASN F 919 48.18 57.26 28.09
C ASN F 919 48.26 55.78 28.41
N GLN F 920 49.47 55.24 28.46
CA GLN F 920 49.64 53.81 28.59
C GLN F 920 48.95 53.18 29.79
N LYS F 921 49.02 53.84 30.94
CA LYS F 921 48.40 53.30 32.15
C LYS F 921 46.88 53.40 32.10
N LEU F 922 46.39 54.49 31.53
CA LEU F 922 44.96 54.68 31.35
C LEU F 922 44.46 53.57 30.45
N ILE F 923 45.16 53.34 29.34
CA ILE F 923 44.76 52.35 28.36
C ILE F 923 44.82 50.96 28.94
N ALA F 924 45.90 50.65 29.65
CA ALA F 924 46.04 49.35 30.29
C ALA F 924 44.92 49.15 31.31
N ASN F 925 44.55 50.22 32.01
CA ASN F 925 43.51 50.13 33.03
C ASN F 925 42.14 49.96 32.40
N GLN F 926 41.87 50.68 31.31
CA GLN F 926 40.60 50.55 30.61
C GLN F 926 40.48 49.15 30.03
N PHE F 927 41.59 48.65 29.51
CA PHE F 927 41.62 47.29 28.97
C PHE F 927 41.37 46.26 30.04
N ASN F 928 42.09 46.37 31.16
CA ASN F 928 41.97 45.40 32.24
C ASN F 928 40.57 45.39 32.81
N SER F 929 39.98 46.57 32.91
CA SER F 929 38.63 46.70 33.40
C SER F 929 37.64 46.05 32.45
N ALA F 930 37.80 46.31 31.16
CA ALA F 930 36.91 45.76 30.15
C ALA F 930 36.94 44.24 30.15
N ILE F 931 38.13 43.65 30.31
CA ILE F 931 38.24 42.21 30.35
C ILE F 931 37.52 41.64 31.57
N GLY F 932 37.70 42.30 32.72
CA GLY F 932 37.02 41.88 33.94
C GLY F 932 35.50 41.91 33.76
N LYS F 933 35.02 42.93 33.05
CA LYS F 933 33.60 43.06 32.79
C LYS F 933 33.07 41.90 31.95
N ILE F 934 33.89 41.40 31.03
CA ILE F 934 33.47 40.30 30.18
C ILE F 934 33.12 39.07 31.00
N GLN F 935 33.99 38.74 31.96
CA GLN F 935 33.75 37.58 32.78
C GLN F 935 32.48 37.74 33.60
N ASP F 936 32.24 38.93 34.11
CA ASP F 936 31.04 39.21 34.89
C ASP F 936 29.79 39.20 34.02
N SER F 937 29.92 39.74 32.81
CA SER F 937 28.80 39.80 31.89
C SER F 937 28.34 38.41 31.50
N LEU F 938 29.28 37.53 31.20
CA LEU F 938 28.96 36.16 30.83
C LEU F 938 28.35 35.42 32.02
N SER F 939 28.94 35.59 33.19
CA SER F 939 28.52 34.87 34.37
C SER F 939 27.08 35.19 34.74
N SER F 940 26.72 36.47 34.64
CA SER F 940 25.40 36.93 35.06
C SER F 940 24.37 36.89 33.94
N THR F 941 24.75 36.41 32.76
CA THR F 941 23.83 36.36 31.63
C THR F 941 23.77 34.98 30.99
N PRO F 942 22.88 34.11 31.47
CA PRO F 942 22.68 32.72 31.06
C PRO F 942 22.42 32.60 29.56
N SER F 943 21.88 33.65 28.97
CA SER F 943 21.52 33.66 27.55
C SER F 943 22.69 34.05 26.67
N ALA F 944 23.81 34.39 27.29
CA ALA F 944 24.97 34.90 26.57
C ALA F 944 25.45 33.92 25.52
N LEU F 945 25.36 32.62 25.82
CA LEU F 945 25.84 31.61 24.92
C LEU F 945 24.71 30.91 24.20
N GLY F 946 23.59 31.63 24.04
CA GLY F 946 22.41 31.09 23.39
C GLY F 946 22.73 30.54 22.00
N LYS F 947 23.65 31.18 21.29
CA LYS F 947 23.99 30.73 19.94
C LYS F 947 24.55 29.31 19.93
N LEU F 948 25.27 28.94 20.98
CA LEU F 948 25.85 27.60 21.03
C LEU F 948 24.84 26.63 21.60
N GLN F 949 24.04 27.11 22.53
CA GLN F 949 23.01 26.28 23.14
C GLN F 949 21.93 25.92 22.14
N ASP F 950 21.65 26.84 21.22
CA ASP F 950 20.65 26.62 20.19
C ASP F 950 21.05 25.47 19.29
N VAL F 951 22.34 25.35 19.01
CA VAL F 951 22.84 24.28 18.16
C VAL F 951 22.66 22.95 18.87
N VAL F 952 22.98 22.92 20.15
CA VAL F 952 22.83 21.73 20.95
C VAL F 952 21.36 21.32 21.03
N ASN F 953 20.48 22.30 21.24
CA ASN F 953 19.06 22.03 21.39
C ASN F 953 18.43 21.53 20.12
N GLN F 954 18.82 22.10 18.98
CA GLN F 954 18.26 21.69 17.70
C GLN F 954 18.61 20.26 17.37
N ASN F 955 19.84 19.87 17.67
CA ASN F 955 20.28 18.52 17.35
C ASN F 955 19.71 17.51 18.32
N ALA F 956 19.62 17.88 19.59
CA ALA F 956 19.04 16.99 20.58
C ALA F 956 17.57 16.75 20.26
N GLN F 957 16.90 17.81 19.82
CA GLN F 957 15.50 17.71 19.46
C GLN F 957 15.31 16.83 18.24
N ALA F 958 16.20 16.96 17.27
CA ALA F 958 16.13 16.15 16.06
C ALA F 958 16.29 14.67 16.38
N LEU F 959 17.22 14.36 17.27
CA LEU F 959 17.43 12.97 17.66
C LEU F 959 16.26 12.43 18.45
N ASN F 960 15.72 13.24 19.34
CA ASN F 960 14.60 12.82 20.15
C ASN F 960 13.39 12.54 19.29
N THR F 961 13.20 13.38 18.27
CA THR F 961 12.10 13.18 17.35
C THR F 961 12.30 11.89 16.56
N LEU F 962 13.52 11.66 16.10
CA LEU F 962 13.82 10.47 15.33
C LEU F 962 13.53 9.22 16.15
N VAL F 963 13.93 9.24 17.41
CA VAL F 963 13.69 8.10 18.28
C VAL F 963 12.22 7.87 18.54
N LYS F 964 11.49 8.94 18.79
CA LYS F 964 10.07 8.84 19.06
C LYS F 964 9.28 8.30 17.88
N GLN F 965 9.80 8.48 16.67
CA GLN F 965 9.14 7.97 15.49
C GLN F 965 9.09 6.44 15.49
N LEU F 966 9.92 5.81 16.31
CA LEU F 966 9.93 4.35 16.39
C LEU F 966 8.72 3.83 17.15
N SER F 967 7.96 4.74 17.76
CA SER F 967 6.75 4.37 18.47
C SER F 967 5.52 4.50 17.57
N SER F 968 5.71 4.95 16.35
CA SER F 968 4.60 5.12 15.43
C SER F 968 4.24 3.82 14.73
N ASN F 969 2.96 3.58 14.55
CA ASN F 969 2.49 2.39 13.87
C ASN F 969 2.61 2.52 12.36
N PHE F 970 2.41 3.73 11.86
CA PHE F 970 2.42 3.99 10.43
C PHE F 970 1.40 3.12 9.70
N GLY F 971 0.34 2.74 10.39
CA GLY F 971 -0.72 1.94 9.80
C GLY F 971 -0.61 0.47 10.15
N ALA F 972 0.52 0.09 10.73
CA ALA F 972 0.74 -1.29 11.13
C ALA F 972 -0.03 -1.61 12.40
N ILE F 973 -0.24 -2.89 12.65
CA ILE F 973 -0.92 -3.33 13.87
C ILE F 973 -0.13 -2.99 15.13
N SER F 974 1.17 -2.77 14.96
CA SER F 974 2.03 -2.44 16.10
C SER F 974 3.27 -1.70 15.66
N SER F 975 3.76 -0.81 16.52
CA SER F 975 5.02 -0.14 16.31
C SER F 975 6.19 -1.02 16.71
N VAL F 976 5.88 -2.11 17.39
CA VAL F 976 6.91 -3.03 17.85
C VAL F 976 7.09 -4.17 16.87
N LEU F 977 8.26 -4.25 16.27
CA LEU F 977 8.54 -5.20 15.22
C LEU F 977 8.46 -6.63 15.74
N ASN F 978 8.91 -6.83 16.98
CA ASN F 978 8.91 -8.16 17.57
C ASN F 978 7.50 -8.67 17.82
N ASP F 979 6.56 -7.77 18.07
CA ASP F 979 5.18 -8.18 18.30
C ASP F 979 4.55 -8.66 17.02
N ILE F 980 4.88 -8.00 15.93
CA ILE F 980 4.39 -8.41 14.62
C ILE F 980 4.92 -9.78 14.27
N LEU F 981 6.21 -9.98 14.51
CA LEU F 981 6.87 -11.24 14.16
C LEU F 981 6.39 -12.40 15.02
N SER F 982 6.06 -12.12 16.28
CA SER F 982 5.62 -13.17 17.18
C SER F 982 4.17 -13.55 16.94
N ARG F 983 3.39 -12.64 16.36
CA ARG F 983 1.99 -12.91 16.11
C ARG F 983 1.71 -13.48 14.72
N LEU F 984 2.30 -12.89 13.70
CA LEU F 984 1.94 -13.23 12.34
C LEU F 984 2.95 -14.12 11.64
N ASP F 985 2.48 -14.91 10.69
CA ASP F 985 3.32 -15.64 9.77
C ASP F 985 3.83 -14.69 8.70
N PRO F 986 4.98 -14.97 8.08
CA PRO F 986 5.66 -14.16 7.10
C PRO F 986 4.74 -13.50 6.05
N PRO F 987 3.81 -14.24 5.41
CA PRO F 987 2.94 -13.75 4.36
C PRO F 987 2.15 -12.52 4.81
N GLU F 988 1.84 -12.46 6.11
CA GLU F 988 1.09 -11.34 6.66
C GLU F 988 1.99 -10.39 7.42
N ALA F 989 3.05 -10.93 8.01
CA ALA F 989 3.99 -10.13 8.77
C ALA F 989 4.67 -9.13 7.85
N GLU F 990 4.96 -9.56 6.63
CA GLU F 990 5.65 -8.71 5.68
C GLU F 990 4.85 -7.47 5.32
N VAL F 991 3.53 -7.60 5.31
CA VAL F 991 2.67 -6.46 5.03
C VAL F 991 2.76 -5.44 6.16
N GLN F 992 2.72 -5.92 7.39
CA GLN F 992 2.80 -5.04 8.54
C GLN F 992 4.18 -4.43 8.67
N ILE F 993 5.20 -5.20 8.35
CA ILE F 993 6.56 -4.74 8.44
C ILE F 993 6.85 -3.71 7.36
N ASP F 994 6.34 -3.95 6.17
CA ASP F 994 6.49 -3.02 5.07
C ASP F 994 6.03 -1.63 5.48
N ARG F 995 4.92 -1.57 6.22
CA ARG F 995 4.41 -0.30 6.69
C ARG F 995 5.36 0.37 7.66
N LEU F 996 5.98 -0.42 8.54
CA LEU F 996 6.95 0.14 9.48
C LEU F 996 8.22 0.57 8.79
N ILE F 997 8.66 -0.20 7.80
CA ILE F 997 9.87 0.16 7.08
C ILE F 997 9.69 1.46 6.34
N THR F 998 8.57 1.61 5.67
CA THR F 998 8.29 2.82 4.94
C THR F 998 8.28 4.03 5.87
N GLY F 999 7.60 3.90 6.99
CA GLY F 999 7.49 5.00 7.94
C GLY F 999 8.83 5.33 8.59
N ARG F 1000 9.57 4.31 8.96
CA ARG F 1000 10.84 4.50 9.65
C ARG F 1000 11.91 5.01 8.70
N LEU F 1001 11.87 4.58 7.43
CA LEU F 1001 12.83 5.06 6.42
C LEU F 1001 12.52 6.52 6.09
N GLN F 1002 11.25 6.85 6.03
CA GLN F 1002 10.86 8.22 5.79
C GLN F 1002 11.28 9.13 6.94
N SER F 1003 11.16 8.61 8.16
CA SER F 1003 11.55 9.37 9.34
C SER F 1003 13.04 9.61 9.35
N LEU F 1004 13.80 8.60 8.96
CA LEU F 1004 15.24 8.69 8.94
C LEU F 1004 15.72 9.60 7.82
N GLN F 1005 15.06 9.62 6.66
CA GLN F 1005 15.42 10.48 5.51
C GLN F 1005 15.11 11.92 5.86
N THR F 1006 14.07 12.12 6.65
CA THR F 1006 13.76 13.46 7.11
C THR F 1006 14.86 13.97 8.04
N TYR F 1007 15.27 13.12 8.96
CA TYR F 1007 16.33 13.47 9.89
C TYR F 1007 17.61 13.84 9.16
N VAL F 1008 18.05 12.99 8.24
CA VAL F 1008 19.29 13.22 7.54
C VAL F 1008 19.24 14.48 6.70
N THR F 1009 18.13 14.70 6.02
CA THR F 1009 18.00 15.89 5.20
C THR F 1009 18.16 17.14 6.04
N GLN F 1010 17.47 17.18 7.18
CA GLN F 1010 17.58 18.33 8.10
C GLN F 1010 18.98 18.46 8.70
N GLN F 1011 19.71 17.35 8.89
CA GLN F 1011 21.07 17.43 9.38
C GLN F 1011 22.02 17.98 8.33
N LEU F 1012 21.76 17.65 7.06
CA LEU F 1012 22.58 18.16 5.98
C LEU F 1012 22.40 19.67 5.84
N ILE F 1013 21.16 20.12 5.94
CA ILE F 1013 20.87 21.54 5.84
C ILE F 1013 21.45 22.28 7.03
N ARG F 1014 21.28 21.72 8.22
CA ARG F 1014 21.82 22.31 9.43
C ARG F 1014 23.34 22.31 9.42
N ALA F 1015 23.92 21.23 8.92
CA ALA F 1015 25.37 21.14 8.82
C ALA F 1015 25.91 22.24 7.94
N ALA F 1016 25.21 22.54 6.86
CA ALA F 1016 25.62 23.59 5.95
C ALA F 1016 25.65 24.94 6.66
N GLU F 1017 24.67 25.17 7.52
CA GLU F 1017 24.64 26.40 8.29
C GLU F 1017 25.82 26.49 9.26
N ILE F 1018 26.12 25.38 9.92
CA ILE F 1018 27.26 25.32 10.83
C ILE F 1018 28.55 25.54 10.08
N ARG F 1019 28.67 24.95 8.90
CA ARG F 1019 29.85 25.13 8.09
C ARG F 1019 30.08 26.60 7.77
N ALA F 1020 29.01 27.29 7.40
CA ALA F 1020 29.10 28.71 7.10
C ALA F 1020 29.55 29.49 8.32
N SER F 1021 29.03 29.11 9.49
CA SER F 1021 29.42 29.75 10.74
C SER F 1021 30.89 29.50 11.04
N ALA F 1022 31.33 28.26 10.83
CA ALA F 1022 32.72 27.90 11.04
C ALA F 1022 33.63 28.64 10.09
N ASN F 1023 33.17 28.83 8.85
CA ASN F 1023 33.95 29.55 7.86
C ASN F 1023 34.11 31.01 8.26
N LEU F 1024 33.05 31.58 8.81
CA LEU F 1024 33.09 32.94 9.30
C LEU F 1024 34.04 33.04 10.49
N ALA F 1025 33.95 32.06 11.38
CA ALA F 1025 34.81 32.03 12.56
C ALA F 1025 36.26 31.91 12.17
N ALA F 1026 36.54 31.09 11.16
CA ALA F 1026 37.90 30.93 10.67
C ALA F 1026 38.40 32.21 10.05
N THR F 1027 37.52 32.92 9.35
CA THR F 1027 37.88 34.18 8.74
C THR F 1027 38.20 35.22 9.81
N LYS F 1028 37.38 35.27 10.85
CA LYS F 1028 37.62 36.18 11.95
C LYS F 1028 38.88 35.84 12.70
N MET F 1029 39.14 34.56 12.85
CA MET F 1029 40.38 34.16 13.51
C MET F 1029 41.56 34.76 12.74
N SER F 1030 41.53 34.62 11.42
CA SER F 1030 42.60 35.14 10.58
C SER F 1030 42.67 36.66 10.62
N GLU F 1031 41.53 37.31 10.49
CA GLU F 1031 41.53 38.75 10.27
C GLU F 1031 41.42 39.60 11.55
N CYS F 1032 40.88 39.01 12.63
CA CYS F 1032 40.68 39.73 13.88
C CYS F 1032 41.77 39.36 14.89
N VAL F 1033 42.22 38.12 14.86
CA VAL F 1033 43.18 37.65 15.84
C VAL F 1033 44.60 37.67 15.30
N LEU F 1034 44.78 37.19 14.08
CA LEU F 1034 46.10 37.13 13.48
C LEU F 1034 46.44 38.41 12.72
N GLY F 1035 45.61 39.43 12.89
CA GLY F 1035 45.85 40.70 12.25
C GLY F 1035 44.89 41.76 12.75
N GLN F 1036 45.08 42.97 12.27
CA GLN F 1036 44.19 44.08 12.62
C GLN F 1036 43.32 44.41 11.43
N SER F 1037 42.01 44.36 11.63
CA SER F 1037 41.08 44.49 10.52
C SER F 1037 40.60 45.91 10.31
N LYS F 1038 40.53 46.31 9.04
CA LYS F 1038 39.97 47.61 8.66
C LYS F 1038 38.47 47.50 8.40
N ARG F 1039 37.96 46.28 8.39
CA ARG F 1039 36.58 46.04 8.01
C ARG F 1039 35.63 46.44 9.13
N VAL F 1040 34.74 47.37 8.84
CA VAL F 1040 33.84 47.90 9.84
C VAL F 1040 32.89 46.85 10.37
N ASP F 1041 32.78 46.79 11.70
CA ASP F 1041 31.90 45.86 12.40
C ASP F 1041 32.25 44.40 12.17
N PHE F 1042 33.40 44.13 11.57
CA PHE F 1042 33.80 42.76 11.37
C PHE F 1042 34.42 42.17 12.64
N CYS F 1043 35.15 42.99 13.39
CA CYS F 1043 35.82 42.56 14.61
C CYS F 1043 35.35 43.41 15.78
N GLY F 1044 34.04 43.48 15.95
CA GLY F 1044 33.46 44.26 17.04
C GLY F 1044 33.12 45.68 16.62
N LYS F 1045 32.41 46.39 17.51
CA LYS F 1045 31.98 47.78 17.24
C LYS F 1045 33.10 48.73 17.69
N GLY F 1046 33.49 49.66 16.83
CA GLY F 1046 34.57 50.60 17.10
C GLY F 1046 35.73 50.32 16.17
N TYR F 1047 36.85 50.98 16.41
CA TYR F 1047 38.01 50.77 15.55
C TYR F 1047 38.82 49.62 16.08
N HIS F 1048 38.90 48.55 15.31
CA HIS F 1048 39.52 47.32 15.79
C HIS F 1048 40.98 47.52 16.12
N LEU F 1049 41.37 47.08 17.32
CA LEU F 1049 42.76 47.05 17.70
C LEU F 1049 43.28 45.63 17.61
N MET F 1050 42.62 44.73 18.29
CA MET F 1050 43.03 43.33 18.34
C MET F 1050 41.94 42.46 18.89
N SER F 1051 42.08 41.16 18.74
CA SER F 1051 41.10 40.23 19.30
C SER F 1051 41.76 39.03 19.92
N PHE F 1052 41.08 38.44 20.89
CA PHE F 1052 41.56 37.26 21.57
C PHE F 1052 40.52 36.15 21.52
N PRO F 1053 40.83 35.00 20.96
CA PRO F 1053 39.99 33.84 20.87
C PRO F 1053 39.90 33.15 22.22
N GLN F 1054 38.74 32.59 22.51
CA GLN F 1054 38.53 31.73 23.66
C GLN F 1054 37.75 30.51 23.23
N SER F 1055 38.17 29.35 23.70
CA SER F 1055 37.49 28.12 23.34
C SER F 1055 36.13 28.02 24.01
N ALA F 1056 35.16 27.47 23.30
CA ALA F 1056 33.85 27.20 23.86
C ALA F 1056 33.35 25.86 23.32
N PRO F 1057 32.37 25.23 24.00
CA PRO F 1057 31.73 24.00 23.59
C PRO F 1057 31.19 24.13 22.17
N HIS F 1058 31.77 23.36 21.27
CA HIS F 1058 31.36 23.34 19.86
C HIS F 1058 31.36 24.73 19.24
N GLY F 1059 32.25 25.60 19.69
CA GLY F 1059 32.28 26.94 19.16
C GLY F 1059 33.47 27.74 19.64
N VAL F 1060 33.54 28.98 19.19
CA VAL F 1060 34.62 29.88 19.53
C VAL F 1060 34.06 31.20 19.99
N VAL F 1061 34.71 31.80 20.96
CA VAL F 1061 34.33 33.11 21.43
C VAL F 1061 35.45 34.10 21.19
N PHE F 1062 35.13 35.19 20.50
CA PHE F 1062 36.12 36.21 20.24
C PHE F 1062 35.91 37.39 21.14
N LEU F 1063 36.98 37.80 21.82
CA LEU F 1063 36.96 39.02 22.59
C LEU F 1063 37.59 40.12 21.77
N HIS F 1064 36.77 41.01 21.25
CA HIS F 1064 37.25 42.03 20.34
C HIS F 1064 37.59 43.28 21.11
N VAL F 1065 38.81 43.74 20.96
CA VAL F 1065 39.25 44.95 21.63
C VAL F 1065 39.24 46.09 20.65
N THR F 1066 38.42 47.08 20.89
CA THR F 1066 38.27 48.18 19.96
C THR F 1066 38.51 49.52 20.62
N TYR F 1067 38.89 50.48 19.80
CA TYR F 1067 39.05 51.85 20.23
C TYR F 1067 37.78 52.63 19.95
N VAL F 1068 37.20 53.18 20.99
CA VAL F 1068 35.97 53.94 20.83
C VAL F 1068 36.18 55.38 21.26
N PRO F 1069 36.07 56.33 20.33
CA PRO F 1069 36.17 57.75 20.54
C PRO F 1069 35.21 58.20 21.62
N ALA F 1070 35.65 59.14 22.44
CA ALA F 1070 34.83 59.61 23.54
C ALA F 1070 35.04 61.08 23.80
N GLN F 1071 34.05 61.72 24.42
CA GLN F 1071 34.16 63.10 24.85
C GLN F 1071 34.56 64.03 23.72
N GLU F 1072 33.79 64.01 22.65
CA GLU F 1072 34.03 64.90 21.53
C GLU F 1072 33.62 66.31 21.88
N LYS F 1073 34.22 67.28 21.22
CA LYS F 1073 33.81 68.67 21.37
C LYS F 1073 33.79 69.38 20.04
N ASN F 1074 33.00 70.45 19.95
CA ASN F 1074 32.80 71.22 18.74
C ASN F 1074 34.01 72.11 18.43
N PHE F 1075 34.39 72.14 17.15
CA PHE F 1075 35.36 73.10 16.64
C PHE F 1075 34.88 73.70 15.35
N THR F 1076 35.35 74.90 15.05
CA THR F 1076 35.16 75.45 13.71
C THR F 1076 36.24 74.90 12.82
N THR F 1077 35.88 74.54 11.59
CA THR F 1077 36.86 73.94 10.71
C THR F 1077 36.95 74.65 9.38
N ALA F 1078 38.04 74.39 8.67
CA ALA F 1078 38.24 74.91 7.33
C ALA F 1078 39.00 73.88 6.50
N PRO F 1079 38.70 73.79 5.21
CA PRO F 1079 39.29 72.89 4.24
C PRO F 1079 40.74 73.26 3.93
N ALA F 1080 41.07 74.53 4.14
CA ALA F 1080 42.41 75.01 3.83
C ALA F 1080 42.71 76.30 4.57
N ILE F 1081 44.00 76.59 4.71
CA ILE F 1081 44.45 77.85 5.27
C ILE F 1081 45.14 78.68 4.21
N CYS F 1082 44.76 79.95 4.12
CA CYS F 1082 45.35 80.89 3.16
C CYS F 1082 46.48 81.67 3.78
N HIS F 1083 47.66 81.57 3.18
CA HIS F 1083 48.84 82.25 3.69
C HIS F 1083 49.81 82.57 2.55
N ASP F 1084 50.18 83.84 2.45
CA ASP F 1084 51.06 84.31 1.38
C ASP F 1084 50.48 84.00 0.01
N GLY F 1085 49.15 84.01 -0.08
CA GLY F 1085 48.47 83.80 -1.35
C GLY F 1085 48.36 82.33 -1.73
N LYS F 1086 48.88 81.45 -0.88
CA LYS F 1086 48.89 80.00 -1.18
C LYS F 1086 47.86 79.26 -0.34
N ALA F 1087 47.26 78.22 -0.92
CA ALA F 1087 46.34 77.37 -0.20
C ALA F 1087 47.05 76.21 0.47
N HIS F 1088 46.99 76.19 1.80
CA HIS F 1088 47.64 75.15 2.58
C HIS F 1088 46.64 74.12 3.06
N PHE F 1089 46.98 72.85 2.86
CA PHE F 1089 46.15 71.74 3.29
C PHE F 1089 46.91 70.92 4.31
N PRO F 1090 46.24 70.32 5.29
CA PRO F 1090 46.81 69.51 6.34
C PRO F 1090 47.34 68.21 5.75
N ARG F 1091 48.54 67.83 6.13
CA ARG F 1091 49.15 66.62 5.60
C ARG F 1091 48.48 65.36 6.13
N GLU F 1092 48.11 65.37 7.40
CA GLU F 1092 47.51 64.20 8.02
C GLU F 1092 46.19 64.52 8.70
N GLY F 1093 46.10 65.68 9.31
CA GLY F 1093 44.99 65.99 10.19
C GLY F 1093 43.98 66.91 9.56
N VAL F 1094 43.32 67.69 10.40
CA VAL F 1094 42.29 68.63 9.99
C VAL F 1094 42.50 69.98 10.67
N PHE F 1095 42.22 71.06 9.95
CA PHE F 1095 42.33 72.39 10.52
C PHE F 1095 41.13 72.71 11.39
N VAL F 1096 41.40 73.10 12.63
CA VAL F 1096 40.34 73.45 13.55
C VAL F 1096 40.63 74.74 14.28
N SER F 1097 39.58 75.42 14.70
CA SER F 1097 39.71 76.59 15.52
C SER F 1097 39.03 76.41 16.86
N ASN F 1098 39.66 76.89 17.92
CA ASN F 1098 39.09 76.86 19.26
C ASN F 1098 38.28 78.11 19.57
N GLY F 1099 38.03 78.93 18.54
CA GLY F 1099 37.26 80.15 18.64
C GLY F 1099 38.12 81.36 18.33
N THR F 1100 39.43 81.23 18.51
CA THR F 1100 40.33 82.34 18.24
C THR F 1100 41.53 81.92 17.39
N HIS F 1101 42.08 80.74 17.67
CA HIS F 1101 43.30 80.31 16.99
C HIS F 1101 43.09 79.04 16.20
N TRP F 1102 43.80 78.94 15.08
CA TRP F 1102 43.73 77.76 14.23
C TRP F 1102 44.86 76.79 14.51
N PHE F 1103 44.50 75.52 14.57
CA PHE F 1103 45.44 74.44 14.82
C PHE F 1103 45.21 73.32 13.83
N VAL F 1104 46.17 72.44 13.71
CA VAL F 1104 45.95 71.21 12.96
C VAL F 1104 46.02 70.02 13.90
N THR F 1105 45.05 69.13 13.80
CA THR F 1105 44.97 68.00 14.71
C THR F 1105 44.69 66.71 13.98
N GLN F 1106 45.22 65.61 14.51
CA GLN F 1106 44.85 64.31 14.03
C GLN F 1106 43.34 64.10 14.20
N ARG F 1107 42.75 63.43 13.24
CA ARG F 1107 41.29 63.42 13.08
C ARG F 1107 40.53 62.65 14.15
N ASN F 1108 41.18 61.66 14.76
CA ASN F 1108 40.48 60.79 15.70
C ASN F 1108 40.81 61.08 17.15
N PHE F 1109 41.57 62.15 17.38
CA PHE F 1109 41.97 62.49 18.74
C PHE F 1109 42.48 63.91 18.81
N TYR F 1110 41.82 64.73 19.61
CA TYR F 1110 42.15 66.14 19.65
C TYR F 1110 43.53 66.37 20.21
N GLU F 1111 44.38 66.94 19.37
CA GLU F 1111 45.76 67.21 19.71
C GLU F 1111 46.27 68.38 18.88
N PRO F 1112 45.89 69.60 19.26
CA PRO F 1112 45.99 70.83 18.49
C PRO F 1112 47.42 71.30 18.37
N GLN F 1113 48.00 71.12 17.20
CA GLN F 1113 49.35 71.56 16.93
C GLN F 1113 49.33 72.88 16.20
N ILE F 1114 50.41 73.64 16.31
CA ILE F 1114 50.54 74.87 15.54
C ILE F 1114 50.64 74.53 14.06
N ILE F 1115 49.97 75.31 13.24
CA ILE F 1115 49.99 75.07 11.81
C ILE F 1115 51.30 75.54 11.23
N THR F 1116 52.04 74.61 10.65
CA THR F 1116 53.38 74.90 10.14
C THR F 1116 53.54 74.30 8.76
N THR F 1117 54.64 74.64 8.11
CA THR F 1117 54.93 74.11 6.79
C THR F 1117 55.32 72.64 6.85
N ASP F 1118 55.53 72.12 8.06
CA ASP F 1118 55.92 70.73 8.23
C ASP F 1118 54.72 69.82 8.43
N ASN F 1119 53.54 70.39 8.60
CA ASN F 1119 52.35 69.58 8.80
C ASN F 1119 51.25 69.99 7.83
N THR F 1120 51.61 70.78 6.83
CA THR F 1120 50.73 71.13 5.73
C THR F 1120 51.45 70.99 4.42
N PHE F 1121 50.70 71.06 3.33
CA PHE F 1121 51.28 71.13 2.01
C PHE F 1121 50.54 72.17 1.18
N VAL F 1122 51.21 72.70 0.17
CA VAL F 1122 50.61 73.75 -0.64
C VAL F 1122 50.14 73.23 -1.98
N SER F 1123 48.93 73.63 -2.36
CA SER F 1123 48.41 73.32 -3.68
C SER F 1123 47.54 74.44 -4.20
N GLY F 1124 48.06 75.19 -5.17
CA GLY F 1124 47.31 76.26 -5.80
C GLY F 1124 47.22 77.49 -4.92
N ASN F 1125 46.40 78.44 -5.35
CA ASN F 1125 46.22 79.70 -4.63
C ASN F 1125 44.91 79.68 -3.84
N CYS F 1126 44.60 80.79 -3.18
CA CYS F 1126 43.49 80.89 -2.24
C CYS F 1126 42.15 81.19 -2.93
N ASP F 1127 42.16 81.28 -4.26
CA ASP F 1127 40.97 81.70 -4.98
C ASP F 1127 40.14 80.52 -5.48
N VAL F 1128 40.55 79.31 -5.13
CA VAL F 1128 39.85 78.13 -5.64
C VAL F 1128 39.04 77.42 -4.55
N VAL F 1129 39.66 77.20 -3.40
CA VAL F 1129 39.02 76.44 -2.33
C VAL F 1129 37.86 77.21 -1.73
N ILE F 1130 36.72 76.54 -1.58
CA ILE F 1130 35.56 77.15 -0.98
C ILE F 1130 35.58 76.98 0.53
N GLY F 1131 35.55 78.08 1.26
CA GLY F 1131 35.58 78.02 2.71
C GLY F 1131 36.98 78.16 3.28
N ILE F 1132 37.92 78.54 2.43
CA ILE F 1132 39.29 78.74 2.87
C ILE F 1132 39.36 79.95 3.80
N VAL F 1133 40.15 79.82 4.87
CA VAL F 1133 40.24 80.91 5.83
C VAL F 1133 41.67 81.43 5.93
N ASN F 1134 41.80 82.69 6.33
CA ASN F 1134 43.11 83.32 6.51
C ASN F 1134 43.73 82.97 7.85
N ASN F 1135 44.97 82.51 7.83
CA ASN F 1135 45.77 82.32 9.04
C ASN F 1135 47.24 82.36 8.70
N THR F 1136 48.07 82.27 9.72
CA THR F 1136 49.50 82.19 9.52
C THR F 1136 49.94 80.75 9.45
N VAL F 1137 50.84 80.47 8.53
CA VAL F 1137 51.50 79.16 8.50
C VAL F 1137 52.95 79.33 8.88
N TYR F 1138 53.29 78.81 10.04
CA TYR F 1138 54.59 79.02 10.63
C TYR F 1138 55.68 78.24 9.91
N ASP F 1139 56.77 78.91 9.62
CA ASP F 1139 57.93 78.28 9.00
C ASP F 1139 59.07 78.17 10.02
N PRO F 1140 59.39 76.95 10.48
CA PRO F 1140 60.38 76.62 11.48
C PRO F 1140 61.76 77.17 11.15
N LEU F 1141 61.99 77.48 9.88
CA LEU F 1141 63.29 77.98 9.45
C LEU F 1141 63.42 79.50 9.64
N GLN F 1142 62.29 80.20 9.63
CA GLN F 1142 62.30 81.65 9.67
C GLN F 1142 63.00 82.26 10.90
N PRO F 1143 62.85 81.68 12.10
CA PRO F 1143 63.46 82.11 13.35
C PRO F 1143 64.98 82.08 13.28
N GLU F 1144 65.52 81.31 12.35
CA GLU F 1144 66.97 81.23 12.20
C GLU F 1144 67.46 82.10 11.04
N LEU F 1145 66.67 82.17 9.96
CA LEU F 1145 66.99 82.98 8.79
C LEU F 1145 65.90 84.02 8.56
N ILE G 1 -12.15 -44.85 -43.77
CA ILE G 1 -11.50 -45.85 -42.94
C ILE G 1 -12.31 -47.14 -42.91
N VAL G 2 -11.62 -48.27 -42.72
CA VAL G 2 -12.26 -49.56 -42.55
C VAL G 2 -11.86 -50.18 -41.22
N MET G 3 -12.87 -50.56 -40.43
CA MET G 3 -12.64 -51.21 -39.15
C MET G 3 -12.86 -52.72 -39.23
N MET G 4 -11.81 -53.49 -38.94
CA MET G 4 -11.90 -54.96 -39.14
C MET G 4 -11.87 -55.72 -37.82
N GLN G 5 -12.98 -56.36 -37.46
CA GLN G 5 -13.03 -57.17 -36.25
C GLN G 5 -12.80 -58.64 -36.55
N SER G 6 -12.23 -59.35 -35.58
CA SER G 6 -11.91 -60.76 -35.75
C SER G 6 -11.81 -61.47 -34.42
N PRO G 7 -12.26 -62.72 -34.36
CA PRO G 7 -12.94 -63.50 -35.38
C PRO G 7 -14.39 -63.04 -35.53
N GLY G 8 -14.98 -63.32 -36.69
CA GLY G 8 -16.39 -63.00 -36.89
C GLY G 8 -17.25 -63.65 -35.81
N THR G 9 -16.87 -64.86 -35.43
CA THR G 9 -17.55 -65.57 -34.36
C THR G 9 -16.55 -66.13 -33.36
N LEU G 10 -16.82 -65.91 -32.08
CA LEU G 10 -16.00 -66.44 -31.01
C LEU G 10 -16.87 -67.29 -30.12
N SER G 11 -16.37 -68.45 -29.72
CA SER G 11 -17.15 -69.35 -28.89
C SER G 11 -16.28 -70.06 -27.86
N LEU G 12 -16.65 -69.91 -26.61
CA LEU G 12 -15.95 -70.58 -25.52
C LEU G 12 -16.81 -70.62 -24.27
N SER G 13 -16.41 -71.43 -23.30
CA SER G 13 -17.20 -71.66 -22.09
C SER G 13 -17.29 -70.40 -21.23
N PRO G 14 -18.40 -70.22 -20.53
CA PRO G 14 -18.59 -69.28 -19.44
C PRO G 14 -17.55 -69.51 -18.37
N GLY G 15 -17.05 -68.43 -17.80
CA GLY G 15 -16.02 -68.50 -16.76
C GLY G 15 -14.63 -68.42 -17.36
N GLU G 16 -14.55 -68.50 -18.68
CA GLU G 16 -13.27 -68.43 -19.37
C GLU G 16 -13.01 -67.02 -19.89
N ARG G 17 -11.84 -66.81 -20.48
CA ARG G 17 -11.47 -65.51 -21.02
C ARG G 17 -11.66 -65.45 -22.53
N ALA G 18 -12.02 -64.27 -23.03
CA ALA G 18 -12.13 -64.06 -24.47
C ALA G 18 -11.42 -62.79 -24.90
N THR G 19 -10.73 -62.85 -26.04
CA THR G 19 -10.10 -61.67 -26.60
C THR G 19 -10.67 -61.36 -27.97
N LEU G 20 -11.18 -60.14 -28.12
CA LEU G 20 -11.78 -59.70 -29.37
C LEU G 20 -10.88 -58.68 -30.04
N SER G 21 -10.60 -58.91 -31.32
CA SER G 21 -9.64 -58.02 -32.01
C SER G 21 -10.33 -57.06 -32.97
N CYS G 22 -9.79 -55.84 -33.10
CA CYS G 22 -10.23 -54.86 -34.06
C CYS G 22 -9.04 -54.19 -34.72
N ARG G 23 -9.00 -54.27 -36.06
CA ARG G 23 -7.83 -53.72 -36.79
C ARG G 23 -8.29 -52.59 -37.71
N ALA G 24 -7.46 -51.57 -37.84
CA ALA G 24 -7.79 -50.41 -38.65
C ALA G 24 -6.95 -50.37 -39.92
N SER G 25 -7.56 -49.91 -41.00
CA SER G 25 -6.86 -49.71 -42.27
C SER G 25 -5.85 -48.56 -42.17
N GLN G 26 -5.99 -47.75 -41.13
CA GLN G 26 -5.09 -46.63 -40.87
C GLN G 26 -5.00 -46.39 -39.38
N SER G 27 -3.96 -45.70 -38.94
CA SER G 27 -3.77 -45.45 -37.52
C SER G 27 -4.95 -44.71 -36.92
N VAL G 28 -5.35 -45.13 -35.73
CA VAL G 28 -6.43 -44.50 -34.98
C VAL G 28 -5.93 -44.10 -33.60
N SER G 29 -6.20 -42.86 -33.22
CA SER G 29 -5.83 -42.40 -31.89
C SER G 29 -6.58 -43.21 -30.85
N SER G 30 -5.94 -43.50 -29.73
CA SER G 30 -6.57 -44.29 -28.69
C SER G 30 -7.83 -43.60 -28.18
N SER G 31 -7.84 -42.28 -28.22
CA SER G 31 -8.96 -41.50 -27.75
C SER G 31 -10.19 -41.68 -28.64
N TYR G 32 -9.98 -42.19 -29.84
CA TYR G 32 -11.04 -42.29 -30.82
C TYR G 32 -11.51 -43.71 -31.06
N LEU G 33 -11.06 -44.65 -30.22
CA LEU G 33 -11.49 -46.04 -30.36
C LEU G 33 -12.40 -46.46 -29.22
N ALA G 34 -13.57 -46.99 -29.56
CA ALA G 34 -14.53 -47.41 -28.54
C ALA G 34 -15.10 -48.79 -28.83
N TRP G 35 -15.56 -49.48 -27.79
CA TRP G 35 -16.21 -50.76 -27.94
C TRP G 35 -17.64 -50.73 -27.40
N TYR G 36 -18.54 -51.41 -28.10
CA TYR G 36 -19.93 -51.50 -27.71
C TYR G 36 -20.38 -52.94 -27.56
N GLN G 37 -21.37 -53.17 -26.72
CA GLN G 37 -21.98 -54.47 -26.56
C GLN G 37 -23.46 -54.42 -26.90
N GLN G 38 -23.88 -55.22 -27.86
CA GLN G 38 -25.29 -55.28 -28.20
C GLN G 38 -25.88 -56.65 -27.92
N LYS G 39 -26.68 -56.73 -26.86
CA LYS G 39 -27.36 -57.98 -26.53
C LYS G 39 -28.54 -58.14 -27.47
N PRO G 40 -28.99 -59.38 -27.69
CA PRO G 40 -30.14 -59.72 -28.50
C PRO G 40 -31.37 -58.94 -28.05
N GLY G 41 -31.99 -58.23 -29.00
CA GLY G 41 -33.22 -57.49 -28.73
C GLY G 41 -32.96 -56.15 -28.05
N GLN G 42 -31.71 -55.78 -27.89
CA GLN G 42 -31.36 -54.56 -27.18
C GLN G 42 -30.54 -53.60 -28.03
N ALA G 43 -30.55 -52.33 -27.65
CA ALA G 43 -29.69 -51.33 -28.27
C ALA G 43 -28.25 -51.56 -27.81
N PRO G 44 -27.26 -51.14 -28.60
CA PRO G 44 -25.86 -51.12 -28.26
C PRO G 44 -25.60 -50.29 -27.02
N ARG G 45 -24.70 -50.75 -26.17
CA ARG G 45 -24.27 -49.95 -25.04
C ARG G 45 -22.76 -49.82 -25.04
N LEU G 46 -22.27 -48.70 -24.54
CA LEU G 46 -20.84 -48.45 -24.49
C LEU G 46 -20.18 -49.25 -23.39
N LEU G 47 -19.09 -49.93 -23.74
CA LEU G 47 -18.28 -50.62 -22.75
C LEU G 47 -16.98 -49.91 -22.52
N ILE G 48 -16.25 -49.67 -23.60
CA ILE G 48 -14.93 -49.08 -23.52
C ILE G 48 -14.84 -47.86 -24.43
N TYR G 49 -14.23 -46.81 -23.93
CA TYR G 49 -13.94 -45.66 -24.76
C TYR G 49 -12.51 -45.23 -24.51
N GLY G 50 -11.93 -44.55 -25.48
CA GLY G 50 -10.54 -44.12 -25.33
C GLY G 50 -9.62 -45.33 -25.34
N ALA G 51 -10.01 -46.36 -26.06
CA ALA G 51 -9.29 -47.62 -26.17
C ALA G 51 -9.39 -48.47 -24.90
N SER G 52 -9.19 -47.85 -23.74
CA SER G 52 -9.04 -48.63 -22.51
C SER G 52 -9.96 -48.23 -21.36
N SER G 53 -10.65 -47.09 -21.47
CA SER G 53 -11.44 -46.60 -20.34
C SER G 53 -12.81 -47.23 -20.30
N ARG G 54 -13.19 -47.75 -19.14
CA ARG G 54 -14.51 -48.33 -18.99
C ARG G 54 -15.59 -47.27 -18.88
N ALA G 55 -16.73 -47.54 -19.50
CA ALA G 55 -17.90 -46.68 -19.39
C ALA G 55 -18.55 -46.88 -18.04
N THR G 56 -19.29 -45.89 -17.59
CA THR G 56 -19.97 -45.97 -16.30
C THR G 56 -20.92 -47.17 -16.27
N GLY G 57 -20.83 -47.96 -15.21
CA GLY G 57 -21.72 -49.11 -15.02
C GLY G 57 -21.14 -50.40 -15.57
N ILE G 58 -19.97 -50.32 -16.18
CA ILE G 58 -19.33 -51.50 -16.76
C ILE G 58 -18.39 -52.17 -15.75
N PRO G 59 -18.56 -53.49 -15.52
CA PRO G 59 -17.76 -54.34 -14.67
C PRO G 59 -16.30 -54.32 -15.07
N ASP G 60 -15.42 -54.53 -14.08
CA ASP G 60 -13.98 -54.51 -14.31
C ASP G 60 -13.50 -55.78 -14.99
N ARG G 61 -14.45 -56.65 -15.33
CA ARG G 61 -14.16 -57.84 -16.09
C ARG G 61 -13.85 -57.46 -17.54
N PHE G 62 -14.26 -56.27 -17.92
CA PHE G 62 -14.01 -55.76 -19.27
C PHE G 62 -12.82 -54.83 -19.27
N SER G 63 -11.93 -55.02 -20.22
CA SER G 63 -10.82 -54.12 -20.39
C SER G 63 -10.47 -53.96 -21.85
N GLY G 64 -9.87 -52.84 -22.19
CA GLY G 64 -9.44 -52.62 -23.56
C GLY G 64 -8.00 -52.18 -23.61
N SER G 65 -7.38 -52.34 -24.76
CA SER G 65 -6.01 -51.91 -24.96
C SER G 65 -5.69 -51.82 -26.43
N GLY G 66 -4.52 -51.26 -26.73
CA GLY G 66 -4.05 -51.20 -28.10
C GLY G 66 -3.82 -49.78 -28.56
N SER G 67 -3.31 -49.65 -29.76
CA SER G 67 -2.97 -48.36 -30.34
C SER G 67 -2.78 -48.50 -31.83
N GLY G 68 -2.67 -47.38 -32.52
CA GLY G 68 -2.39 -47.44 -33.94
C GLY G 68 -3.48 -48.17 -34.69
N THR G 69 -3.15 -49.33 -35.25
CA THR G 69 -4.11 -50.10 -36.03
C THR G 69 -4.52 -51.40 -35.37
N ASP G 70 -4.17 -51.58 -34.11
CA ASP G 70 -4.46 -52.85 -33.43
C ASP G 70 -5.02 -52.65 -32.03
N PHE G 71 -6.31 -52.94 -31.87
CA PHE G 71 -6.99 -52.78 -30.60
C PHE G 71 -7.68 -54.07 -30.18
N THR G 72 -7.81 -54.27 -28.88
CA THR G 72 -8.48 -55.46 -28.39
C THR G 72 -9.46 -55.15 -27.27
N LEU G 73 -10.47 -56.01 -27.14
CA LEU G 73 -11.35 -56.02 -25.99
C LEU G 73 -11.25 -57.35 -25.28
N THR G 74 -10.98 -57.32 -23.99
CA THR G 74 -10.80 -58.54 -23.24
C THR G 74 -11.86 -58.71 -22.17
N ILE G 75 -12.43 -59.90 -22.11
CA ILE G 75 -13.35 -60.27 -21.05
C ILE G 75 -12.69 -61.33 -20.18
N SER G 76 -12.30 -60.95 -18.97
CA SER G 76 -11.50 -61.84 -18.14
C SER G 76 -12.27 -63.08 -17.73
N ARG G 77 -13.55 -62.90 -17.47
CA ARG G 77 -14.44 -64.01 -17.16
C ARG G 77 -15.78 -63.80 -17.84
N LEU G 78 -16.17 -64.73 -18.68
CA LEU G 78 -17.42 -64.59 -19.41
C LEU G 78 -18.61 -65.05 -18.60
N GLU G 79 -19.61 -64.18 -18.52
CA GLU G 79 -20.88 -64.51 -17.91
C GLU G 79 -21.90 -64.73 -19.03
N PRO G 80 -23.02 -65.41 -18.75
CA PRO G 80 -24.11 -65.67 -19.67
C PRO G 80 -24.53 -64.40 -20.40
N GLU G 81 -24.56 -63.27 -19.71
CA GLU G 81 -24.94 -61.96 -20.35
C GLU G 81 -23.88 -61.46 -21.34
N ASP G 82 -22.66 -62.02 -21.32
CA ASP G 82 -21.57 -61.50 -22.14
C ASP G 82 -21.56 -62.12 -23.52
N PHE G 83 -22.44 -63.09 -23.74
CA PHE G 83 -22.47 -63.77 -25.03
C PHE G 83 -23.31 -62.99 -26.03
N ALA G 84 -22.80 -61.84 -26.41
CA ALA G 84 -23.50 -60.89 -27.29
C ALA G 84 -22.63 -60.48 -28.45
N VAL G 85 -23.10 -59.54 -29.25
CA VAL G 85 -22.31 -59.02 -30.35
C VAL G 85 -21.57 -57.76 -29.94
N TYR G 86 -20.27 -57.75 -30.19
CA TYR G 86 -19.45 -56.61 -29.81
C TYR G 86 -18.99 -55.85 -31.03
N TYR G 87 -18.98 -54.54 -30.93
CA TYR G 87 -18.54 -53.69 -32.03
C TYR G 87 -17.39 -52.81 -31.60
N CYS G 88 -16.48 -52.53 -32.53
CA CYS G 88 -15.49 -51.49 -32.33
C CYS G 88 -15.87 -50.28 -33.17
N GLN G 89 -15.59 -49.09 -32.65
CA GLN G 89 -15.96 -47.87 -33.32
C GLN G 89 -14.83 -46.87 -33.34
N GLN G 90 -14.66 -46.21 -34.46
CA GLN G 90 -13.61 -45.22 -34.61
C GLN G 90 -14.19 -43.86 -34.95
N TYR G 91 -13.57 -42.82 -34.44
CA TYR G 91 -13.86 -41.49 -34.90
C TYR G 91 -12.69 -40.89 -35.66
N GLY G 92 -13.00 -40.19 -36.73
CA GLY G 92 -11.99 -39.40 -37.43
C GLY G 92 -12.60 -38.78 -38.68
N SER G 93 -11.95 -37.74 -39.18
CA SER G 93 -12.43 -37.05 -40.37
C SER G 93 -13.90 -36.66 -40.23
N SER G 94 -14.28 -36.21 -39.05
CA SER G 94 -15.64 -35.80 -38.76
C SER G 94 -16.65 -36.88 -39.09
N ALA G 95 -16.29 -38.14 -38.85
CA ALA G 95 -17.18 -39.25 -39.11
C ALA G 95 -17.01 -40.34 -38.08
N TRP G 96 -18.06 -41.10 -37.86
CA TRP G 96 -18.03 -42.23 -36.94
C TRP G 96 -18.22 -43.52 -37.70
N THR G 97 -17.28 -44.45 -37.54
CA THR G 97 -17.31 -45.70 -38.27
C THR G 97 -17.31 -46.89 -37.34
N PHE G 98 -18.17 -47.86 -37.61
CA PHE G 98 -18.24 -49.07 -36.81
C PHE G 98 -17.65 -50.26 -37.55
N GLY G 99 -17.15 -51.22 -36.81
CA GLY G 99 -16.74 -52.50 -37.39
C GLY G 99 -17.96 -53.34 -37.70
N GLN G 100 -17.75 -54.51 -38.30
CA GLN G 100 -18.86 -55.36 -38.69
C GLN G 100 -19.47 -56.05 -37.48
N GLY G 101 -18.70 -56.11 -36.40
CA GLY G 101 -19.15 -56.74 -35.17
C GLY G 101 -18.75 -58.21 -35.10
N THR G 102 -18.58 -58.72 -33.90
CA THR G 102 -18.30 -60.14 -33.69
C THR G 102 -19.23 -60.71 -32.64
N LYS G 103 -19.62 -61.97 -32.83
CA LYS G 103 -20.54 -62.61 -31.90
C LYS G 103 -19.81 -63.55 -30.95
N VAL G 104 -20.01 -63.34 -29.64
CA VAL G 104 -19.38 -64.16 -28.60
C VAL G 104 -20.33 -65.28 -28.17
N VAL H 1 -29.77 -40.72 -17.28
CA VAL H 1 -29.92 -40.38 -18.69
C VAL H 1 -30.81 -41.40 -19.39
N GLN H 2 -31.87 -40.91 -20.03
CA GLN H 2 -32.78 -41.75 -20.79
C GLN H 2 -33.00 -41.19 -22.18
N LEU H 3 -33.08 -42.09 -23.15
CA LEU H 3 -33.46 -41.73 -24.51
C LEU H 3 -34.62 -42.60 -24.96
N VAL H 4 -35.76 -41.98 -25.19
CA VAL H 4 -36.96 -42.72 -25.54
C VAL H 4 -37.44 -42.40 -26.94
N GLN H 5 -37.40 -43.40 -27.79
CA GLN H 5 -37.74 -43.21 -29.19
C GLN H 5 -39.18 -43.61 -29.49
N SER H 6 -39.68 -43.16 -30.63
CA SER H 6 -41.03 -43.48 -31.08
C SER H 6 -41.15 -44.96 -31.46
N GLY H 7 -42.39 -45.41 -31.65
CA GLY H 7 -42.66 -46.80 -31.98
C GLY H 7 -42.36 -47.11 -33.44
N ALA H 8 -42.50 -48.39 -33.80
CA ALA H 8 -42.15 -48.84 -35.14
C ALA H 8 -43.06 -48.24 -36.20
N GLU H 9 -42.51 -48.06 -37.39
CA GLU H 9 -43.25 -47.50 -38.51
C GLU H 9 -43.19 -48.42 -39.72
N VAL H 10 -44.27 -48.43 -40.51
CA VAL H 10 -44.28 -49.16 -41.76
C VAL H 10 -44.60 -48.22 -42.91
N LYS H 11 -43.66 -48.12 -43.85
CA LYS H 11 -43.77 -47.15 -44.93
C LYS H 11 -43.61 -47.80 -46.29
N LYS H 12 -44.09 -47.12 -47.31
CA LYS H 12 -43.87 -47.57 -48.68
C LYS H 12 -42.66 -46.86 -49.26
N PRO H 13 -42.03 -47.43 -50.28
CA PRO H 13 -40.97 -46.82 -51.05
C PRO H 13 -41.40 -45.45 -51.57
N GLY H 14 -40.55 -44.46 -51.37
CA GLY H 14 -40.84 -43.10 -51.78
C GLY H 14 -41.43 -42.27 -50.64
N ALA H 15 -41.84 -42.95 -49.58
CA ALA H 15 -42.43 -42.27 -48.42
C ALA H 15 -41.34 -41.72 -47.51
N SER H 16 -41.73 -40.86 -46.58
CA SER H 16 -40.80 -40.34 -45.59
C SER H 16 -41.17 -40.81 -44.19
N VAL H 17 -40.16 -41.03 -43.35
CA VAL H 17 -40.38 -41.40 -41.96
C VAL H 17 -39.68 -40.43 -41.02
N LYS H 18 -40.38 -40.01 -39.98
CA LYS H 18 -39.76 -39.16 -38.97
C LYS H 18 -39.71 -39.86 -37.63
N VAL H 19 -38.51 -40.12 -37.15
CA VAL H 19 -38.32 -40.80 -35.88
C VAL H 19 -37.93 -39.81 -34.81
N SER H 20 -38.69 -39.80 -33.72
CA SER H 20 -38.40 -38.89 -32.62
C SER H 20 -37.53 -39.57 -31.57
N CYS H 21 -36.88 -38.76 -30.74
CA CYS H 21 -36.12 -39.25 -29.59
C CYS H 21 -36.20 -38.26 -28.43
N LYS H 22 -36.96 -38.61 -27.41
CA LYS H 22 -37.12 -37.75 -26.26
C LYS H 22 -36.02 -38.00 -25.26
N ALA H 23 -35.31 -36.95 -24.89
CA ALA H 23 -34.20 -37.07 -23.98
C ALA H 23 -34.58 -36.56 -22.60
N SER H 24 -34.02 -37.18 -21.57
CA SER H 24 -34.21 -36.69 -20.21
C SER H 24 -33.06 -37.10 -19.31
N GLY H 25 -32.95 -36.41 -18.18
CA GLY H 25 -31.95 -36.76 -17.18
C GLY H 25 -30.65 -35.99 -17.37
N TYR H 26 -30.61 -35.11 -18.36
CA TYR H 26 -29.41 -34.33 -18.63
C TYR H 26 -29.74 -33.03 -19.35
N THR H 27 -28.77 -32.12 -19.39
CA THR H 27 -28.94 -30.87 -20.13
C THR H 27 -28.96 -31.17 -21.62
N PHE H 28 -30.13 -31.04 -22.22
CA PHE H 28 -30.34 -31.47 -23.59
C PHE H 28 -29.37 -30.83 -24.55
N THR H 29 -29.14 -29.54 -24.38
CA THR H 29 -28.37 -28.76 -25.34
C THR H 29 -26.86 -28.91 -25.12
N GLY H 30 -26.49 -29.67 -24.11
CA GLY H 30 -25.08 -29.85 -23.77
C GLY H 30 -24.47 -31.01 -24.53
N TYR H 31 -25.28 -31.69 -25.33
CA TYR H 31 -24.82 -32.87 -26.06
C TYR H 31 -25.29 -32.88 -27.48
N TYR H 32 -24.56 -33.58 -28.33
CA TYR H 32 -25.01 -33.82 -29.69
C TYR H 32 -25.92 -35.02 -29.70
N MET H 33 -26.90 -35.01 -30.58
CA MET H 33 -27.72 -36.18 -30.78
C MET H 33 -27.42 -36.82 -32.11
N HIS H 34 -26.94 -38.05 -32.05
CA HIS H 34 -26.57 -38.78 -33.24
C HIS H 34 -27.63 -39.81 -33.59
N TRP H 35 -27.71 -40.14 -34.87
CA TRP H 35 -28.56 -41.24 -35.28
C TRP H 35 -27.74 -42.34 -35.93
N VAL H 36 -28.01 -43.57 -35.52
CA VAL H 36 -27.29 -44.73 -36.02
C VAL H 36 -28.27 -45.77 -36.55
N ARG H 37 -28.03 -46.24 -37.76
CA ARG H 37 -28.92 -47.21 -38.40
C ARG H 37 -28.37 -48.62 -38.30
N GLN H 38 -29.25 -49.59 -38.07
CA GLN H 38 -28.85 -50.99 -38.11
C GLN H 38 -29.79 -51.83 -38.94
N ALA H 39 -29.42 -52.06 -40.19
CA ALA H 39 -30.22 -52.93 -41.06
C ALA H 39 -30.14 -54.36 -40.53
N PRO H 40 -31.17 -55.18 -40.72
CA PRO H 40 -31.26 -56.55 -40.27
C PRO H 40 -30.05 -57.35 -40.73
N GLY H 41 -29.38 -57.98 -39.78
CA GLY H 41 -28.23 -58.83 -40.07
C GLY H 41 -26.96 -58.02 -40.33
N GLN H 42 -27.06 -56.69 -40.20
CA GLN H 42 -25.93 -55.82 -40.47
C GLN H 42 -25.40 -55.16 -39.20
N GLY H 43 -24.32 -54.40 -39.37
CA GLY H 43 -23.72 -53.69 -38.25
C GLY H 43 -24.33 -52.31 -38.11
N LEU H 44 -23.64 -51.45 -37.38
CA LEU H 44 -24.15 -50.12 -37.09
C LEU H 44 -23.59 -49.10 -38.06
N GLU H 45 -24.45 -48.22 -38.57
CA GLU H 45 -24.02 -47.17 -39.50
C GLU H 45 -24.40 -45.79 -38.99
N TRP H 46 -23.42 -44.90 -38.91
CA TRP H 46 -23.68 -43.54 -38.46
C TRP H 46 -24.34 -42.73 -39.56
N MET H 47 -25.42 -42.02 -39.20
CA MET H 47 -26.18 -41.24 -40.18
C MET H 47 -25.84 -39.77 -40.14
N GLY H 48 -25.59 -39.25 -38.95
CA GLY H 48 -25.39 -37.82 -38.76
C GLY H 48 -25.68 -37.39 -37.33
N TRP H 49 -25.53 -36.11 -37.07
CA TRP H 49 -25.86 -35.55 -35.75
C TRP H 49 -26.50 -34.19 -35.86
N ILE H 50 -27.23 -33.83 -34.81
CA ILE H 50 -27.73 -32.49 -34.63
C ILE H 50 -27.29 -31.91 -33.30
N ASN H 51 -27.00 -30.62 -33.28
CA ASN H 51 -26.65 -29.90 -32.09
C ASN H 51 -27.80 -28.98 -31.67
N PRO H 52 -28.63 -29.40 -30.70
CA PRO H 52 -29.88 -28.77 -30.30
C PRO H 52 -29.74 -27.28 -29.99
N ILE H 53 -28.58 -26.86 -29.51
CA ILE H 53 -28.38 -25.46 -29.15
C ILE H 53 -28.39 -24.57 -30.37
N SER H 54 -27.92 -25.07 -31.50
CA SER H 54 -27.77 -24.28 -32.70
C SER H 54 -28.59 -24.81 -33.84
N SER H 55 -29.07 -26.05 -33.70
CA SER H 55 -29.74 -26.78 -34.76
C SER H 55 -28.81 -27.02 -35.93
N GLY H 56 -27.51 -26.96 -35.67
CA GLY H 56 -26.51 -27.32 -36.66
C GLY H 56 -26.48 -28.82 -36.84
N THR H 57 -26.20 -29.26 -38.05
CA THR H 57 -26.15 -30.68 -38.34
C THR H 57 -24.95 -31.07 -39.16
N SER H 58 -24.67 -32.37 -39.18
CA SER H 58 -23.73 -32.95 -40.11
C SER H 58 -24.21 -34.34 -40.48
N TYR H 59 -24.17 -34.67 -41.77
CA TYR H 59 -24.69 -35.95 -42.22
C TYR H 59 -23.62 -36.79 -42.87
N ALA H 60 -23.77 -38.10 -42.74
CA ALA H 60 -22.93 -39.02 -43.49
C ALA H 60 -23.24 -38.91 -44.97
N GLN H 61 -22.21 -39.05 -45.80
CA GLN H 61 -22.37 -38.91 -47.24
C GLN H 61 -23.42 -39.87 -47.78
N THR H 62 -23.59 -40.99 -47.11
CA THR H 62 -24.57 -41.99 -47.50
C THR H 62 -25.99 -41.44 -47.47
N PHE H 63 -26.28 -40.61 -46.48
CA PHE H 63 -27.64 -40.15 -46.26
C PHE H 63 -27.82 -38.68 -46.64
N GLN H 64 -26.72 -37.99 -46.86
CA GLN H 64 -26.80 -36.58 -47.18
C GLN H 64 -27.71 -36.35 -48.39
N GLY H 65 -28.68 -35.47 -48.22
CA GLY H 65 -29.64 -35.17 -49.28
C GLY H 65 -30.96 -35.91 -49.08
N ARG H 66 -30.95 -36.90 -48.20
CA ARG H 66 -32.17 -37.64 -47.90
C ARG H 66 -32.59 -37.49 -46.46
N VAL H 67 -31.62 -37.28 -45.57
CA VAL H 67 -31.94 -37.21 -44.15
C VAL H 67 -31.90 -35.77 -43.64
N THR H 68 -32.92 -35.40 -42.90
CA THR H 68 -32.97 -34.10 -42.24
C THR H 68 -33.14 -34.29 -40.75
N MET H 69 -32.25 -33.69 -39.98
CA MET H 69 -32.34 -33.77 -38.54
C MET H 69 -32.74 -32.44 -37.94
N THR H 70 -33.69 -32.49 -37.04
CA THR H 70 -34.18 -31.30 -36.35
C THR H 70 -34.33 -31.59 -34.87
N SER H 71 -34.62 -30.55 -34.10
CA SER H 71 -34.84 -30.73 -32.68
C SER H 71 -35.72 -29.64 -32.11
N ASP H 72 -36.29 -29.91 -30.95
CA ASP H 72 -37.08 -28.94 -30.22
C ASP H 72 -36.73 -28.99 -28.75
N THR H 73 -36.00 -27.98 -28.29
CA THR H 73 -35.47 -28.00 -26.94
C THR H 73 -36.55 -27.84 -25.88
N SER H 74 -37.70 -27.31 -26.29
CA SER H 74 -38.76 -27.05 -25.32
C SER H 74 -39.34 -28.35 -24.80
N ILE H 75 -39.15 -29.42 -25.56
CA ILE H 75 -39.60 -30.75 -25.18
C ILE H 75 -38.45 -31.74 -25.22
N THR H 76 -37.23 -31.20 -25.18
CA THR H 76 -36.00 -31.98 -25.26
C THR H 76 -36.15 -33.19 -26.18
N THR H 77 -36.56 -32.95 -27.41
CA THR H 77 -36.75 -34.02 -28.37
C THR H 77 -36.00 -33.78 -29.66
N ALA H 78 -35.31 -34.82 -30.14
CA ALA H 78 -34.63 -34.77 -31.41
C ALA H 78 -35.41 -35.57 -32.45
N TYR H 79 -35.32 -35.14 -33.70
CA TYR H 79 -36.02 -35.81 -34.78
C TYR H 79 -35.10 -36.14 -35.94
N MET H 80 -35.35 -37.26 -36.58
CA MET H 80 -34.64 -37.62 -37.80
C MET H 80 -35.63 -38.04 -38.88
N GLU H 81 -35.68 -37.28 -39.96
CA GLU H 81 -36.58 -37.58 -41.04
C GLU H 81 -35.83 -38.08 -42.27
N LEU H 82 -36.12 -39.31 -42.66
CA LEU H 82 -35.46 -39.89 -43.82
C LEU H 82 -36.45 -40.00 -44.98
N SER H 83 -36.21 -39.22 -46.02
CA SER H 83 -37.14 -39.13 -47.14
C SER H 83 -36.74 -40.05 -48.28
N ARG H 84 -37.66 -40.19 -49.24
CA ARG H 84 -37.42 -41.03 -50.42
C ARG H 84 -36.97 -42.42 -50.01
N LEU H 85 -37.72 -43.02 -49.10
CA LEU H 85 -37.35 -44.31 -48.53
C LEU H 85 -37.25 -45.39 -49.58
N ARG H 86 -36.23 -46.23 -49.45
CA ARG H 86 -36.02 -47.36 -50.33
C ARG H 86 -36.18 -48.65 -49.54
N SER H 87 -36.28 -49.78 -50.23
CA SER H 87 -36.46 -51.04 -49.55
C SER H 87 -35.28 -51.37 -48.63
N ASP H 88 -34.11 -50.84 -48.94
CA ASP H 88 -32.91 -51.12 -48.15
C ASP H 88 -32.77 -50.14 -46.99
N ASP H 89 -33.77 -49.31 -46.78
CA ASP H 89 -33.80 -48.43 -45.62
C ASP H 89 -34.51 -49.10 -44.46
N THR H 90 -34.94 -50.34 -44.66
CA THR H 90 -35.49 -51.11 -43.57
C THR H 90 -34.40 -51.36 -42.55
N ALA H 91 -34.60 -50.84 -41.35
CA ALA H 91 -33.56 -50.90 -40.33
C ALA H 91 -34.09 -50.47 -38.98
N VAL H 92 -33.34 -50.78 -37.94
CA VAL H 92 -33.60 -50.22 -36.63
C VAL H 92 -32.79 -48.95 -36.45
N TYR H 93 -33.48 -47.85 -36.20
CA TYR H 93 -32.83 -46.56 -36.09
C TYR H 93 -32.69 -46.17 -34.63
N TYR H 94 -31.46 -45.90 -34.22
CA TYR H 94 -31.18 -45.52 -32.85
C TYR H 94 -30.82 -44.06 -32.76
N CYS H 95 -31.21 -43.42 -31.66
CA CYS H 95 -30.67 -42.13 -31.28
C CYS H 95 -29.62 -42.35 -30.21
N ALA H 96 -28.55 -41.58 -30.24
CA ALA H 96 -27.49 -41.75 -29.28
C ALA H 96 -26.89 -40.42 -28.88
N ARG H 97 -26.46 -40.33 -27.63
CA ARG H 97 -25.88 -39.11 -27.12
C ARG H 97 -24.37 -39.16 -27.18
N ALA H 98 -23.77 -38.03 -27.54
CA ALA H 98 -22.33 -37.86 -27.51
C ALA H 98 -21.99 -36.42 -27.15
N ALA H 99 -20.82 -36.22 -26.58
CA ALA H 99 -20.39 -34.87 -26.22
C ALA H 99 -20.21 -34.06 -27.50
N PRO H 100 -20.29 -32.74 -27.40
CA PRO H 100 -20.02 -31.78 -28.45
C PRO H 100 -18.54 -31.75 -28.75
N PHE H 101 -18.18 -31.20 -29.89
CA PHE H 101 -16.81 -31.20 -30.35
C PHE H 101 -15.86 -30.43 -29.44
N TYR H 102 -16.40 -29.58 -28.59
CA TYR H 102 -15.54 -28.79 -27.72
C TYR H 102 -15.18 -29.52 -26.45
N ASP H 103 -15.64 -30.75 -26.32
CA ASP H 103 -15.34 -31.56 -25.15
C ASP H 103 -13.84 -31.85 -25.08
N PHE H 104 -13.22 -31.47 -23.97
CA PHE H 104 -11.78 -31.56 -23.81
C PHE H 104 -11.27 -32.99 -23.91
N TRP H 105 -12.02 -33.93 -23.35
CA TRP H 105 -11.56 -35.31 -23.28
C TRP H 105 -12.17 -36.18 -24.37
N SER H 106 -12.49 -35.56 -25.50
CA SER H 106 -12.94 -36.27 -26.69
C SER H 106 -14.14 -37.16 -26.45
N GLY H 107 -15.11 -36.65 -25.70
CA GLY H 107 -16.34 -37.39 -25.45
C GLY H 107 -17.22 -37.43 -26.68
N TYR H 108 -16.81 -36.70 -27.71
CA TYR H 108 -17.57 -36.65 -28.95
C TYR H 108 -17.26 -37.84 -29.84
N SER H 109 -16.18 -38.54 -29.51
CA SER H 109 -15.69 -39.62 -30.37
C SER H 109 -16.50 -40.89 -30.22
N TYR H 110 -17.37 -40.93 -29.21
CA TYR H 110 -18.14 -42.13 -28.93
C TYR H 110 -19.53 -41.81 -28.42
N PHE H 111 -20.39 -42.82 -28.36
CA PHE H 111 -21.77 -42.65 -27.96
C PHE H 111 -22.02 -43.31 -26.63
N ASP H 112 -22.29 -42.52 -25.60
CA ASP H 112 -22.37 -43.07 -24.26
C ASP H 112 -23.77 -43.52 -23.90
N TYR H 113 -24.78 -42.96 -24.55
CA TYR H 113 -26.14 -43.38 -24.27
C TYR H 113 -26.93 -43.62 -25.54
N TRP H 114 -27.70 -44.69 -25.54
CA TRP H 114 -28.51 -45.07 -26.68
C TRP H 114 -29.96 -45.20 -26.28
N GLY H 115 -30.86 -44.86 -27.19
CA GLY H 115 -32.27 -45.11 -26.96
C GLY H 115 -32.63 -46.50 -27.46
N GLN H 116 -33.86 -46.93 -27.19
CA GLN H 116 -34.31 -48.19 -27.74
C GLN H 116 -34.58 -47.96 -29.22
N GLY H 117 -34.16 -48.88 -30.05
CA GLY H 117 -34.22 -48.63 -31.48
C GLY H 117 -35.64 -48.56 -31.99
N THR H 118 -35.84 -47.75 -33.02
CA THR H 118 -37.12 -47.68 -33.70
C THR H 118 -37.05 -48.39 -35.04
N LEU H 119 -37.84 -49.43 -35.20
CA LEU H 119 -37.83 -50.19 -36.44
C LEU H 119 -38.68 -49.52 -37.50
N VAL H 120 -38.08 -49.31 -38.65
CA VAL H 120 -38.81 -48.80 -39.80
C VAL H 120 -38.74 -49.80 -40.94
N THR H 121 -39.90 -50.23 -41.41
CA THR H 121 -39.98 -51.20 -42.49
C THR H 121 -40.42 -50.53 -43.79
N VAL H 122 -39.71 -50.82 -44.88
CA VAL H 122 -40.01 -50.23 -46.18
C VAL H 122 -40.16 -51.32 -47.24
N VAL I 1 -49.87 7.66 80.37
CA VAL I 1 -49.84 6.93 79.12
C VAL I 1 -51.01 5.95 79.05
N GLN I 2 -51.97 6.21 78.15
CA GLN I 2 -53.12 5.34 77.95
C GLN I 2 -53.45 5.17 76.47
N LEU I 3 -53.97 4.01 76.12
CA LEU I 3 -54.38 3.70 74.76
C LEU I 3 -55.77 3.09 74.75
N VAL I 4 -56.67 3.65 73.94
CA VAL I 4 -58.04 3.17 73.90
C VAL I 4 -58.47 2.71 72.51
N GLU I 5 -58.74 1.42 72.37
CA GLU I 5 -59.20 0.84 71.11
C GLU I 5 -60.71 0.99 70.95
N SER I 6 -61.14 1.09 69.69
CA SER I 6 -62.55 1.10 69.35
C SER I 6 -62.75 0.64 67.92
N GLY I 7 -64.00 0.38 67.54
CA GLY I 7 -64.30 -0.02 66.17
C GLY I 7 -64.42 -1.53 66.00
N GLY I 8 -64.50 -2.25 67.10
CA GLY I 8 -64.65 -3.70 67.05
C GLY I 8 -66.08 -4.06 66.71
N GLY I 9 -66.43 -5.34 66.79
CA GLY I 9 -67.78 -5.76 66.43
C GLY I 9 -67.79 -7.11 65.73
N VAL I 10 -68.92 -7.43 65.09
CA VAL I 10 -69.10 -8.71 64.43
C VAL I 10 -69.33 -8.53 62.94
N VAL I 11 -68.53 -9.20 62.13
CA VAL I 11 -68.65 -9.13 60.68
C VAL I 11 -68.68 -10.52 60.07
N GLN I 12 -69.09 -10.62 58.81
CA GLN I 12 -69.02 -11.87 58.09
C GLN I 12 -67.73 -11.94 57.27
N PRO I 13 -67.25 -13.13 56.95
CA PRO I 13 -66.10 -13.38 56.11
C PRO I 13 -66.24 -12.69 54.77
N GLY I 14 -65.16 -12.06 54.33
CA GLY I 14 -65.12 -11.37 53.04
C GLY I 14 -65.36 -9.88 53.17
N ARG I 15 -65.85 -9.45 54.33
CA ARG I 15 -66.15 -8.05 54.54
C ARG I 15 -65.03 -7.38 55.35
N SER I 16 -64.99 -6.05 55.31
CA SER I 16 -63.93 -5.29 55.96
C SER I 16 -64.36 -4.64 57.26
N LEU I 17 -63.37 -4.23 58.06
CA LEU I 17 -63.61 -3.51 59.30
C LEU I 17 -62.44 -2.60 59.63
N ARG I 18 -62.72 -1.35 59.99
CA ARG I 18 -61.66 -0.44 60.41
C ARG I 18 -61.62 -0.28 61.92
N LEU I 19 -60.45 -0.50 62.50
CA LEU I 19 -60.24 -0.27 63.92
C LEU I 19 -59.47 1.01 64.13
N SER I 20 -59.65 1.63 65.29
CA SER I 20 -58.88 2.80 65.63
C SER I 20 -58.48 2.79 67.09
N CYS I 21 -57.42 3.53 67.42
CA CYS I 21 -56.89 3.65 68.77
C CYS I 21 -56.53 5.10 69.08
N ALA I 22 -57.08 5.61 70.18
CA ALA I 22 -56.80 6.97 70.61
C ALA I 22 -55.68 6.97 71.63
N ALA I 23 -54.66 7.79 71.39
CA ALA I 23 -53.52 7.85 72.29
C ALA I 23 -53.47 9.15 73.05
N SER I 24 -53.13 9.06 74.33
CA SER I 24 -52.94 10.26 75.15
C SER I 24 -51.99 10.01 76.31
N GLY I 25 -51.48 11.08 76.90
CA GLY I 25 -50.58 10.98 78.05
C GLY I 25 -49.12 11.06 77.61
N PHE I 26 -48.89 11.09 76.31
CA PHE I 26 -47.55 11.17 75.74
C PHE I 26 -47.60 11.80 74.37
N THR I 27 -46.43 12.15 73.84
CA THR I 27 -46.40 12.72 72.50
C THR I 27 -46.46 11.61 71.47
N PHE I 28 -47.64 11.45 70.87
CA PHE I 28 -47.92 10.36 69.96
C PHE I 28 -46.92 10.32 68.81
N SER I 29 -46.64 11.50 68.27
CA SER I 29 -45.78 11.64 67.10
C SER I 29 -44.32 11.26 67.34
N ASN I 30 -43.96 10.98 68.60
CA ASN I 30 -42.57 10.61 68.88
C ASN I 30 -42.37 9.10 69.05
N TYR I 31 -43.44 8.33 68.91
CA TYR I 31 -43.34 6.89 69.13
C TYR I 31 -43.93 6.08 67.98
N GLY I 32 -43.36 4.91 67.72
CA GLY I 32 -43.96 3.98 66.79
C GLY I 32 -45.09 3.24 67.50
N MET I 33 -45.94 2.57 66.73
CA MET I 33 -47.06 1.86 67.32
C MET I 33 -47.24 0.47 66.74
N HIS I 34 -47.75 -0.44 67.55
CA HIS I 34 -48.00 -1.81 67.15
C HIS I 34 -49.48 -2.16 67.19
N TRP I 35 -49.86 -3.12 66.37
CA TRP I 35 -51.11 -3.85 66.56
C TRP I 35 -50.79 -5.31 66.82
N VAL I 36 -51.44 -5.88 67.82
CA VAL I 36 -51.28 -7.27 68.18
C VAL I 36 -52.65 -7.89 68.38
N ARG I 37 -52.83 -9.14 67.98
CA ARG I 37 -54.12 -9.77 68.16
C ARG I 37 -54.01 -11.07 68.95
N GLN I 38 -55.05 -11.37 69.72
CA GLN I 38 -55.07 -12.60 70.50
C GLN I 38 -56.36 -13.38 70.31
N ALA I 39 -56.30 -14.47 69.58
CA ALA I 39 -57.46 -15.32 69.39
C ALA I 39 -57.79 -15.99 70.73
N PRO I 40 -59.07 -16.21 71.04
CA PRO I 40 -59.53 -16.88 72.24
C PRO I 40 -58.82 -18.21 72.43
N GLY I 41 -58.23 -18.40 73.61
CA GLY I 41 -57.55 -19.65 73.95
C GLY I 41 -56.13 -19.71 73.40
N LYS I 42 -55.71 -18.66 72.70
CA LYS I 42 -54.39 -18.65 72.07
C LYS I 42 -53.48 -17.59 72.67
N GLY I 43 -52.21 -17.63 72.28
CA GLY I 43 -51.23 -16.65 72.73
C GLY I 43 -51.27 -15.41 71.87
N LEU I 44 -50.30 -14.52 72.07
CA LEU I 44 -50.27 -13.26 71.34
C LEU I 44 -49.68 -13.45 69.95
N GLU I 45 -50.33 -12.86 68.95
CA GLU I 45 -49.81 -12.87 67.60
C GLU I 45 -49.68 -11.45 67.06
N TRP I 46 -48.49 -11.11 66.61
CA TRP I 46 -48.21 -9.77 66.13
C TRP I 46 -48.87 -9.50 64.79
N VAL I 47 -49.39 -8.29 64.60
CA VAL I 47 -50.04 -7.93 63.34
C VAL I 47 -49.22 -6.95 62.51
N ALA I 48 -48.89 -5.79 63.08
CA ALA I 48 -48.17 -4.78 62.32
C ALA I 48 -47.51 -3.73 63.20
N VAL I 49 -46.48 -3.06 62.66
CA VAL I 49 -45.88 -1.92 63.34
C VAL I 49 -45.71 -0.76 62.37
N ILE I 50 -45.93 0.45 62.85
CA ILE I 50 -45.73 1.64 62.07
C ILE I 50 -44.78 2.60 62.77
N TRP I 51 -43.87 3.20 62.00
CA TRP I 51 -42.93 4.17 62.56
C TRP I 51 -43.61 5.46 62.92
N TYR I 52 -43.00 6.22 63.82
CA TYR I 52 -43.57 7.45 64.35
C TYR I 52 -43.92 8.48 63.26
N ASP I 53 -43.21 8.45 62.14
CA ASP I 53 -43.46 9.41 61.07
C ASP I 53 -44.34 8.83 59.97
N GLY I 54 -44.74 7.58 60.13
CA GLY I 54 -45.63 6.91 59.20
C GLY I 54 -44.91 6.48 57.91
N SER I 55 -43.59 6.59 57.89
CA SER I 55 -42.83 6.28 56.68
C SER I 55 -42.65 4.80 56.44
N ASN I 56 -42.65 4.00 57.51
CA ASN I 56 -42.38 2.57 57.39
C ASN I 56 -43.44 1.73 58.05
N LYS I 57 -44.01 0.82 57.26
CA LYS I 57 -45.08 -0.06 57.72
C LYS I 57 -44.71 -1.52 57.50
N PHE I 58 -44.66 -2.29 58.58
CA PHE I 58 -44.32 -3.71 58.47
C PHE I 58 -45.48 -4.56 58.95
N TYR I 59 -45.69 -5.70 58.31
CA TYR I 59 -46.83 -6.55 58.62
C TYR I 59 -46.42 -7.99 58.84
N ALA I 60 -47.19 -8.69 59.65
CA ALA I 60 -47.03 -10.13 59.82
C ALA I 60 -47.36 -10.84 58.52
N ASP I 61 -46.70 -11.96 58.28
CA ASP I 61 -46.91 -12.72 57.06
C ASP I 61 -48.37 -13.09 56.85
N SER I 62 -49.09 -13.36 57.93
CA SER I 62 -50.48 -13.82 57.85
C SER I 62 -51.47 -12.73 57.49
N VAL I 63 -51.08 -11.47 57.57
CA VAL I 63 -52.00 -10.37 57.29
C VAL I 63 -51.49 -9.49 56.14
N LYS I 64 -50.25 -9.70 55.74
CA LYS I 64 -49.65 -8.89 54.70
C LYS I 64 -50.49 -8.95 53.42
N GLY I 65 -50.82 -7.79 52.89
CA GLY I 65 -51.59 -7.69 51.66
C GLY I 65 -53.08 -7.49 51.92
N ARG I 66 -53.51 -7.69 53.16
CA ARG I 66 -54.91 -7.52 53.51
C ARG I 66 -55.12 -6.38 54.49
N PHE I 67 -54.23 -6.29 55.47
CA PHE I 67 -54.36 -5.27 56.50
C PHE I 67 -53.46 -4.09 56.21
N THR I 68 -53.96 -2.89 56.48
CA THR I 68 -53.17 -1.68 56.34
C THR I 68 -53.08 -0.90 57.64
N ILE I 69 -51.86 -0.58 58.06
CA ILE I 69 -51.64 0.19 59.27
C ILE I 69 -51.31 1.62 58.91
N SER I 70 -51.95 2.56 59.59
CA SER I 70 -51.71 3.97 59.33
C SER I 70 -51.83 4.77 60.61
N ARG I 71 -51.27 5.97 60.61
CA ARG I 71 -51.37 6.83 61.77
C ARG I 71 -51.72 8.25 61.36
N ASP I 72 -52.34 8.97 62.28
CA ASP I 72 -52.61 10.38 62.10
C ASP I 72 -52.07 11.16 63.28
N ASN I 73 -50.90 11.76 63.10
CA ASN I 73 -50.23 12.42 64.22
C ASN I 73 -50.99 13.64 64.68
N SER I 74 -51.66 14.32 63.74
CA SER I 74 -52.41 15.52 64.07
C SER I 74 -53.56 15.21 65.02
N LYS I 75 -54.16 14.04 64.85
CA LYS I 75 -55.29 13.63 65.67
C LYS I 75 -54.89 12.68 66.79
N ASN I 76 -53.58 12.46 66.94
CA ASN I 76 -53.07 11.55 67.97
C ASN I 76 -53.79 10.22 67.95
N SER I 77 -53.94 9.64 66.76
CA SER I 77 -54.66 8.38 66.63
C SER I 77 -54.00 7.40 65.68
N LEU I 78 -54.23 6.11 65.94
CA LEU I 78 -53.72 5.01 65.15
C LEU I 78 -54.88 4.26 64.50
N TYR I 79 -54.69 3.84 63.25
CA TYR I 79 -55.73 3.10 62.55
C TYR I 79 -55.24 1.76 62.00
N LEU I 80 -56.17 0.81 61.91
CA LEU I 80 -55.90 -0.45 61.22
C LEU I 80 -57.07 -0.82 60.34
N GLN I 81 -56.84 -0.86 59.04
CA GLN I 81 -57.90 -1.20 58.09
C GLN I 81 -57.77 -2.66 57.68
N MET I 82 -58.75 -3.47 58.05
CA MET I 82 -58.68 -4.89 57.77
C MET I 82 -59.62 -5.28 56.65
N ASN I 83 -59.08 -5.66 55.50
CA ASN I 83 -59.89 -6.05 54.37
C ASN I 83 -59.96 -7.56 54.25
N SER I 84 -61.01 -8.06 53.60
CA SER I 84 -61.13 -9.49 53.34
C SER I 84 -60.90 -10.31 54.60
N LEU I 85 -61.64 -10.00 55.65
CA LEU I 85 -61.53 -10.73 56.90
C LEU I 85 -62.03 -12.16 56.77
N ARG I 86 -61.37 -13.08 57.46
CA ARG I 86 -61.73 -14.48 57.45
C ARG I 86 -62.04 -14.96 58.85
N ALA I 87 -62.66 -16.13 58.98
CA ALA I 87 -62.99 -16.67 60.30
C ALA I 87 -61.75 -16.77 61.17
N GLU I 88 -60.61 -17.06 60.55
CA GLU I 88 -59.34 -17.23 61.24
C GLU I 88 -58.84 -15.93 61.89
N ASP I 89 -59.44 -14.80 61.54
CA ASP I 89 -59.01 -13.51 62.04
C ASP I 89 -59.74 -13.10 63.31
N THR I 90 -60.58 -13.99 63.85
CA THR I 90 -61.26 -13.67 65.10
C THR I 90 -60.26 -13.56 66.22
N ALA I 91 -60.24 -12.40 66.89
CA ALA I 91 -59.26 -12.15 67.94
C ALA I 91 -59.54 -10.83 68.64
N VAL I 92 -58.93 -10.65 69.80
CA VAL I 92 -58.93 -9.34 70.44
C VAL I 92 -57.74 -8.54 69.92
N TYR I 93 -58.02 -7.36 69.39
CA TYR I 93 -56.97 -6.52 68.82
C TYR I 93 -56.53 -5.44 69.77
N PHE I 94 -55.23 -5.35 69.97
CA PHE I 94 -54.64 -4.37 70.86
C PHE I 94 -53.79 -3.39 70.07
N CYS I 95 -53.77 -2.13 70.50
CA CYS I 95 -52.79 -1.15 70.05
C CYS I 95 -51.75 -1.01 71.16
N ALA I 96 -50.51 -0.74 70.80
CA ALA I 96 -49.48 -0.62 71.82
C ALA I 96 -48.36 0.33 71.40
N ARG I 97 -47.72 0.93 72.39
CA ARG I 97 -46.62 1.85 72.15
C ARG I 97 -45.29 1.11 72.04
N ALA I 98 -44.58 1.36 70.94
CA ALA I 98 -43.32 0.70 70.63
C ALA I 98 -42.16 1.18 71.50
N PHE I 99 -41.21 0.30 71.72
CA PHE I 99 -39.98 0.62 72.45
C PHE I 99 -38.77 0.03 71.71
N PRO I 100 -37.71 0.80 71.49
CA PRO I 100 -36.50 0.40 70.76
C PRO I 100 -35.89 -0.90 71.27
N ASP I 101 -35.54 -1.78 70.34
CA ASP I 101 -34.90 -3.06 70.63
C ASP I 101 -33.39 -2.97 70.43
N SER I 102 -32.62 -3.18 71.50
CA SER I 102 -31.18 -2.95 71.48
C SER I 102 -30.40 -3.93 70.59
N SER I 103 -31.05 -4.99 70.12
CA SER I 103 -30.34 -5.99 69.30
C SER I 103 -30.60 -5.80 67.81
N SER I 104 -31.29 -4.73 67.45
CA SER I 104 -31.61 -4.47 66.05
C SER I 104 -31.51 -3.00 65.71
N TRP I 105 -31.22 -2.69 64.45
CA TRP I 105 -31.05 -1.31 64.03
C TRP I 105 -32.30 -0.48 64.26
N SER I 106 -33.45 -1.02 63.85
CA SER I 106 -34.72 -0.31 64.01
C SER I 106 -35.82 -1.25 64.46
N GLY I 107 -35.45 -2.23 65.28
CA GLY I 107 -36.42 -3.20 65.78
C GLY I 107 -37.15 -2.64 66.98
N PHE I 108 -38.31 -3.21 67.27
CA PHE I 108 -39.10 -2.75 68.40
C PHE I 108 -39.61 -3.89 69.26
N THR I 109 -39.78 -3.60 70.54
CA THR I 109 -40.56 -4.41 71.44
C THR I 109 -41.77 -3.59 71.85
N ILE I 110 -42.57 -4.11 72.77
CA ILE I 110 -43.79 -3.42 73.13
C ILE I 110 -43.80 -3.00 74.59
N ASP I 111 -44.08 -1.73 74.83
CA ASP I 111 -44.09 -1.17 76.18
C ASP I 111 -45.49 -1.09 76.76
N TYR I 112 -46.30 -0.17 76.24
CA TYR I 112 -47.64 0.05 76.76
C TYR I 112 -48.71 -0.56 75.89
N TRP I 113 -49.60 -1.32 76.51
CA TRP I 113 -50.69 -1.97 75.80
C TRP I 113 -52.03 -1.31 76.13
N GLY I 114 -52.93 -1.27 75.16
CA GLY I 114 -54.30 -0.86 75.43
C GLY I 114 -55.09 -2.04 75.97
N GLN I 115 -56.38 -1.84 76.22
CA GLN I 115 -57.21 -2.92 76.75
C GLN I 115 -57.63 -3.90 75.66
N GLY I 116 -57.75 -3.40 74.43
CA GLY I 116 -58.07 -4.24 73.29
C GLY I 116 -59.55 -4.24 72.96
N THR I 117 -59.86 -4.51 71.69
CA THR I 117 -61.24 -4.58 71.23
C THR I 117 -61.47 -5.89 70.48
N LEU I 118 -62.60 -6.54 70.75
CA LEU I 118 -62.86 -7.84 70.15
C LEU I 118 -63.44 -7.74 68.75
N VAL I 119 -62.84 -8.48 67.83
CA VAL I 119 -63.35 -8.59 66.48
C VAL I 119 -63.71 -10.03 66.17
N THR I 120 -64.98 -10.26 65.84
CA THR I 120 -65.46 -11.58 65.49
C THR I 120 -65.89 -11.59 64.04
N VAL I 121 -65.43 -12.59 63.27
CA VAL I 121 -65.74 -12.66 61.84
C VAL I 121 -66.75 -13.77 61.57
N TYR J 1 -38.59 -17.54 61.99
CA TYR J 1 -38.08 -17.70 63.35
C TYR J 1 -39.23 -17.89 64.34
N GLU J 2 -39.05 -18.80 65.29
CA GLU J 2 -40.06 -19.10 66.31
C GLU J 2 -39.43 -19.30 67.68
N LEU J 3 -40.22 -19.08 68.72
CA LEU J 3 -39.77 -19.34 70.09
C LEU J 3 -40.48 -20.56 70.64
N THR J 4 -39.81 -21.29 71.52
CA THR J 4 -40.42 -22.44 72.17
C THR J 4 -40.36 -22.35 73.69
N GLN J 5 -41.52 -22.41 74.34
CA GLN J 5 -41.59 -22.35 75.78
C GLN J 5 -42.75 -23.23 76.27
N PRO J 6 -42.63 -23.83 77.46
CA PRO J 6 -43.58 -24.77 78.05
C PRO J 6 -44.92 -24.11 78.36
N PRO J 7 -46.03 -24.84 78.23
CA PRO J 7 -47.38 -24.43 78.56
C PRO J 7 -47.54 -23.84 79.96
N SER J 8 -46.82 -24.40 80.94
CA SER J 8 -46.95 -23.91 82.31
C SER J 8 -45.77 -24.27 83.19
N VAL J 9 -45.60 -23.47 84.26
CA VAL J 9 -44.62 -23.71 85.31
C VAL J 9 -45.27 -23.52 86.69
N SER J 10 -45.02 -24.46 87.62
CA SER J 10 -45.55 -24.39 88.99
C SER J 10 -45.02 -23.17 89.74
N THR J 11 -38.62 -20.36 93.53
CA THR J 11 -38.34 -19.53 92.37
C THR J 11 -38.88 -20.19 91.10
N ALA J 12 -39.72 -19.45 90.35
CA ALA J 12 -40.25 -19.94 89.07
C ALA J 12 -39.32 -19.54 87.95
N ARG J 13 -39.07 -20.46 87.03
CA ARG J 13 -38.21 -20.15 85.90
C ARG J 13 -38.89 -20.53 84.60
N ILE J 14 -39.07 -19.54 83.74
CA ILE J 14 -39.71 -19.75 82.45
C ILE J 14 -38.68 -19.70 81.34
N THR J 15 -38.53 -20.81 80.64
CA THR J 15 -37.52 -20.92 79.60
C THR J 15 -38.11 -20.56 78.23
N CYS J 16 -37.27 -20.00 77.37
CA CYS J 16 -37.62 -19.62 76.01
C CYS J 16 -36.50 -20.00 75.05
N GLY J 17 -36.73 -21.06 74.28
CA GLY J 17 -35.72 -21.58 73.37
C GLY J 17 -35.78 -20.92 72.01
N GLY J 18 -34.68 -21.00 71.28
CA GLY J 18 -34.60 -20.49 69.92
C GLY J 18 -33.26 -20.82 69.29
N ASN J 19 -33.08 -20.44 68.03
CA ASN J 19 -31.83 -20.75 67.33
C ASN J 19 -30.79 -19.68 67.58
N ASN J 20 -29.81 -20.00 68.42
CA ASN J 20 -28.80 -19.03 68.82
C ASN J 20 -29.46 -17.76 69.31
N ILE J 21 -30.43 -17.92 70.20
CA ILE J 21 -31.22 -16.83 70.74
C ILE J 21 -30.35 -15.80 71.43
N GLU J 22 -29.14 -16.18 71.81
CA GLU J 22 -28.19 -15.27 72.45
C GLU J 22 -27.99 -13.99 71.63
N ARG J 23 -28.02 -14.12 70.31
CA ARG J 23 -27.78 -12.97 69.44
C ARG J 23 -28.98 -12.04 69.33
N LYS J 24 -30.13 -12.46 69.85
CA LYS J 24 -31.34 -11.65 69.81
C LYS J 24 -31.72 -11.16 71.19
N SER J 25 -32.29 -9.98 71.28
CA SER J 25 -32.80 -9.48 72.55
C SER J 25 -34.14 -10.11 72.88
N VAL J 26 -34.25 -10.62 74.10
CA VAL J 26 -35.50 -11.23 74.53
C VAL J 26 -36.25 -10.33 75.48
N HIS J 27 -37.53 -10.16 75.21
CA HIS J 27 -38.39 -9.31 76.05
C HIS J 27 -39.52 -10.15 76.59
N TRP J 28 -40.02 -9.78 77.76
CA TRP J 28 -41.10 -10.54 78.39
C TRP J 28 -42.26 -9.65 78.79
N CYS J 29 -43.48 -10.12 78.55
CA CYS J 29 -44.66 -9.39 79.00
C CYS J 29 -45.60 -10.32 79.76
N GLN J 30 -46.29 -9.75 80.74
CA GLN J 30 -47.17 -10.50 81.61
C GLN J 30 -48.63 -10.18 81.37
N GLN J 31 -49.42 -11.19 81.06
CA GLN J 31 -50.84 -10.99 80.85
C GLN J 31 -51.69 -11.71 81.89
N LYS J 32 -52.41 -10.94 82.69
CA LYS J 32 -53.30 -11.53 83.67
C LYS J 32 -54.66 -11.75 83.02
N PRO J 33 -55.43 -12.74 83.44
CA PRO J 33 -56.75 -13.05 82.95
C PRO J 33 -57.65 -11.83 82.96
N GLY J 34 -58.24 -11.52 81.81
CA GLY J 34 -59.15 -10.38 81.68
C GLY J 34 -58.41 -9.05 81.52
N GLN J 35 -57.09 -9.11 81.43
CA GLN J 35 -56.29 -7.88 81.34
C GLN J 35 -55.34 -7.89 80.15
N ALA J 36 -54.93 -6.70 79.73
CA ALA J 36 -53.93 -6.55 78.69
C ALA J 36 -52.56 -6.95 79.23
N PRO J 37 -51.63 -7.39 78.37
CA PRO J 37 -50.24 -7.65 78.68
C PRO J 37 -49.53 -6.39 79.14
N ALA J 38 -48.48 -6.56 79.94
CA ALA J 38 -47.63 -5.44 80.33
C ALA J 38 -46.17 -5.85 80.31
N LEU J 39 -45.30 -4.93 79.92
CA LEU J 39 -43.88 -5.23 79.84
C LEU J 39 -43.29 -5.45 81.23
N VAL J 40 -42.57 -6.55 81.39
CA VAL J 40 -41.94 -6.87 82.67
C VAL J 40 -40.43 -6.78 82.56
N VAL J 41 -39.88 -7.39 81.51
CA VAL J 41 -38.45 -7.35 81.24
C VAL J 41 -38.19 -7.01 79.79
N TYR J 42 -37.16 -6.22 79.53
CA TYR J 42 -36.77 -5.91 78.17
C TYR J 42 -35.26 -5.95 78.02
N ASP J 43 -34.79 -6.12 76.79
CA ASP J 43 -33.35 -6.20 76.56
C ASP J 43 -32.72 -7.21 77.50
N ASP J 44 -33.30 -8.41 77.56
CA ASP J 44 -32.81 -9.55 78.35
C ASP J 44 -33.06 -9.43 79.85
N SER J 45 -32.56 -8.38 80.47
CA SER J 45 -32.62 -8.31 81.93
C SER J 45 -33.02 -6.95 82.51
N ASP J 46 -33.31 -5.97 81.67
CA ASP J 46 -33.67 -4.65 82.18
C ASP J 46 -35.15 -4.61 82.57
N ARG J 47 -35.46 -3.83 83.59
CA ARG J 47 -36.86 -3.66 84.00
C ARG J 47 -37.32 -2.23 83.80
N PRO J 48 -38.57 -2.03 83.40
CA PRO J 48 -39.26 -0.76 83.37
C PRO J 48 -39.68 -0.38 84.77
N SER J 49 -39.88 0.90 85.01
CA SER J 49 -40.30 1.35 86.33
C SER J 49 -41.62 0.69 86.72
N GLY J 50 -41.71 0.30 87.99
CA GLY J 50 -42.92 -0.32 88.51
C GLY J 50 -42.80 -1.84 88.66
N ILE J 51 -41.79 -2.43 88.04
CA ILE J 51 -41.58 -3.87 88.14
C ILE J 51 -40.64 -4.22 89.29
N PRO J 52 -41.08 -5.05 90.24
CA PRO J 52 -40.34 -5.51 91.40
C PRO J 52 -39.02 -6.16 91.03
N GLU J 53 -38.04 -6.02 91.90
CA GLU J 53 -36.71 -6.57 91.72
C GLU J 53 -36.72 -8.10 91.66
N ARG J 54 -37.86 -8.68 91.98
CA ARG J 54 -38.05 -10.12 91.95
C ARG J 54 -37.92 -10.66 90.54
N PHE J 55 -38.14 -9.79 89.56
CA PHE J 55 -38.11 -10.17 88.15
C PHE J 55 -36.74 -9.94 87.54
N SER J 56 -36.10 -11.04 87.14
CA SER J 56 -34.78 -10.97 86.53
C SER J 56 -34.73 -11.96 85.38
N GLY J 57 -33.61 -12.02 84.68
CA GLY J 57 -33.53 -12.94 83.56
C GLY J 57 -32.14 -13.00 82.97
N SER J 58 -31.99 -13.87 81.99
CA SER J 58 -30.72 -14.06 81.31
C SER J 58 -30.94 -14.57 79.89
N ASN J 59 -29.90 -14.49 79.09
CA ASN J 59 -29.98 -14.95 77.71
C ASN J 59 -28.64 -15.51 77.26
N SER J 60 -28.59 -16.80 76.99
CA SER J 60 -27.34 -17.45 76.63
C SER J 60 -27.55 -18.67 75.74
N GLY J 61 -26.67 -18.84 74.76
CA GLY J 61 -26.72 -20.01 73.89
C GLY J 61 -28.02 -20.08 73.12
N ASN J 62 -28.73 -21.19 73.29
CA ASN J 62 -29.97 -21.44 72.59
C ASN J 62 -31.19 -21.30 73.50
N THR J 63 -31.02 -20.62 74.64
CA THR J 63 -32.14 -20.45 75.56
C THR J 63 -32.08 -19.14 76.35
N ALA J 64 -33.25 -18.59 76.64
CA ALA J 64 -33.38 -17.44 77.51
C ALA J 64 -34.31 -17.78 78.67
N THR J 65 -34.12 -17.12 79.80
CA THR J 65 -34.94 -17.43 80.97
C THR J 65 -35.46 -16.20 81.69
N LEU J 66 -36.73 -16.25 82.07
CA LEU J 66 -37.32 -15.28 82.97
C LEU J 66 -37.39 -15.88 84.36
N THR J 67 -36.71 -15.28 85.31
CA THR J 67 -36.65 -15.82 86.65
C THR J 67 -37.44 -14.94 87.61
N ILE J 68 -38.40 -15.55 88.29
CA ILE J 68 -39.22 -14.80 89.23
C ILE J 68 -39.03 -15.35 90.63
N SER J 69 -38.31 -14.62 91.46
CA SER J 69 -38.03 -15.08 92.81
C SER J 69 -39.20 -14.74 93.72
N ARG J 70 -39.27 -15.40 94.87
CA ARG J 70 -40.32 -15.11 95.83
C ARG J 70 -41.67 -14.97 95.15
N VAL J 71 -42.05 -16.01 94.42
CA VAL J 71 -43.26 -15.99 93.61
C VAL J 71 -44.50 -15.83 94.47
N GLU J 72 -45.36 -14.90 94.06
CA GLU J 72 -46.60 -14.61 94.78
C GLU J 72 -47.81 -15.12 94.01
N ALA J 73 -48.94 -15.24 94.69
CA ALA J 73 -50.18 -15.65 94.03
C ALA J 73 -50.59 -14.60 93.00
N GLY J 74 -50.13 -13.38 93.17
CA GLY J 74 -50.47 -12.28 92.28
C GLY J 74 -49.71 -12.38 90.95
N ASP J 75 -48.82 -13.36 90.84
CA ASP J 75 -48.04 -13.56 89.64
C ASP J 75 -48.65 -14.61 88.73
N GLU J 76 -49.82 -15.12 89.10
CA GLU J 76 -50.46 -16.16 88.29
C GLU J 76 -50.96 -15.57 86.98
N ALA J 77 -50.07 -15.56 86.00
CA ALA J 77 -50.32 -14.90 84.72
C ALA J 77 -49.61 -15.63 83.59
N ASP J 78 -50.01 -15.31 82.36
CA ASP J 78 -49.36 -15.85 81.17
C ASP J 78 -48.20 -14.98 80.74
N TYR J 79 -47.00 -15.53 80.81
CA TYR J 79 -45.80 -14.78 80.45
C TYR J 79 -45.34 -15.13 79.05
N TYR J 80 -45.21 -14.13 78.20
CA TYR J 80 -44.83 -14.36 76.82
C TYR J 80 -43.41 -13.94 76.53
N CYS J 81 -42.70 -14.77 75.76
CA CYS J 81 -41.36 -14.47 75.28
C CYS J 81 -41.44 -13.90 73.86
N GLN J 82 -40.79 -12.76 73.62
CA GLN J 82 -40.79 -12.20 72.28
C GLN J 82 -39.44 -11.63 71.87
N VAL J 83 -39.16 -11.70 70.56
CA VAL J 83 -37.96 -11.09 69.99
C VAL J 83 -38.30 -10.33 68.72
N TRP J 84 -37.41 -9.46 68.28
CA TRP J 84 -37.54 -8.86 66.97
C TRP J 84 -36.71 -9.61 65.94
N ASP J 85 -37.38 -10.09 64.89
CA ASP J 85 -36.68 -10.79 63.82
C ASP J 85 -36.29 -9.83 62.72
N SER J 86 -35.02 -9.43 62.70
CA SER J 86 -34.54 -8.44 61.74
C SER J 86 -34.48 -9.03 60.34
N GLY J 87 -34.61 -10.35 60.23
CA GLY J 87 -34.56 -11.02 58.95
C GLY J 87 -35.87 -10.85 58.18
N SER J 88 -36.97 -10.61 58.90
CA SER J 88 -38.27 -10.47 58.27
C SER J 88 -39.03 -9.27 58.82
N ASP J 89 -38.41 -8.54 59.73
CA ASP J 89 -39.04 -7.38 60.37
C ASP J 89 -40.36 -7.73 61.04
N GLN J 90 -40.37 -8.81 61.80
CA GLN J 90 -41.57 -9.22 62.52
C GLN J 90 -41.28 -9.40 64.00
N VAL J 91 -42.29 -9.17 64.83
CA VAL J 91 -42.21 -9.52 66.23
C VAL J 91 -42.64 -10.95 66.41
N ILE J 92 -41.77 -11.76 66.98
CA ILE J 92 -42.06 -13.17 67.13
C ILE J 92 -42.41 -13.49 68.57
N PHE J 93 -43.59 -14.06 68.78
CA PHE J 93 -44.04 -14.43 70.11
C PHE J 93 -43.99 -15.93 70.31
N GLY J 94 -43.70 -16.35 71.54
CA GLY J 94 -43.79 -17.76 71.91
C GLY J 94 -45.23 -18.10 72.30
N GLY J 95 -45.46 -19.36 72.64
CA GLY J 95 -46.81 -19.81 72.99
C GLY J 95 -47.35 -19.14 74.25
N GLY J 96 -46.46 -18.87 75.20
CA GLY J 96 -46.86 -18.27 76.47
C GLY J 96 -46.88 -19.31 77.59
N THR J 97 -46.27 -18.97 78.71
CA THR J 97 -46.18 -19.89 79.84
C THR J 97 -47.02 -19.42 81.01
N LYS J 98 -47.94 -20.26 81.46
CA LYS J 98 -48.82 -19.92 82.58
C LYS J 98 -48.20 -20.32 83.91
N LEU J 99 -48.22 -19.42 84.90
CA LEU J 99 -47.77 -19.80 86.23
C LEU J 99 -48.91 -20.24 87.12
N THR J 100 -48.61 -21.23 87.96
CA THR J 100 -49.52 -21.69 89.00
C THR J 100 -48.76 -21.89 90.30
N GLN K 14 29.24 -57.20 -10.83
CA GLN K 14 28.84 -57.34 -9.42
C GLN K 14 29.75 -56.50 -8.53
N CYS K 15 29.47 -56.50 -7.23
CA CYS K 15 30.23 -55.72 -6.26
C CYS K 15 31.47 -56.46 -5.79
N VAL K 16 32.57 -55.73 -5.71
CA VAL K 16 33.84 -56.27 -5.23
C VAL K 16 34.34 -55.46 -4.04
N ASN K 17 34.68 -56.15 -2.95
CA ASN K 17 35.21 -55.52 -1.75
C ASN K 17 36.67 -55.11 -1.93
N LEU K 18 36.98 -53.84 -1.64
CA LEU K 18 38.35 -53.33 -1.75
C LEU K 18 38.84 -52.82 -0.40
N ALA K 27 44.51 -35.51 6.09
CA ALA K 27 45.35 -34.51 5.45
C ALA K 27 44.50 -33.33 4.96
N TYR K 28 45.04 -32.11 5.11
CA TYR K 28 44.37 -30.88 4.69
C TYR K 28 45.29 -29.99 3.89
N THR K 29 44.72 -29.25 2.96
CA THR K 29 45.47 -28.26 2.20
C THR K 29 44.72 -26.94 2.15
N ASN K 30 45.42 -25.88 1.77
CA ASN K 30 44.84 -24.55 1.68
C ASN K 30 44.07 -24.36 0.38
N SER K 31 42.85 -23.84 0.46
CA SER K 31 42.04 -23.60 -0.73
C SER K 31 42.52 -22.39 -1.51
N PHE K 32 43.34 -21.57 -0.88
CA PHE K 32 43.79 -20.32 -1.47
C PHE K 32 42.61 -19.52 -2.01
N THR K 33 42.62 -19.27 -3.32
CA THR K 33 41.56 -18.50 -3.95
C THR K 33 40.84 -19.31 -5.02
N ARG K 34 40.85 -20.62 -4.86
CA ARG K 34 40.19 -21.53 -5.81
C ARG K 34 38.71 -21.70 -5.43
N GLY K 35 37.93 -22.22 -6.37
CA GLY K 35 36.54 -22.58 -6.07
C GLY K 35 35.55 -21.50 -6.47
N VAL K 36 36.05 -20.49 -7.19
CA VAL K 36 35.18 -19.42 -7.68
C VAL K 36 34.67 -19.76 -9.07
N TYR K 37 33.38 -19.56 -9.27
CA TYR K 37 32.73 -19.88 -10.52
C TYR K 37 31.80 -18.75 -10.95
N TYR K 38 31.44 -18.74 -12.22
CA TYR K 38 30.49 -17.75 -12.73
C TYR K 38 29.11 -18.00 -12.12
N PRO K 39 28.64 -17.09 -11.27
CA PRO K 39 27.45 -17.22 -10.43
C PRO K 39 26.18 -17.27 -11.26
N ASP K 40 26.25 -16.76 -12.48
CA ASP K 40 25.11 -16.77 -13.39
C ASP K 40 25.56 -16.77 -14.84
N LYS K 41 24.59 -16.61 -15.74
CA LYS K 41 24.87 -16.70 -17.17
C LYS K 41 24.77 -15.34 -17.83
N VAL K 42 25.06 -14.30 -17.05
CA VAL K 42 25.00 -12.94 -17.56
C VAL K 42 26.39 -12.45 -17.93
N PHE K 43 26.52 -11.91 -19.13
CA PHE K 43 27.79 -11.34 -19.55
C PHE K 43 28.00 -9.97 -18.93
N ARG K 44 29.13 -9.80 -18.27
CA ARG K 44 29.53 -8.53 -17.70
C ARG K 44 30.95 -8.27 -18.09
N SER K 45 31.33 -7.00 -18.21
CA SER K 45 32.71 -6.70 -18.55
C SER K 45 33.18 -5.41 -17.90
N SER K 46 34.48 -5.35 -17.62
CA SER K 46 35.09 -4.16 -17.06
C SER K 46 34.27 -3.62 -15.89
N VAL K 47 33.92 -4.49 -14.97
CA VAL K 47 33.06 -4.11 -13.86
C VAL K 47 33.30 -4.99 -12.64
N LEU K 48 33.12 -4.41 -11.46
CA LEU K 48 33.16 -5.17 -10.22
C LEU K 48 31.75 -5.47 -9.76
N HIS K 49 31.41 -6.74 -9.70
CA HIS K 49 30.05 -7.15 -9.37
C HIS K 49 29.99 -7.89 -8.04
N SER K 50 29.14 -7.42 -7.16
CA SER K 50 28.95 -8.07 -5.86
C SER K 50 27.85 -9.09 -5.93
N THR K 51 28.15 -10.32 -5.56
CA THR K 51 27.19 -11.41 -5.63
C THR K 51 27.20 -12.24 -4.36
N GLN K 52 26.03 -12.68 -3.93
CA GLN K 52 25.93 -13.59 -2.80
C GLN K 52 25.52 -14.97 -3.27
N ASP K 53 26.37 -15.95 -3.02
CA ASP K 53 26.15 -17.31 -3.50
C ASP K 53 26.95 -18.30 -2.68
N LEU K 54 26.81 -19.58 -3.02
CA LEU K 54 27.56 -20.62 -2.34
C LEU K 54 28.95 -20.78 -2.95
N PHE K 55 29.94 -20.25 -2.25
CA PHE K 55 31.31 -20.26 -2.74
C PHE K 55 32.21 -20.97 -1.76
N LEU K 56 33.33 -21.47 -2.25
CA LEU K 56 34.36 -21.99 -1.37
C LEU K 56 35.09 -20.80 -0.75
N PRO K 57 35.04 -20.64 0.58
CA PRO K 57 35.69 -19.58 1.32
C PRO K 57 37.17 -19.57 1.01
N PHE K 58 37.74 -18.39 0.93
CA PHE K 58 39.17 -18.28 0.64
C PHE K 58 39.98 -18.77 1.81
N PHE K 59 41.09 -19.44 1.50
CA PHE K 59 41.99 -19.95 2.52
C PHE K 59 41.28 -20.88 3.49
N SER K 60 40.43 -21.73 2.93
CA SER K 60 39.63 -22.68 3.69
C SER K 60 40.36 -24.01 3.84
N ASN K 61 39.82 -24.84 4.75
CA ASN K 61 40.38 -26.19 4.98
C ASN K 61 39.79 -27.17 3.97
N VAL K 62 40.64 -27.61 3.07
CA VAL K 62 40.23 -28.58 2.06
C VAL K 62 40.80 -29.94 2.38
N THR K 63 39.95 -30.96 2.45
CA THR K 63 40.42 -32.28 2.82
C THR K 63 41.07 -32.97 1.63
N TRP K 64 42.24 -33.54 1.87
CA TRP K 64 43.02 -34.16 0.80
C TRP K 64 42.93 -35.68 0.89
N PHE K 65 42.37 -36.29 -0.16
CA PHE K 65 42.14 -37.72 -0.17
C PHE K 65 43.05 -38.45 -1.15
N HIS K 66 43.35 -39.71 -0.84
CA HIS K 66 44.16 -40.56 -1.71
C HIS K 66 43.39 -41.83 -2.08
N LYS K 77 50.13 -52.05 0.34
CA LYS K 77 49.16 -51.31 -0.47
C LYS K 77 47.80 -51.31 0.24
N ARG K 78 46.97 -50.30 -0.09
CA ARG K 78 45.67 -50.12 0.54
C ARG K 78 44.72 -49.34 -0.36
N PHE K 79 43.43 -49.48 -0.10
CA PHE K 79 42.41 -48.72 -0.81
C PHE K 79 41.47 -48.05 0.17
N ASP K 80 41.22 -46.75 -0.04
CA ASP K 80 40.33 -46.00 0.83
C ASP K 80 39.65 -44.89 0.06
N ASN K 81 38.35 -45.05 -0.18
CA ASN K 81 37.60 -44.10 -0.98
C ASN K 81 36.22 -43.84 -0.37
N PRO K 82 36.18 -43.09 0.74
CA PRO K 82 35.09 -42.97 1.68
C PRO K 82 33.93 -42.17 1.11
N VAL K 83 32.75 -42.38 1.66
CA VAL K 83 31.61 -41.55 1.32
C VAL K 83 31.60 -40.29 2.15
N LEU K 84 31.53 -39.16 1.46
CA LEU K 84 31.62 -37.86 2.11
C LEU K 84 30.28 -37.16 2.08
N PRO K 85 30.02 -36.27 3.03
CA PRO K 85 28.85 -35.42 3.08
C PRO K 85 28.88 -34.42 1.94
N PHE K 86 27.71 -34.02 1.49
CA PHE K 86 27.58 -33.03 0.43
C PHE K 86 27.34 -31.65 1.01
N ASN K 87 26.70 -31.62 2.18
CA ASN K 87 26.35 -30.37 2.83
C ASN K 87 25.58 -29.45 1.89
N ASP K 88 26.10 -28.23 1.70
CA ASP K 88 25.40 -27.23 0.90
C ASP K 88 25.96 -27.17 -0.51
N GLY K 89 26.91 -28.04 -0.81
CA GLY K 89 27.57 -28.03 -2.10
C GLY K 89 29.04 -28.38 -1.95
N VAL K 90 29.63 -28.88 -3.02
CA VAL K 90 30.97 -29.42 -2.93
C VAL K 90 31.92 -28.85 -3.96
N TYR K 91 33.12 -28.52 -3.49
CA TYR K 91 34.24 -28.21 -4.37
C TYR K 91 35.12 -29.44 -4.50
N PHE K 92 35.36 -29.86 -5.72
CA PHE K 92 36.13 -31.07 -5.97
C PHE K 92 37.26 -30.79 -6.95
N ALA K 93 38.44 -31.30 -6.65
CA ALA K 93 39.56 -31.11 -7.56
C ALA K 93 40.48 -32.31 -7.56
N SER K 94 41.13 -32.56 -8.68
CA SER K 94 42.13 -33.62 -8.74
C SER K 94 43.24 -33.29 -9.73
N THR K 95 44.44 -33.74 -9.42
CA THR K 95 45.58 -33.56 -10.31
C THR K 95 46.14 -34.90 -10.74
N GLU K 96 46.05 -35.19 -12.02
CA GLU K 96 46.51 -36.48 -12.52
C GLU K 96 46.65 -36.50 -14.03
N LYS K 97 47.47 -37.42 -14.52
CA LYS K 97 47.57 -37.68 -15.95
C LYS K 97 47.09 -39.09 -16.28
N SER K 98 46.64 -39.81 -15.26
CA SER K 98 46.25 -41.20 -15.40
C SER K 98 44.74 -41.38 -15.52
N ASN K 99 44.01 -40.27 -15.45
CA ASN K 99 42.56 -40.31 -15.55
C ASN K 99 41.95 -41.34 -14.59
N ILE K 100 42.29 -41.23 -13.32
CA ILE K 100 41.76 -42.14 -12.31
C ILE K 100 40.35 -41.74 -11.92
N ILE K 101 40.10 -40.45 -11.78
CA ILE K 101 38.77 -40.00 -11.41
C ILE K 101 37.88 -40.03 -12.65
N ARG K 102 36.80 -40.81 -12.55
CA ARG K 102 35.93 -41.03 -13.70
C ARG K 102 34.54 -40.48 -13.48
N GLY K 103 34.13 -40.37 -12.24
CA GLY K 103 32.77 -39.94 -11.97
C GLY K 103 32.48 -39.81 -10.49
N TRP K 104 31.21 -39.63 -10.18
CA TRP K 104 30.77 -39.45 -8.81
C TRP K 104 29.40 -40.07 -8.58
N ILE K 105 29.14 -40.43 -7.34
CA ILE K 105 27.79 -40.80 -6.92
C ILE K 105 27.25 -39.77 -5.96
N PHE K 106 26.05 -39.29 -6.21
CA PHE K 106 25.40 -38.36 -5.30
C PHE K 106 24.06 -38.93 -4.86
N GLY K 107 23.73 -38.76 -3.59
CA GLY K 107 22.44 -39.22 -3.10
C GLY K 107 22.36 -39.14 -1.59
N THR K 108 21.52 -39.99 -1.01
CA THR K 108 21.33 -40.00 0.43
C THR K 108 21.74 -41.35 1.01
N THR K 109 20.86 -42.34 0.88
CA THR K 109 21.16 -43.67 1.37
C THR K 109 22.10 -44.41 0.44
N LEU K 110 22.16 -43.95 -0.81
CA LEU K 110 22.97 -44.57 -1.84
C LEU K 110 22.60 -46.03 -2.03
N ASP K 111 21.32 -46.33 -1.90
CA ASP K 111 20.80 -47.67 -2.12
C ASP K 111 19.46 -47.61 -2.83
N SER K 112 18.84 -48.76 -3.04
CA SER K 112 17.65 -48.86 -3.87
C SER K 112 16.43 -48.17 -3.26
N LYS K 113 16.54 -47.72 -2.01
CA LYS K 113 15.41 -47.11 -1.34
C LYS K 113 15.09 -45.71 -1.87
N THR K 114 16.10 -45.01 -2.39
CA THR K 114 15.88 -43.64 -2.84
C THR K 114 16.53 -43.38 -4.19
N GLN K 115 16.16 -42.27 -4.82
CA GLN K 115 16.79 -41.87 -6.08
C GLN K 115 18.19 -41.36 -5.83
N SER K 116 19.12 -41.77 -6.68
CA SER K 116 20.49 -41.28 -6.60
C SER K 116 21.01 -40.90 -7.98
N LEU K 117 21.94 -39.96 -7.98
CA LEU K 117 22.53 -39.44 -9.21
C LEU K 117 23.88 -40.05 -9.48
N LEU K 118 24.03 -40.63 -10.66
CA LEU K 118 25.27 -41.26 -11.06
C LEU K 118 25.89 -40.56 -12.26
N ILE K 119 27.10 -40.04 -12.09
CA ILE K 119 27.81 -39.40 -13.18
C ILE K 119 29.07 -40.18 -13.52
N VAL K 120 29.12 -40.74 -14.72
CA VAL K 120 30.28 -41.51 -15.15
C VAL K 120 30.79 -41.08 -16.51
N ASN K 121 32.08 -40.79 -16.59
CA ASN K 121 32.71 -40.43 -17.86
C ASN K 121 33.47 -41.61 -18.44
N ASN K 122 33.34 -41.79 -19.76
CA ASN K 122 34.16 -42.75 -20.50
C ASN K 122 34.86 -42.06 -21.68
N ALA K 123 35.45 -42.85 -22.57
CA ALA K 123 36.29 -42.33 -23.65
C ALA K 123 35.56 -41.41 -24.61
N THR K 124 34.27 -41.64 -24.81
CA THR K 124 33.54 -40.92 -25.85
C THR K 124 32.41 -40.06 -25.32
N ASN K 125 31.87 -40.42 -24.16
CA ASN K 125 30.69 -39.76 -23.63
C ASN K 125 30.66 -39.73 -22.12
N VAL K 126 29.86 -38.83 -21.56
CA VAL K 126 29.54 -38.86 -20.15
C VAL K 126 28.09 -39.28 -19.96
N VAL K 127 27.88 -40.22 -19.06
CA VAL K 127 26.54 -40.71 -18.80
C VAL K 127 26.05 -40.28 -17.44
N ILE K 128 24.95 -39.54 -17.43
CA ILE K 128 24.37 -39.07 -16.20
C ILE K 128 22.98 -39.64 -16.01
N LYS K 129 22.80 -40.40 -14.94
CA LYS K 129 21.52 -41.07 -14.72
C LYS K 129 21.02 -40.85 -13.31
N VAL K 130 19.71 -40.80 -13.15
CA VAL K 130 19.09 -40.79 -11.83
C VAL K 130 18.14 -41.97 -11.70
N CYS K 131 18.48 -42.92 -10.83
CA CYS K 131 17.78 -44.18 -10.69
C CYS K 131 17.76 -44.63 -9.24
N GLU K 132 16.99 -45.67 -8.95
CA GLU K 132 17.01 -46.28 -7.64
C GLU K 132 18.16 -47.27 -7.58
N PHE K 133 19.37 -46.73 -7.62
CA PHE K 133 20.58 -47.54 -7.72
C PHE K 133 20.86 -48.26 -6.42
N GLN K 134 21.32 -49.50 -6.54
CA GLN K 134 21.85 -50.20 -5.38
C GLN K 134 23.36 -50.22 -5.47
N PHE K 135 24.00 -49.26 -4.81
CA PHE K 135 25.42 -49.05 -5.00
C PHE K 135 26.25 -50.01 -4.16
N CYS K 136 27.44 -50.32 -4.66
CA CYS K 136 28.41 -51.13 -3.94
C CYS K 136 29.06 -50.32 -2.83
N ASN K 137 29.59 -51.02 -1.82
CA ASN K 137 30.32 -50.32 -0.75
C ASN K 137 31.61 -49.72 -1.29
N ASP K 138 32.20 -50.39 -2.28
CA ASP K 138 33.41 -49.91 -2.93
C ASP K 138 33.23 -49.93 -4.44
N PRO K 139 32.48 -48.98 -5.00
CA PRO K 139 32.16 -48.84 -6.40
C PRO K 139 33.37 -48.38 -7.17
N PHE K 140 33.57 -48.93 -8.36
CA PHE K 140 34.70 -48.52 -9.20
C PHE K 140 34.56 -49.04 -10.62
N LEU K 141 35.43 -48.55 -11.49
CA LEU K 141 35.57 -49.13 -12.82
C LEU K 141 36.88 -49.89 -12.88
N GLY K 142 36.80 -51.19 -13.09
CA GLY K 142 37.98 -52.03 -13.10
C GLY K 142 38.67 -51.97 -14.45
N VAL K 143 39.83 -51.33 -14.49
CA VAL K 143 40.53 -51.12 -15.75
C VAL K 143 41.57 -52.20 -16.01
N TYR K 144 41.55 -52.72 -17.22
CA TYR K 144 42.51 -53.73 -17.61
C TYR K 144 42.77 -53.65 -19.10
N TYR K 145 43.90 -54.20 -19.53
CA TYR K 145 44.18 -54.28 -20.96
C TYR K 145 43.66 -55.60 -21.50
N HIS K 146 42.86 -55.52 -22.56
CA HIS K 146 42.21 -56.70 -23.07
C HIS K 146 43.23 -57.68 -23.60
N LYS K 147 43.40 -58.79 -22.89
CA LYS K 147 44.40 -59.78 -23.24
C LYS K 147 45.78 -59.15 -23.38
N ASN K 148 46.08 -58.21 -22.49
CA ASN K 148 47.38 -57.54 -22.46
C ASN K 148 47.69 -56.77 -23.73
N ASN K 149 46.66 -56.35 -24.46
CA ASN K 149 46.79 -55.44 -25.59
C ASN K 149 46.76 -54.00 -25.09
N LYS K 150 47.92 -53.36 -25.03
CA LYS K 150 48.05 -52.04 -24.41
C LYS K 150 47.42 -50.95 -25.27
N SER K 151 47.06 -51.31 -26.49
CA SER K 151 46.39 -50.37 -27.39
C SER K 151 44.88 -50.54 -27.31
N TRP K 152 44.44 -51.44 -26.46
CA TRP K 152 43.01 -51.74 -26.31
C TRP K 152 42.62 -51.90 -24.86
N MET K 153 42.23 -50.80 -24.24
CA MET K 153 41.85 -50.80 -22.84
C MET K 153 40.36 -51.05 -22.67
N GLU K 154 40.01 -51.85 -21.68
CA GLU K 154 38.62 -52.17 -21.37
C GLU K 154 38.37 -52.00 -19.89
N SER K 155 37.11 -51.81 -19.51
CA SER K 155 36.80 -51.64 -18.10
C SER K 155 35.57 -52.44 -17.68
N GLU K 156 35.61 -52.91 -16.43
CA GLU K 156 34.47 -53.59 -15.83
C GLU K 156 33.69 -52.61 -14.97
N PHE K 157 32.47 -52.36 -15.35
CA PHE K 157 31.64 -51.40 -14.63
C PHE K 157 31.07 -52.05 -13.39
N ARG K 158 31.61 -51.67 -12.23
CA ARG K 158 31.20 -52.29 -10.97
C ARG K 158 30.82 -51.23 -9.95
N VAL K 159 29.77 -50.50 -10.27
CA VAL K 159 29.34 -49.38 -9.44
C VAL K 159 28.09 -49.73 -8.65
N TYR K 160 27.16 -50.40 -9.32
CA TYR K 160 25.89 -50.78 -8.71
C TYR K 160 25.47 -52.16 -9.16
N SER K 161 24.61 -52.80 -8.36
CA SER K 161 24.06 -54.11 -8.70
C SER K 161 22.71 -53.98 -9.41
N SER K 162 22.06 -52.83 -9.26
CA SER K 162 20.78 -52.59 -9.91
C SER K 162 20.57 -51.10 -10.19
N ALA K 163 19.71 -50.81 -11.15
CA ALA K 163 19.38 -49.43 -11.51
C ALA K 163 17.94 -49.32 -11.94
N ASN K 164 17.03 -49.45 -10.99
CA ASN K 164 15.61 -49.54 -11.30
C ASN K 164 14.93 -48.18 -11.39
N ASN K 165 13.85 -48.12 -12.18
CA ASN K 165 12.96 -46.95 -12.21
C ASN K 165 13.74 -45.65 -12.43
N CYS K 166 14.55 -45.60 -13.49
CA CYS K 166 15.30 -44.41 -13.83
C CYS K 166 14.37 -43.26 -14.25
N THR K 167 14.60 -42.08 -13.67
CA THR K 167 13.74 -40.93 -13.91
C THR K 167 14.42 -39.91 -14.82
N PHE K 168 15.73 -39.96 -14.89
CA PHE K 168 16.50 -39.00 -15.69
C PHE K 168 17.68 -39.66 -16.34
N GLU K 169 17.94 -39.30 -17.59
CA GLU K 169 19.15 -39.74 -18.27
C GLU K 169 19.65 -38.70 -19.24
N TYR K 170 20.96 -38.46 -19.21
CA TYR K 170 21.59 -37.48 -20.05
C TYR K 170 22.95 -37.97 -20.53
N VAL K 171 23.20 -37.85 -21.82
CA VAL K 171 24.47 -38.26 -22.37
C VAL K 171 25.08 -37.17 -23.23
N SER K 172 26.33 -36.83 -22.96
CA SER K 172 27.01 -35.78 -23.71
C SER K 172 28.50 -36.06 -23.82
N GLN K 173 29.27 -35.03 -24.11
CA GLN K 173 30.71 -35.15 -24.25
C GLN K 173 31.37 -35.30 -22.87
N PRO K 174 32.45 -36.08 -22.78
CA PRO K 174 33.20 -36.37 -21.58
C PRO K 174 33.96 -35.15 -21.12
N PHE K 175 34.08 -34.99 -19.81
CA PHE K 175 34.85 -33.88 -19.26
C PHE K 175 35.89 -34.33 -18.23
N LEU K 176 36.42 -35.54 -18.41
CA LEU K 176 37.48 -36.08 -17.56
C LEU K 176 38.51 -36.82 -18.42
N LYS K 187 49.84 -33.32 -13.50
CA LYS K 187 50.02 -32.03 -14.14
C LYS K 187 48.68 -31.37 -14.48
N ASN K 188 47.71 -32.17 -14.94
CA ASN K 188 46.40 -31.67 -15.33
C ASN K 188 45.47 -31.56 -14.14
N LEU K 189 45.14 -30.32 -13.75
CA LEU K 189 44.26 -30.07 -12.62
C LEU K 189 42.83 -29.89 -13.08
N ARG K 190 41.95 -30.74 -12.58
CA ARG K 190 40.55 -30.67 -12.94
C ARG K 190 39.72 -30.27 -11.74
N GLU K 191 38.99 -29.16 -11.88
CA GLU K 191 38.20 -28.62 -10.79
C GLU K 191 36.72 -28.66 -11.10
N PHE K 192 35.91 -28.97 -10.09
CA PHE K 192 34.47 -29.02 -10.23
C PHE K 192 33.77 -28.38 -9.06
N VAL K 193 32.62 -27.78 -9.32
CA VAL K 193 31.74 -27.33 -8.25
C VAL K 193 30.37 -27.95 -8.42
N PHE K 194 29.89 -28.62 -7.37
CA PHE K 194 28.63 -29.30 -7.41
C PHE K 194 27.61 -28.62 -6.51
N LYS K 195 26.56 -28.08 -7.11
CA LYS K 195 25.49 -27.46 -6.35
C LYS K 195 24.20 -28.21 -6.55
N ASN K 196 23.41 -28.34 -5.49
CA ASN K 196 22.09 -28.94 -5.59
C ASN K 196 21.07 -27.95 -5.07
N ILE K 197 20.44 -27.22 -5.98
CA ILE K 197 19.62 -26.08 -5.58
C ILE K 197 18.54 -25.75 -6.62
N ASP K 198 17.37 -25.35 -6.12
CA ASP K 198 16.28 -24.88 -6.97
C ASP K 198 15.90 -25.85 -8.08
N GLY K 199 15.93 -27.14 -7.77
CA GLY K 199 15.48 -28.16 -8.71
C GLY K 199 16.56 -28.57 -9.70
N TYR K 200 17.75 -27.97 -9.59
CA TYR K 200 18.83 -28.30 -10.51
C TYR K 200 20.06 -28.82 -9.78
N PHE K 201 20.76 -29.74 -10.43
CA PHE K 201 22.10 -30.11 -10.01
C PHE K 201 23.08 -29.43 -10.94
N LYS K 202 23.74 -28.39 -10.43
CA LYS K 202 24.55 -27.54 -11.27
C LYS K 202 26.01 -27.87 -11.14
N ILE K 203 26.64 -28.13 -12.27
CA ILE K 203 28.05 -28.47 -12.28
C ILE K 203 28.86 -27.41 -12.99
N TYR K 204 29.91 -26.94 -12.34
CA TYR K 204 30.86 -26.01 -12.96
C TYR K 204 32.20 -26.70 -13.03
N SER K 205 33.03 -26.34 -14.02
CA SER K 205 34.31 -27.01 -14.15
C SER K 205 35.39 -26.13 -14.76
N LYS K 206 36.64 -26.52 -14.51
CA LYS K 206 37.79 -25.89 -15.13
C LYS K 206 38.94 -26.88 -15.28
N HIS K 207 39.63 -26.82 -16.42
CA HIS K 207 40.75 -27.72 -16.68
C HIS K 207 42.00 -26.94 -17.03
N THR K 208 42.98 -26.94 -16.13
CA THR K 208 44.24 -26.22 -16.35
C THR K 208 45.44 -27.07 -15.94
N PRO K 209 46.59 -26.87 -16.58
CA PRO K 209 47.89 -27.42 -16.21
C PRO K 209 48.47 -26.70 -15.00
N ILE K 210 49.12 -27.45 -14.13
CA ILE K 210 49.80 -26.87 -12.97
C ILE K 210 51.18 -27.46 -12.78
N ASN K 211 52.00 -26.80 -11.96
CA ASN K 211 53.37 -27.26 -11.73
C ASN K 211 53.59 -27.81 -10.31
N LEU K 212 52.51 -28.22 -9.65
CA LEU K 212 52.62 -28.81 -8.32
C LEU K 212 51.63 -29.96 -8.16
N VAL K 213 51.97 -30.91 -7.30
CA VAL K 213 51.13 -32.09 -7.10
C VAL K 213 50.52 -32.16 -5.69
N ARG K 214 51.28 -31.74 -4.69
CA ARG K 214 50.92 -31.98 -3.31
C ARG K 214 49.88 -31.00 -2.78
N ASP K 215 49.54 -30.00 -3.58
CA ASP K 215 48.62 -28.96 -3.14
C ASP K 215 47.91 -28.32 -4.32
N LEU K 216 47.02 -27.38 -4.02
CA LEU K 216 46.36 -26.60 -5.06
C LEU K 216 47.22 -25.39 -5.38
N PRO K 217 47.19 -24.92 -6.62
CA PRO K 217 47.93 -23.79 -7.13
C PRO K 217 47.40 -22.48 -6.56
N GLN K 218 48.27 -21.49 -6.48
CA GLN K 218 47.84 -20.13 -6.19
C GLN K 218 47.40 -19.47 -7.48
N GLY K 219 46.96 -18.23 -7.40
CA GLY K 219 46.46 -17.52 -8.57
C GLY K 219 44.96 -17.71 -8.68
N PHE K 220 44.35 -17.08 -9.67
CA PHE K 220 42.91 -17.09 -9.77
C PHE K 220 42.43 -17.59 -11.12
N SER K 221 41.50 -18.53 -11.08
CA SER K 221 40.83 -19.03 -12.27
C SER K 221 39.38 -19.39 -11.96
N ALA K 222 38.45 -18.79 -12.71
CA ALA K 222 37.04 -19.02 -12.46
C ALA K 222 36.53 -20.23 -13.22
N LEU K 223 35.68 -21.02 -12.57
CA LEU K 223 35.07 -22.18 -13.18
C LEU K 223 33.83 -21.81 -13.95
N GLU K 224 33.66 -22.42 -15.12
CA GLU K 224 32.51 -22.13 -15.97
C GLU K 224 31.49 -23.24 -15.86
N PRO K 225 30.21 -22.92 -15.97
CA PRO K 225 29.10 -23.85 -15.91
C PRO K 225 29.25 -24.89 -16.99
N LEU K 226 29.13 -26.15 -16.58
CA LEU K 226 29.33 -27.28 -17.45
C LEU K 226 28.00 -27.82 -17.92
N VAL K 227 27.09 -28.03 -16.97
CA VAL K 227 25.75 -28.50 -17.28
C VAL K 227 24.79 -28.23 -16.14
N ASP K 228 23.57 -27.81 -16.48
CA ASP K 228 22.51 -27.68 -15.49
C ASP K 228 21.52 -28.81 -15.65
N LEU K 229 21.50 -29.71 -14.67
CA LEU K 229 20.67 -30.90 -14.78
C LEU K 229 19.36 -30.72 -14.02
N PRO K 230 18.22 -30.76 -14.72
CA PRO K 230 16.88 -30.59 -14.20
C PRO K 230 16.41 -31.86 -13.52
N ILE K 231 17.01 -32.15 -12.38
CA ILE K 231 16.78 -33.42 -11.69
C ILE K 231 15.84 -33.28 -10.50
N GLY K 232 16.23 -32.45 -9.53
CA GLY K 232 15.37 -32.17 -8.39
C GLY K 232 15.31 -33.30 -7.36
N ILE K 233 16.48 -33.81 -6.97
CA ILE K 233 16.52 -34.86 -5.97
C ILE K 233 17.25 -34.44 -4.71
N ASN K 234 17.04 -35.21 -3.64
CA ASN K 234 17.64 -35.00 -2.32
C ASN K 234 19.04 -35.60 -2.25
N ILE K 235 20.05 -34.74 -2.09
CA ILE K 235 21.46 -35.17 -2.01
C ILE K 235 22.08 -34.71 -0.70
N THR K 236 22.64 -35.65 0.05
CA THR K 236 23.28 -35.34 1.32
C THR K 236 24.69 -35.92 1.39
N ARG K 237 24.96 -36.92 0.55
CA ARG K 237 26.24 -37.61 0.55
C ARG K 237 26.71 -37.87 -0.88
N PHE K 238 28.02 -38.03 -1.05
CA PHE K 238 28.56 -38.37 -2.35
C PHE K 238 29.88 -39.12 -2.22
N GLN K 239 30.28 -39.80 -3.29
CA GLN K 239 31.62 -40.38 -3.32
C GLN K 239 32.18 -40.39 -4.73
N THR K 240 33.50 -40.45 -4.82
CA THR K 240 34.18 -40.42 -6.11
C THR K 240 34.28 -41.82 -6.72
N LEU K 241 34.10 -41.91 -8.02
CA LEU K 241 34.28 -43.16 -8.74
C LEU K 241 35.64 -43.19 -9.41
N LEU K 242 36.44 -44.18 -9.03
CA LEU K 242 37.82 -44.27 -9.49
C LEU K 242 38.00 -45.39 -10.51
N ALA K 243 38.94 -45.18 -11.42
CA ALA K 243 39.38 -46.19 -12.36
C ALA K 243 40.58 -46.92 -11.82
N LEU K 244 40.42 -48.19 -11.51
CA LEU K 244 41.47 -48.92 -10.84
C LEU K 244 42.04 -50.02 -11.70
N HIS K 245 43.32 -49.89 -12.04
CA HIS K 245 44.01 -50.98 -12.71
C HIS K 245 44.22 -52.08 -11.70
N ARG K 246 44.15 -53.33 -12.13
CA ARG K 246 44.26 -54.42 -11.19
C ARG K 246 45.58 -54.34 -10.42
N SER K 247 46.63 -53.91 -11.12
CA SER K 247 47.97 -53.85 -10.56
C SER K 247 48.09 -52.86 -9.41
N TYR K 248 47.10 -51.99 -9.26
CA TYR K 248 47.13 -51.00 -8.20
C TYR K 248 46.88 -51.65 -6.84
N LEU K 249 46.19 -52.78 -6.84
CA LEU K 249 45.83 -53.43 -5.59
C LEU K 249 46.29 -54.89 -5.54
N THR K 250 47.59 -55.12 -5.84
CA THR K 250 48.21 -56.44 -5.76
C THR K 250 49.49 -56.37 -4.92
N ALA K 264 44.97 -38.76 -6.40
CA ALA K 264 44.48 -38.03 -5.24
C ALA K 264 43.51 -36.93 -5.65
N TYR K 265 42.68 -36.48 -4.71
CA TYR K 265 41.71 -35.42 -4.97
C TYR K 265 41.42 -34.62 -3.71
N TYR K 266 40.85 -33.45 -3.90
CA TYR K 266 40.59 -32.52 -2.83
C TYR K 266 39.11 -32.24 -2.70
N VAL K 267 38.60 -32.18 -1.48
CA VAL K 267 37.19 -31.88 -1.26
C VAL K 267 37.00 -30.72 -0.30
N GLY K 268 36.32 -29.68 -0.78
CA GLY K 268 35.98 -28.54 0.04
C GLY K 268 34.46 -28.37 0.06
N TYR K 269 33.98 -27.46 0.90
CA TYR K 269 32.55 -27.25 0.99
C TYR K 269 32.18 -25.81 0.75
N LEU K 270 31.06 -25.61 0.07
CA LEU K 270 30.60 -24.27 -0.25
C LEU K 270 29.85 -23.67 0.91
N GLN K 271 29.94 -22.35 1.04
CA GLN K 271 29.23 -21.62 2.07
C GLN K 271 28.57 -20.40 1.46
N PRO K 272 27.48 -19.91 2.06
CA PRO K 272 26.79 -18.69 1.73
C PRO K 272 27.66 -17.49 2.08
N ARG K 273 28.35 -16.98 1.08
CA ARG K 273 29.32 -15.90 1.27
C ARG K 273 29.07 -14.80 0.27
N THR K 274 29.49 -13.59 0.62
CA THR K 274 29.42 -12.48 -0.32
C THR K 274 30.77 -12.31 -1.00
N PHE K 275 30.75 -12.35 -2.32
CA PHE K 275 31.97 -12.18 -3.10
C PHE K 275 31.90 -10.95 -3.99
N LEU K 276 33.02 -10.26 -4.11
CA LEU K 276 33.15 -9.20 -5.10
C LEU K 276 33.96 -9.74 -6.27
N LEU K 277 33.33 -9.84 -7.43
CA LEU K 277 33.99 -10.45 -8.58
C LEU K 277 34.42 -9.42 -9.60
N LYS K 278 35.65 -9.55 -10.06
CA LYS K 278 36.21 -8.62 -11.04
C LYS K 278 36.15 -9.19 -12.44
N TYR K 279 35.38 -8.54 -13.30
CA TYR K 279 35.27 -8.94 -14.70
C TYR K 279 36.16 -8.06 -15.57
N ASN K 280 36.97 -8.69 -16.41
CA ASN K 280 37.85 -7.94 -17.31
C ASN K 280 37.10 -7.52 -18.56
N GLU K 281 37.81 -6.95 -19.52
CA GLU K 281 37.18 -6.43 -20.74
C GLU K 281 36.52 -7.52 -21.59
N ASN K 282 37.01 -8.76 -21.49
CA ASN K 282 36.47 -9.89 -22.24
C ASN K 282 35.42 -10.67 -21.44
N GLY K 283 35.02 -10.12 -20.29
CA GLY K 283 33.95 -10.67 -19.47
C GLY K 283 34.40 -11.86 -18.64
N THR K 284 35.70 -12.04 -18.52
CA THR K 284 36.26 -13.12 -17.73
C THR K 284 36.45 -12.66 -16.30
N ILE K 285 36.09 -13.51 -15.34
CA ILE K 285 36.38 -13.19 -13.96
C ILE K 285 37.85 -13.46 -13.70
N THR K 286 38.58 -12.41 -13.36
CA THR K 286 40.02 -12.52 -13.21
C THR K 286 40.45 -12.41 -11.77
N ASP K 287 39.57 -11.89 -10.93
CA ASP K 287 39.87 -11.78 -9.50
C ASP K 287 38.60 -11.86 -8.68
N ALA K 288 38.75 -11.91 -7.37
CA ALA K 288 37.61 -11.93 -6.47
C ALA K 288 38.01 -11.58 -5.04
N VAL K 289 37.07 -11.03 -4.29
CA VAL K 289 37.28 -10.79 -2.87
C VAL K 289 36.26 -11.54 -2.04
N ASP K 290 36.74 -12.34 -1.09
CA ASP K 290 35.88 -12.99 -0.12
C ASP K 290 35.61 -12.02 1.01
N CYS K 291 34.41 -11.43 1.02
CA CYS K 291 34.10 -10.26 1.84
C CYS K 291 34.16 -10.57 3.33
N ALA K 292 34.14 -11.85 3.68
CA ALA K 292 34.11 -12.21 5.08
C ALA K 292 35.41 -12.86 5.53
N LEU K 293 36.42 -12.80 4.66
CA LEU K 293 37.72 -13.39 4.97
C LEU K 293 38.42 -12.67 6.10
N ASP K 294 38.49 -11.35 5.99
CA ASP K 294 39.19 -10.52 6.96
C ASP K 294 38.69 -9.07 6.81
N PRO K 295 39.03 -8.17 7.74
CA PRO K 295 38.62 -6.78 7.79
C PRO K 295 39.05 -5.98 6.56
N LEU K 296 40.08 -6.44 5.86
CA LEU K 296 40.54 -5.73 4.68
C LEU K 296 39.67 -6.07 3.50
N SER K 297 39.36 -7.35 3.36
CA SER K 297 38.46 -7.81 2.32
C SER K 297 37.08 -7.21 2.52
N GLU K 298 36.69 -7.07 3.78
CA GLU K 298 35.42 -6.45 4.11
C GLU K 298 35.41 -4.99 3.65
N THR K 299 36.53 -4.31 3.86
CA THR K 299 36.69 -2.93 3.41
C THR K 299 36.60 -2.85 1.89
N LYS K 300 37.30 -3.75 1.22
CA LYS K 300 37.31 -3.76 -0.24
C LYS K 300 35.90 -3.92 -0.82
N CYS K 301 35.12 -4.82 -0.22
CA CYS K 301 33.74 -5.04 -0.65
C CYS K 301 32.86 -3.83 -0.34
N THR K 302 33.08 -3.23 0.82
CA THR K 302 32.34 -2.05 1.21
C THR K 302 32.55 -0.91 0.22
N LEU K 303 33.79 -0.75 -0.22
CA LEU K 303 34.15 0.32 -1.13
C LEU K 303 33.98 -0.10 -2.58
N LYS K 304 33.55 -1.33 -2.80
CA LYS K 304 33.39 -1.87 -4.14
C LYS K 304 34.65 -1.69 -4.96
N SER K 305 35.79 -2.04 -4.38
CA SER K 305 37.07 -1.88 -5.06
C SER K 305 38.08 -2.91 -4.58
N PHE K 306 39.04 -3.25 -5.43
CA PHE K 306 40.09 -4.18 -5.05
C PHE K 306 41.29 -3.45 -4.49
N THR K 307 41.20 -2.13 -4.43
CA THR K 307 42.23 -1.33 -3.80
C THR K 307 41.61 -0.39 -2.78
N VAL K 308 42.33 -0.14 -1.72
CA VAL K 308 41.84 0.75 -0.67
C VAL K 308 42.84 1.87 -0.41
N GLU K 309 42.34 3.08 -0.33
CA GLU K 309 43.17 4.24 -0.05
C GLU K 309 43.46 4.33 1.44
N LYS K 310 44.50 5.06 1.80
CA LYS K 310 44.79 5.30 3.20
C LYS K 310 43.61 5.97 3.88
N GLY K 311 43.19 5.46 5.01
CA GLY K 311 42.10 6.07 5.75
C GLY K 311 41.41 5.11 6.70
N ILE K 312 40.36 5.60 7.34
CA ILE K 312 39.55 4.81 8.25
C ILE K 312 38.16 4.65 7.68
N TYR K 313 37.68 3.41 7.59
CA TYR K 313 36.41 3.14 6.94
C TYR K 313 35.46 2.37 7.84
N GLN K 314 34.19 2.73 7.80
CA GLN K 314 33.17 1.99 8.53
C GLN K 314 32.62 0.89 7.65
N THR K 315 32.93 -0.35 7.99
CA THR K 315 32.67 -1.46 7.08
C THR K 315 31.59 -2.39 7.59
N SER K 316 31.37 -2.41 8.89
CA SER K 316 30.42 -3.35 9.47
C SER K 316 29.96 -2.90 10.85
N ASN K 317 29.08 -3.69 11.43
CA ASN K 317 28.63 -3.44 12.79
C ASN K 317 28.89 -4.64 13.69
N PHE K 318 29.42 -4.38 14.86
CA PHE K 318 29.68 -5.39 15.86
C PHE K 318 28.47 -5.56 16.75
N ARG K 319 28.05 -6.82 16.94
CA ARG K 319 26.86 -7.11 17.78
C ARG K 319 27.02 -8.41 18.57
N VAL K 320 27.00 -8.32 19.90
CA VAL K 320 27.05 -9.52 20.73
C VAL K 320 25.78 -10.33 20.57
N GLN K 321 25.95 -11.62 20.31
CA GLN K 321 24.81 -12.49 20.09
C GLN K 321 24.38 -13.18 21.38
N PRO K 322 23.07 -13.40 21.56
CA PRO K 322 22.47 -14.09 22.68
C PRO K 322 22.88 -15.54 22.72
N THR K 323 23.13 -16.06 23.92
CA THR K 323 23.59 -17.43 24.08
C THR K 323 22.52 -18.34 24.69
N GLU K 324 21.49 -17.74 25.25
CA GLU K 324 20.41 -18.49 25.89
C GLU K 324 19.06 -17.88 25.56
N SER K 325 18.01 -18.68 25.71
CA SER K 325 16.65 -18.17 25.58
C SER K 325 15.90 -18.34 26.90
N ILE K 326 15.51 -17.21 27.48
CA ILE K 326 14.88 -17.20 28.78
C ILE K 326 13.38 -17.00 28.67
N VAL K 327 12.63 -18.00 29.09
CA VAL K 327 11.18 -17.93 29.01
C VAL K 327 10.56 -17.89 30.38
N ARG K 328 9.78 -16.85 30.64
CA ARG K 328 9.16 -16.69 31.95
C ARG K 328 7.67 -16.43 31.83
N PHE K 329 6.92 -17.48 32.14
CA PHE K 329 5.45 -17.36 32.12
C PHE K 329 4.91 -17.55 33.52
N PRO K 330 3.73 -17.01 33.84
CA PRO K 330 3.01 -17.21 35.08
C PRO K 330 2.93 -18.69 35.40
N ASN K 331 3.19 -19.04 36.65
CA ASN K 331 3.25 -20.44 37.08
C ASN K 331 1.88 -20.98 37.44
N ILE K 332 1.04 -21.15 36.41
CA ILE K 332 -0.31 -21.70 36.57
C ILE K 332 -0.47 -22.93 35.72
N THR K 333 -1.30 -23.86 36.16
CA THR K 333 -1.47 -25.12 35.43
C THR K 333 -2.90 -25.35 34.97
N ASN K 334 -3.86 -24.62 35.55
CA ASN K 334 -5.25 -24.84 35.19
C ASN K 334 -5.47 -24.51 33.74
N LEU K 335 -6.13 -25.41 33.03
CA LEU K 335 -6.37 -25.22 31.60
C LEU K 335 -7.61 -24.36 31.38
N CYS K 336 -7.58 -23.58 30.30
CA CYS K 336 -8.72 -22.76 29.88
C CYS K 336 -9.87 -23.66 29.43
N PRO K 337 -11.10 -23.36 29.90
CA PRO K 337 -12.32 -24.09 29.66
C PRO K 337 -12.86 -23.85 28.27
N PHE K 338 -12.09 -24.23 27.26
CA PHE K 338 -12.54 -24.10 25.88
C PHE K 338 -13.51 -25.21 25.54
N GLY K 339 -13.24 -26.41 26.01
CA GLY K 339 -14.08 -27.55 25.71
C GLY K 339 -15.51 -27.29 26.14
N GLU K 340 -15.67 -26.60 27.26
CA GLU K 340 -16.97 -26.26 27.80
C GLU K 340 -17.74 -25.34 26.87
N VAL K 341 -17.04 -24.69 25.96
CA VAL K 341 -17.68 -23.82 24.98
C VAL K 341 -18.04 -24.62 23.74
N PHE K 342 -17.10 -25.46 23.30
CA PHE K 342 -17.25 -26.21 22.07
C PHE K 342 -18.22 -27.38 22.17
N ASN K 343 -18.32 -28.00 23.35
CA ASN K 343 -19.17 -29.18 23.54
C ASN K 343 -20.38 -28.89 24.40
N ALA K 344 -20.84 -27.63 24.42
CA ALA K 344 -22.07 -27.25 25.10
C ALA K 344 -23.25 -27.95 24.43
N THR K 345 -24.22 -28.38 25.24
CA THR K 345 -25.39 -29.12 24.67
C THR K 345 -26.16 -28.19 23.74
N ARG K 346 -26.27 -26.93 24.15
CA ARG K 346 -27.05 -26.00 23.36
C ARG K 346 -26.25 -24.74 23.06
N PHE K 347 -26.37 -24.29 21.82
CA PHE K 347 -25.79 -23.03 21.40
C PHE K 347 -26.87 -21.98 21.30
N ALA K 348 -26.46 -20.73 21.45
CA ALA K 348 -27.39 -19.62 21.34
C ALA K 348 -27.74 -19.34 19.89
N SER K 349 -28.86 -18.67 19.70
CA SER K 349 -29.18 -18.09 18.42
C SER K 349 -28.20 -16.98 18.11
N VAL K 350 -27.91 -16.76 16.84
CA VAL K 350 -26.94 -15.75 16.46
C VAL K 350 -27.35 -14.34 16.84
N TYR K 351 -28.65 -14.09 16.94
CA TYR K 351 -29.11 -12.76 17.32
C TYR K 351 -28.89 -12.53 18.81
N ALA K 352 -28.76 -13.61 19.56
CA ALA K 352 -28.61 -13.55 21.00
C ALA K 352 -27.43 -14.39 21.44
N TRP K 353 -26.31 -14.18 20.75
CA TRP K 353 -25.13 -15.01 20.92
C TRP K 353 -24.58 -14.97 22.33
N ASN K 354 -23.95 -16.07 22.73
CA ASN K 354 -23.41 -16.20 24.10
C ASN K 354 -21.95 -15.72 24.14
N ARG K 355 -21.58 -15.04 25.21
CA ARG K 355 -20.20 -14.62 25.40
C ARG K 355 -19.61 -15.18 26.68
N LYS K 356 -18.64 -16.06 26.53
CA LYS K 356 -17.93 -16.63 27.66
C LYS K 356 -16.58 -15.94 27.84
N ARG K 357 -16.34 -15.37 29.01
CA ARG K 357 -15.06 -14.67 29.33
C ARG K 357 -14.05 -15.64 29.92
N ILE K 358 -12.91 -15.81 29.26
CA ILE K 358 -11.86 -16.73 29.68
C ILE K 358 -10.65 -15.98 30.20
N SER K 359 -10.21 -16.32 31.40
CA SER K 359 -9.08 -15.64 32.02
C SER K 359 -8.35 -16.53 33.02
N ASN K 360 -7.14 -16.11 33.38
CA ASN K 360 -6.36 -16.74 34.44
C ASN K 360 -6.23 -18.25 34.24
N CYS K 361 -5.72 -18.65 33.07
CA CYS K 361 -5.64 -20.06 32.70
C CYS K 361 -4.62 -20.30 31.59
N VAL K 362 -4.34 -21.57 31.33
CA VAL K 362 -3.45 -21.95 30.26
C VAL K 362 -4.23 -22.38 29.03
N ALA K 363 -4.00 -21.69 27.93
CA ALA K 363 -4.77 -21.92 26.72
C ALA K 363 -3.98 -22.71 25.69
N ASP K 364 -4.34 -23.96 25.48
CA ASP K 364 -3.71 -24.75 24.45
C ASP K 364 -4.57 -24.76 23.20
N TYR K 365 -4.17 -23.99 22.21
CA TYR K 365 -4.98 -23.79 21.02
C TYR K 365 -4.70 -24.84 19.97
N SER K 366 -3.59 -25.57 20.11
CA SER K 366 -3.20 -26.59 19.11
C SER K 366 -4.17 -27.76 19.18
N VAL K 367 -4.81 -27.98 20.33
CA VAL K 367 -5.81 -29.02 20.48
C VAL K 367 -6.97 -28.75 19.55
N LEU K 368 -7.33 -27.48 19.43
CA LEU K 368 -8.42 -27.10 18.56
C LEU K 368 -7.99 -27.06 17.12
N TYR K 369 -6.82 -26.48 16.87
CA TYR K 369 -6.36 -26.30 15.50
C TYR K 369 -6.03 -27.61 14.81
N ASN K 370 -5.51 -28.56 15.56
CA ASN K 370 -5.10 -29.84 14.99
C ASN K 370 -6.23 -30.84 14.99
N SER K 371 -7.42 -30.38 15.37
CA SER K 371 -8.60 -31.24 15.36
C SER K 371 -9.10 -31.47 13.94
N ALA K 372 -9.61 -32.67 13.70
CA ALA K 372 -10.18 -33.02 12.41
C ALA K 372 -11.65 -32.67 12.35
N SER K 373 -12.20 -32.19 13.46
CA SER K 373 -13.63 -32.04 13.60
C SER K 373 -14.18 -30.70 13.17
N PHE K 374 -13.31 -29.76 12.84
CA PHE K 374 -13.75 -28.43 12.47
C PHE K 374 -13.62 -28.21 10.98
N SER K 375 -14.63 -27.58 10.37
CA SER K 375 -14.62 -27.30 8.95
C SER K 375 -14.01 -25.94 8.66
N THR K 376 -14.14 -25.04 9.61
CA THR K 376 -13.59 -23.71 9.48
C THR K 376 -12.71 -23.39 10.67
N PHE K 377 -11.53 -22.85 10.41
CA PHE K 377 -10.67 -22.37 11.47
C PHE K 377 -9.82 -21.24 10.94
N LYS K 378 -10.39 -20.04 10.93
CA LYS K 378 -9.74 -18.90 10.33
C LYS K 378 -9.30 -17.90 11.39
N CYS K 379 -8.01 -17.59 11.41
CA CYS K 379 -7.45 -16.64 12.37
C CYS K 379 -7.15 -15.31 11.71
N TYR K 380 -7.40 -14.24 12.44
CA TYR K 380 -7.17 -12.90 11.96
C TYR K 380 -6.30 -12.13 12.94
N GLY K 381 -5.29 -11.46 12.43
CA GLY K 381 -4.42 -10.65 13.27
C GLY K 381 -3.43 -11.53 14.05
N VAL K 382 -3.48 -12.83 13.77
CA VAL K 382 -2.63 -13.78 14.47
C VAL K 382 -2.53 -15.07 13.69
N SER K 383 -1.38 -15.71 13.77
CA SER K 383 -1.19 -17.02 13.14
C SER K 383 -1.61 -18.14 14.10
N PRO K 384 -2.37 -19.12 13.61
CA PRO K 384 -2.90 -20.25 14.35
C PRO K 384 -1.80 -21.13 14.91
N THR K 385 -0.61 -21.05 14.32
CA THR K 385 0.49 -21.90 14.75
C THR K 385 1.40 -21.18 15.73
N LYS K 386 1.07 -19.93 16.02
CA LYS K 386 1.85 -19.15 16.97
C LYS K 386 1.06 -18.86 18.24
N LEU K 387 -0.18 -19.33 18.27
CA LEU K 387 -1.07 -19.01 19.38
C LEU K 387 -0.54 -19.51 20.71
N ASN K 388 0.08 -20.69 20.71
CA ASN K 388 0.59 -21.30 21.97
C ASN K 388 1.83 -20.54 22.50
N ASP K 389 2.36 -19.59 21.72
CA ASP K 389 3.51 -18.82 22.17
C ASP K 389 3.10 -17.43 22.65
N LEU K 390 1.80 -17.14 22.58
CA LEU K 390 1.31 -15.81 22.90
C LEU K 390 0.58 -15.76 24.23
N CYS K 391 0.58 -14.58 24.85
CA CYS K 391 -0.20 -14.31 26.05
C CYS K 391 -1.20 -13.19 25.79
N PHE K 392 -2.39 -13.35 26.34
CA PHE K 392 -3.45 -12.38 26.19
C PHE K 392 -3.97 -11.93 27.54
N THR K 393 -4.49 -10.71 27.60
CA THR K 393 -5.06 -10.21 28.84
C THR K 393 -6.39 -10.89 29.09
N ASN K 394 -7.09 -11.20 28.02
CA ASN K 394 -8.37 -11.89 28.12
C ASN K 394 -8.70 -12.60 26.81
N VAL K 395 -9.52 -13.64 26.90
CA VAL K 395 -10.05 -14.27 25.71
C VAL K 395 -11.57 -14.37 25.79
N TYR K 396 -12.25 -13.86 24.78
CA TYR K 396 -13.73 -13.99 24.72
C TYR K 396 -14.09 -15.11 23.75
N ALA K 397 -14.93 -16.06 24.18
CA ALA K 397 -15.44 -17.10 23.31
C ALA K 397 -16.92 -16.90 23.03
N ASP K 398 -17.23 -16.44 21.83
CA ASP K 398 -18.61 -16.16 21.45
C ASP K 398 -19.18 -17.34 20.66
N SER K 399 -20.30 -17.86 21.11
CA SER K 399 -20.86 -19.05 20.46
C SER K 399 -22.28 -18.84 19.97
N PHE K 400 -22.58 -19.38 18.80
CA PHE K 400 -23.91 -19.29 18.21
C PHE K 400 -24.09 -20.24 17.03
N VAL K 401 -25.33 -20.34 16.56
CA VAL K 401 -25.61 -21.14 15.37
C VAL K 401 -26.14 -20.30 14.21
N ILE K 402 -25.52 -20.52 13.06
CA ILE K 402 -25.94 -19.93 11.79
C ILE K 402 -25.99 -21.02 10.73
N ARG K 403 -26.50 -20.70 9.55
CA ARG K 403 -26.50 -21.71 8.49
C ARG K 403 -25.20 -21.66 7.69
N GLY K 404 -24.91 -22.76 7.01
CA GLY K 404 -23.64 -22.96 6.33
C GLY K 404 -23.20 -21.77 5.48
N ASP K 405 -24.11 -21.26 4.65
CA ASP K 405 -23.76 -20.19 3.72
C ASP K 405 -23.34 -18.91 4.43
N GLU K 406 -23.72 -18.77 5.69
CA GLU K 406 -23.48 -17.55 6.43
C GLU K 406 -22.17 -17.58 7.20
N VAL K 407 -21.48 -18.70 7.19
CA VAL K 407 -20.23 -18.81 7.94
C VAL K 407 -19.20 -17.80 7.44
N ARG K 408 -19.25 -17.49 6.16
CA ARG K 408 -18.34 -16.53 5.56
C ARG K 408 -18.58 -15.12 6.08
N GLN K 409 -19.77 -14.87 6.63
CA GLN K 409 -20.08 -13.55 7.16
C GLN K 409 -19.43 -13.34 8.51
N ILE K 410 -18.96 -14.41 9.13
CA ILE K 410 -18.30 -14.27 10.41
C ILE K 410 -16.83 -14.01 10.17
N ALA K 411 -16.54 -12.81 9.74
CA ALA K 411 -15.21 -12.37 9.43
C ALA K 411 -15.20 -10.85 9.38
N PRO K 412 -14.04 -10.21 9.55
CA PRO K 412 -13.82 -8.80 9.41
C PRO K 412 -14.19 -8.32 8.01
N GLY K 413 -14.86 -7.17 7.94
CA GLY K 413 -15.16 -6.53 6.66
C GLY K 413 -16.26 -7.24 5.88
N GLN K 414 -17.14 -7.96 6.56
CA GLN K 414 -18.21 -8.66 5.88
C GLN K 414 -19.53 -7.95 6.00
N THR K 415 -20.42 -8.23 5.06
CA THR K 415 -21.77 -7.69 5.08
C THR K 415 -22.79 -8.81 4.93
N GLY K 416 -24.04 -8.50 5.20
CA GLY K 416 -25.10 -9.48 5.13
C GLY K 416 -25.92 -9.45 6.40
N LYS K 417 -27.00 -10.19 6.43
CA LYS K 417 -27.92 -10.11 7.55
C LYS K 417 -27.24 -10.47 8.86
N ILE K 418 -26.27 -11.37 8.82
CA ILE K 418 -25.62 -11.79 10.05
C ILE K 418 -24.58 -10.79 10.47
N ALA K 419 -23.72 -10.42 9.52
CA ALA K 419 -22.69 -9.44 9.81
C ALA K 419 -23.28 -8.11 10.24
N ASP K 420 -24.42 -7.76 9.67
CA ASP K 420 -25.02 -6.44 9.91
C ASP K 420 -25.96 -6.40 11.10
N TYR K 421 -26.75 -7.45 11.32
CA TYR K 421 -27.81 -7.34 12.31
C TYR K 421 -27.68 -8.29 13.48
N ASN K 422 -26.72 -9.21 13.42
CA ASN K 422 -26.65 -10.24 14.44
C ASN K 422 -25.31 -10.27 15.15
N TYR K 423 -24.26 -10.54 14.42
CA TYR K 423 -22.94 -10.65 15.01
C TYR K 423 -21.89 -9.99 14.14
N LYS K 424 -21.41 -8.85 14.60
CA LYS K 424 -20.46 -8.05 13.85
C LYS K 424 -19.07 -8.14 14.45
N LEU K 425 -18.09 -8.47 13.60
CA LEU K 425 -16.70 -8.40 14.01
C LEU K 425 -16.09 -7.09 13.54
N PRO K 426 -15.15 -6.53 14.31
CA PRO K 426 -14.38 -5.34 14.02
C PRO K 426 -13.37 -5.62 12.92
N ASP K 427 -13.00 -4.57 12.18
CA ASP K 427 -12.05 -4.71 11.09
C ASP K 427 -10.64 -4.96 11.59
N ASP K 428 -10.40 -4.65 12.86
CA ASP K 428 -9.10 -4.90 13.47
C ASP K 428 -9.16 -6.12 14.38
N PHE K 429 -10.15 -6.98 14.13
CA PHE K 429 -10.36 -8.16 14.93
C PHE K 429 -9.10 -9.02 15.03
N THR K 430 -8.77 -9.39 16.25
CA THR K 430 -7.72 -10.36 16.49
C THR K 430 -8.34 -11.56 17.17
N GLY K 431 -8.27 -12.71 16.53
CA GLY K 431 -8.96 -13.87 17.04
C GLY K 431 -9.13 -14.94 15.98
N CYS K 432 -9.88 -15.99 16.32
CA CYS K 432 -10.11 -17.10 15.41
C CYS K 432 -11.59 -17.45 15.32
N VAL K 433 -12.05 -17.71 14.12
CA VAL K 433 -13.41 -18.15 13.88
C VAL K 433 -13.45 -19.62 13.57
N ILE K 434 -14.09 -20.38 14.44
CA ILE K 434 -14.12 -21.82 14.32
C ILE K 434 -15.55 -22.29 14.12
N ALA K 435 -15.77 -23.10 13.10
CA ALA K 435 -17.12 -23.58 12.83
C ALA K 435 -17.14 -25.03 12.42
N TRP K 436 -18.23 -25.69 12.73
CA TRP K 436 -18.43 -27.06 12.30
C TRP K 436 -19.89 -27.35 12.04
N ASN K 437 -20.13 -28.30 11.16
CA ASN K 437 -21.48 -28.71 10.81
C ASN K 437 -22.13 -29.41 11.98
N SER K 438 -23.32 -28.97 12.35
CA SER K 438 -24.04 -29.54 13.48
C SER K 438 -25.38 -30.09 13.05
N ASN K 439 -25.47 -30.54 11.81
CA ASN K 439 -26.72 -31.05 11.25
C ASN K 439 -27.26 -32.21 12.06
N ASN K 440 -26.38 -32.93 12.73
CA ASN K 440 -26.77 -34.09 13.51
C ASN K 440 -27.27 -33.71 14.89
N LEU K 441 -27.16 -32.44 15.24
CA LEU K 441 -27.57 -31.98 16.56
C LEU K 441 -28.66 -30.94 16.49
N ASP K 442 -28.54 -30.01 15.55
CA ASP K 442 -29.37 -28.82 15.52
C ASP K 442 -30.46 -28.87 14.46
N SER K 443 -30.68 -30.04 13.88
CA SER K 443 -31.74 -30.21 12.89
C SER K 443 -32.72 -31.27 13.34
N LYS K 444 -34.00 -31.00 13.15
CA LYS K 444 -35.04 -32.01 13.49
C LYS K 444 -35.96 -32.19 12.28
N VAL K 445 -36.56 -33.37 12.16
CA VAL K 445 -37.50 -33.64 11.03
C VAL K 445 -38.70 -32.71 11.22
N GLY K 446 -39.12 -32.00 10.17
CA GLY K 446 -40.20 -31.01 10.29
C GLY K 446 -39.64 -29.65 10.64
N GLY K 447 -38.34 -29.56 10.95
CA GLY K 447 -37.72 -28.25 11.17
C GLY K 447 -37.44 -27.88 12.60
N ASN K 448 -36.22 -27.42 12.88
CA ASN K 448 -35.84 -26.85 14.15
C ASN K 448 -35.99 -25.33 14.14
N TYR K 449 -37.00 -24.84 14.84
CA TYR K 449 -37.34 -23.43 14.80
C TYR K 449 -36.90 -22.70 16.05
N ASN K 450 -35.95 -23.30 16.77
CA ASN K 450 -35.41 -22.69 17.97
C ASN K 450 -34.35 -21.66 17.66
N TYR K 451 -33.66 -21.83 16.54
CA TYR K 451 -32.56 -20.94 16.19
C TYR K 451 -33.04 -19.77 15.35
N LEU K 452 -32.88 -18.58 15.90
CA LEU K 452 -33.36 -17.37 15.26
C LEU K 452 -32.23 -16.47 14.81
N TYR K 453 -32.54 -15.60 13.86
CA TYR K 453 -31.63 -14.54 13.48
C TYR K 453 -32.41 -13.27 13.22
N ARG K 454 -31.75 -12.14 13.34
CA ARG K 454 -32.36 -10.86 13.05
C ARG K 454 -32.33 -10.57 11.57
N LEU K 455 -33.49 -10.28 11.03
CA LEU K 455 -33.67 -10.08 9.62
C LEU K 455 -33.76 -8.60 9.28
N PHE K 456 -34.34 -7.82 10.19
CA PHE K 456 -34.50 -6.39 9.98
C PHE K 456 -33.96 -5.59 11.14
N ARG K 457 -33.35 -4.46 10.84
CA ARG K 457 -32.89 -3.56 11.88
C ARG K 457 -32.78 -2.14 11.33
N LYS K 458 -32.99 -1.15 12.20
CA LYS K 458 -32.88 0.25 11.81
C LYS K 458 -31.49 0.59 11.29
N SER K 459 -30.47 -0.01 11.90
CA SER K 459 -29.10 0.25 11.53
C SER K 459 -28.21 -0.94 11.79
N ASN K 460 -27.00 -0.91 11.27
CA ASN K 460 -26.06 -2.00 11.46
C ASN K 460 -25.52 -2.01 12.88
N LEU K 461 -25.17 -3.19 13.36
CA LEU K 461 -24.56 -3.33 14.67
C LEU K 461 -23.14 -2.83 14.70
N LYS K 462 -22.73 -2.33 15.86
CA LYS K 462 -21.34 -2.10 16.13
C LYS K 462 -20.68 -3.43 16.45
N PRO K 463 -19.36 -3.54 16.32
CA PRO K 463 -18.59 -4.71 16.67
C PRO K 463 -18.92 -5.19 18.06
N PHE K 464 -19.25 -6.47 18.16
CA PHE K 464 -19.59 -7.13 19.41
C PHE K 464 -20.80 -6.52 20.11
N GLU K 465 -21.65 -5.85 19.35
CA GLU K 465 -22.92 -5.40 19.89
C GLU K 465 -23.95 -6.52 19.86
N ARG K 466 -24.75 -6.61 20.91
CA ARG K 466 -25.72 -7.69 21.02
C ARG K 466 -27.14 -7.14 21.18
N ASP K 467 -27.97 -7.36 20.18
CA ASP K 467 -29.33 -6.83 20.16
C ASP K 467 -30.36 -7.94 20.23
N ILE K 468 -31.08 -8.03 21.34
CA ILE K 468 -32.04 -9.09 21.53
C ILE K 468 -33.47 -8.57 21.68
N SER K 469 -33.70 -7.37 21.20
CA SER K 469 -35.05 -6.79 21.23
C SER K 469 -35.93 -7.43 20.17
N THR K 470 -37.24 -7.37 20.36
CA THR K 470 -38.18 -7.89 19.39
C THR K 470 -39.19 -6.85 18.95
N GLU K 471 -38.80 -5.59 19.03
CA GLU K 471 -39.67 -4.49 18.63
C GLU K 471 -39.98 -4.57 17.16
N ILE K 472 -41.22 -4.29 16.80
CA ILE K 472 -41.64 -4.34 15.41
C ILE K 472 -40.87 -3.34 14.57
N TYR K 473 -40.38 -3.81 13.44
CA TYR K 473 -39.56 -3.01 12.55
C TYR K 473 -40.42 -2.21 11.60
N GLN K 474 -40.17 -0.91 11.56
CA GLN K 474 -40.91 -0.03 10.66
C GLN K 474 -40.20 0.09 9.34
N ALA K 475 -40.78 -0.50 8.32
CA ALA K 475 -40.17 -0.50 6.99
C ALA K 475 -40.64 0.71 6.21
N GLY K 476 -41.84 1.18 6.51
CA GLY K 476 -42.42 2.31 5.81
C GLY K 476 -42.29 3.60 6.61
N SER K 477 -43.17 4.56 6.33
CA SER K 477 -43.14 5.84 7.01
C SER K 477 -44.17 5.90 8.14
N THR K 478 -45.13 4.99 8.10
CA THR K 478 -46.20 4.94 9.08
C THR K 478 -45.77 4.14 10.31
N PRO K 479 -45.92 4.70 11.52
CA PRO K 479 -45.67 4.07 12.79
C PRO K 479 -46.44 2.77 12.92
N CYS K 480 -45.78 1.76 13.50
CA CYS K 480 -46.37 0.43 13.65
C CYS K 480 -47.15 0.30 14.94
N ASN K 481 -46.74 1.05 15.96
CA ASN K 481 -47.40 1.03 17.25
C ASN K 481 -47.45 -0.37 17.85
N GLY K 482 -46.41 -1.17 17.58
CA GLY K 482 -46.28 -2.49 18.16
C GLY K 482 -47.08 -3.55 17.42
N VAL K 483 -47.79 -3.13 16.37
CA VAL K 483 -48.62 -4.06 15.62
C VAL K 483 -48.02 -4.35 14.26
N GLU K 484 -47.67 -5.61 14.02
CA GLU K 484 -47.10 -5.99 12.75
C GLU K 484 -48.16 -6.06 11.67
N GLY K 485 -47.73 -5.90 10.44
CA GLY K 485 -48.63 -5.85 9.30
C GLY K 485 -47.92 -5.28 8.09
N PHE K 486 -48.64 -4.56 7.27
CA PHE K 486 -48.03 -3.99 6.08
C PHE K 486 -46.97 -2.97 6.48
N ASN K 487 -45.76 -3.15 5.95
CA ASN K 487 -44.61 -2.30 6.29
C ASN K 487 -44.24 -2.30 7.78
N CYS K 488 -44.69 -3.32 8.50
CA CYS K 488 -44.38 -3.49 9.92
C CYS K 488 -44.02 -4.94 10.21
N TYR K 489 -42.74 -5.20 10.37
CA TYR K 489 -42.26 -6.57 10.35
C TYR K 489 -41.80 -7.03 11.72
N PHE K 490 -41.96 -8.32 11.97
CA PHE K 490 -41.32 -8.93 13.10
C PHE K 490 -39.85 -9.16 12.75
N PRO K 491 -38.92 -8.57 13.51
CA PRO K 491 -37.53 -8.42 13.21
C PRO K 491 -36.76 -9.74 13.14
N LEU K 492 -37.30 -10.78 13.76
CA LEU K 492 -36.59 -12.06 13.79
C LEU K 492 -37.20 -13.09 12.86
N GLN K 493 -36.39 -14.07 12.49
CA GLN K 493 -36.85 -15.20 11.70
C GLN K 493 -36.10 -16.45 12.08
N SER K 494 -36.72 -17.61 11.89
CA SER K 494 -36.09 -18.88 12.23
C SER K 494 -35.39 -19.47 11.04
N TYR K 495 -34.38 -20.28 11.30
CA TYR K 495 -33.73 -21.03 10.25
C TYR K 495 -34.57 -22.23 9.84
N GLY K 496 -35.20 -22.88 10.81
CA GLY K 496 -36.03 -24.03 10.54
C GLY K 496 -35.18 -25.19 10.04
N PHE K 497 -34.08 -25.46 10.73
CA PHE K 497 -33.11 -26.42 10.24
C PHE K 497 -33.69 -27.82 10.10
N GLN K 498 -33.45 -28.43 8.95
CA GLN K 498 -33.91 -29.78 8.65
C GLN K 498 -32.73 -30.62 8.16
N PRO K 499 -32.71 -31.90 8.50
CA PRO K 499 -31.66 -32.85 8.23
C PRO K 499 -31.43 -33.08 6.74
N THR K 500 -32.42 -32.72 5.93
CA THR K 500 -32.36 -32.95 4.50
C THR K 500 -32.01 -31.70 3.72
N ASN K 501 -31.71 -30.62 4.43
CA ASN K 501 -31.32 -29.37 3.79
C ASN K 501 -29.99 -29.53 3.07
N GLY K 502 -29.77 -28.72 2.04
CA GLY K 502 -28.47 -28.66 1.41
C GLY K 502 -27.47 -28.06 2.37
N VAL K 503 -26.19 -28.23 2.10
CA VAL K 503 -25.16 -27.85 3.05
C VAL K 503 -25.27 -26.39 3.47
N GLY K 504 -25.57 -25.52 2.52
CA GLY K 504 -25.65 -24.10 2.79
C GLY K 504 -26.78 -23.75 3.76
N TYR K 505 -27.72 -24.68 3.93
CA TYR K 505 -28.85 -24.46 4.81
C TYR K 505 -28.82 -25.35 6.03
N GLN K 506 -27.71 -26.06 6.21
CA GLN K 506 -27.51 -26.85 7.41
C GLN K 506 -26.94 -25.96 8.49
N PRO K 507 -27.23 -26.24 9.75
CA PRO K 507 -26.75 -25.52 10.90
C PRO K 507 -25.27 -25.73 11.10
N TYR K 508 -24.58 -24.65 11.41
CA TYR K 508 -23.19 -24.71 11.80
C TYR K 508 -23.01 -24.06 13.15
N ARG K 509 -22.30 -24.74 14.02
CA ARG K 509 -21.98 -24.17 15.32
C ARG K 509 -20.70 -23.38 15.22
N VAL K 510 -20.76 -22.13 15.61
CA VAL K 510 -19.64 -21.23 15.48
C VAL K 510 -19.13 -20.78 16.83
N VAL K 511 -17.83 -20.86 17.00
CA VAL K 511 -17.17 -20.28 18.15
C VAL K 511 -16.15 -19.26 17.71
N VAL K 512 -16.27 -18.05 18.21
CA VAL K 512 -15.33 -17.00 17.87
C VAL K 512 -14.48 -16.67 19.07
N LEU K 513 -13.17 -16.88 18.94
CA LEU K 513 -12.25 -16.56 20.01
C LEU K 513 -11.59 -15.22 19.78
N SER K 514 -12.04 -14.21 20.51
CA SER K 514 -11.43 -12.86 20.38
C SER K 514 -10.32 -12.71 21.40
N PHE K 515 -9.16 -12.33 20.93
CA PHE K 515 -7.99 -12.19 21.78
C PHE K 515 -7.77 -10.75 22.18
N GLU K 516 -7.76 -10.50 23.48
CA GLU K 516 -7.60 -9.15 24.01
C GLU K 516 -6.13 -8.87 24.31
N LEU K 517 -5.59 -7.84 23.66
CA LEU K 517 -4.18 -7.49 23.81
C LEU K 517 -4.01 -6.06 24.29
N LEU K 518 -4.15 -5.86 25.60
CA LEU K 518 -4.03 -4.53 26.19
C LEU K 518 -2.73 -4.39 26.94
N HIS K 519 -2.36 -3.15 27.25
CA HIS K 519 -1.18 -2.91 28.07
C HIS K 519 -1.49 -3.22 29.53
N ALA K 520 -1.62 -4.49 29.81
CA ALA K 520 -2.07 -4.99 31.11
C ALA K 520 -1.48 -6.36 31.34
N PRO K 521 -1.47 -6.86 32.58
CA PRO K 521 -1.03 -8.18 32.94
C PRO K 521 -1.76 -9.21 32.09
N ALA K 522 -1.00 -10.11 31.47
CA ALA K 522 -1.63 -11.16 30.68
C ALA K 522 -2.06 -12.29 31.60
N THR K 523 -3.27 -12.80 31.38
CA THR K 523 -3.82 -13.81 32.26
C THR K 523 -4.03 -15.14 31.55
N VAL K 524 -4.05 -15.11 30.22
CA VAL K 524 -4.22 -16.32 29.44
C VAL K 524 -3.00 -16.58 28.57
N CYS K 525 -2.25 -17.62 28.87
CA CYS K 525 -1.01 -17.91 28.17
C CYS K 525 -1.00 -19.34 27.66
N GLY K 526 -0.21 -19.57 26.62
CA GLY K 526 -0.07 -20.90 26.06
C GLY K 526 0.68 -21.81 27.02
N PRO K 527 0.82 -23.08 26.65
CA PRO K 527 1.42 -24.16 27.39
C PRO K 527 2.94 -24.05 27.43
N LYS K 528 3.48 -23.02 26.78
CA LYS K 528 4.91 -22.73 26.74
C LYS K 528 5.56 -22.81 28.09
N LYS K 529 6.55 -23.69 28.24
CA LYS K 529 7.15 -23.87 29.56
C LYS K 529 8.15 -22.78 29.89
N SER K 530 8.26 -22.47 31.16
CA SER K 530 9.23 -21.51 31.64
C SER K 530 10.61 -22.14 31.82
N THR K 531 11.62 -21.29 31.85
CA THR K 531 12.98 -21.70 32.11
C THR K 531 13.53 -20.93 33.30
N ASN K 532 14.76 -21.23 33.69
CA ASN K 532 15.40 -20.48 34.76
C ASN K 532 15.72 -19.07 34.30
N LEU K 533 15.67 -18.13 35.24
CA LEU K 533 15.99 -16.74 34.94
C LEU K 533 17.51 -16.53 34.92
N VAL K 534 18.00 -15.94 33.85
CA VAL K 534 19.43 -15.70 33.70
C VAL K 534 19.75 -14.22 33.61
N LYS K 535 20.69 -13.78 34.43
CA LYS K 535 21.06 -12.38 34.46
C LYS K 535 22.53 -12.17 34.15
N ASN K 536 22.88 -10.94 33.77
CA ASN K 536 24.25 -10.53 33.50
C ASN K 536 24.82 -11.19 32.26
N LYS K 537 23.94 -11.68 31.39
CA LYS K 537 24.35 -12.27 30.12
C LYS K 537 23.49 -11.75 28.99
N CYS K 538 24.02 -11.81 27.77
CA CYS K 538 23.22 -11.52 26.58
C CYS K 538 22.35 -12.70 26.22
N VAL K 539 21.04 -12.51 26.37
CA VAL K 539 20.10 -13.58 26.16
C VAL K 539 18.90 -13.13 25.36
N ASN K 540 18.17 -14.08 24.81
CA ASN K 540 16.83 -13.83 24.34
C ASN K 540 15.90 -13.97 25.53
N PHE K 541 14.78 -13.28 25.52
CA PHE K 541 13.84 -13.44 26.61
C PHE K 541 12.40 -13.33 26.18
N ASN K 542 11.52 -13.91 26.99
CA ASN K 542 10.08 -13.80 26.82
C ASN K 542 9.39 -13.72 28.17
N PHE K 543 8.99 -12.52 28.55
CA PHE K 543 8.33 -12.32 29.84
C PHE K 543 6.84 -12.17 29.67
N ASN K 544 6.11 -13.24 29.96
CA ASN K 544 4.67 -13.24 29.87
C ASN K 544 4.20 -12.70 28.52
N GLY K 545 4.89 -13.10 27.46
CA GLY K 545 4.51 -12.71 26.10
C GLY K 545 5.38 -11.57 25.55
N LEU K 546 6.12 -10.90 26.43
CA LEU K 546 6.97 -9.78 26.02
C LEU K 546 8.35 -10.28 25.61
N THR K 547 8.60 -10.32 24.31
CA THR K 547 9.84 -10.87 23.81
C THR K 547 10.87 -9.80 23.48
N GLY K 548 12.12 -10.19 23.43
CA GLY K 548 13.20 -9.30 23.02
C GLY K 548 14.56 -9.90 23.31
N THR K 549 15.62 -9.14 23.01
CA THR K 549 16.98 -9.59 23.24
C THR K 549 17.75 -8.54 24.02
N GLY K 550 18.51 -8.97 25.02
CA GLY K 550 19.29 -8.03 25.81
C GLY K 550 19.87 -8.67 27.06
N VAL K 551 20.37 -7.84 27.94
CA VAL K 551 20.97 -8.29 29.18
C VAL K 551 20.08 -7.94 30.36
N LEU K 552 19.76 -8.93 31.16
CA LEU K 552 18.88 -8.75 32.30
C LEU K 552 19.68 -8.55 33.57
N THR K 553 19.35 -7.51 34.33
CA THR K 553 19.99 -7.28 35.61
C THR K 553 18.97 -6.90 36.68
N GLU K 554 19.34 -7.01 37.94
CA GLU K 554 18.47 -6.55 39.01
C GLU K 554 18.26 -5.06 38.90
N SER K 555 17.01 -4.63 39.02
CA SER K 555 16.67 -3.23 38.89
C SER K 555 16.64 -2.52 40.24
N ASN K 556 16.94 -1.23 40.23
CA ASN K 556 16.79 -0.40 41.40
C ASN K 556 15.64 0.58 41.22
N LYS K 557 14.80 0.31 40.23
CA LYS K 557 13.68 1.17 39.93
C LYS K 557 12.53 0.94 40.91
N LYS K 558 11.94 2.02 41.38
CA LYS K 558 10.88 1.95 42.37
C LYS K 558 9.53 1.65 41.73
N PHE K 559 9.36 0.42 41.28
CA PHE K 559 8.10 0.02 40.69
C PHE K 559 7.01 0.00 41.74
N LEU K 560 5.83 0.44 41.35
CA LEU K 560 4.66 0.32 42.20
C LEU K 560 4.06 -1.07 41.99
N PRO K 561 3.34 -1.61 42.98
CA PRO K 561 2.78 -2.95 43.02
C PRO K 561 1.97 -3.31 41.78
N PHE K 562 1.44 -2.30 41.09
CA PHE K 562 0.59 -2.55 39.94
C PHE K 562 1.33 -2.46 38.61
N GLN K 563 2.56 -1.96 38.65
CA GLN K 563 3.32 -1.75 37.42
C GLN K 563 4.07 -3.02 37.00
N GLN K 564 3.89 -3.40 35.74
CA GLN K 564 4.41 -4.67 35.25
C GLN K 564 5.72 -4.52 34.49
N PHE K 565 5.90 -3.35 33.90
CA PHE K 565 7.10 -3.06 33.13
C PHE K 565 7.29 -1.57 33.04
N GLY K 566 8.49 -1.15 32.70
CA GLY K 566 8.77 0.26 32.58
C GLY K 566 9.27 0.61 31.19
N ARG K 567 9.29 1.90 30.90
CA ARG K 567 9.77 2.39 29.62
C ARG K 567 10.62 3.63 29.80
N ASP K 568 11.56 3.82 28.88
CA ASP K 568 12.43 4.99 28.89
C ASP K 568 11.80 6.15 28.14
N ILE K 569 12.57 7.21 27.94
CA ILE K 569 12.09 8.41 27.25
C ILE K 569 11.81 8.12 25.77
N ALA K 570 12.33 7.01 25.28
CA ALA K 570 12.11 6.57 23.91
C ALA K 570 10.81 5.78 23.80
N ASP K 571 10.15 5.58 24.93
CA ASP K 571 8.93 4.79 25.00
C ASP K 571 9.14 3.35 24.56
N THR K 572 10.25 2.76 25.00
CA THR K 572 10.48 1.34 24.76
C THR K 572 10.75 0.63 26.08
N THR K 573 10.36 -0.64 26.16
CA THR K 573 10.50 -1.39 27.40
C THR K 573 11.96 -1.43 27.84
N ASP K 574 12.21 -1.03 29.07
CA ASP K 574 13.57 -1.04 29.61
C ASP K 574 13.61 -1.70 30.97
N ALA K 575 12.48 -2.26 31.39
CA ALA K 575 12.38 -2.96 32.64
C ALA K 575 11.13 -3.83 32.66
N VAL K 576 11.22 -4.98 33.29
CA VAL K 576 10.06 -5.85 33.44
C VAL K 576 9.94 -6.42 34.84
N ARG K 577 8.73 -6.79 35.20
CA ARG K 577 8.49 -7.55 36.42
C ARG K 577 8.39 -9.03 36.10
N ASP K 578 9.27 -9.81 36.69
CA ASP K 578 9.26 -11.24 36.46
C ASP K 578 7.97 -11.86 36.98
N PRO K 579 7.21 -12.53 36.11
CA PRO K 579 5.87 -13.03 36.33
C PRO K 579 5.80 -14.15 37.36
N GLN K 580 6.95 -14.66 37.79
CA GLN K 580 6.96 -15.70 38.81
C GLN K 580 7.53 -15.22 40.13
N THR K 581 8.58 -14.41 40.08
CA THR K 581 9.26 -13.97 41.30
C THR K 581 8.88 -12.56 41.70
N LEU K 582 8.28 -11.82 40.78
CA LEU K 582 7.93 -10.42 40.98
C LEU K 582 9.16 -9.55 41.16
N GLU K 583 10.30 -10.07 40.75
CA GLU K 583 11.55 -9.33 40.73
C GLU K 583 11.55 -8.31 39.59
N ILE K 584 12.06 -7.12 39.86
CA ILE K 584 12.16 -6.12 38.80
C ILE K 584 13.51 -6.21 38.12
N LEU K 585 13.49 -6.37 36.81
CA LEU K 585 14.70 -6.53 36.03
C LEU K 585 14.87 -5.39 35.04
N ASP K 586 16.09 -4.87 34.96
CA ASP K 586 16.42 -3.85 33.96
C ASP K 586 16.83 -4.52 32.68
N ILE K 587 16.44 -3.93 31.55
CA ILE K 587 16.81 -4.47 30.26
C ILE K 587 17.69 -3.51 29.48
N THR K 588 18.85 -3.97 29.09
CA THR K 588 19.72 -3.23 28.19
C THR K 588 20.00 -4.09 26.98
N PRO K 589 20.29 -3.50 25.83
CA PRO K 589 20.69 -4.18 24.61
C PRO K 589 22.05 -4.81 24.79
N CYS K 590 22.30 -5.88 24.05
CA CYS K 590 23.59 -6.55 24.06
C CYS K 590 24.62 -5.66 23.39
N SER K 591 25.82 -5.63 23.95
CA SER K 591 26.83 -4.68 23.47
C SER K 591 26.97 -4.73 21.97
N PHE K 592 27.00 -3.56 21.36
CA PHE K 592 27.15 -3.44 19.92
C PHE K 592 27.76 -2.09 19.59
N GLY K 593 28.19 -1.93 18.35
CA GLY K 593 28.71 -0.65 17.89
C GLY K 593 29.27 -0.77 16.49
N GLY K 594 29.62 0.36 15.89
CA GLY K 594 30.17 0.34 14.55
C GLY K 594 31.57 -0.22 14.56
N VAL K 595 31.98 -0.81 13.45
CA VAL K 595 33.32 -1.31 13.30
C VAL K 595 34.01 -0.66 12.12
N SER K 596 35.12 0.02 12.39
CA SER K 596 35.85 0.69 11.34
C SER K 596 37.22 0.10 11.17
N VAL K 597 37.70 0.10 9.95
CA VAL K 597 38.99 -0.48 9.63
C VAL K 597 39.99 0.60 9.28
N ILE K 598 41.08 0.62 10.01
CA ILE K 598 42.14 1.59 9.83
C ILE K 598 43.22 0.98 8.98
N THR K 599 43.52 1.61 7.87
CA THR K 599 44.50 1.03 6.98
C THR K 599 45.27 2.10 6.24
N PRO K 600 46.54 1.84 5.94
CA PRO K 600 47.32 2.49 4.92
C PRO K 600 46.81 1.98 3.60
N GLY K 601 47.14 2.65 2.52
CA GLY K 601 46.62 2.18 1.26
C GLY K 601 47.14 0.76 0.99
N THR K 602 46.36 -0.01 0.24
CA THR K 602 46.79 -1.36 -0.16
C THR K 602 47.99 -1.30 -1.11
N ASN K 603 48.32 -0.09 -1.58
CA ASN K 603 49.50 0.18 -2.37
C ASN K 603 50.77 0.16 -1.50
N THR K 604 50.58 0.16 -0.18
CA THR K 604 51.67 0.16 0.79
C THR K 604 51.70 -1.13 1.60
N SER K 605 50.56 -1.49 2.19
CA SER K 605 50.49 -2.65 3.08
C SER K 605 49.09 -3.19 3.21
N ASN K 606 48.98 -4.49 3.47
CA ASN K 606 47.70 -5.12 3.69
C ASN K 606 47.39 -5.26 5.18
N GLN K 607 48.23 -4.66 6.02
CA GLN K 607 47.97 -4.67 7.45
C GLN K 607 46.84 -3.72 7.78
N VAL K 608 45.97 -4.13 8.68
CA VAL K 608 44.91 -3.27 9.13
C VAL K 608 44.79 -3.28 10.64
N ALA K 609 44.16 -2.25 11.18
CA ALA K 609 43.76 -2.23 12.57
C ALA K 609 42.26 -2.01 12.64
N VAL K 610 41.62 -2.58 13.63
CA VAL K 610 40.18 -2.49 13.70
C VAL K 610 39.71 -1.76 14.94
N LEU K 611 38.87 -0.76 14.74
CA LEU K 611 38.30 -0.02 15.84
C LEU K 611 36.86 -0.42 16.09
N TYR K 612 36.58 -0.86 17.30
CA TYR K 612 35.22 -1.18 17.70
C TYR K 612 34.62 0.01 18.43
N GLN K 613 33.81 0.77 17.71
CA GLN K 613 33.41 2.09 18.14
C GLN K 613 32.52 2.05 19.36
N ASP K 614 32.93 2.77 20.39
CA ASP K 614 32.20 2.82 21.64
C ASP K 614 31.99 1.41 22.21
N VAL K 615 32.99 0.56 22.07
CA VAL K 615 32.96 -0.79 22.61
C VAL K 615 34.13 -1.02 23.53
N ASN K 616 33.90 -1.71 24.65
CA ASN K 616 34.93 -2.09 25.60
C ASN K 616 35.78 -3.24 25.03
N CYS K 617 37.10 -3.18 25.25
CA CYS K 617 38.01 -4.20 24.75
C CYS K 617 37.77 -5.56 25.41
N THR K 618 36.96 -5.55 26.47
CA THR K 618 36.62 -6.78 27.18
C THR K 618 35.38 -7.44 26.57
N GLU K 619 34.69 -6.71 25.70
CA GLU K 619 33.47 -7.18 25.08
C GLU K 619 33.68 -7.65 23.65
N VAL K 620 34.70 -7.09 22.99
CA VAL K 620 34.94 -7.33 21.58
C VAL K 620 34.97 -8.82 21.16
N PRO K 621 35.78 -9.71 21.81
CA PRO K 621 35.97 -11.09 21.42
C PRO K 621 34.80 -11.97 21.84
N ASN K 641 48.27 -6.22 20.54
CA ASN K 641 47.94 -4.82 20.25
C ASN K 641 46.46 -4.54 20.50
N VAL K 642 46.11 -4.34 21.78
CA VAL K 642 44.75 -3.96 22.17
C VAL K 642 44.79 -2.65 22.96
N PHE K 643 44.28 -1.60 22.35
CA PHE K 643 44.36 -0.26 22.92
C PHE K 643 42.98 0.35 23.13
N GLN K 644 42.64 0.63 24.38
CA GLN K 644 41.34 1.20 24.69
C GLN K 644 41.38 2.71 24.60
N THR K 645 40.53 3.27 23.74
CA THR K 645 40.45 4.71 23.58
C THR K 645 39.03 5.18 23.86
N ARG K 646 38.82 6.49 23.76
CA ARG K 646 37.48 7.05 23.92
C ARG K 646 36.64 6.84 22.68
N ALA K 647 37.30 6.50 21.58
CA ALA K 647 36.60 6.28 20.32
C ALA K 647 36.09 4.84 20.27
N GLY K 648 36.72 3.98 21.04
CA GLY K 648 36.40 2.56 21.03
C GLY K 648 37.65 1.74 21.26
N CYS K 649 37.54 0.41 21.04
CA CYS K 649 38.66 -0.49 21.22
C CYS K 649 39.43 -0.66 19.92
N LEU K 650 40.69 -0.27 19.92
CA LEU K 650 41.50 -0.35 18.73
C LEU K 650 42.44 -1.55 18.79
N ILE K 651 42.25 -2.48 17.87
CA ILE K 651 43.01 -3.70 17.88
C ILE K 651 43.85 -3.84 16.61
N GLY K 652 45.14 -4.12 16.79
CA GLY K 652 46.04 -4.28 15.67
C GLY K 652 47.00 -3.11 15.53
N ALA K 653 46.79 -2.07 16.33
CA ALA K 653 47.67 -0.92 16.31
C ALA K 653 48.50 -0.85 17.58
N GLU K 654 49.78 -0.55 17.43
CA GLU K 654 50.66 -0.43 18.58
C GLU K 654 50.66 0.98 19.11
N HIS K 655 50.20 1.15 20.34
CA HIS K 655 50.18 2.47 20.94
C HIS K 655 51.57 2.89 21.39
N VAL K 656 51.95 4.10 21.05
CA VAL K 656 53.24 4.64 21.45
C VAL K 656 53.08 6.00 22.12
N ASN K 657 54.06 6.39 22.92
CA ASN K 657 54.07 7.69 23.59
C ASN K 657 54.46 8.82 22.65
N ASN K 658 55.24 8.51 21.61
CA ASN K 658 55.69 9.50 20.65
C ASN K 658 54.50 10.13 19.92
N SER K 659 54.46 11.45 19.92
CA SER K 659 53.39 12.18 19.29
C SER K 659 53.80 12.66 17.90
N TYR K 660 52.95 12.41 16.92
CA TYR K 660 53.23 12.79 15.55
C TYR K 660 52.08 13.61 14.99
N GLU K 661 52.28 14.17 13.81
CA GLU K 661 51.17 14.80 13.10
C GLU K 661 50.11 13.74 12.82
N CYS K 662 48.84 14.14 12.83
CA CYS K 662 47.75 13.21 12.60
C CYS K 662 47.76 12.70 11.17
N ASP K 663 47.62 11.39 11.01
CA ASP K 663 47.59 10.78 9.70
C ASP K 663 46.19 10.23 9.43
N ILE K 664 45.87 9.11 10.07
CA ILE K 664 44.52 8.60 10.02
C ILE K 664 43.84 8.83 11.36
N PRO K 665 42.85 9.73 11.43
CA PRO K 665 42.19 10.15 12.63
C PRO K 665 41.37 9.03 13.23
N ILE K 666 41.50 8.82 14.53
CA ILE K 666 40.72 7.83 15.25
C ILE K 666 39.62 8.51 16.02
N GLY K 667 39.98 9.57 16.74
CA GLY K 667 39.05 10.33 17.54
C GLY K 667 39.60 10.59 18.93
N ALA K 668 39.10 11.64 19.56
CA ALA K 668 39.49 11.99 20.92
C ALA K 668 41.00 12.16 21.05
N GLY K 669 41.61 12.78 20.05
CA GLY K 669 43.01 13.12 20.10
C GLY K 669 43.92 12.00 19.60
N ILE K 670 43.33 10.86 19.31
CA ILE K 670 44.10 9.72 18.85
C ILE K 670 44.10 9.61 17.33
N CYS K 671 45.29 9.39 16.77
CA CYS K 671 45.47 9.15 15.34
C CYS K 671 46.32 7.90 15.15
N ALA K 672 46.25 7.32 13.96
CA ALA K 672 47.06 6.17 13.64
C ALA K 672 47.83 6.40 12.36
N SER K 673 48.96 5.72 12.23
CA SER K 673 49.76 5.82 11.02
C SER K 673 50.56 4.55 10.79
N TYR K 674 51.06 4.38 9.59
CA TYR K 674 51.89 3.23 9.26
C TYR K 674 53.37 3.60 9.31
N GLN K 675 54.11 2.99 10.23
CA GLN K 675 55.50 3.32 10.47
C GLN K 675 56.36 2.04 10.49
N GLN K 690 57.56 -2.61 9.12
CA GLN K 690 56.65 -1.52 9.47
C GLN K 690 55.33 -2.06 10.02
N SER K 691 54.66 -1.27 10.85
CA SER K 691 53.38 -1.64 11.45
C SER K 691 52.51 -0.42 11.70
N ILE K 692 51.24 -0.67 12.00
CA ILE K 692 50.32 0.41 12.33
C ILE K 692 50.46 0.79 13.79
N ILE K 693 50.59 2.08 14.05
CA ILE K 693 50.72 2.57 15.41
C ILE K 693 49.62 3.54 15.75
N ALA K 694 49.37 3.71 17.04
CA ALA K 694 48.41 4.68 17.52
C ALA K 694 49.11 5.66 18.46
N TYR K 695 48.72 6.92 18.39
CA TYR K 695 49.36 7.93 19.20
C TYR K 695 48.46 9.12 19.43
N THR K 696 48.79 9.93 20.43
CA THR K 696 48.15 11.22 20.58
C THR K 696 48.77 12.19 19.60
N MET K 697 47.94 12.83 18.81
CA MET K 697 48.44 13.70 17.75
C MET K 697 49.12 14.94 18.33
N SER K 698 50.16 15.39 17.64
CA SER K 698 50.83 16.62 17.98
C SER K 698 50.11 17.80 17.37
N LEU K 699 50.13 18.93 18.07
CA LEU K 699 49.50 20.12 17.54
C LEU K 699 50.53 21.04 16.90
N GLY K 700 51.77 20.58 16.88
CA GLY K 700 52.87 21.36 16.31
C GLY K 700 54.01 21.50 17.31
N ALA K 701 55.15 21.95 16.82
CA ALA K 701 56.32 22.14 17.67
C ALA K 701 56.11 23.30 18.61
N GLU K 702 56.66 23.21 19.81
CA GLU K 702 56.60 24.31 20.76
C GLU K 702 57.55 25.41 20.36
N ASN K 703 57.13 26.65 20.57
CA ASN K 703 57.95 27.81 20.23
C ASN K 703 57.80 28.90 21.27
N SER K 704 58.80 29.03 22.13
CA SER K 704 58.78 30.10 23.11
C SER K 704 59.37 31.36 22.50
N VAL K 705 58.55 32.40 22.42
CA VAL K 705 58.99 33.66 21.85
C VAL K 705 59.81 34.43 22.87
N ALA K 706 60.94 34.95 22.42
CA ALA K 706 61.85 35.66 23.32
C ALA K 706 61.32 37.04 23.66
N TYR K 707 60.20 37.07 24.35
CA TYR K 707 59.55 38.32 24.70
C TYR K 707 60.27 39.04 25.83
N SER K 708 60.37 40.34 25.69
CA SER K 708 60.80 41.22 26.77
C SER K 708 60.21 42.58 26.53
N ASN K 709 60.34 43.48 27.50
CA ASN K 709 59.72 44.79 27.41
C ASN K 709 60.55 45.78 26.58
N ASN K 710 61.70 45.33 26.08
CA ASN K 710 62.56 46.19 25.27
C ASN K 710 63.33 45.41 24.22
N SER K 711 62.72 44.36 23.67
CA SER K 711 63.37 43.57 22.63
C SER K 711 62.46 43.34 21.45
N ILE K 712 62.97 43.63 20.27
CA ILE K 712 62.20 43.47 19.06
C ILE K 712 62.99 42.64 18.04
N ALA K 713 62.28 41.79 17.31
CA ALA K 713 62.91 41.08 16.20
C ALA K 713 62.52 41.70 14.89
N ILE K 714 63.52 41.99 14.06
CA ILE K 714 63.26 42.59 12.77
C ILE K 714 63.94 41.81 11.65
N PRO K 715 63.19 41.39 10.64
CA PRO K 715 63.63 40.69 9.45
C PRO K 715 64.73 41.44 8.76
N THR K 716 65.85 40.78 8.51
CA THR K 716 66.90 41.39 7.70
C THR K 716 66.83 40.92 6.25
N ASN K 717 65.92 39.98 5.99
CA ASN K 717 65.72 39.40 4.67
C ASN K 717 64.26 39.03 4.48
N PHE K 718 63.95 38.49 3.31
CA PHE K 718 62.60 38.05 2.98
C PHE K 718 62.65 37.01 1.88
N THR K 719 61.56 36.27 1.73
CA THR K 719 61.40 35.38 0.60
C THR K 719 60.10 35.65 -0.11
N ILE K 720 60.07 35.33 -1.39
CA ILE K 720 58.84 35.42 -2.15
C ILE K 720 58.22 34.05 -2.26
N SER K 721 57.08 33.89 -1.63
CA SER K 721 56.41 32.60 -1.58
C SER K 721 55.25 32.57 -2.53
N VAL K 722 55.08 31.45 -3.22
CA VAL K 722 53.90 31.25 -4.01
C VAL K 722 53.16 30.02 -3.54
N THR K 723 51.89 30.20 -3.20
CA THR K 723 51.08 29.09 -2.75
C THR K 723 49.88 28.91 -3.64
N THR K 724 49.33 27.70 -3.63
CA THR K 724 48.22 27.39 -4.49
C THR K 724 46.94 27.22 -3.70
N GLU K 725 45.90 27.94 -4.08
CA GLU K 725 44.59 27.74 -3.50
C GLU K 725 43.61 27.26 -4.54
N ILE K 726 42.98 26.12 -4.28
CA ILE K 726 42.11 25.51 -5.26
C ILE K 726 40.67 25.55 -4.81
N LEU K 727 39.81 26.16 -5.62
CA LEU K 727 38.41 26.26 -5.28
C LEU K 727 37.54 25.71 -6.40
N PRO K 728 36.53 24.91 -6.05
CA PRO K 728 35.42 24.52 -6.88
C PRO K 728 34.64 25.74 -7.31
N VAL K 729 34.24 25.77 -8.56
CA VAL K 729 33.41 26.85 -9.06
C VAL K 729 32.10 26.32 -9.60
N SER K 730 32.17 25.22 -10.33
CA SER K 730 30.99 24.70 -10.98
C SER K 730 30.84 23.21 -10.74
N MET K 731 29.66 22.72 -11.06
CA MET K 731 29.30 21.34 -10.87
C MET K 731 28.71 20.81 -12.17
N THR K 732 28.87 19.51 -12.42
CA THR K 732 28.32 18.94 -13.64
C THR K 732 26.83 19.26 -13.77
N LYS K 733 26.46 19.79 -14.91
CA LYS K 733 25.05 20.14 -15.14
C LYS K 733 24.26 18.94 -15.60
N THR K 734 23.79 18.16 -14.66
CA THR K 734 23.03 16.98 -15.00
C THR K 734 21.58 17.35 -15.27
N SER K 735 20.91 16.50 -16.03
CA SER K 735 19.48 16.65 -16.27
C SER K 735 18.82 15.29 -16.29
N VAL K 736 17.89 15.08 -15.38
CA VAL K 736 17.24 13.79 -15.30
C VAL K 736 15.79 13.90 -15.72
N ASP K 737 15.42 13.15 -16.74
CA ASP K 737 14.06 13.13 -17.22
C ASP K 737 13.21 12.30 -16.29
N CYS K 738 12.42 12.96 -15.43
CA CYS K 738 11.66 12.28 -14.38
C CYS K 738 10.79 11.18 -14.95
N THR K 739 9.99 11.50 -15.96
CA THR K 739 9.07 10.54 -16.52
C THR K 739 9.80 9.34 -17.09
N MET K 740 10.86 9.57 -17.83
CA MET K 740 11.59 8.45 -18.41
C MET K 740 12.31 7.62 -17.36
N TYR K 741 12.88 8.29 -16.37
CA TYR K 741 13.57 7.58 -15.30
C TYR K 741 12.63 6.60 -14.62
N ILE K 742 11.44 7.08 -14.30
CA ILE K 742 10.47 6.29 -13.55
C ILE K 742 9.75 5.26 -14.43
N CYS K 743 9.29 5.68 -15.61
CA CYS K 743 8.38 4.89 -16.43
C CYS K 743 9.00 4.41 -17.73
N GLY K 744 10.17 4.90 -18.06
CA GLY K 744 10.75 4.59 -19.36
C GLY K 744 9.82 5.07 -20.46
N ASP K 745 9.45 4.18 -21.37
CA ASP K 745 8.54 4.52 -22.44
C ASP K 745 7.17 3.86 -22.25
N SER K 746 6.88 3.47 -21.01
CA SER K 746 5.62 2.82 -20.69
C SER K 746 4.49 3.82 -20.51
N THR K 747 3.46 3.68 -21.32
CA THR K 747 2.30 4.57 -21.25
C THR K 747 1.49 4.28 -20.00
N GLU K 748 1.40 3.01 -19.64
CA GLU K 748 0.62 2.61 -18.46
C GLU K 748 1.19 3.22 -17.19
N CYS K 749 2.52 3.21 -17.06
CA CYS K 749 3.20 3.80 -15.93
C CYS K 749 3.04 5.32 -15.95
N SER K 750 3.21 5.91 -17.12
CA SER K 750 3.09 7.36 -17.25
C SER K 750 1.74 7.85 -16.76
N ASN K 751 0.68 7.13 -17.13
CA ASN K 751 -0.67 7.51 -16.71
C ASN K 751 -0.84 7.41 -15.20
N LEU K 752 -0.21 6.42 -14.59
CA LEU K 752 -0.25 6.28 -13.13
C LEU K 752 0.55 7.38 -12.47
N LEU K 753 1.64 7.77 -13.10
CA LEU K 753 2.52 8.80 -12.57
C LEU K 753 1.80 10.15 -12.48
N LEU K 754 0.84 10.38 -13.37
CA LEU K 754 0.07 11.61 -13.37
C LEU K 754 -0.79 11.74 -12.11
N GLN K 755 -1.02 10.63 -11.43
CA GLN K 755 -1.86 10.64 -10.24
C GLN K 755 -1.15 11.29 -9.08
N TYR K 756 0.16 11.50 -9.24
CA TYR K 756 0.96 12.06 -8.17
C TYR K 756 1.11 13.56 -8.33
N GLY K 757 0.45 14.13 -9.31
CA GLY K 757 0.49 15.56 -9.51
C GLY K 757 1.73 16.00 -10.26
N SER K 758 2.36 17.05 -9.76
CA SER K 758 3.41 17.74 -10.48
C SER K 758 4.81 17.46 -9.93
N PHE K 759 4.95 16.37 -9.19
CA PHE K 759 6.24 16.04 -8.61
C PHE K 759 7.37 16.04 -9.66
N CYS K 760 7.11 15.47 -10.84
CA CYS K 760 8.09 15.44 -11.91
C CYS K 760 8.41 16.83 -12.43
N THR K 761 7.42 17.71 -12.43
CA THR K 761 7.65 19.07 -12.87
C THR K 761 8.57 19.78 -11.88
N GLN K 762 8.34 19.54 -10.59
CA GLN K 762 9.16 20.11 -9.55
C GLN K 762 10.60 19.63 -9.65
N LEU K 763 10.77 18.34 -9.89
CA LEU K 763 12.08 17.74 -9.93
C LEU K 763 12.86 18.19 -11.16
N ASN K 764 12.18 18.28 -12.29
CA ASN K 764 12.81 18.75 -13.51
C ASN K 764 13.21 20.21 -13.35
N ARG K 765 12.36 20.97 -12.67
CA ARG K 765 12.59 22.37 -12.42
C ARG K 765 13.77 22.60 -11.49
N ALA K 766 13.85 21.79 -10.43
CA ALA K 766 14.93 21.91 -9.46
C ALA K 766 16.28 21.68 -10.11
N LEU K 767 16.38 20.65 -10.96
CA LEU K 767 17.62 20.34 -11.61
C LEU K 767 17.97 21.39 -12.66
N THR K 768 16.95 21.94 -13.31
CA THR K 768 17.18 23.01 -14.27
C THR K 768 17.75 24.22 -13.56
N GLY K 769 17.20 24.55 -12.41
CA GLY K 769 17.68 25.68 -11.62
C GLY K 769 19.15 25.50 -11.24
N ILE K 770 19.50 24.27 -10.86
CA ILE K 770 20.89 23.98 -10.52
C ILE K 770 21.79 24.16 -11.73
N ALA K 771 21.36 23.61 -12.86
CA ALA K 771 22.16 23.68 -14.08
C ALA K 771 22.45 25.12 -14.47
N VAL K 772 21.45 25.98 -14.34
CA VAL K 772 21.64 27.38 -14.66
C VAL K 772 22.61 28.04 -13.71
N GLU K 773 22.48 27.75 -12.43
CA GLU K 773 23.38 28.29 -11.43
C GLU K 773 24.84 28.04 -11.78
N GLN K 774 25.12 26.86 -12.32
CA GLN K 774 26.49 26.47 -12.60
C GLN K 774 27.14 27.39 -13.62
N ASP K 775 26.36 27.92 -14.54
CA ASP K 775 26.91 28.85 -15.52
C ASP K 775 27.08 30.23 -14.88
N LYS K 776 26.16 30.55 -13.98
CA LYS K 776 26.27 31.78 -13.22
C LYS K 776 27.52 31.78 -12.35
N ASN K 777 27.80 30.64 -11.72
CA ASN K 777 28.97 30.52 -10.85
C ASN K 777 30.25 30.76 -11.63
N THR K 778 30.35 30.15 -12.79
CA THR K 778 31.53 30.30 -13.62
C THR K 778 31.68 31.73 -14.08
N GLN K 779 30.59 32.34 -14.48
CA GLN K 779 30.61 33.70 -14.96
C GLN K 779 31.05 34.67 -13.88
N GLU K 780 30.55 34.46 -12.66
CA GLU K 780 30.88 35.33 -11.54
C GLU K 780 32.37 35.32 -11.23
N VAL K 781 33.00 34.16 -11.39
CA VAL K 781 34.41 34.02 -11.07
C VAL K 781 35.31 34.55 -12.18
N PHE K 782 35.03 34.16 -13.42
CA PHE K 782 35.97 34.39 -14.50
C PHE K 782 35.65 35.62 -15.35
N ALA K 783 34.37 35.89 -15.56
CA ALA K 783 33.99 37.00 -16.43
C ALA K 783 33.93 38.31 -15.66
N GLN K 784 35.08 38.69 -15.09
CA GLN K 784 35.15 39.89 -14.27
C GLN K 784 35.84 41.03 -14.99
N VAL K 785 36.23 40.79 -16.23
CA VAL K 785 37.01 41.77 -16.97
C VAL K 785 36.22 42.32 -18.15
N LYS K 786 36.22 43.63 -18.29
CA LYS K 786 35.46 44.30 -19.35
C LYS K 786 36.05 44.04 -20.73
N GLN K 787 37.38 44.00 -20.80
CA GLN K 787 38.07 43.78 -22.06
C GLN K 787 39.00 42.59 -21.98
N ILE K 788 39.29 42.00 -23.12
CA ILE K 788 40.25 40.93 -23.18
C ILE K 788 41.65 41.48 -23.38
N TYR K 789 42.42 41.49 -22.32
CA TYR K 789 43.74 42.09 -22.36
C TYR K 789 44.77 41.10 -22.87
N LYS K 790 45.77 41.62 -23.54
CA LYS K 790 46.82 40.75 -24.09
C LYS K 790 48.16 41.26 -23.58
N THR K 791 49.10 40.34 -23.38
CA THR K 791 50.46 40.71 -23.04
C THR K 791 51.19 41.12 -24.30
N PRO K 792 52.28 41.89 -24.17
CA PRO K 792 53.18 42.26 -25.24
C PRO K 792 53.91 41.03 -25.78
N PRO K 793 54.27 41.06 -27.06
CA PRO K 793 55.14 40.11 -27.75
C PRO K 793 56.47 39.93 -27.05
N ILE K 794 56.96 41.00 -26.42
CA ILE K 794 58.23 40.95 -25.71
C ILE K 794 58.01 40.87 -24.21
N LYS K 795 58.34 39.72 -23.64
CA LYS K 795 58.09 39.47 -22.23
C LYS K 795 59.20 40.05 -21.36
N ASP K 796 59.32 41.37 -21.35
CA ASP K 796 60.32 42.03 -20.52
C ASP K 796 59.67 42.67 -19.31
N PHE K 797 59.77 41.99 -18.18
CA PHE K 797 59.12 42.44 -16.97
C PHE K 797 60.15 42.67 -15.88
N GLY K 798 61.38 42.95 -16.30
CA GLY K 798 62.45 43.27 -15.37
C GLY K 798 63.04 42.04 -14.71
N GLY K 799 62.96 40.90 -15.38
CA GLY K 799 63.50 39.66 -14.84
C GLY K 799 62.42 38.73 -14.34
N PHE K 800 61.20 39.23 -14.25
CA PHE K 800 60.08 38.42 -13.78
C PHE K 800 59.53 37.56 -14.93
N ASN K 801 59.49 36.26 -14.71
CA ASN K 801 59.15 35.27 -15.72
C ASN K 801 57.77 34.66 -15.45
N PHE K 802 56.82 34.91 -16.36
CA PHE K 802 55.44 34.46 -16.21
C PHE K 802 55.08 33.39 -17.21
N SER K 803 56.09 32.76 -17.79
CA SER K 803 55.88 31.79 -18.87
C SER K 803 55.07 30.57 -18.45
N GLN K 804 55.03 30.29 -17.15
CA GLN K 804 54.33 29.11 -16.68
C GLN K 804 52.87 29.39 -16.36
N ILE K 805 52.49 30.66 -16.34
CA ILE K 805 51.11 31.02 -16.07
C ILE K 805 50.44 31.64 -17.28
N LEU K 806 51.26 32.14 -18.21
CA LEU K 806 50.73 32.68 -19.46
C LEU K 806 50.48 31.55 -20.44
N PRO K 807 49.54 31.73 -21.37
CA PRO K 807 49.16 30.78 -22.39
C PRO K 807 50.35 30.31 -23.20
N ASP K 808 50.41 29.02 -23.46
CA ASP K 808 51.44 28.45 -24.32
C ASP K 808 50.91 28.32 -25.74
N PRO K 809 51.37 29.19 -26.66
CA PRO K 809 50.84 29.39 -28.00
C PRO K 809 51.09 28.19 -28.89
N SER K 810 51.96 27.27 -28.45
CA SER K 810 52.30 26.11 -29.25
C SER K 810 51.24 25.02 -29.10
N LYS K 811 50.36 25.18 -28.13
CA LYS K 811 49.30 24.19 -27.90
C LYS K 811 47.95 24.74 -28.37
N PRO K 812 47.16 23.94 -29.09
CA PRO K 812 45.84 24.23 -29.60
C PRO K 812 44.89 24.75 -28.52
N SER K 813 45.07 24.26 -27.30
CA SER K 813 44.20 24.64 -26.19
C SER K 813 44.49 26.02 -25.64
N LYS K 814 45.65 26.57 -26.00
CA LYS K 814 46.07 27.88 -25.52
C LYS K 814 46.02 27.96 -24.00
N ARG K 815 46.50 26.92 -23.33
CA ARG K 815 46.59 26.91 -21.88
C ARG K 815 48.02 27.20 -21.46
N SER K 816 48.18 27.70 -20.25
CA SER K 816 49.51 27.82 -19.68
C SER K 816 50.00 26.42 -19.35
N PRO K 817 51.32 26.23 -19.20
CA PRO K 817 51.97 25.02 -18.71
C PRO K 817 51.35 24.52 -17.41
N ILE K 818 50.99 25.43 -16.52
CA ILE K 818 50.35 25.04 -15.27
C ILE K 818 48.89 24.64 -15.49
N GLU K 819 48.16 25.41 -16.29
CA GLU K 819 46.79 25.07 -16.59
C GLU K 819 46.70 23.72 -17.29
N ASP K 820 47.64 23.46 -18.18
CA ASP K 820 47.67 22.19 -18.89
C ASP K 820 47.86 21.04 -17.91
N LEU K 821 48.73 21.25 -16.93
CA LEU K 821 48.95 20.27 -15.88
C LEU K 821 47.68 20.06 -15.06
N LEU K 822 47.00 21.14 -14.71
CA LEU K 822 45.80 21.05 -13.88
C LEU K 822 44.72 20.25 -14.58
N PHE K 823 44.56 20.48 -15.88
CA PHE K 823 43.53 19.80 -16.65
C PHE K 823 43.85 18.32 -16.85
N ASN K 824 45.14 17.99 -16.91
CA ASN K 824 45.56 16.60 -17.04
C ASN K 824 45.34 15.84 -15.74
N LYS K 825 45.50 16.53 -14.61
CA LYS K 825 45.31 15.90 -13.31
C LYS K 825 43.85 15.57 -13.02
N VAL K 826 42.94 16.48 -13.40
CA VAL K 826 41.50 16.28 -13.23
C VAL K 826 40.79 16.54 -14.55
N ILE K 850 29.05 6.80 -18.95
CA ILE K 850 28.10 7.88 -19.22
C ILE K 850 26.85 7.35 -19.94
N CYS K 851 27.06 6.45 -20.91
CA CYS K 851 25.97 5.90 -21.72
C CYS K 851 24.98 5.10 -20.88
N ALA K 852 25.49 4.36 -19.90
CA ALA K 852 24.64 3.56 -19.02
C ALA K 852 23.66 4.46 -18.27
N GLN K 853 24.11 5.68 -17.96
CA GLN K 853 23.28 6.65 -17.28
C GLN K 853 22.32 7.30 -18.27
N LYS K 854 22.86 7.74 -19.41
CA LYS K 854 22.06 8.41 -20.43
C LYS K 854 20.89 7.56 -20.87
N PHE K 855 21.11 6.26 -20.98
CA PHE K 855 20.09 5.36 -21.49
C PHE K 855 18.89 5.30 -20.56
N ASN K 856 19.02 5.87 -19.36
CA ASN K 856 17.93 5.89 -18.40
C ASN K 856 17.36 7.29 -18.21
N GLY K 857 17.68 8.19 -19.13
CA GLY K 857 17.13 9.54 -19.12
C GLY K 857 18.01 10.53 -18.36
N LEU K 858 19.25 10.11 -18.07
CA LEU K 858 20.18 10.97 -17.33
C LEU K 858 21.19 11.60 -18.26
N THR K 859 20.99 12.85 -18.63
CA THR K 859 21.87 13.49 -19.59
C THR K 859 22.76 14.52 -18.92
N VAL K 860 23.80 14.94 -19.61
CA VAL K 860 24.66 15.99 -19.13
C VAL K 860 24.69 17.15 -20.11
N LEU K 861 24.42 18.34 -19.60
CA LEU K 861 24.45 19.53 -20.42
C LEU K 861 25.83 20.16 -20.38
N PRO K 862 26.32 20.69 -21.49
CA PRO K 862 27.58 21.39 -21.61
C PRO K 862 27.47 22.75 -20.94
N PRO K 863 28.54 23.20 -20.30
CA PRO K 863 28.76 24.53 -19.78
C PRO K 863 28.60 25.56 -20.87
N LEU K 864 28.05 26.72 -20.51
CA LEU K 864 27.91 27.79 -21.48
C LEU K 864 29.27 28.25 -21.95
N LEU K 865 30.21 28.40 -21.02
CA LEU K 865 31.57 28.74 -21.37
C LEU K 865 32.41 27.49 -21.50
N THR K 866 33.06 27.35 -22.64
CA THR K 866 33.95 26.23 -22.86
C THR K 866 35.23 26.44 -22.09
N ASP K 867 36.04 25.39 -21.98
CA ASP K 867 37.31 25.50 -21.29
C ASP K 867 38.22 26.53 -21.96
N GLU K 868 38.12 26.63 -23.28
CA GLU K 868 38.92 27.60 -24.08
C GLU K 868 38.48 29.03 -23.78
N MET K 869 37.19 29.25 -23.55
CA MET K 869 36.70 30.57 -23.19
C MET K 869 37.12 30.96 -21.79
N ILE K 870 37.09 29.99 -20.88
CA ILE K 870 37.50 30.24 -19.51
C ILE K 870 38.99 30.56 -19.46
N ALA K 871 39.78 29.83 -20.23
CA ALA K 871 41.20 30.08 -20.33
C ALA K 871 41.47 31.48 -20.90
N GLN K 872 40.62 31.91 -21.83
CA GLN K 872 40.74 33.25 -22.40
C GLN K 872 40.45 34.32 -21.36
N TYR K 873 39.46 34.08 -20.50
CA TYR K 873 39.19 35.01 -19.42
C TYR K 873 40.37 35.07 -18.47
N THR K 874 40.93 33.91 -18.17
CA THR K 874 42.04 33.84 -17.24
C THR K 874 43.25 34.56 -17.80
N SER K 875 43.55 34.35 -19.07
CA SER K 875 44.70 34.99 -19.68
C SER K 875 44.50 36.50 -19.77
N ALA K 876 43.26 36.93 -19.95
CA ALA K 876 42.95 38.35 -19.95
C ALA K 876 43.24 38.96 -18.59
N LEU K 877 42.86 38.24 -17.54
CA LEU K 877 43.09 38.69 -16.18
C LEU K 877 44.58 38.74 -15.88
N LEU K 878 45.34 37.76 -16.38
CA LEU K 878 46.77 37.74 -16.18
C LEU K 878 47.43 38.89 -16.90
N ALA K 879 47.00 39.13 -18.14
CA ALA K 879 47.58 40.19 -18.94
C ALA K 879 47.32 41.53 -18.28
N GLY K 880 46.11 41.71 -17.75
CA GLY K 880 45.75 42.94 -17.08
C GLY K 880 46.61 43.14 -15.86
N THR K 881 46.73 42.10 -15.04
CA THR K 881 47.49 42.17 -13.81
C THR K 881 48.95 42.48 -14.07
N ILE K 882 49.52 41.84 -15.09
CA ILE K 882 50.93 41.98 -15.38
C ILE K 882 51.28 43.32 -15.97
N THR K 883 50.41 43.87 -16.82
CA THR K 883 50.74 45.10 -17.53
C THR K 883 50.17 46.36 -16.91
N SER K 884 49.11 46.24 -16.12
CA SER K 884 48.45 47.43 -15.57
C SER K 884 48.15 47.31 -14.08
N GLY K 885 48.65 46.27 -13.44
CA GLY K 885 48.45 46.09 -12.01
C GLY K 885 46.98 45.97 -11.65
N TRP K 886 46.54 46.77 -10.69
CA TRP K 886 45.16 46.72 -10.25
C TRP K 886 44.28 47.76 -10.91
N THR K 887 44.85 48.56 -11.78
CA THR K 887 44.10 49.68 -12.34
C THR K 887 42.97 49.21 -13.25
N PHE K 888 43.20 48.10 -13.96
CA PHE K 888 42.21 47.60 -14.90
C PHE K 888 41.01 47.03 -14.20
N GLY K 889 41.14 46.78 -12.90
CA GLY K 889 40.06 46.24 -12.12
C GLY K 889 39.20 47.35 -11.52
N ALA K 890 39.61 48.60 -11.72
CA ALA K 890 38.90 49.73 -11.17
C ALA K 890 38.30 50.59 -12.28
N GLY K 891 39.11 50.85 -13.30
CA GLY K 891 38.69 51.64 -14.44
C GLY K 891 39.40 51.15 -15.69
N PRO K 892 40.00 52.06 -16.46
CA PRO K 892 40.78 51.77 -17.65
C PRO K 892 42.11 51.15 -17.23
N ALA K 893 42.65 50.31 -18.08
CA ALA K 893 43.92 49.67 -17.76
C ALA K 893 45.06 50.64 -17.99
N LEU K 894 45.75 50.99 -16.93
CA LEU K 894 46.84 51.95 -16.99
C LEU K 894 48.16 51.21 -16.96
N GLN K 895 48.93 51.29 -18.04
CA GLN K 895 50.17 50.54 -18.10
C GLN K 895 51.15 51.04 -17.06
N ILE K 896 51.94 50.12 -16.55
CA ILE K 896 52.99 50.42 -15.61
C ILE K 896 54.06 49.32 -15.74
N PRO K 897 55.35 49.65 -15.68
CA PRO K 897 56.45 48.72 -15.66
C PRO K 897 56.26 47.73 -14.53
N PHE K 898 56.52 46.45 -14.79
CA PHE K 898 56.24 45.45 -13.77
C PHE K 898 57.00 45.69 -12.46
N PRO K 899 58.30 45.99 -12.49
CA PRO K 899 59.13 46.27 -11.33
C PRO K 899 58.54 47.41 -10.51
N MET K 900 57.95 48.39 -11.18
CA MET K 900 57.34 49.52 -10.52
C MET K 900 56.04 49.12 -9.86
N GLN K 901 55.31 48.24 -10.53
CA GLN K 901 54.09 47.68 -9.97
C GLN K 901 54.41 46.88 -8.72
N MET K 902 55.50 46.13 -8.75
CA MET K 902 55.89 45.35 -7.60
C MET K 902 56.31 46.26 -6.46
N ALA K 903 56.95 47.37 -6.80
CA ALA K 903 57.35 48.36 -5.81
C ALA K 903 56.13 48.94 -5.10
N TYR K 904 55.05 49.15 -5.86
CA TYR K 904 53.81 49.64 -5.26
C TYR K 904 53.26 48.61 -4.29
N ARG K 905 53.36 47.35 -4.68
CA ARG K 905 52.84 46.27 -3.86
C ARG K 905 53.69 46.05 -2.61
N PHE K 906 54.96 46.42 -2.69
CA PHE K 906 55.81 46.41 -1.50
C PHE K 906 55.37 47.50 -0.52
N ASN K 907 55.05 48.68 -1.05
CA ASN K 907 54.53 49.75 -0.21
C ASN K 907 53.23 49.32 0.45
N GLY K 908 52.45 48.53 -0.28
CA GLY K 908 51.17 48.05 0.20
C GLY K 908 51.29 47.10 1.39
N ILE K 909 52.50 46.62 1.66
CA ILE K 909 52.70 45.73 2.80
C ILE K 909 53.63 46.37 3.82
N GLY K 910 53.83 47.67 3.70
CA GLY K 910 54.60 48.41 4.68
C GLY K 910 56.10 48.25 4.49
N VAL K 911 56.52 48.01 3.26
CA VAL K 911 57.93 47.88 2.93
C VAL K 911 58.28 48.93 1.87
N THR K 912 59.36 49.66 2.07
CA THR K 912 59.66 50.77 1.17
C THR K 912 60.00 50.28 -0.23
N GLN K 913 59.77 51.14 -1.21
CA GLN K 913 59.94 50.78 -2.61
C GLN K 913 61.40 50.54 -2.98
N ASN K 914 62.31 51.12 -2.22
CA ASN K 914 63.71 50.95 -2.52
C ASN K 914 64.17 49.53 -2.18
N VAL K 915 63.42 48.84 -1.33
CA VAL K 915 63.73 47.46 -1.01
C VAL K 915 63.48 46.58 -2.22
N LEU K 916 62.45 46.91 -2.98
CA LEU K 916 62.17 46.21 -4.22
C LEU K 916 63.28 46.47 -5.23
N TYR K 917 63.57 47.74 -5.45
CA TYR K 917 64.47 48.14 -6.53
C TYR K 917 65.91 47.71 -6.26
N GLU K 918 66.30 47.69 -5.01
CA GLU K 918 67.67 47.34 -4.66
C GLU K 918 67.86 45.84 -4.58
N ASN K 919 66.76 45.10 -4.70
CA ASN K 919 66.80 43.65 -4.64
C ASN K 919 66.04 43.05 -5.80
N GLN K 920 65.89 43.81 -6.87
CA GLN K 920 65.04 43.40 -7.97
C GLN K 920 65.35 42.04 -8.57
N LYS K 921 66.63 41.74 -8.75
CA LYS K 921 67.01 40.47 -9.34
C LYS K 921 66.82 39.31 -8.37
N LEU K 922 67.07 39.58 -7.10
CA LEU K 922 66.85 38.58 -6.06
C LEU K 922 65.37 38.26 -6.04
N ILE K 923 64.54 39.29 -6.06
CA ILE K 923 63.10 39.13 -5.97
C ILE K 923 62.57 38.42 -7.20
N ALA K 924 63.03 38.83 -8.37
CA ALA K 924 62.63 38.18 -9.60
C ALA K 924 63.04 36.72 -9.60
N ASN K 925 64.21 36.43 -9.04
CA ASN K 925 64.70 35.07 -8.99
C ASN K 925 63.92 34.22 -7.99
N GLN K 926 63.60 34.79 -6.84
CA GLN K 926 62.81 34.08 -5.85
C GLN K 926 61.42 33.81 -6.40
N PHE K 927 60.88 34.78 -7.11
CA PHE K 927 59.58 34.63 -7.74
C PHE K 927 59.59 33.54 -8.79
N ASN K 928 60.58 33.61 -9.68
CA ASN K 928 60.66 32.65 -10.78
C ASN K 928 60.84 31.24 -10.25
N SER K 929 61.63 31.11 -9.20
CA SER K 929 61.85 29.83 -8.57
C SER K 929 60.58 29.29 -7.94
N ALA K 930 59.86 30.15 -7.24
CA ALA K 930 58.62 29.76 -6.59
C ALA K 930 57.58 29.28 -7.59
N ILE K 931 57.49 29.95 -8.73
CA ILE K 931 56.55 29.53 -9.76
C ILE K 931 56.92 28.16 -10.31
N GLY K 932 58.21 27.95 -10.55
CA GLY K 932 58.68 26.66 -11.03
C GLY K 932 58.34 25.55 -10.04
N LYS K 933 58.45 25.86 -8.75
CA LYS K 933 58.13 24.89 -7.71
C LYS K 933 56.66 24.50 -7.74
N ILE K 934 55.79 25.45 -8.09
CA ILE K 934 54.36 25.17 -8.15
C ILE K 934 54.06 24.07 -9.14
N GLN K 935 54.64 24.17 -10.32
CA GLN K 935 54.40 23.19 -11.36
C GLN K 935 54.88 21.82 -10.92
N ASP K 936 56.03 21.77 -10.25
CA ASP K 936 56.59 20.51 -9.76
C ASP K 936 55.76 19.95 -8.62
N SER K 937 55.28 20.83 -7.75
CA SER K 937 54.49 20.42 -6.61
C SER K 937 53.20 19.78 -7.05
N LEU K 938 52.52 20.39 -8.02
CA LEU K 938 51.29 19.85 -8.54
C LEU K 938 51.52 18.53 -9.25
N SER K 939 52.56 18.48 -10.06
CA SER K 939 52.85 17.30 -10.87
C SER K 939 53.10 16.08 -10.01
N SER K 940 53.85 16.27 -8.92
CA SER K 940 54.25 15.16 -8.06
C SER K 940 53.27 14.87 -6.93
N THR K 941 52.16 15.61 -6.89
CA THR K 941 51.17 15.42 -5.83
C THR K 941 49.76 15.23 -6.38
N PRO K 942 49.37 13.99 -6.66
CA PRO K 942 48.10 13.57 -7.24
C PRO K 942 46.90 14.07 -6.42
N SER K 943 47.11 14.29 -5.13
CA SER K 943 46.05 14.71 -4.23
C SER K 943 45.88 16.22 -4.22
N ALA K 944 46.73 16.92 -4.96
CA ALA K 944 46.75 18.37 -4.94
C ALA K 944 45.41 18.95 -5.34
N LEU K 945 44.72 18.29 -6.27
CA LEU K 945 43.46 18.79 -6.77
C LEU K 945 42.30 18.00 -6.20
N GLY K 946 42.50 17.44 -5.01
CA GLY K 946 41.47 16.65 -4.36
C GLY K 946 40.16 17.40 -4.21
N LYS K 947 40.24 18.71 -3.98
CA LYS K 947 39.03 19.50 -3.81
C LYS K 947 38.14 19.48 -5.05
N LEU K 948 38.73 19.42 -6.22
CA LEU K 948 37.95 19.40 -7.45
C LEU K 948 37.53 17.98 -7.78
N GLN K 949 38.40 17.03 -7.46
CA GLN K 949 38.10 15.63 -7.71
C GLN K 949 36.97 15.15 -6.82
N ASP K 950 36.91 15.69 -5.60
CA ASP K 950 35.86 15.34 -4.66
C ASP K 950 34.49 15.72 -5.20
N VAL K 951 34.42 16.85 -5.87
CA VAL K 951 33.16 17.30 -6.44
C VAL K 951 32.73 16.37 -7.55
N VAL K 952 33.67 15.98 -8.39
CA VAL K 952 33.40 15.06 -9.47
C VAL K 952 32.95 13.71 -8.93
N ASN K 953 33.62 13.23 -7.89
CA ASN K 953 33.33 11.92 -7.31
C ASN K 953 31.98 11.89 -6.63
N GLN K 954 31.62 12.96 -5.94
CA GLN K 954 30.34 13.02 -5.24
C GLN K 954 29.18 12.98 -6.21
N ASN K 955 29.31 13.69 -7.32
CA ASN K 955 28.24 13.75 -8.30
C ASN K 955 28.14 12.47 -9.11
N ALA K 956 29.29 11.88 -9.44
CA ALA K 956 29.30 10.63 -10.16
C ALA K 956 28.68 9.53 -9.31
N GLN K 957 28.98 9.57 -8.02
CA GLN K 957 28.43 8.61 -7.09
C GLN K 957 26.93 8.76 -6.96
N ALA K 958 26.47 10.01 -6.90
CA ALA K 958 25.04 10.28 -6.80
C ALA K 958 24.28 9.76 -8.01
N LEU K 959 24.85 9.95 -9.19
CA LEU K 959 24.21 9.46 -10.41
C LEU K 959 24.22 7.94 -10.46
N ASN K 960 25.32 7.34 -10.05
CA ASN K 960 25.43 5.90 -10.09
C ASN K 960 24.43 5.27 -9.14
N THR K 961 24.26 5.90 -7.99
CA THR K 961 23.28 5.42 -7.03
C THR K 961 21.87 5.54 -7.58
N LEU K 962 21.59 6.67 -8.21
CA LEU K 962 20.28 6.90 -8.78
C LEU K 962 19.96 5.84 -9.83
N VAL K 963 20.93 5.54 -10.67
CA VAL K 963 20.73 4.53 -11.71
C VAL K 963 20.52 3.15 -11.12
N LYS K 964 21.32 2.79 -10.13
CA LYS K 964 21.22 1.48 -9.51
C LYS K 964 19.88 1.27 -8.81
N GLN K 965 19.23 2.35 -8.40
CA GLN K 965 17.93 2.24 -7.76
C GLN K 965 16.88 1.69 -8.73
N LEU K 966 17.17 1.73 -10.02
CA LEU K 966 16.23 1.22 -11.02
C LEU K 966 16.22 -0.31 -11.03
N SER K 967 17.15 -0.91 -10.29
CA SER K 967 17.21 -2.36 -10.19
C SER K 967 16.47 -2.86 -8.96
N SER K 968 15.94 -1.95 -8.16
CA SER K 968 15.22 -2.32 -6.95
C SER K 968 13.77 -2.68 -7.25
N ASN K 969 13.28 -3.70 -6.57
CA ASN K 969 11.91 -4.14 -6.73
C ASN K 969 10.95 -3.24 -5.98
N PHE K 970 11.39 -2.75 -4.83
CA PHE K 970 10.54 -1.94 -3.97
C PHE K 970 9.27 -2.68 -3.57
N GLY K 971 9.33 -4.00 -3.55
CA GLY K 971 8.20 -4.82 -3.16
C GLY K 971 7.45 -5.39 -4.36
N ALA K 972 7.79 -4.91 -5.54
CA ALA K 972 7.17 -5.40 -6.76
C ALA K 972 7.73 -6.76 -7.13
N ILE K 973 7.00 -7.48 -7.98
CA ILE K 973 7.46 -8.78 -8.48
C ILE K 973 8.71 -8.65 -9.32
N SER K 974 8.95 -7.47 -9.85
CA SER K 974 10.12 -7.23 -10.70
C SER K 974 10.51 -5.77 -10.72
N SER K 975 11.81 -5.52 -10.86
CA SER K 975 12.32 -4.17 -11.03
C SER K 975 12.18 -3.73 -12.48
N VAL K 976 11.87 -4.68 -13.36
CA VAL K 976 11.74 -4.40 -14.78
C VAL K 976 10.29 -4.15 -15.13
N LEU K 977 10.00 -2.94 -15.56
CA LEU K 977 8.65 -2.52 -15.83
C LEU K 977 8.03 -3.31 -16.97
N ASN K 978 8.84 -3.64 -17.96
CA ASN K 978 8.36 -4.38 -19.12
C ASN K 978 7.96 -5.80 -18.77
N ASP K 979 8.60 -6.38 -17.76
CA ASP K 979 8.27 -7.74 -17.34
C ASP K 979 6.92 -7.75 -16.65
N ILE K 980 6.65 -6.72 -15.87
CA ILE K 980 5.37 -6.60 -15.20
C ILE K 980 4.25 -6.46 -16.23
N LEU K 981 4.49 -5.62 -17.23
CA LEU K 981 3.50 -5.34 -18.25
C LEU K 981 3.24 -6.53 -19.16
N SER K 982 4.27 -7.33 -19.41
CA SER K 982 4.13 -8.49 -20.28
C SER K 982 3.47 -9.66 -19.56
N ARG K 983 3.55 -9.68 -18.24
CA ARG K 983 2.97 -10.78 -17.46
C ARG K 983 1.55 -10.49 -17.00
N LEU K 984 1.32 -9.31 -16.46
CA LEU K 984 0.05 -9.03 -15.78
C LEU K 984 -0.89 -8.17 -16.61
N ASP K 985 -2.18 -8.35 -16.38
CA ASP K 985 -3.21 -7.45 -16.89
C ASP K 985 -3.24 -6.19 -16.04
N PRO K 986 -3.69 -5.06 -16.59
CA PRO K 986 -3.72 -3.75 -15.96
C PRO K 986 -4.17 -3.75 -14.48
N PRO K 987 -5.27 -4.42 -14.11
CA PRO K 987 -5.82 -4.43 -12.77
C PRO K 987 -4.79 -4.87 -11.74
N GLU K 988 -3.87 -5.75 -12.16
CA GLU K 988 -2.84 -6.25 -11.27
C GLU K 988 -1.50 -5.59 -11.55
N ALA K 989 -1.28 -5.22 -12.80
CA ALA K 989 -0.04 -4.58 -13.20
C ALA K 989 0.09 -3.25 -12.50
N GLU K 990 -1.02 -2.54 -12.34
CA GLU K 990 -1.02 -1.23 -11.73
C GLU K 990 -0.54 -1.29 -10.29
N VAL K 991 -0.85 -2.37 -9.60
CA VAL K 991 -0.41 -2.54 -8.23
C VAL K 991 1.11 -2.69 -8.17
N GLN K 992 1.65 -3.49 -9.06
CA GLN K 992 3.09 -3.72 -9.10
C GLN K 992 3.81 -2.47 -9.56
N ILE K 993 3.21 -1.75 -10.50
CA ILE K 993 3.81 -0.55 -11.05
C ILE K 993 3.80 0.56 -10.01
N ASP K 994 2.69 0.67 -9.28
CA ASP K 994 2.57 1.65 -8.21
C ASP K 994 3.75 1.54 -7.25
N ARG K 995 4.14 0.30 -6.94
CA ARG K 995 5.26 0.08 -6.04
C ARG K 995 6.56 0.59 -6.64
N LEU K 996 6.74 0.38 -7.95
CA LEU K 996 7.95 0.87 -8.61
C LEU K 996 7.96 2.38 -8.72
N ILE K 997 6.80 2.96 -9.00
CA ILE K 997 6.72 4.41 -9.11
C ILE K 997 7.05 5.07 -7.80
N THR K 998 6.50 4.55 -6.72
CA THR K 998 6.77 5.10 -5.41
C THR K 998 8.25 5.04 -5.08
N GLY K 999 8.86 3.89 -5.33
CA GLY K 999 10.26 3.70 -5.02
C GLY K 999 11.16 4.55 -5.90
N ARG K 1000 10.85 4.62 -7.18
CA ARG K 1000 11.67 5.35 -8.12
C ARG K 1000 11.51 6.86 -7.94
N LEU K 1001 10.31 7.31 -7.58
CA LEU K 1001 10.06 8.75 -7.31
C LEU K 1001 10.78 9.15 -6.03
N GLN K 1002 10.76 8.27 -5.05
CA GLN K 1002 11.46 8.54 -3.82
C GLN K 1002 12.97 8.61 -4.05
N SER K 1003 13.47 7.73 -4.91
CA SER K 1003 14.89 7.70 -5.23
C SER K 1003 15.31 8.97 -5.94
N LEU K 1004 14.45 9.43 -6.84
CA LEU K 1004 14.73 10.63 -7.61
C LEU K 1004 14.63 11.88 -6.74
N GLN K 1005 13.71 11.94 -5.78
CA GLN K 1005 13.53 13.09 -4.86
C GLN K 1005 14.72 13.14 -3.91
N THR K 1006 15.26 11.98 -3.57
CA THR K 1006 16.45 11.95 -2.75
C THR K 1006 17.64 12.54 -3.51
N TYR K 1007 17.78 12.12 -4.77
CA TYR K 1007 18.85 12.63 -5.61
C TYR K 1007 18.78 14.13 -5.74
N VAL K 1008 17.62 14.65 -6.10
CA VAL K 1008 17.47 16.08 -6.33
C VAL K 1008 17.72 16.88 -5.07
N THR K 1009 17.22 16.41 -3.94
CA THR K 1009 17.42 17.11 -2.69
C THR K 1009 18.90 17.24 -2.38
N GLN K 1010 19.63 16.13 -2.53
CA GLN K 1010 21.10 16.14 -2.29
C GLN K 1010 21.83 17.00 -3.32
N GLN K 1011 21.32 17.12 -4.55
CA GLN K 1011 21.94 17.98 -5.54
C GLN K 1011 21.72 19.45 -5.21
N LEU K 1012 20.55 19.77 -4.65
CA LEU K 1012 20.27 21.14 -4.26
C LEU K 1012 21.16 21.57 -3.11
N ILE K 1013 21.34 20.68 -2.15
CA ILE K 1013 22.20 20.97 -1.01
C ILE K 1013 23.65 21.09 -1.45
N ARG K 1014 24.08 20.18 -2.30
CA ARG K 1014 25.43 20.20 -2.82
C ARG K 1014 25.67 21.41 -3.70
N ALA K 1015 24.66 21.78 -4.50
CA ALA K 1015 24.76 22.94 -5.35
C ALA K 1015 24.98 24.19 -4.51
N ALA K 1016 24.31 24.26 -3.37
CA ALA K 1016 24.44 25.40 -2.48
C ALA K 1016 25.86 25.52 -1.97
N GLU K 1017 26.48 24.38 -1.68
CA GLU K 1017 27.88 24.38 -1.25
C GLU K 1017 28.80 24.88 -2.35
N ILE K 1018 28.56 24.42 -3.58
CA ILE K 1018 29.36 24.85 -4.72
C ILE K 1018 29.17 26.33 -4.96
N ARG K 1019 27.95 26.82 -4.82
CA ARG K 1019 27.68 28.23 -5.00
C ARG K 1019 28.50 29.06 -4.01
N ALA K 1020 28.53 28.63 -2.76
CA ALA K 1020 29.30 29.32 -1.75
C ALA K 1020 30.78 29.33 -2.10
N SER K 1021 31.26 28.21 -2.63
CA SER K 1021 32.65 28.11 -3.04
C SER K 1021 32.93 29.05 -4.21
N ALA K 1022 32.01 29.09 -5.17
CA ALA K 1022 32.14 29.97 -6.31
C ALA K 1022 32.11 31.43 -5.89
N ASN K 1023 31.28 31.73 -4.89
CA ASN K 1023 31.19 33.10 -4.39
C ASN K 1023 32.50 33.51 -3.73
N LEU K 1024 33.11 32.58 -3.02
CA LEU K 1024 34.40 32.83 -2.41
C LEU K 1024 35.47 33.02 -3.47
N ALA K 1025 35.42 32.18 -4.50
CA ALA K 1025 36.37 32.27 -5.60
C ALA K 1025 36.24 33.59 -6.33
N ALA K 1026 35.01 34.04 -6.52
CA ALA K 1026 34.76 35.31 -7.17
C ALA K 1026 35.28 36.45 -6.32
N THR K 1027 35.12 36.34 -5.01
CA THR K 1027 35.61 37.35 -4.10
C THR K 1027 37.12 37.42 -4.13
N LYS K 1028 37.78 36.26 -4.14
CA LYS K 1028 39.22 36.21 -4.22
C LYS K 1028 39.72 36.73 -5.56
N MET K 1029 38.99 36.43 -6.62
CA MET K 1029 39.38 36.97 -7.91
C MET K 1029 39.43 38.49 -7.83
N SER K 1030 38.40 39.07 -7.25
CA SER K 1030 38.33 40.52 -7.11
C SER K 1030 39.40 41.08 -6.19
N GLU K 1031 39.57 40.44 -5.04
CA GLU K 1031 40.40 41.03 -4.00
C GLU K 1031 41.87 40.59 -4.01
N CYS K 1032 42.15 39.43 -4.61
CA CYS K 1032 43.50 38.88 -4.66
C CYS K 1032 44.15 39.12 -6.01
N VAL K 1033 43.35 39.08 -7.07
CA VAL K 1033 43.88 39.20 -8.42
C VAL K 1033 43.73 40.61 -8.96
N LEU K 1034 42.57 41.20 -8.77
CA LEU K 1034 42.30 42.54 -9.28
C LEU K 1034 42.70 43.62 -8.27
N GLY K 1035 43.38 43.21 -7.23
CA GLY K 1035 43.84 44.15 -6.22
C GLY K 1035 44.76 43.49 -5.22
N GLN K 1036 45.27 44.28 -4.30
CA GLN K 1036 46.13 43.77 -3.25
C GLN K 1036 45.38 43.78 -1.93
N SER K 1037 45.28 42.61 -1.31
CA SER K 1037 44.43 42.46 -0.14
C SER K 1037 45.18 42.66 1.17
N LYS K 1038 44.54 43.37 2.10
CA LYS K 1038 45.06 43.55 3.44
C LYS K 1038 44.57 42.44 4.37
N ARG K 1039 43.64 41.64 3.88
CA ARG K 1039 42.99 40.64 4.72
C ARG K 1039 43.91 39.46 4.97
N VAL K 1040 44.19 39.20 6.24
CA VAL K 1040 45.13 38.16 6.60
C VAL K 1040 44.64 36.78 6.21
N ASP K 1041 45.52 36.02 5.57
CA ASP K 1041 45.25 34.65 5.14
C ASP K 1041 44.15 34.56 4.10
N PHE K 1042 43.71 35.68 3.57
CA PHE K 1042 42.70 35.65 2.53
C PHE K 1042 43.29 35.31 1.17
N CYS K 1043 44.51 35.79 0.91
CA CYS K 1043 45.18 35.57 -0.36
C CYS K 1043 46.53 34.89 -0.12
N GLY K 1044 46.50 33.78 0.61
CA GLY K 1044 47.71 33.04 0.90
C GLY K 1044 48.33 33.45 2.24
N LYS K 1045 49.33 32.68 2.66
CA LYS K 1045 50.02 32.94 3.95
C LYS K 1045 51.18 33.92 3.71
N GLY K 1046 51.26 34.98 4.51
CA GLY K 1046 52.27 36.02 4.34
C GLY K 1046 51.60 37.32 3.95
N TYR K 1047 52.39 38.32 3.61
CA TYR K 1047 51.82 39.60 3.23
C TYR K 1047 51.54 39.61 1.75
N HIS K 1048 50.27 39.69 1.40
CA HIS K 1048 49.88 39.53 0.00
C HIS K 1048 50.48 40.60 -0.88
N LEU K 1049 51.08 40.17 -1.98
CA LEU K 1049 51.55 41.09 -2.99
C LEU K 1049 50.61 41.07 -4.17
N MET K 1050 50.37 39.90 -4.72
CA MET K 1050 49.52 39.74 -5.88
C MET K 1050 49.15 38.29 -6.09
N SER K 1051 48.17 38.05 -6.94
CA SER K 1051 47.77 36.68 -7.24
C SER K 1051 47.49 36.50 -8.72
N PHE K 1052 47.68 35.27 -9.17
CA PHE K 1052 47.43 34.92 -10.56
C PHE K 1052 46.47 33.74 -10.64
N PRO K 1053 45.34 33.89 -11.30
CA PRO K 1053 44.35 32.86 -11.52
C PRO K 1053 44.83 31.89 -12.58
N GLN K 1054 44.46 30.63 -12.42
CA GLN K 1054 44.66 29.60 -13.42
C GLN K 1054 43.40 28.79 -13.55
N SER K 1055 43.00 28.50 -14.77
CA SER K 1055 41.80 27.72 -15.00
C SER K 1055 41.99 26.27 -14.60
N ALA K 1056 40.96 25.66 -14.06
CA ALA K 1056 40.96 24.25 -13.74
C ALA K 1056 39.59 23.66 -14.06
N PRO K 1057 39.48 22.34 -14.24
CA PRO K 1057 38.25 21.61 -14.45
C PRO K 1057 37.24 21.93 -13.37
N HIS K 1058 36.16 22.59 -13.76
CA HIS K 1058 35.09 22.96 -12.84
C HIS K 1058 35.59 23.73 -11.62
N GLY K 1059 36.65 24.51 -11.81
CA GLY K 1059 37.19 25.25 -10.69
C GLY K 1059 38.27 26.23 -11.09
N VAL K 1060 38.80 26.93 -10.10
CA VAL K 1060 39.84 27.92 -10.32
C VAL K 1060 40.97 27.68 -9.36
N VAL K 1061 42.18 27.92 -9.83
CA VAL K 1061 43.35 27.81 -9.00
C VAL K 1061 44.03 29.17 -8.87
N PHE K 1062 44.24 29.61 -7.65
CA PHE K 1062 44.90 30.88 -7.42
C PHE K 1062 46.33 30.66 -6.99
N LEU K 1063 47.26 31.31 -7.68
CA LEU K 1063 48.63 31.32 -7.25
C LEU K 1063 48.90 32.61 -6.50
N HIS K 1064 49.01 32.51 -5.20
CA HIS K 1064 49.14 33.68 -4.36
C HIS K 1064 50.60 33.99 -4.13
N VAL K 1065 51.00 35.19 -4.47
CA VAL K 1065 52.37 35.61 -4.27
C VAL K 1065 52.45 36.48 -3.03
N THR K 1066 53.18 36.02 -2.03
CA THR K 1066 53.23 36.75 -0.78
C THR K 1066 54.66 37.06 -0.38
N TYR K 1067 54.79 38.08 0.43
CA TYR K 1067 56.06 38.46 1.02
C TYR K 1067 56.18 37.85 2.39
N VAL K 1068 57.21 37.04 2.58
CA VAL K 1068 57.43 36.40 3.86
C VAL K 1068 58.74 36.84 4.46
N PRO K 1069 58.71 37.53 5.60
CA PRO K 1069 59.85 37.98 6.36
C PRO K 1069 60.77 36.82 6.67
N ALA K 1070 62.07 37.08 6.63
CA ALA K 1070 63.05 36.03 6.86
C ALA K 1070 64.28 36.56 7.57
N GLN K 1071 64.99 35.68 8.26
CA GLN K 1071 66.26 36.01 8.87
C GLN K 1071 66.15 37.20 9.80
N GLU K 1072 65.25 37.12 10.76
CA GLU K 1072 65.11 38.17 11.75
C GLU K 1072 66.26 38.14 12.74
N LYS K 1073 66.54 39.28 13.34
CA LYS K 1073 67.54 39.33 14.40
C LYS K 1073 67.07 40.22 15.53
N ASN K 1074 67.62 39.98 16.72
CA ASN K 1074 67.24 40.70 17.94
C ASN K 1074 67.82 42.11 17.97
N PHE K 1075 67.00 43.06 18.40
CA PHE K 1075 67.45 44.41 18.70
C PHE K 1075 66.85 44.88 20.03
N THR K 1076 67.53 45.80 20.67
CA THR K 1076 66.93 46.50 21.79
C THR K 1076 66.08 47.62 21.25
N THR K 1077 64.92 47.83 21.83
CA THR K 1077 64.03 48.85 21.31
C THR K 1077 63.58 49.83 22.38
N ALA K 1078 63.07 50.96 21.93
CA ALA K 1078 62.50 51.97 22.81
C ALA K 1078 61.33 52.64 22.11
N PRO K 1079 60.30 53.02 22.87
CA PRO K 1079 59.09 53.68 22.42
C PRO K 1079 59.36 55.10 21.97
N ALA K 1080 60.42 55.70 22.49
CA ALA K 1080 60.74 57.07 22.18
C ALA K 1080 62.20 57.38 22.49
N ILE K 1081 62.70 58.43 21.86
CA ILE K 1081 64.03 58.94 22.13
C ILE K 1081 63.96 60.30 22.80
N CYS K 1082 64.70 60.47 23.89
CA CYS K 1082 64.75 61.73 24.62
C CYS K 1082 65.91 62.59 24.16
N HIS K 1083 65.59 63.79 23.72
CA HIS K 1083 66.61 64.72 23.22
C HIS K 1083 66.18 66.15 23.43
N ASP K 1084 67.03 66.94 24.09
CA ASP K 1084 66.73 68.32 24.41
C ASP K 1084 65.44 68.44 25.23
N GLY K 1085 65.18 67.43 26.05
CA GLY K 1085 64.02 67.45 26.93
C GLY K 1085 62.72 67.07 26.23
N LYS K 1086 62.81 66.76 24.94
CA LYS K 1086 61.61 66.44 24.14
C LYS K 1086 61.54 64.95 23.84
N ALA K 1087 60.32 64.41 23.80
CA ALA K 1087 60.11 63.02 23.43
C ALA K 1087 59.91 62.86 21.94
N HIS K 1088 60.82 62.15 21.30
CA HIS K 1088 60.77 61.93 19.86
C HIS K 1088 60.25 60.55 19.53
N PHE K 1089 59.30 60.50 18.62
CA PHE K 1089 58.71 59.25 18.17
C PHE K 1089 59.00 59.07 16.68
N PRO K 1090 59.18 57.84 16.21
CA PRO K 1090 59.47 57.51 14.83
C PRO K 1090 58.24 57.79 13.97
N ARG K 1091 58.44 58.44 12.83
CA ARG K 1091 57.34 58.78 11.96
C ARG K 1091 56.74 57.55 11.27
N GLU K 1092 57.60 56.63 10.87
CA GLU K 1092 57.14 55.45 10.15
C GLU K 1092 57.63 54.16 10.79
N GLY K 1093 58.85 54.18 11.29
CA GLY K 1093 59.51 52.95 11.70
C GLY K 1093 59.54 52.77 13.21
N VAL K 1094 60.56 52.08 13.67
CA VAL K 1094 60.74 51.78 15.08
C VAL K 1094 62.18 52.06 15.50
N PHE K 1095 62.37 52.55 16.71
CA PHE K 1095 63.71 52.80 17.22
C PHE K 1095 64.35 51.52 17.71
N VAL K 1096 65.54 51.24 17.20
CA VAL K 1096 66.27 50.05 17.58
C VAL K 1096 67.73 50.34 17.88
N SER K 1097 68.31 49.53 18.73
CA SER K 1097 69.73 49.62 19.01
C SER K 1097 70.44 48.34 18.63
N ASN K 1098 71.63 48.48 18.05
CA ASN K 1098 72.47 47.34 17.69
C ASN K 1098 73.41 46.96 18.83
N GLY K 1099 73.20 47.55 20.01
CA GLY K 1099 73.99 47.29 21.20
C GLY K 1099 74.73 48.54 21.64
N THR K 1100 74.98 49.45 20.71
CA THR K 1100 75.68 50.68 21.04
C THR K 1100 74.98 51.92 20.49
N HIS K 1101 74.47 51.82 19.26
CA HIS K 1101 73.88 52.99 18.61
C HIS K 1101 72.42 52.80 18.30
N TRP K 1102 71.67 53.89 18.38
CA TRP K 1102 70.25 53.86 18.07
C TRP K 1102 69.96 54.30 16.65
N PHE K 1103 69.08 53.56 16.00
CA PHE K 1103 68.65 53.83 14.64
C PHE K 1103 67.15 53.77 14.54
N VAL K 1104 66.62 54.29 13.46
CA VAL K 1104 65.21 54.08 13.16
C VAL K 1104 65.08 53.27 11.88
N THR K 1105 64.25 52.25 11.92
CA THR K 1105 64.10 51.35 10.79
C THR K 1105 62.65 51.06 10.47
N GLN K 1106 62.38 50.84 9.19
CA GLN K 1106 61.08 50.35 8.80
C GLN K 1106 60.82 49.00 9.45
N ARG K 1107 59.58 48.78 9.84
CA ARG K 1107 59.23 47.70 10.75
C ARG K 1107 59.35 46.29 10.15
N ASN K 1108 59.21 46.17 8.84
CA ASN K 1108 59.17 44.85 8.23
C ASN K 1108 60.45 44.50 7.52
N PHE K 1109 61.47 45.34 7.65
CA PHE K 1109 62.73 45.10 6.96
C PHE K 1109 63.84 45.94 7.55
N TYR K 1110 64.86 45.29 8.07
CA TYR K 1110 65.90 46.00 8.78
C TYR K 1110 66.67 46.92 7.85
N GLU K 1111 66.61 48.20 8.15
CA GLU K 1111 67.25 49.22 7.35
C GLU K 1111 67.54 50.44 8.23
N PRO K 1112 68.59 50.35 9.05
CA PRO K 1112 68.90 51.22 10.15
C PRO K 1112 69.36 52.59 9.70
N GLN K 1113 68.49 53.57 9.84
CA GLN K 1113 68.82 54.94 9.47
C GLN K 1113 69.19 55.73 10.71
N ILE K 1114 69.97 56.79 10.51
CA ILE K 1114 70.28 57.69 11.60
C ILE K 1114 69.01 58.38 12.05
N ILE K 1115 68.85 58.52 13.36
CA ILE K 1115 67.68 59.17 13.90
C ILE K 1115 67.79 60.67 13.72
N THR K 1116 66.86 61.24 12.98
CA THR K 1116 66.90 62.66 12.64
C THR K 1116 65.53 63.28 12.85
N THR K 1117 65.48 64.59 12.76
CA THR K 1117 64.23 65.30 12.89
C THR K 1117 63.32 65.10 11.68
N ASP K 1118 63.86 64.49 10.63
CA ASP K 1118 63.09 64.25 9.41
C ASP K 1118 62.42 62.89 9.41
N ASN K 1119 62.75 62.05 10.38
CA ASN K 1119 62.14 60.73 10.45
C ASN K 1119 61.55 60.47 11.83
N THR K 1120 61.45 61.53 12.62
CA THR K 1120 60.77 61.48 13.91
C THR K 1120 59.84 62.68 14.05
N PHE K 1121 59.00 62.64 15.07
CA PHE K 1121 58.20 63.78 15.43
C PHE K 1121 58.20 63.95 16.93
N VAL K 1122 57.95 65.17 17.40
CA VAL K 1122 57.99 65.45 18.82
C VAL K 1122 56.61 65.56 19.43
N SER K 1123 56.43 64.93 20.56
CA SER K 1123 55.19 65.06 21.31
C SER K 1123 55.44 65.00 22.81
N GLY K 1124 55.34 66.15 23.47
CA GLY K 1124 55.51 66.22 24.91
C GLY K 1124 56.97 66.12 25.32
N ASN K 1125 57.18 66.00 26.63
CA ASN K 1125 58.52 65.92 27.19
C ASN K 1125 58.86 64.47 27.55
N CYS K 1126 60.05 64.26 28.13
CA CYS K 1126 60.60 62.94 28.38
C CYS K 1126 60.11 62.31 29.68
N ASP K 1127 59.23 63.01 30.38
CA ASP K 1127 58.80 62.57 31.71
C ASP K 1127 57.51 61.76 31.67
N VAL K 1128 57.01 61.50 30.48
CA VAL K 1128 55.72 60.80 30.36
C VAL K 1128 55.88 59.38 29.84
N VAL K 1129 56.65 59.22 28.77
CA VAL K 1129 56.79 57.92 28.12
C VAL K 1129 57.56 56.95 28.99
N ILE K 1130 57.04 55.74 29.14
CA ILE K 1130 57.69 54.72 29.92
C ILE K 1130 58.66 53.93 29.05
N GLY K 1131 59.92 53.91 29.42
CA GLY K 1131 60.92 53.18 28.66
C GLY K 1131 61.64 54.07 27.65
N ILE K 1132 61.44 55.37 27.75
CA ILE K 1132 62.11 56.32 26.89
C ILE K 1132 63.62 56.31 27.17
N VAL K 1133 64.41 56.37 26.10
CA VAL K 1133 65.85 56.32 26.27
C VAL K 1133 66.51 57.58 25.74
N ASN K 1134 67.68 57.91 26.28
CA ASN K 1134 68.45 59.08 25.85
C ASN K 1134 69.25 58.79 24.60
N ASN K 1135 69.13 59.65 23.59
CA ASN K 1135 69.97 59.61 22.41
C ASN K 1135 70.01 60.97 21.75
N THR K 1136 70.79 61.09 20.70
CA THR K 1136 70.83 62.30 19.92
C THR K 1136 69.87 62.21 18.77
N VAL K 1137 69.16 63.30 18.51
CA VAL K 1137 68.35 63.40 17.32
C VAL K 1137 68.97 64.43 16.38
N TYR K 1138 69.49 63.94 15.28
CA TYR K 1138 70.25 64.76 14.36
C TYR K 1138 69.39 65.73 13.59
N ASP K 1139 69.81 66.98 13.53
CA ASP K 1139 69.12 68.00 12.76
C ASP K 1139 69.95 68.37 11.52
N PRO K 1140 69.51 67.98 10.33
CA PRO K 1140 70.15 68.16 9.04
C PRO K 1140 70.50 69.62 8.76
N LEU K 1141 69.85 70.54 9.45
CA LEU K 1141 70.09 71.97 9.25
C LEU K 1141 71.28 72.47 10.05
N GLN K 1142 71.58 71.81 11.16
CA GLN K 1142 72.60 72.28 12.09
C GLN K 1142 74.00 72.44 11.46
N PRO K 1143 74.44 71.52 10.58
CA PRO K 1143 75.71 71.54 9.90
C PRO K 1143 75.89 72.77 9.02
N GLU K 1144 74.78 73.41 8.67
CA GLU K 1144 74.85 74.62 7.86
C GLU K 1144 74.70 75.88 8.71
N LEU K 1145 73.85 75.80 9.75
CA LEU K 1145 73.63 76.91 10.66
C LEU K 1145 74.00 76.51 12.08
N ILE L 1 -63.77 -2.86 -0.46
CA ILE L 1 -63.76 -3.09 -1.89
C ILE L 1 -64.75 -4.19 -2.27
N VAL L 2 -65.27 -4.11 -3.50
CA VAL L 2 -66.14 -5.14 -4.06
C VAL L 2 -65.55 -5.70 -5.34
N MET L 3 -65.41 -7.02 -5.39
CA MET L 3 -64.90 -7.69 -6.58
C MET L 3 -66.03 -8.33 -7.39
N MET L 4 -66.18 -7.90 -8.64
CA MET L 4 -67.34 -8.36 -9.45
C MET L 4 -66.92 -9.25 -10.61
N GLN L 5 -67.28 -10.53 -10.56
CA GLN L 5 -66.98 -11.45 -11.65
C GLN L 5 -68.16 -11.60 -12.59
N SER L 6 -67.86 -11.86 -13.85
CA SER L 6 -68.90 -12.00 -14.87
C SER L 6 -68.41 -12.83 -16.06
N PRO L 7 -69.30 -13.63 -16.62
CA PRO L 7 -70.67 -13.93 -16.23
C PRO L 7 -70.69 -14.85 -15.03
N GLY L 8 -71.79 -14.85 -14.29
CA GLY L 8 -71.94 -15.76 -13.17
C GLY L 8 -71.76 -17.20 -13.62
N THR L 9 -72.26 -17.50 -14.81
CA THR L 9 -72.09 -18.81 -15.41
C THR L 9 -71.61 -18.70 -16.85
N LEU L 10 -70.58 -19.47 -17.17
CA LEU L 10 -70.05 -19.54 -18.52
C LEU L 10 -70.13 -20.96 -19.01
N SER L 11 -70.58 -21.14 -20.25
CA SER L 11 -70.71 -22.49 -20.79
C SER L 11 -70.33 -22.54 -22.26
N LEU L 12 -69.39 -23.41 -22.57
CA LEU L 12 -68.97 -23.62 -23.95
C LEU L 12 -68.23 -24.95 -24.09
N SER L 13 -68.04 -25.38 -25.34
CA SER L 13 -67.46 -26.69 -25.61
C SER L 13 -66.00 -26.77 -25.17
N PRO L 14 -65.55 -27.96 -24.75
CA PRO L 14 -64.16 -28.33 -24.57
C PRO L 14 -63.39 -28.12 -25.85
N GLY L 15 -62.16 -27.63 -25.73
CA GLY L 15 -61.32 -27.35 -26.88
C GLY L 15 -61.46 -25.91 -27.34
N GLU L 16 -62.45 -25.21 -26.79
CA GLU L 16 -62.69 -23.82 -27.14
C GLU L 16 -62.05 -22.89 -26.12
N ARG L 17 -62.14 -21.59 -26.37
CA ARG L 17 -61.58 -20.59 -25.48
C ARG L 17 -62.64 -19.98 -24.58
N ALA L 18 -62.25 -19.61 -23.36
CA ALA L 18 -63.15 -18.91 -22.45
C ALA L 18 -62.47 -17.70 -21.82
N THR L 19 -63.22 -16.61 -21.70
CA THR L 19 -62.71 -15.42 -21.02
C THR L 19 -63.56 -15.10 -19.81
N LEU L 20 -62.92 -15.02 -18.65
CA LEU L 20 -63.60 -14.73 -17.40
C LEU L 20 -63.24 -13.33 -16.94
N SER L 21 -64.26 -12.55 -16.61
CA SER L 21 -64.00 -11.14 -16.25
C SER L 21 -64.13 -10.89 -14.75
N CYS L 22 -63.31 -9.99 -14.23
CA CYS L 22 -63.39 -9.53 -12.85
C CYS L 22 -63.22 -8.02 -12.78
N ARG L 23 -64.21 -7.35 -12.20
CA ARG L 23 -64.17 -5.87 -12.16
C ARG L 23 -64.13 -5.39 -10.70
N ALA L 24 -63.40 -4.32 -10.46
CA ALA L 24 -63.23 -3.80 -9.12
C ALA L 24 -63.98 -2.48 -8.95
N SER L 25 -64.53 -2.27 -7.76
CA SER L 25 -65.17 -1.02 -7.42
C SER L 25 -64.16 0.13 -7.30
N GLN L 26 -62.89 -0.24 -7.20
CA GLN L 26 -61.80 0.73 -7.14
C GLN L 26 -60.56 0.14 -7.75
N SER L 27 -59.61 0.98 -8.14
CA SER L 27 -58.40 0.51 -8.79
C SER L 27 -57.65 -0.48 -7.92
N VAL L 28 -57.16 -1.54 -8.55
CA VAL L 28 -56.36 -2.56 -7.88
C VAL L 28 -55.02 -2.72 -8.59
N SER L 29 -53.95 -2.71 -7.82
CA SER L 29 -52.63 -2.93 -8.39
C SER L 29 -52.57 -4.31 -9.00
N SER L 30 -51.86 -4.45 -10.11
CA SER L 30 -51.76 -5.74 -10.76
C SER L 30 -51.13 -6.78 -9.84
N SER L 31 -50.25 -6.32 -8.96
CA SER L 31 -49.56 -7.20 -8.03
C SER L 31 -50.51 -7.79 -7.00
N TYR L 32 -51.68 -7.19 -6.86
CA TYR L 32 -52.63 -7.59 -5.82
C TYR L 32 -53.84 -8.31 -6.36
N LEU L 33 -53.81 -8.69 -7.64
CA LEU L 33 -54.93 -9.43 -8.23
C LEU L 33 -54.55 -10.87 -8.54
N ALA L 34 -55.33 -11.82 -8.03
CA ALA L 34 -55.04 -13.23 -8.25
C ALA L 34 -56.30 -13.99 -8.67
N TRP L 35 -56.09 -15.12 -9.36
CA TRP L 35 -57.18 -15.99 -9.75
C TRP L 35 -57.01 -17.38 -9.17
N TYR L 36 -58.11 -17.98 -8.74
CA TYR L 36 -58.10 -19.34 -8.19
C TYR L 36 -59.06 -20.24 -8.93
N GLN L 37 -58.77 -21.54 -8.92
CA GLN L 37 -59.66 -22.53 -9.49
C GLN L 37 -60.08 -23.53 -8.44
N GLN L 38 -61.38 -23.66 -8.24
CA GLN L 38 -61.90 -24.63 -7.29
C GLN L 38 -62.73 -25.71 -7.98
N LYS L 39 -62.16 -26.89 -8.08
CA LYS L 39 -62.88 -28.02 -8.66
C LYS L 39 -63.84 -28.55 -7.62
N PRO L 40 -64.93 -29.21 -8.05
CA PRO L 40 -65.91 -29.85 -7.20
C PRO L 40 -65.25 -30.79 -6.21
N GLY L 41 -65.55 -30.58 -4.93
CA GLY L 41 -65.05 -31.44 -3.87
C GLY L 41 -63.60 -31.13 -3.48
N GLN L 42 -63.03 -30.09 -4.05
CA GLN L 42 -61.64 -29.75 -3.80
C GLN L 42 -61.46 -28.34 -3.24
N ALA L 43 -60.32 -28.12 -2.58
CA ALA L 43 -59.94 -26.79 -2.14
C ALA L 43 -59.54 -25.95 -3.35
N PRO L 44 -59.66 -24.61 -3.26
CA PRO L 44 -59.19 -23.66 -4.23
C PRO L 44 -57.69 -23.80 -4.46
N ARG L 45 -57.26 -23.66 -5.70
CA ARG L 45 -55.84 -23.61 -5.98
C ARG L 45 -55.50 -22.37 -6.77
N LEU L 46 -54.30 -21.85 -6.58
CA LEU L 46 -53.88 -20.64 -7.27
C LEU L 46 -53.54 -20.93 -8.71
N LEU L 47 -54.07 -20.11 -9.61
CA LEU L 47 -53.72 -20.19 -11.02
C LEU L 47 -52.86 -19.02 -11.44
N ILE L 48 -53.35 -17.82 -11.17
CA ILE L 48 -52.68 -16.61 -11.58
C ILE L 48 -52.48 -15.68 -10.40
N TYR L 49 -51.31 -15.09 -10.31
CA TYR L 49 -51.05 -14.06 -9.32
C TYR L 49 -50.38 -12.89 -9.99
N GLY L 50 -50.50 -11.72 -9.41
CA GLY L 50 -49.88 -10.54 -10.01
C GLY L 50 -50.56 -10.21 -11.32
N ALA L 51 -51.85 -10.50 -11.41
CA ALA L 51 -52.67 -10.30 -12.60
C ALA L 51 -52.36 -11.29 -13.71
N SER L 52 -51.08 -11.50 -14.01
CA SER L 52 -50.72 -12.25 -15.20
C SER L 52 -49.77 -13.44 -14.98
N SER L 53 -49.18 -13.55 -13.79
CA SER L 53 -48.16 -14.57 -13.57
C SER L 53 -48.79 -15.91 -13.19
N ARG L 54 -48.37 -16.96 -13.88
CA ARG L 54 -48.87 -18.29 -13.56
C ARG L 54 -48.24 -18.85 -12.31
N ALA L 55 -49.05 -19.54 -11.51
CA ALA L 55 -48.57 -20.24 -10.35
C ALA L 55 -47.84 -21.50 -10.76
N THR L 56 -46.96 -21.99 -9.91
CA THR L 56 -46.21 -23.21 -10.20
C THR L 56 -47.15 -24.38 -10.44
N GLY L 57 -46.93 -25.10 -11.54
CA GLY L 57 -47.71 -26.30 -11.86
C GLY L 57 -48.90 -25.99 -12.77
N ILE L 58 -49.10 -24.71 -13.08
CA ILE L 58 -50.22 -24.32 -13.93
C ILE L 58 -49.81 -24.29 -15.41
N PRO L 59 -50.57 -24.98 -16.27
CA PRO L 59 -50.42 -25.05 -17.71
C PRO L 59 -50.45 -23.68 -18.36
N ASP L 60 -49.76 -23.54 -19.48
CA ASP L 60 -49.68 -22.27 -20.19
C ASP L 60 -50.95 -21.97 -20.96
N ARG L 61 -51.94 -22.85 -20.81
CA ARG L 61 -53.25 -22.64 -21.38
C ARG L 61 -53.98 -21.54 -20.60
N PHE L 62 -53.49 -21.28 -19.39
CA PHE L 62 -54.06 -20.24 -18.55
C PHE L 62 -53.25 -18.98 -18.63
N SER L 63 -53.91 -17.85 -18.80
CA SER L 63 -53.23 -16.58 -18.77
C SER L 63 -54.11 -15.51 -18.15
N GLY L 64 -53.50 -14.49 -17.61
CA GLY L 64 -54.25 -13.38 -17.04
C GLY L 64 -53.75 -12.07 -17.57
N SER L 65 -54.59 -11.05 -17.45
CA SER L 65 -54.22 -9.72 -17.88
C SER L 65 -55.15 -8.69 -17.28
N GLY L 66 -54.80 -7.42 -17.44
CA GLY L 66 -55.66 -6.34 -17.01
C GLY L 66 -54.98 -5.46 -15.99
N SER L 67 -55.67 -4.40 -15.60
CA SER L 67 -55.14 -3.41 -14.68
C SER L 67 -56.27 -2.56 -14.15
N GLY L 68 -55.98 -1.75 -13.15
CA GLY L 68 -56.99 -0.83 -12.64
C GLY L 68 -58.19 -1.58 -12.11
N THR L 69 -59.33 -1.43 -12.78
CA THR L 69 -60.57 -2.05 -12.33
C THR L 69 -61.05 -3.15 -13.27
N ASP L 70 -60.22 -3.56 -14.22
CA ASP L 70 -60.65 -4.56 -15.20
C ASP L 70 -59.61 -5.63 -15.43
N PHE L 71 -59.89 -6.84 -14.96
CA PHE L 71 -58.99 -7.97 -15.08
C PHE L 71 -59.69 -9.16 -15.73
N THR L 72 -58.92 -9.98 -16.43
CA THR L 72 -59.48 -11.16 -17.05
C THR L 72 -58.62 -12.40 -16.83
N LEU L 73 -59.28 -13.55 -16.88
CA LEU L 73 -58.61 -14.84 -16.93
C LEU L 73 -59.00 -15.56 -18.21
N THR L 74 -58.02 -15.98 -18.98
CA THR L 74 -58.29 -16.61 -20.26
C THR L 74 -57.82 -18.05 -20.28
N ILE L 75 -58.68 -18.93 -20.74
CA ILE L 75 -58.31 -20.33 -20.97
C ILE L 75 -58.31 -20.59 -22.47
N SER L 76 -57.13 -20.74 -23.05
CA SER L 76 -57.02 -20.82 -24.50
C SER L 76 -57.71 -22.05 -25.06
N ARG L 77 -57.60 -23.15 -24.33
CA ARG L 77 -58.27 -24.40 -24.68
C ARG L 77 -58.83 -25.05 -23.43
N LEU L 78 -60.13 -25.25 -23.40
CA LEU L 78 -60.75 -25.84 -22.22
C LEU L 78 -60.67 -27.35 -22.23
N GLU L 79 -60.18 -27.90 -21.14
CA GLU L 79 -60.18 -29.33 -20.91
C GLU L 79 -61.28 -29.66 -19.91
N PRO L 80 -61.72 -30.92 -19.84
CA PRO L 80 -62.73 -31.42 -18.92
C PRO L 80 -62.45 -30.97 -17.48
N GLU L 81 -61.19 -30.96 -17.07
CA GLU L 81 -60.82 -30.50 -15.70
C GLU L 81 -61.01 -28.99 -15.51
N ASP L 82 -61.18 -28.21 -16.58
CA ASP L 82 -61.24 -26.76 -16.47
C ASP L 82 -62.65 -26.27 -16.20
N PHE L 83 -63.61 -27.19 -16.20
CA PHE L 83 -64.99 -26.80 -15.99
C PHE L 83 -65.31 -26.71 -14.51
N ALA L 84 -64.71 -25.72 -13.86
CA ALA L 84 -64.79 -25.54 -12.42
C ALA L 84 -65.20 -24.12 -12.09
N VAL L 85 -65.21 -23.78 -10.80
CA VAL L 85 -65.51 -22.43 -10.38
C VAL L 85 -64.24 -21.62 -10.20
N TYR L 86 -64.20 -20.45 -10.82
CA TYR L 86 -63.02 -19.60 -10.73
C TYR L 86 -63.31 -18.36 -9.91
N TYR L 87 -62.33 -17.98 -9.11
CA TYR L 87 -62.47 -16.79 -8.28
C TYR L 87 -61.37 -15.79 -8.58
N CYS L 88 -61.70 -14.51 -8.47
CA CYS L 88 -60.68 -13.47 -8.47
C CYS L 88 -60.52 -12.95 -7.06
N GLN L 89 -59.30 -12.58 -6.71
CA GLN L 89 -58.99 -12.14 -5.36
C GLN L 89 -58.14 -10.89 -5.37
N GLN L 90 -58.47 -9.97 -4.48
CA GLN L 90 -57.74 -8.73 -4.37
C GLN L 90 -57.13 -8.57 -2.99
N TYR L 91 -55.97 -7.98 -2.93
CA TYR L 91 -55.43 -7.54 -1.66
C TYR L 91 -55.37 -6.03 -1.58
N GLY L 92 -55.70 -5.50 -0.41
CA GLY L 92 -55.50 -4.08 -0.14
C GLY L 92 -56.06 -3.74 1.22
N SER L 93 -55.61 -2.61 1.77
CA SER L 93 -56.06 -2.17 3.09
C SER L 93 -55.93 -3.29 4.12
N SER L 94 -54.83 -4.03 4.05
CA SER L 94 -54.56 -5.13 4.97
C SER L 94 -55.70 -6.13 5.01
N ALA L 95 -56.33 -6.39 3.87
CA ALA L 95 -57.42 -7.34 3.80
C ALA L 95 -57.40 -8.08 2.48
N TRP L 96 -57.93 -9.29 2.48
CA TRP L 96 -58.05 -10.10 1.28
C TRP L 96 -59.50 -10.30 0.93
N THR L 97 -59.88 -9.94 -0.29
CA THR L 97 -61.26 -10.02 -0.73
C THR L 97 -61.40 -10.89 -1.97
N PHE L 98 -62.40 -11.76 -1.96
CA PHE L 98 -62.66 -12.62 -3.09
C PHE L 98 -63.91 -12.18 -3.83
N GLY L 99 -63.96 -12.48 -5.13
CA GLY L 99 -65.18 -12.27 -5.91
C GLY L 99 -66.17 -13.38 -5.59
N GLN L 100 -67.36 -13.31 -6.17
CA GLN L 100 -68.40 -14.29 -5.89
C GLN L 100 -68.11 -15.60 -6.59
N GLY L 101 -67.25 -15.55 -7.60
CA GLY L 101 -66.88 -16.74 -8.36
C GLY L 101 -67.77 -16.94 -9.57
N THR L 102 -67.23 -17.58 -10.60
CA THR L 102 -68.02 -17.93 -11.77
C THR L 102 -67.81 -19.38 -12.14
N LYS L 103 -68.86 -20.02 -12.64
CA LYS L 103 -68.78 -21.44 -12.97
C LYS L 103 -68.64 -21.64 -14.48
N VAL L 104 -67.60 -22.38 -14.87
CA VAL L 104 -67.31 -22.69 -16.27
C VAL L 104 -67.92 -24.03 -16.67
N VAL M 1 -44.87 -28.79 -0.64
CA VAL M 1 -45.66 -28.10 0.36
C VAL M 1 -47.01 -28.80 0.56
N GLN M 2 -47.30 -29.16 1.82
CA GLN M 2 -48.56 -29.79 2.17
C GLN M 2 -49.21 -29.08 3.34
N LEU M 3 -50.51 -28.97 3.29
CA LEU M 3 -51.29 -28.47 4.41
C LEU M 3 -52.40 -29.46 4.74
N VAL M 4 -52.33 -30.05 5.93
CA VAL M 4 -53.26 -31.09 6.31
C VAL M 4 -54.12 -30.66 7.48
N GLN M 5 -55.41 -30.54 7.24
CA GLN M 5 -56.33 -30.05 8.24
C GLN M 5 -57.04 -31.18 8.96
N SER M 6 -57.62 -30.87 10.11
CA SER M 6 -58.37 -31.83 10.90
C SER M 6 -59.67 -32.23 10.21
N GLY M 7 -60.32 -33.27 10.73
CA GLY M 7 -61.55 -33.79 10.14
C GLY M 7 -62.75 -32.93 10.48
N ALA M 8 -63.90 -33.29 9.92
CA ALA M 8 -65.12 -32.49 10.08
C ALA M 8 -65.60 -32.48 11.52
N GLU M 9 -66.24 -31.39 11.91
CA GLU M 9 -66.78 -31.23 13.25
C GLU M 9 -68.26 -30.90 13.22
N VAL M 10 -68.99 -31.37 14.22
CA VAL M 10 -70.39 -30.99 14.38
C VAL M 10 -70.61 -30.35 15.74
N LYS M 11 -71.06 -29.11 15.73
CA LYS M 11 -71.19 -28.33 16.95
C LYS M 11 -72.57 -27.74 17.10
N LYS M 12 -72.92 -27.38 18.33
CA LYS M 12 -74.16 -26.68 18.59
C LYS M 12 -73.90 -25.18 18.63
N PRO M 13 -74.91 -24.36 18.40
CA PRO M 13 -74.89 -22.92 18.55
C PRO M 13 -74.38 -22.56 19.94
N GLY M 14 -73.42 -21.64 20.00
CA GLY M 14 -72.84 -21.22 21.26
C GLY M 14 -71.55 -21.97 21.58
N ALA M 15 -71.32 -23.07 20.85
CA ALA M 15 -70.12 -23.89 21.05
C ALA M 15 -68.93 -23.28 20.34
N SER M 16 -67.74 -23.78 20.66
CA SER M 16 -66.53 -23.35 19.97
C SER M 16 -65.91 -24.50 19.19
N VAL M 17 -65.31 -24.18 18.05
CA VAL M 17 -64.61 -25.18 17.25
C VAL M 17 -63.16 -24.76 17.01
N LYS M 18 -62.24 -25.71 17.17
CA LYS M 18 -60.85 -25.43 16.87
C LYS M 18 -60.36 -26.30 15.73
N VAL M 19 -60.00 -25.66 14.61
CA VAL M 19 -59.54 -26.37 13.44
C VAL M 19 -58.03 -26.26 13.33
N SER M 20 -57.37 -27.41 13.24
CA SER M 20 -55.92 -27.42 13.13
C SER M 20 -55.50 -27.48 11.66
N CYS M 21 -54.25 -27.10 11.39
CA CYS M 21 -53.64 -27.23 10.08
C CYS M 21 -52.16 -27.54 10.20
N LYS M 22 -51.79 -28.77 9.90
CA LYS M 22 -50.41 -29.19 9.98
C LYS M 22 -49.69 -28.90 8.69
N ALA M 23 -48.60 -28.16 8.77
CA ALA M 23 -47.85 -27.77 7.60
C ALA M 23 -46.59 -28.59 7.48
N SER M 24 -46.18 -28.86 6.25
CA SER M 24 -44.91 -29.53 6.00
C SER M 24 -44.36 -29.21 4.63
N GLY M 25 -43.07 -29.44 4.44
CA GLY M 25 -42.44 -29.26 3.15
C GLY M 25 -41.84 -27.87 2.99
N TYR M 26 -41.94 -27.05 4.02
CA TYR M 26 -41.42 -25.69 3.97
C TYR M 26 -41.10 -25.16 5.36
N THR M 27 -40.34 -24.07 5.41
CA THR M 27 -40.04 -23.41 6.68
C THR M 27 -41.31 -22.78 7.23
N PHE M 28 -41.83 -23.38 8.29
CA PHE M 28 -43.13 -23.00 8.80
C PHE M 28 -43.23 -21.53 9.13
N THR M 29 -42.19 -21.01 9.75
CA THR M 29 -42.22 -19.64 10.28
C THR M 29 -41.92 -18.61 9.21
N GLY M 30 -41.66 -19.07 8.00
CA GLY M 30 -41.32 -18.17 6.90
C GLY M 30 -42.56 -17.69 6.16
N TYR M 31 -43.72 -18.17 6.59
CA TYR M 31 -44.97 -17.83 5.92
C TYR M 31 -46.07 -17.50 6.89
N TYR M 32 -47.03 -16.73 6.44
CA TYR M 32 -48.25 -16.48 7.20
C TYR M 32 -49.22 -17.61 6.95
N MET M 33 -49.98 -17.96 7.97
CA MET M 33 -51.05 -18.91 7.78
C MET M 33 -52.40 -18.20 7.84
N HIS M 34 -53.13 -18.26 6.74
CA HIS M 34 -54.42 -17.61 6.64
C HIS M 34 -55.53 -18.63 6.76
N TRP M 35 -56.68 -18.18 7.23
CA TRP M 35 -57.86 -19.02 7.20
C TRP M 35 -58.94 -18.41 6.34
N VAL M 36 -59.54 -19.23 5.50
CA VAL M 36 -60.57 -18.80 4.57
C VAL M 36 -61.81 -19.66 4.73
N ARG M 37 -62.97 -19.03 4.88
CA ARG M 37 -64.22 -19.75 5.08
C ARG M 37 -65.03 -19.82 3.80
N GLN M 38 -65.66 -20.96 3.57
CA GLN M 38 -66.58 -21.10 2.44
C GLN M 38 -67.90 -21.71 2.86
N ALA M 39 -68.89 -20.87 3.11
CA ALA M 39 -70.22 -21.37 3.43
C ALA M 39 -70.82 -22.04 2.20
N PRO M 40 -71.67 -23.05 2.37
CA PRO M 40 -72.31 -23.80 1.30
C PRO M 40 -72.99 -22.88 0.31
N GLY M 41 -72.64 -23.02 -0.96
CA GLY M 41 -73.25 -22.24 -2.03
C GLY M 41 -72.67 -20.83 -2.12
N GLN M 42 -71.69 -20.53 -1.26
CA GLN M 42 -71.11 -19.20 -1.21
C GLN M 42 -69.67 -19.18 -1.72
N GLY M 43 -69.09 -17.99 -1.77
CA GLY M 43 -67.72 -17.83 -2.21
C GLY M 43 -66.77 -17.92 -1.03
N LEU M 44 -65.55 -17.46 -1.23
CA LEU M 44 -64.52 -17.56 -0.21
C LEU M 44 -64.43 -16.27 0.60
N GLU M 45 -64.32 -16.42 1.92
CA GLU M 45 -64.20 -15.27 2.80
C GLU M 45 -62.96 -15.36 3.67
N TRP M 46 -62.14 -14.32 3.65
CA TRP M 46 -60.92 -14.29 4.46
C TRP M 46 -61.25 -14.01 5.92
N MET M 47 -60.69 -14.80 6.82
CA MET M 47 -60.97 -14.67 8.24
C MET M 47 -59.88 -13.92 8.98
N GLY M 48 -58.64 -14.14 8.59
CA GLY M 48 -57.49 -13.60 9.31
C GLY M 48 -56.23 -14.41 9.04
N TRP M 49 -55.14 -13.98 9.67
CA TRP M 49 -53.88 -14.71 9.57
C TRP M 49 -53.12 -14.72 10.87
N ILE M 50 -52.25 -15.71 11.01
CA ILE M 50 -51.28 -15.75 12.08
C ILE M 50 -49.87 -15.87 11.55
N ASN M 51 -48.94 -15.20 12.21
CA ASN M 51 -47.53 -15.29 11.88
C ASN M 51 -46.79 -16.11 12.94
N PRO M 52 -46.52 -17.39 12.68
CA PRO M 52 -46.00 -18.38 13.60
C PRO M 52 -44.74 -17.93 14.34
N ILE M 53 -43.92 -17.10 13.70
CA ILE M 53 -42.68 -16.65 14.31
C ILE M 53 -42.93 -15.75 15.50
N SER M 54 -44.01 -14.98 15.46
CA SER M 54 -44.30 -13.99 16.47
C SER M 54 -45.61 -14.26 17.17
N SER M 55 -46.42 -15.13 16.58
CA SER M 55 -47.78 -15.38 17.01
C SER M 55 -48.64 -14.13 16.89
N GLY M 56 -48.21 -13.21 16.05
CA GLY M 56 -49.00 -12.03 15.73
C GLY M 56 -50.15 -12.42 14.82
N THR M 57 -51.27 -11.73 14.97
CA THR M 57 -52.43 -12.03 14.16
C THR M 57 -53.10 -10.79 13.62
N SER M 58 -53.95 -10.99 12.63
CA SER M 58 -54.87 -9.97 12.17
C SER M 58 -56.16 -10.63 11.72
N TYR M 59 -57.28 -10.07 12.13
CA TYR M 59 -58.57 -10.69 11.82
C TYR M 59 -59.43 -9.79 10.97
N ALA M 60 -60.27 -10.41 10.16
CA ALA M 60 -61.29 -9.67 9.44
C ALA M 60 -62.32 -9.14 10.41
N GLN M 61 -62.85 -7.96 10.13
CA GLN M 61 -63.81 -7.32 11.03
C GLN M 61 -65.02 -8.21 11.29
N THR M 62 -65.33 -9.05 10.33
CA THR M 62 -66.44 -9.97 10.43
C THR M 62 -66.28 -10.94 11.60
N PHE M 63 -65.05 -11.39 11.82
CA PHE M 63 -64.79 -12.44 12.80
C PHE M 63 -64.08 -11.90 14.04
N GLN M 64 -63.59 -10.68 13.96
CA GLN M 64 -62.87 -10.11 15.08
C GLN M 64 -63.72 -10.15 16.35
N GLY M 65 -63.15 -10.72 17.40
CA GLY M 65 -63.86 -10.85 18.67
C GLY M 65 -64.42 -12.26 18.86
N ARG M 66 -64.47 -13.03 17.78
CA ARG M 66 -64.96 -14.39 17.86
C ARG M 66 -63.90 -15.40 17.49
N VAL M 67 -62.96 -15.00 16.62
CA VAL M 67 -61.95 -15.94 16.16
C VAL M 67 -60.62 -15.67 16.82
N THR M 68 -59.98 -16.74 17.28
CA THR M 68 -58.64 -16.67 17.83
C THR M 68 -57.73 -17.61 17.07
N MET M 69 -56.63 -17.08 16.56
CA MET M 69 -55.68 -17.90 15.84
C MET M 69 -54.40 -18.08 16.64
N THR M 70 -53.94 -19.31 16.73
CA THR M 70 -52.72 -19.64 17.45
C THR M 70 -51.89 -20.60 16.62
N SER M 71 -50.67 -20.87 17.07
CA SER M 71 -49.82 -21.81 16.38
C SER M 71 -48.81 -22.44 17.31
N ASP M 72 -48.26 -23.56 16.89
CA ASP M 72 -47.21 -24.22 17.63
C ASP M 72 -46.13 -24.70 16.67
N THR M 73 -44.99 -24.02 16.68
CA THR M 73 -43.96 -24.26 15.69
C THR M 73 -43.28 -25.60 15.90
N SER M 74 -43.38 -26.15 17.11
CA SER M 74 -42.68 -27.39 17.40
C SER M 74 -43.29 -28.56 16.64
N ILE M 75 -44.54 -28.37 16.21
CA ILE M 75 -45.24 -29.38 15.42
C ILE M 75 -45.76 -28.76 14.14
N THR M 76 -45.18 -27.62 13.76
CA THR M 76 -45.58 -26.87 12.58
C THR M 76 -47.07 -26.93 12.34
N THR M 77 -47.86 -26.56 13.34
CA THR M 77 -49.30 -26.59 13.22
C THR M 77 -49.94 -25.27 13.58
N ALA M 78 -50.88 -24.83 12.75
CA ALA M 78 -51.65 -23.63 13.01
C ALA M 78 -53.06 -24.00 13.46
N TYR M 79 -53.64 -23.16 14.31
CA TYR M 79 -54.98 -23.41 14.81
C TYR M 79 -55.88 -22.20 14.63
N MET M 80 -57.14 -22.47 14.36
CA MET M 80 -58.14 -21.41 14.33
C MET M 80 -59.35 -21.80 15.15
N GLU M 81 -59.61 -21.04 16.21
CA GLU M 81 -60.74 -21.32 17.07
C GLU M 81 -61.83 -20.29 16.91
N LEU M 82 -62.99 -20.73 16.48
CA LEU M 82 -64.12 -19.81 16.29
C LEU M 82 -65.17 -20.06 17.36
N SER M 83 -65.35 -19.09 18.24
CA SER M 83 -66.23 -19.24 19.40
C SER M 83 -67.60 -18.67 19.14
N ARG M 84 -68.54 -18.96 20.05
CA ARG M 84 -69.90 -18.46 19.94
C ARG M 84 -70.50 -18.78 18.58
N LEU M 85 -70.37 -20.03 18.17
CA LEU M 85 -70.79 -20.45 16.85
C LEU M 85 -72.27 -20.21 16.61
N ARG M 86 -72.58 -19.74 15.41
CA ARG M 86 -73.94 -19.51 14.98
C ARG M 86 -74.29 -20.47 13.85
N SER M 87 -75.56 -20.58 13.52
CA SER M 87 -75.98 -21.49 12.46
C SER M 87 -75.36 -21.11 11.11
N ASP M 88 -75.04 -19.84 10.94
CA ASP M 88 -74.47 -19.37 9.68
C ASP M 88 -72.96 -19.51 9.65
N ASP M 89 -72.39 -20.14 10.67
CA ASP M 89 -70.97 -20.45 10.68
C ASP M 89 -70.71 -21.82 10.09
N THR M 90 -71.78 -22.47 9.63
CA THR M 90 -71.61 -23.72 8.90
C THR M 90 -70.88 -23.44 7.62
N ALA M 91 -69.70 -24.03 7.47
CA ALA M 91 -68.85 -23.73 6.33
C ALA M 91 -67.68 -24.68 6.25
N VAL M 92 -67.04 -24.69 5.10
CA VAL M 92 -65.76 -25.37 4.97
C VAL M 92 -64.63 -24.39 5.24
N TYR M 93 -63.82 -24.69 6.23
CA TYR M 93 -62.74 -23.81 6.62
C TYR M 93 -61.42 -24.29 6.08
N TYR M 94 -60.75 -23.42 5.34
CA TYR M 94 -59.47 -23.76 4.75
C TYR M 94 -58.35 -23.02 5.45
N CYS M 95 -57.19 -23.67 5.54
CA CYS M 95 -55.95 -22.99 5.88
C CYS M 95 -55.18 -22.76 4.59
N ALA M 96 -54.50 -21.64 4.50
CA ALA M 96 -53.76 -21.33 3.30
C ALA M 96 -52.48 -20.59 3.61
N ARG M 97 -51.46 -20.85 2.81
CA ARG M 97 -50.17 -20.23 3.01
C ARG M 97 -50.01 -19.01 2.14
N ALA M 98 -49.39 -17.97 2.70
CA ALA M 98 -49.02 -16.79 1.96
C ALA M 98 -47.73 -16.21 2.51
N ALA M 99 -47.00 -15.49 1.68
CA ALA M 99 -45.76 -14.88 2.14
C ALA M 99 -46.08 -13.83 3.19
N PRO M 100 -45.11 -13.50 4.04
CA PRO M 100 -45.17 -12.44 5.02
C PRO M 100 -45.13 -11.08 4.33
N PHE M 101 -45.51 -10.05 5.05
CA PHE M 101 -45.62 -8.72 4.47
C PHE M 101 -44.29 -8.16 3.97
N TYR M 102 -43.19 -8.74 4.42
CA TYR M 102 -41.90 -8.21 4.01
C TYR M 102 -41.43 -8.81 2.70
N ASP M 103 -42.25 -9.66 2.10
CA ASP M 103 -41.93 -10.26 0.82
C ASP M 103 -41.84 -9.19 -0.27
N PHE M 104 -40.68 -9.13 -0.92
CA PHE M 104 -40.40 -8.09 -1.89
C PHE M 104 -41.38 -8.11 -3.07
N TRP M 105 -41.74 -9.31 -3.53
CA TRP M 105 -42.56 -9.43 -4.72
C TRP M 105 -44.03 -9.66 -4.40
N SER M 106 -44.46 -9.15 -3.25
CA SER M 106 -45.87 -9.15 -2.86
C SER M 106 -46.49 -10.53 -2.86
N GLY M 107 -45.76 -11.51 -2.34
CA GLY M 107 -46.28 -12.87 -2.23
C GLY M 107 -47.33 -12.97 -1.14
N TYR M 108 -47.50 -11.88 -0.38
CA TYR M 108 -48.46 -11.86 0.70
C TYR M 108 -49.87 -11.56 0.18
N SER M 109 -49.94 -11.10 -1.06
CA SER M 109 -51.21 -10.63 -1.62
C SER M 109 -52.10 -11.79 -2.05
N TYR M 110 -51.55 -12.99 -2.07
CA TYR M 110 -52.28 -14.15 -2.55
C TYR M 110 -51.92 -15.41 -1.78
N PHE M 111 -52.71 -16.46 -1.97
CA PHE M 111 -52.53 -17.71 -1.25
C PHE M 111 -52.07 -18.80 -2.19
N ASP M 112 -50.84 -19.26 -2.04
CA ASP M 112 -50.28 -20.18 -3.00
C ASP M 112 -50.55 -21.64 -2.66
N TYR M 113 -50.78 -21.93 -1.40
CA TYR M 113 -51.10 -23.29 -1.01
C TYR M 113 -52.28 -23.37 -0.09
N TRP M 114 -53.14 -24.34 -0.34
CA TRP M 114 -54.35 -24.55 0.45
C TRP M 114 -54.38 -25.95 1.01
N GLY M 115 -54.93 -26.10 2.19
CA GLY M 115 -55.17 -27.43 2.75
C GLY M 115 -56.53 -27.94 2.30
N GLN M 116 -56.82 -29.19 2.60
CA GLN M 116 -58.15 -29.70 2.31
C GLN M 116 -59.09 -29.09 3.34
N GLY M 117 -60.25 -28.66 2.92
CA GLY M 117 -61.10 -27.91 3.81
C GLY M 117 -61.64 -28.77 4.94
N THR M 118 -61.86 -28.14 6.09
CA THR M 118 -62.49 -28.80 7.21
C THR M 118 -63.92 -28.31 7.37
N LEU M 119 -64.87 -29.21 7.24
CA LEU M 119 -66.27 -28.83 7.35
C LEU M 119 -66.71 -28.76 8.79
N VAL M 120 -67.29 -27.64 9.16
CA VAL M 120 -67.87 -27.48 10.48
C VAL M 120 -69.36 -27.19 10.34
N THR M 121 -70.17 -28.03 10.98
CA THR M 121 -71.62 -27.88 10.92
C THR M 121 -72.15 -27.36 12.24
N VAL M 122 -73.01 -26.34 12.19
CA VAL M 122 -73.58 -25.73 13.39
C VAL M 122 -75.10 -25.69 13.28
N VAL N 1 54.58 -77.42 -5.78
CA VAL N 1 53.18 -77.01 -5.64
C VAL N 1 52.29 -78.24 -5.57
N GLN N 2 51.66 -78.47 -4.40
CA GLN N 2 50.74 -79.58 -4.21
C GLN N 2 49.52 -79.16 -3.40
N LEU N 3 48.40 -79.80 -3.67
CA LEU N 3 47.15 -79.55 -2.96
C LEU N 3 46.50 -80.86 -2.55
N VAL N 4 46.17 -80.99 -1.27
CA VAL N 4 45.59 -82.22 -0.76
C VAL N 4 44.22 -82.02 -0.13
N GLU N 5 43.20 -82.61 -0.74
CA GLU N 5 41.83 -82.54 -0.22
C GLU N 5 41.58 -83.61 0.83
N SER N 6 40.69 -83.30 1.77
CA SER N 6 40.22 -84.25 2.75
C SER N 6 38.85 -83.85 3.28
N GLY N 7 38.21 -84.74 4.02
CA GLY N 7 36.92 -84.43 4.61
C GLY N 7 35.75 -84.95 3.79
N GLY N 8 36.02 -85.81 2.82
CA GLY N 8 34.97 -86.38 1.99
C GLY N 8 34.25 -87.48 2.77
N GLY N 9 33.38 -88.23 2.09
CA GLY N 9 32.62 -89.26 2.77
C GLY N 9 31.20 -89.37 2.25
N VAL N 10 30.36 -90.07 3.02
CA VAL N 10 28.97 -90.31 2.62
C VAL N 10 28.00 -89.69 3.61
N VAL N 11 27.09 -88.87 3.10
CA VAL N 11 26.08 -88.22 3.93
C VAL N 11 24.69 -88.40 3.35
N GLN N 12 23.67 -88.13 4.14
CA GLN N 12 22.31 -88.14 3.65
C GLN N 12 21.89 -86.72 3.26
N PRO N 13 20.92 -86.57 2.35
CA PRO N 13 20.32 -85.31 1.95
C PRO N 13 19.82 -84.53 3.15
N GLY N 14 20.12 -83.24 3.15
CA GLY N 14 19.67 -82.33 4.19
C GLY N 14 20.75 -82.10 5.24
N ARG N 15 21.78 -82.92 5.23
CA ARG N 15 22.85 -82.79 6.22
C ARG N 15 24.05 -82.08 5.61
N SER N 16 24.94 -81.58 6.46
CA SER N 16 26.09 -80.80 6.02
C SER N 16 27.40 -81.58 6.05
N LEU N 17 28.40 -81.05 5.35
CA LEU N 17 29.74 -81.62 5.33
C LEU N 17 30.78 -80.54 5.08
N ARG N 18 31.86 -80.53 5.88
CA ARG N 18 32.94 -79.59 5.65
C ARG N 18 34.14 -80.25 4.99
N LEU N 19 34.58 -79.68 3.89
CA LEU N 19 35.78 -80.15 3.21
C LEU N 19 36.94 -79.22 3.50
N SER N 20 38.15 -79.73 3.41
CA SER N 20 39.32 -78.88 3.57
C SER N 20 40.41 -79.30 2.60
N CYS N 21 41.32 -78.37 2.31
CA CYS N 21 42.45 -78.58 1.42
C CYS N 21 43.72 -77.96 1.99
N ALA N 22 44.76 -78.78 2.10
CA ALA N 22 46.05 -78.31 2.60
C ALA N 22 46.95 -77.93 1.46
N ALA N 23 47.50 -76.72 1.52
CA ALA N 23 48.36 -76.23 0.45
C ALA N 23 49.80 -76.15 0.89
N SER N 24 50.71 -76.54 0.00
CA SER N 24 52.14 -76.40 0.27
C SER N 24 52.95 -76.30 -1.02
N GLY N 25 54.18 -75.83 -0.91
CA GLY N 25 55.07 -75.71 -2.05
C GLY N 25 55.05 -74.30 -2.64
N PHE N 26 54.17 -73.46 -2.11
CA PHE N 26 54.04 -72.08 -2.56
C PHE N 26 53.48 -71.22 -1.45
N THR N 27 53.53 -69.90 -1.63
CA THR N 27 52.98 -69.02 -0.62
C THR N 27 51.48 -68.93 -0.79
N PHE N 28 50.76 -69.63 0.07
CA PHE N 28 49.31 -69.76 -0.02
C PHE N 28 48.63 -68.40 -0.06
N SER N 29 49.09 -67.52 0.81
CA SER N 29 48.49 -66.20 0.98
C SER N 29 48.64 -65.28 -0.23
N ASN N 30 49.39 -65.70 -1.24
CA ASN N 30 49.57 -64.86 -2.43
C ASN N 30 48.68 -65.28 -3.60
N TYR N 31 47.89 -66.34 -3.41
CA TYR N 31 47.07 -66.84 -4.51
C TYR N 31 45.61 -67.01 -4.12
N GLY N 32 44.72 -66.82 -5.09
CA GLY N 32 43.32 -67.15 -4.89
C GLY N 32 43.14 -68.65 -5.06
N MET N 33 42.00 -69.16 -4.63
CA MET N 33 41.75 -70.60 -4.73
C MET N 33 40.36 -70.91 -5.24
N HIS N 34 40.24 -72.03 -5.94
CA HIS N 34 38.98 -72.49 -6.48
C HIS N 34 38.54 -73.82 -5.88
N TRP N 35 37.23 -74.02 -5.87
CA TRP N 35 36.67 -75.37 -5.72
C TRP N 35 35.91 -75.73 -6.98
N VAL N 36 36.13 -76.94 -7.46
CA VAL N 36 35.46 -77.46 -8.63
C VAL N 36 34.96 -78.86 -8.35
N ARG N 37 33.79 -79.22 -8.85
CA ARG N 37 33.28 -80.56 -8.59
C ARG N 37 32.97 -81.29 -9.89
N GLN N 38 33.15 -82.61 -9.86
CA GLN N 38 32.86 -83.42 -11.03
C GLN N 38 32.00 -84.63 -10.70
N ALA N 39 30.74 -84.57 -11.09
CA ALA N 39 29.84 -85.70 -10.88
C ALA N 39 30.27 -86.85 -11.77
N PRO N 40 30.15 -88.10 -11.33
CA PRO N 40 30.47 -89.29 -12.09
C PRO N 40 29.81 -89.26 -13.46
N GLY N 41 30.62 -89.45 -14.50
CA GLY N 41 30.11 -89.49 -15.87
C GLY N 41 29.90 -88.10 -16.46
N LYS N 42 30.19 -87.07 -15.68
CA LYS N 42 29.95 -85.69 -16.13
C LYS N 42 31.25 -84.90 -16.27
N GLY N 43 31.14 -83.71 -16.83
CA GLY N 43 32.30 -82.83 -16.99
C GLY N 43 32.52 -82.02 -15.73
N LEU N 44 33.42 -81.04 -15.81
CA LEU N 44 33.77 -80.24 -14.65
C LEU N 44 32.75 -79.13 -14.44
N GLU N 45 32.34 -78.95 -13.18
CA GLU N 45 31.44 -77.86 -12.83
C GLU N 45 32.05 -77.01 -11.72
N TRP N 46 32.16 -75.73 -11.96
CA TRP N 46 32.78 -74.81 -11.01
C TRP N 46 31.90 -74.58 -9.79
N VAL N 47 32.50 -74.50 -8.62
CA VAL N 47 31.76 -74.27 -7.39
C VAL N 47 31.97 -72.87 -6.81
N ALA N 48 33.22 -72.50 -6.54
CA ALA N 48 33.48 -71.21 -5.92
C ALA N 48 34.93 -70.77 -6.07
N VAL N 49 35.16 -69.46 -5.96
CA VAL N 49 36.52 -68.93 -5.89
C VAL N 49 36.65 -67.92 -4.76
N ILE N 50 37.79 -67.94 -4.10
CA ILE N 50 38.07 -66.98 -3.05
C ILE N 50 39.38 -66.26 -3.33
N TRP N 51 39.40 -64.95 -3.08
CA TRP N 51 40.60 -64.15 -3.28
C TRP N 51 41.64 -64.44 -2.22
N TYR N 52 42.89 -64.15 -2.53
CA TYR N 52 44.01 -64.45 -1.65
C TYR N 52 43.89 -63.85 -0.25
N ASP N 53 43.18 -62.73 -0.13
CA ASP N 53 43.04 -62.08 1.17
C ASP N 53 41.72 -62.43 1.84
N GLY N 54 40.91 -63.25 1.18
CA GLY N 54 39.64 -63.71 1.72
C GLY N 54 38.56 -62.65 1.67
N SER N 55 38.82 -61.53 0.97
CA SER N 55 37.87 -60.43 0.95
C SER N 55 36.71 -60.66 -0.02
N ASN N 56 36.93 -61.45 -1.05
CA ASN N 56 35.91 -61.66 -2.07
C ASN N 56 35.63 -63.12 -2.34
N LYS N 57 34.36 -63.49 -2.21
CA LYS N 57 33.92 -64.86 -2.39
C LYS N 57 32.82 -64.95 -3.44
N PHE N 58 33.07 -65.70 -4.50
CA PHE N 58 32.07 -65.85 -5.56
C PHE N 58 31.66 -67.31 -5.68
N TYR N 59 30.38 -67.53 -5.98
CA TYR N 59 29.85 -68.89 -6.03
C TYR N 59 29.08 -69.15 -7.30
N ALA N 60 29.06 -70.41 -7.71
CA ALA N 60 28.22 -70.84 -8.83
C ALA N 60 26.76 -70.70 -8.46
N ASP N 61 25.93 -70.42 -9.45
CA ASP N 61 24.50 -70.23 -9.22
C ASP N 61 23.86 -71.42 -8.50
N SER N 62 24.35 -72.63 -8.79
CA SER N 62 23.74 -73.84 -8.25
C SER N 62 24.08 -74.10 -6.79
N VAL N 63 25.07 -73.41 -6.24
CA VAL N 63 25.47 -73.63 -4.85
C VAL N 63 25.33 -72.36 -4.01
N LYS N 64 25.10 -71.24 -4.67
CA LYS N 64 25.00 -69.97 -3.97
C LYS N 64 23.92 -70.02 -2.90
N GLY N 65 24.28 -69.63 -1.69
CA GLY N 65 23.35 -69.60 -0.57
C GLY N 65 23.44 -70.85 0.30
N ARG N 66 24.11 -71.88 -0.20
CA ARG N 66 24.25 -73.11 0.55
C ARG N 66 25.70 -73.39 0.92
N PHE N 67 26.60 -73.14 -0.02
CA PHE N 67 28.02 -73.42 0.21
C PHE N 67 28.76 -72.16 0.61
N THR N 68 29.70 -72.30 1.54
CA THR N 68 30.54 -71.18 1.94
C THR N 68 32.02 -71.50 1.75
N ILE N 69 32.72 -70.62 1.04
CA ILE N 69 34.15 -70.80 0.81
C ILE N 69 34.92 -69.88 1.73
N SER N 70 35.95 -70.41 2.37
CA SER N 70 36.77 -69.62 3.27
C SER N 70 38.20 -70.09 3.24
N ARG N 71 39.12 -69.24 3.70
CA ARG N 71 40.52 -69.61 3.73
C ARG N 71 41.14 -69.22 5.05
N ASP N 72 42.19 -69.92 5.43
CA ASP N 72 42.98 -69.58 6.60
C ASP N 72 44.44 -69.47 6.21
N ASN N 73 44.91 -68.25 6.00
CA ASN N 73 46.26 -68.05 5.49
C ASN N 73 47.30 -68.48 6.50
N SER N 74 47.00 -68.32 7.78
CA SER N 74 47.93 -68.68 8.83
C SER N 74 48.21 -70.17 8.83
N LYS N 75 47.19 -70.97 8.51
CA LYS N 75 47.33 -72.42 8.49
C LYS N 75 47.54 -72.97 7.09
N ASN N 76 47.70 -72.08 6.11
CA ASN N 76 47.89 -72.49 4.72
C ASN N 76 46.85 -73.49 4.27
N SER N 77 45.58 -73.21 4.58
CA SER N 77 44.52 -74.15 4.24
C SER N 77 43.27 -73.48 3.69
N LEU N 78 42.55 -74.22 2.87
CA LEU N 78 41.30 -73.79 2.25
C LEU N 78 40.14 -74.64 2.75
N TYR N 79 39.00 -74.00 2.99
CA TYR N 79 37.82 -74.73 3.46
C TYR N 79 36.60 -74.52 2.58
N LEU N 80 35.74 -75.53 2.53
CA LEU N 80 34.43 -75.40 1.90
C LEU N 80 33.36 -76.02 2.78
N GLN N 81 32.44 -75.19 3.27
CA GLN N 81 31.37 -75.68 4.12
C GLN N 81 30.10 -75.86 3.30
N MET N 82 29.65 -77.10 3.16
CA MET N 82 28.49 -77.37 2.34
C MET N 82 27.28 -77.70 3.19
N ASN N 83 26.29 -76.82 3.19
CA ASN N 83 25.08 -77.04 3.97
C ASN N 83 23.96 -77.54 3.08
N SER N 84 22.98 -78.22 3.69
CA SER N 84 21.81 -78.66 2.96
C SER N 84 22.18 -79.38 1.67
N LEU N 85 23.02 -80.40 1.79
CA LEU N 85 23.43 -81.18 0.63
C LEU N 85 22.27 -81.98 0.06
N ARG N 86 22.25 -82.11 -1.26
CA ARG N 86 21.22 -82.86 -1.95
C ARG N 86 21.85 -83.97 -2.79
N ALA N 87 21.04 -84.92 -3.24
CA ALA N 87 21.56 -86.02 -4.05
C ALA N 87 22.31 -85.50 -5.27
N GLU N 88 21.85 -84.38 -5.81
CA GLU N 88 22.43 -83.77 -6.99
C GLU N 88 23.85 -83.25 -6.77
N ASP N 89 24.28 -83.18 -5.51
CA ASP N 89 25.58 -82.66 -5.17
C ASP N 89 26.66 -83.74 -5.11
N THR N 90 26.30 -84.97 -5.46
CA THR N 90 27.31 -86.04 -5.47
C THR N 90 28.34 -85.76 -6.54
N ALA N 91 29.60 -85.68 -6.14
CA ALA N 91 30.68 -85.34 -7.04
C ALA N 91 32.04 -85.48 -6.38
N VAL N 92 33.09 -85.51 -7.18
CA VAL N 92 34.43 -85.39 -6.66
C VAL N 92 34.80 -83.91 -6.56
N TYR N 93 35.18 -83.47 -5.38
CA TYR N 93 35.51 -82.07 -5.16
C TYR N 93 37.01 -81.84 -5.19
N PHE N 94 37.42 -80.86 -5.97
CA PHE N 94 38.82 -80.51 -6.12
C PHE N 94 39.06 -79.11 -5.58
N CYS N 95 40.23 -78.89 -4.99
CA CYS N 95 40.73 -77.55 -4.71
C CYS N 95 41.79 -77.23 -5.77
N ALA N 96 41.90 -75.95 -6.12
CA ALA N 96 42.88 -75.61 -7.15
C ALA N 96 43.40 -74.18 -6.99
N ARG N 97 44.63 -73.97 -7.46
CA ARG N 97 45.26 -72.66 -7.37
C ARG N 97 44.89 -71.79 -8.57
N ALA N 98 44.39 -70.60 -8.28
CA ALA N 98 43.92 -69.65 -9.28
C ALA N 98 45.05 -69.00 -10.06
N PHE N 99 44.76 -68.64 -11.31
CA PHE N 99 45.68 -67.92 -12.16
C PHE N 99 44.95 -66.78 -12.89
N PRO N 100 45.48 -65.55 -12.89
CA PRO N 100 44.89 -64.37 -13.49
C PRO N 100 44.46 -64.57 -14.95
N ASP N 101 43.25 -64.12 -15.25
CA ASP N 101 42.68 -64.18 -16.60
C ASP N 101 42.84 -62.84 -17.32
N SER N 102 43.59 -62.84 -18.42
CA SER N 102 43.95 -61.59 -19.10
C SER N 102 42.77 -60.85 -19.75
N SER N 103 41.61 -61.49 -19.84
CA SER N 103 40.46 -60.85 -20.49
C SER N 103 39.48 -60.24 -19.48
N SER N 104 39.84 -60.26 -18.20
CA SER N 104 38.97 -59.73 -17.17
C SER N 104 39.76 -58.99 -16.10
N TRP N 105 39.11 -58.03 -15.44
CA TRP N 105 39.78 -57.21 -14.44
C TRP N 105 40.31 -58.05 -13.28
N SER N 106 39.48 -58.96 -12.78
CA SER N 106 39.88 -59.81 -11.66
C SER N 106 39.37 -61.22 -11.86
N GLY N 107 39.35 -61.67 -13.10
CA GLY N 107 38.89 -63.01 -13.41
C GLY N 107 40.01 -64.01 -13.23
N PHE N 108 39.64 -65.28 -13.07
CA PHE N 108 40.63 -66.31 -12.87
C PHE N 108 40.39 -67.53 -13.73
N THR N 109 41.47 -68.21 -14.07
CA THR N 109 41.44 -69.56 -14.59
C THR N 109 42.10 -70.46 -13.57
N ILE N 110 42.27 -71.72 -13.89
CA ILE N 110 42.81 -72.65 -12.91
C ILE N 110 44.13 -73.25 -13.35
N ASP N 111 45.13 -73.17 -12.48
CA ASP N 111 46.47 -73.66 -12.78
C ASP N 111 46.71 -75.04 -12.20
N TYR N 112 46.84 -75.12 -10.88
CA TYR N 112 47.16 -76.38 -10.22
C TYR N 112 45.94 -77.00 -9.57
N TRP N 113 45.73 -78.28 -9.85
CA TRP N 113 44.60 -79.01 -9.29
C TRP N 113 45.08 -80.03 -8.27
N GLY N 114 44.27 -80.25 -7.23
CA GLY N 114 44.53 -81.34 -6.30
C GLY N 114 43.97 -82.64 -6.86
N GLN N 115 44.09 -83.73 -6.11
CA GLN N 115 43.60 -85.02 -6.59
C GLN N 115 42.09 -85.14 -6.45
N GLY N 116 41.53 -84.46 -5.45
CA GLY N 116 40.10 -84.42 -5.25
C GLY N 116 39.62 -85.44 -4.23
N THR N 117 38.49 -85.15 -3.59
CA THR N 117 37.89 -86.04 -2.62
C THR N 117 36.42 -86.29 -2.96
N LEU N 118 35.99 -87.54 -2.87
CA LEU N 118 34.63 -87.89 -3.26
C LEU N 118 33.61 -87.62 -2.16
N VAL N 119 32.55 -86.92 -2.54
CA VAL N 119 31.43 -86.69 -1.65
C VAL N 119 30.16 -87.31 -2.22
N THR N 120 29.57 -88.24 -1.47
CA THR N 120 28.34 -88.89 -1.89
C THR N 120 27.23 -88.51 -0.92
N VAL N 121 26.08 -88.09 -1.45
CA VAL N 121 24.96 -87.65 -0.62
C VAL N 121 23.85 -88.69 -0.63
N TYR O 1 26.05 -67.66 -19.60
CA TYR O 1 26.98 -67.98 -20.67
C TYR O 1 27.37 -69.46 -20.60
N GLU O 2 27.46 -70.10 -21.77
CA GLU O 2 27.82 -71.51 -21.88
C GLU O 2 28.75 -71.75 -23.05
N LEU O 3 29.53 -72.84 -22.97
CA LEU O 3 30.39 -73.25 -24.07
C LEU O 3 29.84 -74.50 -24.73
N THR O 4 30.07 -74.64 -26.02
CA THR O 4 29.65 -75.84 -26.73
C THR O 4 30.81 -76.52 -27.46
N GLN O 5 31.04 -77.79 -27.14
CA GLN O 5 32.10 -78.55 -27.78
C GLN O 5 31.66 -80.02 -27.91
N PRO O 6 32.12 -80.71 -28.96
CA PRO O 6 31.75 -82.08 -29.32
C PRO O 6 32.21 -83.08 -28.26
N PRO O 7 31.44 -84.15 -28.02
CA PRO O 7 31.74 -85.26 -27.14
C PRO O 7 33.11 -85.88 -27.36
N SER O 8 33.54 -85.99 -28.62
CA SER O 8 34.83 -86.62 -28.90
C SER O 8 35.41 -86.23 -30.26
N VAL O 9 36.74 -86.37 -30.36
CA VAL O 9 37.49 -86.19 -31.60
C VAL O 9 38.49 -87.33 -31.79
N SER O 10 38.55 -87.91 -33.00
CA SER O 10 39.48 -88.99 -33.32
C SER O 10 40.94 -88.53 -33.21
N THR O 11 46.57 -84.37 -36.97
CA THR O 11 46.37 -83.29 -36.01
C THR O 11 44.92 -83.32 -35.50
N ALA O 12 44.76 -83.36 -34.17
CA ALA O 12 43.44 -83.31 -33.55
C ALA O 12 43.05 -81.87 -33.27
N ARG O 13 41.82 -81.52 -33.55
CA ARG O 13 41.35 -80.16 -33.29
C ARG O 13 40.05 -80.18 -32.51
N ILE O 14 40.09 -79.57 -31.33
CA ILE O 14 38.93 -79.50 -30.47
C ILE O 14 38.34 -78.11 -30.49
N THR O 15 37.09 -78.01 -30.95
CA THR O 15 36.44 -76.73 -31.09
C THR O 15 35.63 -76.39 -29.85
N CYS O 16 35.53 -75.10 -29.54
CA CYS O 16 34.76 -74.57 -28.42
C CYS O 16 33.99 -73.33 -28.84
N GLY O 17 32.68 -73.48 -29.02
CA GLY O 17 31.85 -72.40 -29.50
C GLY O 17 31.32 -71.54 -28.35
N GLY O 18 30.91 -70.33 -28.69
CA GLY O 18 30.31 -69.42 -27.72
C GLY O 18 29.84 -68.14 -28.41
N ASN O 19 29.24 -67.24 -27.65
CA ASN O 19 28.72 -65.99 -28.23
C ASN O 19 29.80 -64.93 -28.26
N ASN O 20 30.33 -64.67 -29.45
CA ASN O 20 31.44 -63.74 -29.60
C ASN O 20 32.55 -64.09 -28.64
N ILE O 21 32.92 -65.36 -28.62
CA ILE O 21 33.93 -65.90 -27.72
C ILE O 21 35.27 -65.20 -27.89
N GLU O 22 35.47 -64.55 -29.04
CA GLU O 22 36.70 -63.81 -29.30
C GLU O 22 37.02 -62.81 -28.19
N ARG O 23 35.98 -62.22 -27.59
CA ARG O 23 36.19 -61.21 -26.56
C ARG O 23 36.57 -61.81 -25.21
N LYS O 24 36.46 -63.13 -25.08
CA LYS O 24 36.79 -63.79 -23.84
C LYS O 24 38.05 -64.63 -23.99
N SER O 25 38.82 -64.73 -22.91
CA SER O 25 39.99 -65.60 -22.93
C SER O 25 39.58 -67.04 -22.73
N VAL O 26 40.08 -67.92 -23.59
CA VAL O 26 39.78 -69.34 -23.47
C VAL O 26 40.95 -70.11 -22.93
N HIS O 27 40.68 -70.95 -21.94
CA HIS O 27 41.71 -71.76 -21.31
C HIS O 27 41.35 -73.22 -21.46
N TRP O 28 42.35 -74.08 -21.51
CA TRP O 28 42.11 -75.51 -21.68
C TRP O 28 42.82 -76.33 -20.63
N CYS O 29 42.13 -77.35 -20.12
CA CYS O 29 42.77 -78.27 -19.18
C CYS O 29 42.53 -79.71 -19.60
N GLN O 30 43.50 -80.57 -19.33
CA GLN O 30 43.47 -81.96 -19.74
C GLN O 30 43.29 -82.89 -18.55
N GLN O 31 42.25 -83.71 -18.61
CA GLN O 31 42.01 -84.67 -17.54
C GLN O 31 42.12 -86.10 -18.04
N LYS O 32 43.10 -86.82 -17.51
CA LYS O 32 43.26 -88.23 -17.86
C LYS O 32 42.43 -89.06 -16.89
N PRO O 33 41.93 -90.22 -17.30
CA PRO O 33 41.16 -91.14 -16.49
C PRO O 33 41.86 -91.45 -15.19
N GLY O 34 41.15 -91.24 -14.08
CA GLY O 34 41.70 -91.53 -12.75
C GLY O 34 42.61 -90.41 -12.24
N GLN O 35 42.72 -89.32 -12.98
CA GLN O 35 43.62 -88.24 -12.61
C GLN O 35 42.91 -86.88 -12.58
N ALA O 36 43.50 -85.95 -11.84
CA ALA O 36 43.02 -84.57 -11.81
C ALA O 36 43.35 -83.89 -13.13
N PRO O 37 42.58 -82.86 -13.53
CA PRO O 37 42.84 -81.99 -14.66
C PRO O 37 44.14 -81.23 -14.48
N ALA O 38 44.76 -80.85 -15.59
CA ALA O 38 45.95 -79.99 -15.55
C ALA O 38 45.88 -78.94 -16.65
N LEU O 39 46.37 -77.75 -16.36
CA LEU O 39 46.33 -76.67 -17.35
C LEU O 39 47.27 -76.97 -18.51
N VAL O 40 46.74 -76.85 -19.73
CA VAL O 40 47.54 -77.09 -20.92
C VAL O 40 47.76 -75.80 -21.69
N VAL O 41 46.68 -75.04 -21.89
CA VAL O 41 46.75 -73.75 -22.56
C VAL O 41 45.98 -72.69 -21.77
N TYR O 42 46.50 -71.48 -21.73
CA TYR O 42 45.80 -70.38 -21.08
C TYR O 42 45.91 -69.12 -21.91
N ASP O 43 44.99 -68.19 -21.70
CA ASP O 43 45.01 -66.95 -22.45
C ASP O 43 45.08 -67.25 -23.95
N ASP O 44 44.21 -68.15 -24.42
CA ASP O 44 44.08 -68.54 -25.82
C ASP O 44 45.18 -69.44 -26.34
N SER O 45 46.43 -69.00 -26.27
CA SER O 45 47.51 -69.76 -26.90
C SER O 45 48.79 -69.91 -26.07
N ASP O 46 48.81 -69.39 -24.85
CA ASP O 46 50.02 -69.50 -24.04
C ASP O 46 50.09 -70.85 -23.34
N ARG O 47 51.30 -71.36 -23.16
CA ARG O 47 51.49 -72.62 -22.45
C ARG O 47 52.25 -72.41 -21.15
N PRO O 48 51.90 -73.14 -20.10
CA PRO O 48 52.63 -73.25 -18.86
C PRO O 48 53.83 -74.16 -19.06
N SER O 49 54.85 -74.01 -18.23
CA SER O 49 56.02 -74.85 -18.36
C SER O 49 55.64 -76.33 -18.21
N GLY O 50 56.25 -77.16 -19.04
CA GLY O 50 56.01 -78.60 -19.00
C GLY O 50 55.11 -79.09 -20.12
N ILE O 51 54.42 -78.16 -20.79
CA ILE O 51 53.54 -78.53 -21.89
C ILE O 51 54.27 -78.47 -23.23
N PRO O 52 54.31 -79.58 -23.99
CA PRO O 52 54.95 -79.72 -25.28
C PRO O 52 54.44 -78.69 -26.28
N GLU O 53 55.31 -78.30 -27.19
CA GLU O 53 55.01 -77.32 -28.24
C GLU O 53 53.93 -77.82 -29.19
N ARG O 54 53.58 -79.09 -29.07
CA ARG O 54 52.54 -79.70 -29.87
C ARG O 54 51.19 -79.07 -29.60
N PHE O 55 51.05 -78.47 -28.43
CA PHE O 55 49.79 -77.87 -28.00
C PHE O 55 49.73 -76.39 -28.35
N SER O 56 48.80 -76.04 -29.22
CA SER O 56 48.61 -74.66 -29.64
C SER O 56 47.13 -74.39 -29.73
N GLY O 57 46.77 -73.16 -30.08
CA GLY O 57 45.36 -72.85 -30.19
C GLY O 57 45.11 -71.45 -30.73
N SER O 58 43.84 -71.13 -30.90
CA SER O 58 43.43 -69.84 -31.43
C SER O 58 42.05 -69.49 -30.93
N ASN O 59 41.68 -68.23 -31.09
CA ASN O 59 40.38 -67.75 -30.65
C ASN O 59 39.89 -66.65 -31.57
N SER O 60 38.82 -66.91 -32.32
CA SER O 60 38.31 -65.94 -33.28
C SER O 60 36.82 -66.08 -33.51
N GLY O 61 36.14 -64.94 -33.64
CA GLY O 61 34.72 -64.94 -33.95
C GLY O 61 33.91 -65.61 -32.86
N ASN O 62 33.16 -66.64 -33.25
CA ASN O 62 32.30 -67.37 -32.34
C ASN O 62 32.85 -68.75 -32.00
N THR O 63 34.15 -68.96 -32.22
CA THR O 63 34.74 -70.25 -31.91
C THR O 63 36.21 -70.15 -31.50
N ALA O 64 36.61 -71.06 -30.60
CA ALA O 64 37.99 -71.21 -30.20
C ALA O 64 38.44 -72.64 -30.46
N THR O 65 39.72 -72.84 -30.70
CA THR O 65 40.22 -74.17 -31.01
C THR O 65 41.48 -74.54 -30.25
N LEU O 66 41.52 -75.76 -29.74
CA LEU O 66 42.73 -76.35 -29.21
C LEU O 66 43.30 -77.32 -30.24
N THR O 67 44.49 -77.04 -30.72
CA THR O 67 45.10 -77.84 -31.77
C THR O 67 46.25 -78.66 -31.21
N ILE O 68 46.17 -79.97 -31.38
CA ILE O 68 47.22 -80.85 -30.89
C ILE O 68 47.88 -81.58 -32.05
N SER O 69 49.07 -81.17 -32.40
CA SER O 69 49.77 -81.78 -33.53
C SER O 69 50.46 -83.05 -33.08
N ARG O 70 50.82 -83.90 -34.03
CA ARG O 70 51.54 -85.12 -33.71
C ARG O 70 50.93 -85.81 -32.50
N VAL O 71 49.63 -86.10 -32.59
CA VAL O 71 48.88 -86.66 -31.48
C VAL O 71 49.41 -88.02 -31.08
N GLU O 72 49.62 -88.20 -29.78
CA GLU O 72 50.13 -89.45 -29.22
C GLU O 72 49.04 -90.20 -28.48
N ALA O 73 49.26 -91.48 -28.23
CA ALA O 73 48.32 -92.28 -27.45
C ALA O 73 48.23 -91.75 -26.02
N GLY O 74 49.27 -91.05 -25.59
CA GLY O 74 49.32 -90.51 -24.24
C GLY O 74 48.43 -89.28 -24.09
N ASP O 75 47.83 -88.84 -25.18
CA ASP O 75 46.96 -87.69 -25.17
C ASP O 75 45.49 -88.07 -25.04
N GLU O 76 45.23 -89.36 -24.88
CA GLU O 76 43.84 -89.81 -24.79
C GLU O 76 43.23 -89.36 -23.47
N ALA O 77 42.68 -88.16 -23.49
CA ALA O 77 42.17 -87.50 -22.30
C ALA O 77 40.99 -86.62 -22.62
N ASP O 78 40.27 -86.20 -21.58
CA ASP O 78 39.15 -85.28 -21.72
C ASP O 78 39.62 -83.85 -21.62
N TYR O 79 39.48 -83.10 -22.70
CA TYR O 79 39.93 -81.71 -22.73
C TYR O 79 38.77 -80.77 -22.53
N TYR O 80 38.87 -79.90 -21.54
CA TYR O 80 37.79 -78.99 -21.23
C TYR O 80 38.10 -77.57 -21.64
N CYS O 81 37.09 -76.89 -22.20
CA CYS O 81 37.16 -75.47 -22.55
C CYS O 81 36.54 -74.64 -21.44
N GLN O 82 37.24 -73.63 -20.96
CA GLN O 82 36.67 -72.77 -19.93
C GLN O 82 36.98 -71.29 -20.14
N VAL O 83 36.05 -70.44 -19.71
CA VAL O 83 36.25 -68.99 -19.73
C VAL O 83 35.82 -68.38 -18.40
N TRP O 84 36.24 -67.15 -18.14
CA TRP O 84 35.69 -66.40 -17.02
C TRP O 84 34.58 -65.48 -17.48
N ASP O 85 33.39 -65.65 -16.90
CA ASP O 85 32.26 -64.79 -17.23
C ASP O 85 32.20 -63.61 -16.28
N SER O 86 32.66 -62.45 -16.75
CA SER O 86 32.73 -61.25 -15.92
C SER O 86 31.34 -60.70 -15.64
N GLY O 87 30.34 -61.20 -16.37
CA GLY O 87 28.97 -60.74 -16.20
C GLY O 87 28.34 -61.34 -14.95
N SER O 88 28.84 -62.50 -14.52
CA SER O 88 28.28 -63.18 -13.35
C SER O 88 29.36 -63.66 -12.40
N ASP O 89 30.62 -63.38 -12.74
CA ASP O 89 31.76 -63.81 -11.95
C ASP O 89 31.79 -65.32 -11.72
N GLN O 90 31.59 -66.06 -12.81
CA GLN O 90 31.64 -67.52 -12.74
C GLN O 90 32.62 -68.10 -13.75
N VAL O 91 33.20 -69.23 -13.42
CA VAL O 91 33.98 -69.99 -14.39
C VAL O 91 33.05 -70.90 -15.15
N ILE O 92 33.04 -70.76 -16.45
CA ILE O 92 32.13 -71.53 -17.29
C ILE O 92 32.89 -72.64 -17.99
N PHE O 93 32.46 -73.88 -17.79
CA PHE O 93 33.09 -75.03 -18.42
C PHE O 93 32.21 -75.58 -19.53
N GLY O 94 32.86 -76.12 -20.57
CA GLY O 94 32.14 -76.85 -21.61
C GLY O 94 31.95 -78.29 -21.20
N GLY O 95 31.29 -79.07 -22.05
CA GLY O 95 31.01 -80.48 -21.74
C GLY O 95 32.29 -81.31 -21.59
N GLY O 96 33.29 -80.99 -22.41
CA GLY O 96 34.55 -81.74 -22.42
C GLY O 96 34.62 -82.65 -23.63
N THR O 97 35.76 -82.62 -24.33
CA THR O 97 35.95 -83.42 -25.52
C THR O 97 36.97 -84.53 -25.30
N LYS O 98 36.56 -85.76 -25.54
CA LYS O 98 37.46 -86.91 -25.37
C LYS O 98 38.23 -87.21 -26.65
N LEU O 99 39.54 -87.42 -26.53
CA LEU O 99 40.31 -87.85 -27.69
C LEU O 99 40.46 -89.36 -27.76
N THR O 100 40.43 -89.87 -28.99
CA THR O 100 40.70 -91.26 -29.27
C THR O 100 41.63 -91.37 -30.49
C1 NAG P . -4.42 -37.55 -24.03
C2 NAG P . -5.04 -38.38 -25.19
C3 NAG P . -3.94 -38.71 -26.22
C4 NAG P . -3.38 -37.37 -26.73
C5 NAG P . -2.82 -36.58 -25.55
C6 NAG P . -2.26 -35.23 -25.97
C7 NAG P . -6.86 -39.75 -24.43
C8 NAG P . -7.43 -41.02 -23.89
N2 NAG P . -5.55 -39.64 -24.67
O3 NAG P . -4.49 -39.46 -27.30
O4 NAG P . -2.36 -37.63 -27.71
O5 NAG P . -3.86 -36.34 -24.56
O6 NAG P . -3.19 -34.55 -26.80
O7 NAG P . -7.60 -38.79 -24.65
C1 NAG P . -2.51 -36.76 -28.91
C2 NAG P . -1.35 -37.03 -29.89
C3 NAG P . -1.51 -36.05 -31.07
C4 NAG P . -2.88 -36.23 -31.73
C5 NAG P . -3.96 -36.01 -30.64
C6 NAG P . -5.37 -36.19 -31.20
C7 NAG P . 0.57 -37.78 -28.63
C8 NAG P . 1.87 -37.54 -27.93
N2 NAG P . -0.07 -36.78 -29.22
O3 NAG P . -0.47 -36.29 -32.02
O4 NAG P . -3.04 -35.25 -32.76
O5 NAG P . -3.79 -36.94 -29.53
O6 NAG P . -5.54 -37.44 -31.84
O7 NAG P . 0.09 -38.92 -28.66
C1 BMA P . -3.11 -35.85 -34.12
C2 BMA P . -3.58 -34.76 -35.14
C3 BMA P . -3.65 -35.40 -36.53
C4 BMA P . -2.27 -35.97 -36.91
C5 BMA P . -1.86 -37.00 -35.84
C6 BMA P . -0.47 -37.56 -36.13
O2 BMA P . -2.67 -33.67 -35.13
O3 BMA P . -4.06 -34.42 -37.49
O4 BMA P . -2.34 -36.58 -38.19
O5 BMA P . -1.83 -36.39 -34.52
O6 BMA P . -0.26 -38.78 -35.42
C1 FUC P . -3.30 -33.12 -26.45
C2 FUC P . -3.81 -32.33 -27.68
C3 FUC P . -5.23 -32.82 -28.00
C4 FUC P . -6.13 -32.61 -26.77
C5 FUC P . -5.52 -33.40 -25.59
C6 FUC P . -6.35 -33.23 -24.33
O2 FUC P . -2.95 -32.54 -28.79
O3 FUC P . -5.76 -32.09 -29.11
O4 FUC P . -6.21 -31.23 -26.46
O5 FUC P . -4.16 -32.95 -25.32
C1 NAG Q . 37.16 66.40 -16.51
C2 NAG Q . 37.47 67.75 -17.23
C3 NAG Q . 36.30 68.70 -16.97
C4 NAG Q . 35.00 68.07 -17.51
C5 NAG Q . 34.79 66.71 -16.80
C6 NAG Q . 33.56 65.99 -17.29
C7 NAG Q . 39.83 68.24 -17.30
C8 NAG Q . 41.09 68.80 -16.72
N2 NAG Q . 38.68 68.32 -16.64
O3 NAG Q . 36.53 69.95 -17.64
O4 NAG Q . 33.89 68.93 -17.20
O5 NAG Q . 35.94 65.85 -17.03
O6 NAG Q . 33.42 64.72 -16.69
O7 NAG Q . 39.86 67.70 -18.41
C1 NAG Q . 33.05 69.21 -18.40
C2 NAG Q . 31.69 69.78 -17.91
C3 NAG Q . 30.82 70.07 -19.15
C4 NAG Q . 31.58 71.07 -20.07
C5 NAG Q . 32.92 70.43 -20.48
C6 NAG Q . 33.72 71.37 -21.36
C7 NAG Q . 30.73 69.05 -15.81
C8 NAG Q . 30.05 68.03 -14.96
N2 NAG Q . 31.02 68.78 -17.09
O3 NAG Q . 29.58 70.65 -18.74
O4 NAG Q . 30.78 71.33 -21.22
O5 NAG Q . 33.70 70.13 -19.29
O6 NAG Q . 34.83 70.69 -21.94
O7 NAG Q . 31.04 70.14 -15.33
C1 NAG R . 18.21 68.61 -5.83
C2 NAG R . 17.78 70.11 -5.95
C3 NAG R . 16.26 70.16 -6.13
C4 NAG R . 15.88 69.39 -7.41
C5 NAG R . 16.39 67.93 -7.27
C6 NAG R . 16.14 67.14 -8.53
C7 NAG R . 18.95 71.85 -4.75
C8 NAG R . 19.33 72.56 -3.48
N2 NAG R . 18.15 70.80 -4.70
O3 NAG R . 15.83 71.52 -6.25
O4 NAG R . 14.44 69.36 -7.54
O5 NAG R . 17.83 67.92 -7.03
O6 NAG R . 16.64 65.81 -8.41
O7 NAG R . 19.40 72.25 -5.82
C1 NAG R . 13.98 69.96 -8.81
C2 NAG R . 12.55 69.40 -9.14
C3 NAG R . 12.09 70.02 -10.46
C4 NAG R . 12.07 71.56 -10.31
C5 NAG R . 13.49 72.05 -9.95
C6 NAG R . 13.52 73.55 -9.73
C7 NAG R . 12.26 67.15 -8.32
C8 NAG R . 12.33 65.67 -8.47
N2 NAG R . 12.64 67.94 -9.31
O3 NAG R . 10.78 69.56 -10.79
O4 NAG R . 11.64 72.15 -11.53
O5 NAG R . 13.94 71.40 -8.72
O6 NAG R . 14.86 74.03 -9.71
O7 NAG R . 11.84 67.64 -7.26
C1 NAG S . -43.49 -4.10 -9.93
C2 NAG S . -44.99 -4.30 -9.54
C3 NAG S . -45.77 -3.01 -9.88
C4 NAG S . -45.12 -1.86 -9.08
C5 NAG S . -43.66 -1.73 -9.49
C6 NAG S . -42.95 -0.63 -8.73
C7 NAG S . -45.66 -6.59 -9.76
C8 NAG S . -46.23 -7.74 -10.53
N2 NAG S . -45.55 -5.38 -10.33
O3 NAG S . -47.13 -3.17 -9.53
O4 NAG S . -45.83 -0.65 -9.38
O5 NAG S . -42.95 -2.98 -9.21
O6 NAG S . -43.22 -0.73 -7.33
O7 NAG S . -45.28 -6.75 -8.59
C1 NAG S . -46.12 0.13 -8.14
C2 NAG S . -46.83 1.46 -8.50
C3 NAG S . -47.02 2.24 -7.19
C4 NAG S . -47.83 1.41 -6.18
C5 NAG S . -47.08 0.08 -5.94
C6 NAG S . -47.81 -0.83 -4.97
C7 NAG S . -46.13 2.11 -10.71
C8 NAG S . -45.26 2.88 -11.66
N2 NAG S . -45.97 2.23 -9.41
O3 NAG S . -47.70 3.48 -7.46
O4 NAG S . -47.92 2.13 -4.93
O5 NAG S . -46.89 -0.65 -7.19
O6 NAG S . -49.15 -1.06 -5.37
O7 NAG S . -47.01 1.36 -11.16
C1 BMA S . -49.31 2.56 -4.62
C2 BMA S . -49.36 3.05 -3.15
C3 BMA S . -50.80 3.47 -2.83
C4 BMA S . -51.23 4.57 -3.81
C5 BMA S . -51.12 4.03 -5.25
C6 BMA S . -51.49 5.09 -6.27
O2 BMA S . -48.47 4.15 -2.96
O3 BMA S . -50.88 3.95 -1.48
O4 BMA S . -52.58 4.95 -3.53
O5 BMA S . -49.75 3.60 -5.51
O6 BMA S . -51.79 4.50 -7.53
C1 FUC S . -42.01 -0.51 -6.53
C2 FUC S . -42.42 -0.04 -5.10
C3 FUC S . -43.21 -1.18 -4.44
C4 FUC S . -42.34 -2.44 -4.40
C5 FUC S . -41.94 -2.81 -5.85
C6 FUC S . -41.05 -4.05 -5.87
O2 FUC S . -43.22 1.12 -5.19
O3 FUC S . -43.59 -0.80 -3.11
O4 FUC S . -41.18 -2.21 -3.60
O5 FUC S . -41.22 -1.71 -6.47
C1 NAG T . 39.54 60.16 29.67
C2 NAG T . 40.00 61.21 30.73
C3 NAG T . 40.64 60.46 31.91
C4 NAG T . 39.61 59.49 32.50
C5 NAG T . 39.16 58.52 31.40
C6 NAG T . 38.13 57.53 31.89
C7 NAG T . 40.65 63.31 29.71
C8 NAG T . 41.65 64.21 29.06
N2 NAG T . 41.00 62.08 30.10
O3 NAG T . 41.05 61.41 32.90
O4 NAG T . 40.25 58.74 33.55
O5 NAG T . 38.59 59.26 30.28
O6 NAG T . 37.66 56.69 30.84
O7 NAG T . 39.49 63.70 29.88
C1 NAG T . 39.45 58.75 34.82
C2 NAG T . 39.98 57.62 35.73
C3 NAG T . 39.15 57.64 37.04
C4 NAG T . 39.30 59.03 37.69
C5 NAG T . 38.79 60.10 36.71
C6 NAG T . 38.93 61.49 37.28
C7 NAG T . 40.82 55.56 34.78
C8 NAG T . 40.62 54.24 34.09
N2 NAG T . 39.77 56.33 35.07
O3 NAG T . 39.64 56.63 37.93
O4 NAG T . 38.54 59.06 38.90
O5 NAG T . 39.55 60.03 35.46
O6 NAG T . 38.22 62.45 36.50
O7 NAG T . 41.96 55.93 35.06
C1 NAG U . 45.64 40.42 36.82
C2 NAG U . 46.52 40.64 38.10
C3 NAG U . 46.18 39.53 39.11
C4 NAG U . 44.68 39.61 39.45
C5 NAG U . 43.86 39.45 38.16
C6 NAG U . 42.38 39.62 38.40
C7 NAG U . 48.75 41.56 37.96
C8 NAG U . 50.19 41.46 37.57
N2 NAG U . 47.93 40.55 37.72
O3 NAG U . 46.96 39.71 40.29
O4 NAG U . 44.34 38.51 40.33
O5 NAG U . 44.26 40.48 37.19
O6 NAG U . 41.64 39.51 37.20
O7 NAG U . 48.32 42.58 38.49
C1 NAG U . 43.77 38.97 41.62
C2 NAG U . 42.92 37.82 42.25
C3 NAG U . 42.33 38.32 43.58
C4 NAG U . 43.49 38.73 44.50
C5 NAG U . 44.30 39.86 43.82
C6 NAG U . 45.49 40.27 44.67
C7 NAG U . 41.93 36.41 40.56
C8 NAG U . 40.81 36.05 39.62
N2 NAG U . 41.82 37.48 41.34
O3 NAG U . 41.58 37.27 44.19
O4 NAG U . 42.96 39.20 45.74
O5 NAG U . 44.82 39.38 42.53
O6 NAG U . 46.05 41.49 44.21
O7 NAG U . 42.95 35.72 40.59
C1 NAG V . -16.79 -31.17 27.44
C2 NAG V . -16.88 -32.63 27.99
C3 NAG V . -16.36 -32.65 29.44
C4 NAG V . -14.90 -32.16 29.44
C5 NAG V . -14.88 -30.73 28.86
C6 NAG V . -13.47 -30.18 28.79
C7 NAG V . -18.71 -33.83 27.00
C8 NAG V . -20.13 -34.29 26.97
N2 NAG V . -18.27 -33.06 28.00
O3 NAG V . -16.44 -33.98 29.97
O4 NAG V . -14.40 -32.18 30.77
O5 NAG V . -15.42 -30.73 27.50
O6 NAG V . -12.59 -31.13 28.20
O7 NAG V . -17.92 -34.16 26.11
C1 NAG V . -13.03 -32.76 30.82
C2 NAG V . -12.49 -32.71 32.28
C3 NAG V . -11.05 -33.24 32.25
C4 NAG V . -11.03 -34.68 31.68
C5 NAG V . -11.65 -34.64 30.27
C6 NAG V . -11.70 -36.01 29.63
C7 NAG V . -13.51 -30.83 33.39
C8 NAG V . -13.52 -29.39 33.84
N2 NAG V . -12.48 -31.31 32.73
O3 NAG V . -10.51 -33.24 33.58
O4 NAG V . -9.67 -35.12 31.59
O5 NAG V . -13.01 -34.10 30.31
O6 NAG V . -12.35 -36.96 30.45
O7 NAG V . -14.49 -31.55 33.63
C1 BMA V . -9.37 -36.25 32.52
C2 BMA V . -7.99 -36.86 32.13
C3 BMA V . -7.71 -38.03 33.09
C4 BMA V . -7.72 -37.52 34.54
C5 BMA V . -9.10 -36.90 34.84
C6 BMA V . -9.16 -36.33 36.24
O2 BMA V . -6.97 -35.88 32.24
O3 BMA V . -6.42 -38.61 32.78
O4 BMA V . -7.47 -38.61 35.43
O5 BMA V . -9.37 -35.81 33.89
O6 BMA V . -10.51 -36.13 36.66
C1 FUC V . -11.67 -30.49 27.24
C2 FUC V . -10.40 -31.37 27.08
C3 FUC V . -10.83 -32.72 26.47
C4 FUC V . -11.52 -32.47 25.12
C5 FUC V . -12.75 -31.55 25.36
C6 FUC V . -13.47 -31.23 24.07
O2 FUC V . -9.80 -31.58 28.34
O3 FUC V . -9.69 -33.56 26.29
O4 FUC V . -10.61 -31.86 24.21
O5 FUC V . -12.32 -30.29 25.97
C1 NAG W . 68.54 36.91 1.47
C2 NAG W . 70.08 37.11 1.37
C3 NAG W . 70.52 36.78 -0.07
C4 NAG W . 70.11 35.34 -0.40
C5 NAG W . 68.59 35.20 -0.23
C6 NAG W . 68.10 33.80 -0.51
C7 NAG W . 70.90 38.84 2.85
C8 NAG W . 71.20 40.27 3.16
N2 NAG W . 70.39 38.51 1.66
O3 NAG W . 71.93 36.94 -0.19
O4 NAG W . 70.44 35.08 -1.77
O5 NAG W . 68.20 35.56 1.14
O6 NAG W . 66.71 33.67 -0.26
O7 NAG W . 71.11 37.96 3.68
C1 NAG W . 71.23 33.81 -1.93
C2 NAG W . 71.19 33.39 -3.43
C3 NAG W . 72.01 32.09 -3.58
C4 NAG W . 73.45 32.34 -3.08
C5 NAG W . 73.39 32.79 -1.61
C6 NAG W . 74.78 33.08 -1.06
C7 NAG W . 69.24 33.85 -4.77
C8 NAG W . 67.81 33.60 -5.17
N2 NAG W . 69.80 33.13 -3.81
O3 NAG W . 72.03 31.70 -4.95
O4 NAG W . 74.20 31.14 -3.22
O5 NAG W . 72.58 33.99 -1.48
O6 NAG W . 74.75 33.23 0.34
O7 NAG W . 69.87 34.75 -5.34
C1 NAG X . 61.11 31.62 -18.40
C2 NAG X . 62.31 31.76 -19.39
C3 NAG X . 62.21 30.61 -20.42
C4 NAG X . 62.28 29.26 -19.67
C5 NAG X . 61.11 29.21 -18.66
C6 NAG X . 61.17 27.96 -17.81
C7 NAG X . 63.19 33.92 -20.02
C8 NAG X . 63.08 35.23 -20.73
N2 NAG X . 62.20 33.05 -20.09
O3 NAG X . 63.30 30.71 -21.34
O4 NAG X . 62.10 28.19 -20.62
O5 NAG X . 61.20 30.35 -17.74
O6 NAG X . 60.12 27.94 -16.85
O7 NAG X . 64.20 33.66 -19.37
C1 NAG X . 63.25 27.24 -20.62
C2 NAG X . 62.76 25.87 -21.19
C3 NAG X . 63.96 24.90 -21.18
C4 NAG X . 65.09 25.50 -22.04
C5 NAG X . 65.50 26.87 -21.44
C6 NAG X . 66.58 27.53 -22.28
C7 NAG X . 60.44 25.45 -20.69
C8 NAG X . 59.35 24.90 -19.82
N2 NAG X . 61.71 25.34 -20.33
O3 NAG X . 63.56 23.64 -21.73
O4 NAG X . 66.21 24.62 -22.04
O5 NAG X . 64.34 27.76 -21.41
O6 NAG X . 67.16 28.62 -21.59
O7 NAG X . 60.15 26.01 -21.74
C1 NAG Y . -34.03 5.66 -56.67
C2 NAG Y . -35.43 5.11 -57.10
C3 NAG Y . -35.51 3.62 -56.75
C4 NAG Y . -34.39 2.87 -57.48
C5 NAG Y . -33.04 3.47 -57.03
C6 NAG Y . -31.88 2.81 -57.75
C7 NAG Y . -37.51 6.35 -57.04
C8 NAG Y . -38.58 7.12 -56.32
N2 NAG Y . -36.46 5.86 -56.38
O3 NAG Y . -36.79 3.10 -57.16
O4 NAG Y . -34.44 1.50 -57.15
O5 NAG Y . -33.00 4.90 -57.34
O6 NAG Y . -31.92 3.06 -59.15
O7 NAG Y . -37.59 6.17 -58.26
C1 NAG Z . -51.38 32.80 -46.39
C2 NAG Z . -52.86 33.29 -46.53
C3 NAG Z . -53.20 34.18 -45.31
C4 NAG Z . -53.01 33.36 -44.03
C5 NAG Z . -51.55 32.88 -43.96
C6 NAG Z . -51.30 32.02 -42.74
C7 NAG Z . -53.46 33.50 -48.86
C8 NAG Z . -53.60 34.30 -50.12
N2 NAG Z . -52.98 34.07 -47.76
O3 NAG Z . -54.54 34.63 -45.41
O4 NAG Z . -53.30 34.19 -42.91
O5 NAG Z . -51.24 32.08 -45.15
O6 NAG Z . -52.10 30.85 -42.75
O7 NAG Z . -53.79 32.31 -48.84
C1 NAG AA . 17.31 -23.93 -35.48
C2 NAG AA . 18.10 -23.55 -36.78
C3 NAG AA . 19.53 -24.14 -36.67
C4 NAG AA . 20.21 -23.56 -35.42
C5 NAG AA . 19.36 -23.92 -34.18
C6 NAG AA . 19.96 -23.34 -32.92
C7 NAG AA . 16.64 -23.35 -38.69
C8 NAG AA . 15.93 -23.92 -39.88
N2 NAG AA . 17.43 -24.12 -37.94
O3 NAG AA . 20.28 -23.79 -37.85
O4 NAG AA . 21.51 -24.11 -35.30
O5 NAG AA . 18.01 -23.40 -34.33
O6 NAG AA . 19.22 -23.70 -31.77
O7 NAG AA . 16.50 -22.15 -38.40
C1 NAG BA . 6.30 45.10 -24.94
C2 NAG BA . 7.19 45.76 -23.83
C3 NAG BA . 6.67 47.19 -23.57
C4 NAG BA . 6.72 47.98 -24.87
C5 NAG BA . 5.86 47.27 -25.93
C6 NAG BA . 5.91 48.00 -27.26
C7 NAG BA . 8.05 44.08 -22.32
C8 NAG BA . 7.97 43.27 -21.07
N2 NAG BA . 7.10 44.97 -22.60
O3 NAG BA . 7.49 47.82 -22.57
O4 NAG BA . 6.22 49.30 -24.64
O5 NAG BA . 6.34 45.90 -26.14
O6 NAG BA . 5.05 47.37 -28.22
O7 NAG BA . 9.00 43.92 -23.10
C1 NAG CA . 25.90 12.71 -37.19
C2 NAG CA . 27.34 12.91 -36.59
C3 NAG CA . 28.34 13.01 -37.77
C4 NAG CA . 28.25 11.72 -38.60
C5 NAG CA . 26.81 11.56 -39.12
C6 NAG CA . 26.66 10.28 -39.91
C7 NAG CA . 27.16 14.14 -34.53
C8 NAG CA . 27.16 15.41 -33.74
N2 NAG CA . 27.36 14.16 -35.85
O3 NAG CA . 29.67 13.15 -37.24
O4 NAG CA . 29.17 11.79 -39.68
O5 NAG CA . 25.87 11.51 -38.00
O6 NAG CA . 25.39 10.21 -40.53
O7 NAG CA . 26.96 13.06 -33.96
C1 NAG DA . 31.70 31.50 -41.88
C2 NAG DA . 30.81 31.57 -43.17
C3 NAG DA . 30.96 30.23 -43.92
C4 NAG DA . 32.45 30.04 -44.28
C5 NAG DA . 33.28 30.03 -42.97
C6 NAG DA . 34.77 29.89 -43.27
C7 NAG DA . 28.86 32.96 -42.90
C8 NAG DA . 27.43 33.19 -42.50
N2 NAG DA . 29.41 31.75 -42.78
O3 NAG DA . 30.18 30.26 -45.12
O4 NAG DA . 32.61 28.79 -44.95
O5 NAG DA . 33.07 31.28 -42.25
O6 NAG DA . 35.47 29.40 -42.12
O7 NAG DA . 29.53 33.90 -43.31
C1 NAG EA . 64.10 48.99 -21.31
C2 NAG EA . 65.32 49.28 -20.39
C3 NAG EA . 66.43 49.94 -21.24
C4 NAG EA . 66.81 48.97 -22.38
C5 NAG EA . 65.55 48.68 -23.22
C6 NAG EA . 65.86 47.68 -24.32
C7 NAG EA . 64.54 49.73 -18.14
C8 NAG EA . 64.08 50.65 -17.06
N2 NAG EA . 64.90 50.21 -19.34
O3 NAG EA . 67.58 50.19 -20.42
O4 NAG EA . 67.81 49.57 -23.19
O5 NAG EA . 64.50 48.10 -22.38
O6 NAG EA . 64.71 47.45 -25.13
O7 NAG EA . 64.59 48.50 -17.93
C1 NAG FA . 50.29 55.36 -25.25
C2 NAG FA . 48.84 55.79 -25.67
C3 NAG FA . 48.18 54.61 -26.39
C4 NAG FA . 49.02 54.23 -27.62
C5 NAG FA . 50.43 53.84 -27.15
C6 NAG FA . 51.34 53.50 -28.31
C7 NAG FA . 47.30 57.17 -24.43
C8 NAG FA . 46.50 57.49 -23.20
N2 NAG FA . 48.07 56.09 -24.46
O3 NAG FA . 46.85 54.98 -26.82
O4 NAG FA . 48.41 53.13 -28.30
O5 NAG FA . 51.03 54.96 -26.42
O6 NAG FA . 52.57 52.94 -27.86
O7 NAG FA . 47.22 57.91 -25.42
C1 NAG GA . 57.17 69.85 -19.57
C2 NAG GA . 57.00 70.57 -20.95
C3 NAG GA . 57.85 71.86 -20.95
C4 NAG GA . 57.38 72.76 -19.79
C5 NAG GA . 57.55 71.98 -18.47
C6 NAG GA . 57.06 72.81 -17.29
C7 NAG GA . 56.64 69.15 -22.87
C8 NAG GA . 57.13 68.23 -23.95
N2 NAG GA . 57.49 69.68 -22.01
O3 NAG GA . 57.69 72.55 -22.20
O4 NAG GA . 58.16 73.94 -19.77
O5 NAG GA . 56.76 70.75 -18.52
O6 NAG GA . 55.65 72.99 -17.32
O7 NAG GA . 55.43 69.41 -22.80
C1 NAG HA . 74.29 60.12 -14.82
C2 NAG HA . 74.68 59.02 -15.87
C3 NAG HA . 76.02 58.40 -15.46
C4 NAG HA . 77.09 59.51 -15.36
C5 NAG HA . 76.62 60.55 -14.32
C6 NAG HA . 77.62 61.69 -14.21
C7 NAG HA . 72.65 58.02 -16.73
C8 NAG HA . 71.59 56.96 -16.72
N2 NAG HA . 73.65 57.98 -15.85
O3 NAG HA . 76.42 57.44 -16.44
O4 NAG HA . 78.33 58.94 -14.97
O5 NAG HA . 75.34 61.10 -14.73
O6 NAG HA . 77.26 62.56 -13.14
O7 NAG HA . 72.60 58.93 -17.58
C1 NAG IA . -17.43 41.54 -18.07
C2 NAG IA . -17.10 42.26 -19.42
C3 NAG IA . -17.12 43.78 -19.18
C4 NAG IA . -18.51 44.19 -18.64
C5 NAG IA . -18.77 43.43 -17.33
C6 NAG IA . -20.14 43.75 -16.76
C7 NAG IA . -15.54 41.56 -21.12
C8 NAG IA . -14.18 41.15 -21.58
N2 NAG IA . -15.76 41.86 -19.85
O3 NAG IA . -16.85 44.48 -20.40
O4 NAG IA . -18.52 45.59 -18.39
O5 NAG IA . -18.71 41.98 -17.59
O6 NAG IA . -20.22 43.39 -15.39
O7 NAG IA . -16.48 41.63 -21.94
C1 NAG JA . -4.85 21.94 -45.53
C2 NAG JA . -4.13 21.54 -46.88
C3 NAG JA . -2.67 21.69 -46.48
C4 NAG JA . -2.36 23.14 -45.97
C5 NAG JA . -3.33 23.52 -44.80
C6 NAG JA . -3.16 24.92 -44.29
C7 NAG JA . -5.10 19.83 -48.33
C8 NAG JA . -5.46 18.40 -48.64
N2 NAG JA . -4.50 20.13 -47.19
O3 NAG JA . -1.82 21.39 -47.59
O4 NAG JA . -1.05 23.16 -45.42
O5 NAG JA . -4.72 23.30 -45.21
O6 NAG JA . -3.27 25.85 -45.36
O7 NAG JA . -5.36 20.72 -49.16
C1 NAG KA . -20.29 0.34 -34.65
C2 NAG KA . -19.33 -0.68 -33.96
C3 NAG KA . -18.22 -1.07 -34.95
C4 NAG KA . -18.87 -1.68 -36.20
C5 NAG KA . -19.83 -0.64 -36.81
C6 NAG KA . -20.53 -1.19 -38.04
C7 NAG KA . -19.20 -0.26 -31.58
C8 NAG KA . -18.58 0.40 -30.38
N2 NAG KA . -18.71 -0.03 -32.79
O3 NAG KA . -17.35 -2.03 -34.34
O4 NAG KA . -17.86 -2.03 -37.13
O5 NAG KA . -20.84 -0.27 -35.83
O6 NAG KA . -21.04 -0.14 -38.85
O7 NAG KA . -20.17 -1.00 -31.44
C1 NAG LA . -42.09 21.01 -34.89
C2 NAG LA . -43.56 21.29 -35.35
C3 NAG LA . -44.50 21.11 -34.15
C4 NAG LA . -44.36 19.68 -33.62
C5 NAG LA . -42.89 19.45 -33.21
C6 NAG LA . -42.68 18.04 -32.69
C7 NAG LA . -43.79 22.94 -37.10
C8 NAG LA . -43.87 24.36 -37.58
N2 NAG LA . -43.64 22.68 -35.81
O3 NAG LA . -45.85 21.34 -34.56
O4 NAG LA . -45.22 19.51 -32.49
O5 NAG LA . -42.02 19.66 -34.36
O6 NAG LA . -42.78 17.07 -33.72
O7 NAG LA . -43.86 22.02 -37.91
C1 NAG MA . -39.33 -3.88 -33.26
C2 NAG MA . -38.82 -4.69 -34.49
C3 NAG MA . -39.65 -5.98 -34.62
C4 NAG MA . -39.49 -6.78 -33.32
C5 NAG MA . -39.98 -5.92 -32.14
C6 NAG MA . -39.81 -6.66 -30.82
C7 NAG MA . -38.11 -3.99 -36.69
C8 NAG MA . -38.26 -3.17 -37.92
N2 NAG MA . -38.99 -3.88 -35.69
O3 NAG MA . -39.18 -6.75 -35.72
O4 NAG MA . -40.28 -7.96 -33.42
O5 NAG MA . -39.20 -4.69 -32.08
O6 NAG MA . -40.27 -5.86 -29.73
O7 NAG MA . -37.17 -4.79 -36.59
C1 NAG NA . -41.90 2.98 51.35
C2 NAG NA . -42.80 1.90 52.03
C3 NAG NA . -43.59 1.15 50.93
C4 NAG NA . -44.44 2.16 50.15
C5 NAG NA . -43.50 3.23 49.54
C6 NAG NA . -44.28 4.29 48.79
C7 NAG NA . -42.24 0.62 54.00
C8 NAG NA . -41.38 -0.34 54.75
N2 NAG NA . -41.94 0.96 52.74
O3 NAG NA . -44.44 0.16 51.52
O4 NAG NA . -45.15 1.50 49.12
O5 NAG NA . -42.73 3.88 50.60
O6 NAG NA . -45.11 5.04 49.66
O7 NAG NA . -43.25 1.10 54.53
C1 NAG OA . -18.78 -6.94 73.93
C2 NAG OA . -18.78 -7.88 75.18
C3 NAG OA . -17.36 -8.46 75.36
C4 NAG OA . -16.98 -9.23 74.09
C5 NAG OA . -17.03 -8.26 72.89
C6 NAG OA . -16.70 -8.95 71.58
C7 NAG OA . -20.39 -7.14 76.81
C8 NAG OA . -20.77 -6.35 78.03
N2 NAG OA . -19.13 -7.11 76.37
O3 NAG OA . -17.34 -9.34 76.48
O4 NAG OA . -15.65 -9.75 74.23
O5 NAG OA . -18.36 -7.69 72.78
O6 NAG OA . -17.64 -9.98 71.29
O7 NAG OA . -21.24 -7.81 76.22
C1 NAG PA . -38.88 23.54 -8.06
C2 NAG PA . -39.43 24.95 -7.62
C3 NAG PA . -39.52 25.83 -8.88
C4 NAG PA . -38.13 25.95 -9.52
C5 NAG PA . -37.63 24.54 -9.88
C6 NAG PA . -36.24 24.59 -10.47
C7 NAG PA . -40.88 24.80 -5.70
C8 NAG PA . -42.23 24.64 -5.08
N2 NAG PA . -40.75 24.80 -7.03
O3 NAG PA . -40.01 27.14 -8.52
O4 NAG PA . -38.21 26.75 -10.69
O5 NAG PA . -37.59 23.70 -8.68
O6 NAG PA . -35.78 23.29 -10.83
O7 NAG PA . -39.88 24.95 -4.99
C1 NAG QA . 14.07 32.58 37.91
C2 NAG QA . 15.44 32.96 37.27
C3 NAG QA . 16.53 32.88 38.36
C4 NAG QA . 16.15 33.84 39.50
C5 NAG QA . 14.77 33.44 40.06
C6 NAG QA . 14.33 34.39 41.16
C7 NAG QA . 15.51 32.33 34.94
C8 NAG QA . 15.84 31.36 33.83
N2 NAG QA . 15.76 32.00 36.20
O3 NAG QA . 17.80 33.25 37.82
O4 NAG QA . 17.14 33.77 40.53
O5 NAG QA . 13.77 33.47 38.99
O6 NAG QA . 13.09 33.96 41.72
O7 NAG QA . 15.00 33.42 34.67
C1 NAG RA . -13.69 43.52 11.58
C2 NAG RA . -12.90 44.44 10.59
C3 NAG RA . -13.51 45.86 10.64
C4 NAG RA . -15.00 45.77 10.26
C5 NAG RA . -15.71 44.82 11.26
C6 NAG RA . -17.18 44.67 10.90
C7 NAG RA . -10.62 43.67 10.47
C8 NAG RA . -9.18 43.71 10.90
N2 NAG RA . -11.50 44.50 11.01
O3 NAG RA . -12.83 46.70 9.71
O4 NAG RA . -15.58 47.07 10.33
O5 NAG RA . -15.09 43.50 11.22
O6 NAG RA . -17.87 43.95 11.91
O7 NAG RA . -10.98 42.86 9.60
C1 NAG SA . -3.27 56.78 22.72
C2 NAG SA . -4.28 56.74 23.91
C3 NAG SA . -5.70 56.79 23.33
C4 NAG SA . -5.86 58.09 22.52
C5 NAG SA . -4.80 58.10 21.39
C6 NAG SA . -4.87 59.39 20.58
C7 NAG SA . -3.44 55.50 25.80
C8 NAG SA . -3.23 54.24 26.60
N2 NAG SA . -4.10 55.48 24.66
O3 NAG SA . -6.66 56.76 24.40
O4 NAG SA . -7.17 58.14 21.95
O5 NAG SA . -3.46 57.99 21.96
O6 NAG SA . -4.27 59.21 19.30
O7 NAG SA . -3.00 56.58 26.24
C1 NAG TA . 28.49 78.26 5.14
C2 NAG TA . 29.53 78.88 4.16
C3 NAG TA . 29.55 80.41 4.36
C4 NAG TA . 28.14 80.95 4.09
C5 NAG TA . 27.14 80.27 5.04
C6 NAG TA . 25.72 80.73 4.77
C7 NAG TA . 31.32 77.28 3.80
C8 NAG TA . 32.64 76.68 4.12
N2 NAG TA . 30.85 78.32 4.49
O3 NAG TA . 30.49 81.00 3.46
O4 NAG TA . 28.14 82.36 4.30
O5 NAG TA . 27.18 78.82 4.87
O6 NAG TA . 24.81 80.14 5.67
O7 NAG TA . 30.64 76.80 2.87
C1 NAG UA . 27.84 71.32 19.22
C2 NAG UA . 27.61 70.52 20.53
C3 NAG UA . 26.18 69.95 20.52
C4 NAG UA . 25.17 71.11 20.39
C5 NAG UA . 25.48 71.87 19.09
C6 NAG UA . 24.56 73.06 18.91
C7 NAG UA . 29.19 69.13 21.72
C8 NAG UA . 30.15 67.98 21.79
N2 NAG UA . 28.55 69.40 20.59
O3 NAG UA . 25.92 69.23 21.73
O4 NAG UA . 23.85 70.60 20.37
O5 NAG UA . 26.85 72.36 19.11
O6 NAG UA . 24.70 73.63 17.62
O7 NAG UA . 28.98 69.81 22.74
C1 NAG VA . 42.89 78.83 21.84
C2 NAG VA . 42.36 79.63 23.08
C3 NAG VA . 43.38 80.74 23.42
C4 NAG VA . 44.75 80.09 23.70
C5 NAG VA . 45.19 79.30 22.45
C6 NAG VA . 46.51 78.60 22.68
C7 NAG VA . 39.97 79.82 23.31
C8 NAG VA . 38.65 80.45 22.96
N2 NAG VA . 41.09 80.25 22.73
O3 NAG VA . 42.94 81.47 24.56
O4 NAG VA . 45.70 81.09 24.00
O5 NAG VA . 44.19 78.28 22.14
O6 NAG VA . 46.39 77.55 23.64
O7 NAG VA . 40.00 78.91 24.15
C1 NAG WA . 42.34 86.89 3.25
C2 NAG WA . 40.90 87.35 2.84
C3 NAG WA . 40.98 88.02 1.44
C4 NAG WA . 41.97 89.20 1.51
C5 NAG WA . 43.35 88.65 1.93
C6 NAG WA . 44.38 89.77 2.04
C7 NAG WA . 39.28 85.83 3.78
C8 NAG WA . 38.40 84.63 3.70
N2 NAG WA . 40.04 86.18 2.74
O3 NAG WA . 39.68 88.50 1.07
O4 NAG WA . 42.06 89.81 0.22
O5 NAG WA . 43.24 88.01 3.23
O6 NAG WA . 45.67 89.24 2.28
O7 NAG WA . 39.29 86.52 4.81
C1 NAG XA . 12.76 8.99 45.96
C2 NAG XA . 12.34 10.17 46.91
C3 NAG XA . 13.55 10.54 47.78
C4 NAG XA . 13.99 9.30 48.58
C5 NAG XA . 14.36 8.18 47.59
C6 NAG XA . 14.77 6.90 48.31
C7 NAG XA . 10.90 12.03 46.38
C8 NAG XA . 10.50 13.21 45.56
N2 NAG XA . 11.98 11.31 46.08
O3 NAG XA . 13.20 11.59 48.68
O4 NAG XA . 15.13 9.63 49.38
O5 NAG XA . 13.20 7.87 46.75
O6 NAG XA . 15.49 6.03 47.45
O7 NAG XA . 10.21 11.71 47.37
C1 NAG YA . -18.20 26.19 39.50
C2 NAG YA . -19.33 27.30 39.49
C3 NAG YA . -18.71 28.33 38.54
C4 NAG YA . -17.31 28.80 39.05
C5 NAG YA . -16.37 27.58 39.28
C6 NAG YA . -15.02 27.92 39.84
C7 NAG YA . -21.68 26.68 39.67
C8 NAG YA . -22.94 26.07 39.10
N2 NAG YA . -20.57 26.70 38.94
O3 NAG YA . -19.58 29.46 38.41
O4 NAG YA . -16.69 29.58 38.03
O5 NAG YA . -17.03 26.60 40.16
O6 NAG YA . -15.16 28.68 41.04
O7 NAG YA . -21.71 27.19 40.80
C1 NAG ZA . -27.67 1.19 29.07
C2 NAG ZA . -27.72 1.27 27.51
C3 NAG ZA . -28.52 2.53 27.11
C4 NAG ZA . -29.93 2.43 27.70
C5 NAG ZA . -29.81 2.32 29.24
C6 NAG ZA . -31.17 2.18 29.89
C7 NAG ZA . -25.72 0.33 26.54
C8 NAG ZA . -24.32 0.45 26.01
N2 NAG ZA . -26.35 1.40 26.99
O3 NAG ZA . -28.61 2.60 25.68
O4 NAG ZA . -30.67 3.59 27.35
O5 NAG ZA . -29.02 1.14 29.58
O6 NAG ZA . -31.12 2.53 31.27
O7 NAG ZA . -26.28 -0.77 26.55
C1 NAG AB . -17.18 -9.20 55.24
C2 NAG AB . -17.54 -10.05 56.50
C3 NAG AB . -16.96 -11.46 56.33
C4 NAG AB . -17.54 -12.09 55.05
C5 NAG AB . -17.18 -11.19 53.86
C6 NAG AB . -17.73 -11.76 52.57
C7 NAG AB . -17.69 -8.81 58.56
C8 NAG AB . -17.08 -8.16 59.77
N2 NAG AB . -16.93 -9.42 57.67
O3 NAG AB . -17.31 -12.26 57.48
O4 NAG AB . -16.99 -13.39 54.89
O5 NAG AB . -17.71 -9.85 54.05
O6 NAG AB . -19.15 -11.65 52.51
O7 NAG AB . -18.92 -8.76 58.40
C1 NAG BB . -32.58 -16.13 36.69
C2 NAG BB . -33.94 -15.37 36.47
C3 NAG BB . -35.04 -16.41 36.19
C4 NAG BB . -34.65 -17.20 34.93
C5 NAG BB . -33.29 -17.89 35.18
C6 NAG BB . -32.83 -18.66 33.95
C7 NAG BB . -34.91 -13.49 37.59
C8 NAG BB . -35.26 -12.71 38.83
N2 NAG BB . -34.27 -14.64 37.69
O3 NAG BB . -36.28 -15.74 35.96
O4 NAG BB . -35.65 -18.17 34.66
O5 NAG BB . -32.27 -16.89 35.51
O6 NAG BB . -31.58 -19.31 34.20
O7 NAG BB . -35.25 -13.05 36.48
C1 NAG CB . 31.96 -58.13 0.89
C2 NAG CB . 31.56 -59.55 0.38
C3 NAG CB . 30.14 -59.87 0.89
C4 NAG CB . 30.15 -59.83 2.42
C5 NAG CB . 30.59 -58.42 2.87
C6 NAG CB . 30.66 -58.31 4.38
C7 NAG CB . 32.18 -60.51 -1.75
C8 NAG CB . 32.21 -60.52 -3.24
N2 NAG CB . 31.57 -59.53 -1.09
O3 NAG CB . 29.76 -61.18 0.44
O4 NAG CB . 28.85 -60.11 2.91
O5 NAG CB . 31.91 -58.11 2.33
O6 NAG CB . 31.66 -59.17 4.91
O7 NAG CB . 32.73 -61.42 -1.12
C1 NAG DB . 44.94 -54.24 -30.09
C2 NAG DB . 45.18 -55.18 -31.32
C3 NAG DB . 45.14 -54.33 -32.60
C4 NAG DB . 43.77 -53.64 -32.70
C5 NAG DB . 43.58 -52.76 -31.45
C6 NAG DB . 42.22 -52.08 -31.45
C7 NAG DB . 46.60 -57.03 -30.71
C8 NAG DB . 47.95 -57.67 -30.58
N2 NAG DB . 46.51 -55.80 -31.20
O3 NAG DB . 45.35 -55.16 -33.74
O4 NAG DB . 43.73 -52.83 -33.87
O5 NAG DB . 43.67 -53.58 -30.25
O6 NAG DB . 41.16 -53.02 -31.42
O7 NAG DB . 45.59 -57.64 -30.35
C1 NAG EB . 4.18 -19.18 41.78
C2 NAG EB . 5.37 -19.36 42.80
C3 NAG EB . 5.06 -18.52 44.05
C4 NAG EB . 4.91 -17.04 43.63
C5 NAG EB . 3.76 -16.94 42.60
C6 NAG EB . 3.60 -15.51 42.11
C7 NAG EB . 6.40 -21.53 42.59
C8 NAG EB . 6.53 -22.98 42.96
N2 NAG EB . 5.48 -20.77 43.17
O3 NAG EB . 6.14 -18.64 44.99
O4 NAG EB . 4.60 -16.26 44.78
O5 NAG EB . 4.05 -17.79 41.43
O6 NAG EB . 2.52 -15.40 41.19
O7 NAG EB . 7.17 -21.04 41.76
C1 NAG FB . 51.51 3.22 -5.73
C2 NAG FB . 51.53 4.76 -5.96
C3 NAG FB . 52.43 5.06 -7.18
C4 NAG FB . 53.84 4.51 -6.89
C5 NAG FB . 53.74 2.99 -6.64
C6 NAG FB . 55.10 2.41 -6.30
C7 NAG FB . 49.45 5.77 -5.26
C8 NAG FB . 48.06 6.26 -5.52
N2 NAG FB . 50.17 5.23 -6.24
O3 NAG FB . 52.49 6.48 -7.40
O4 NAG FB . 54.68 4.76 -8.02
O5 NAG FB . 52.85 2.74 -5.50
O6 NAG FB . 55.02 0.99 -6.13
O7 NAG FB . 49.93 5.86 -4.12
C1 NAG GB . 35.83 -2.16 30.45
C2 NAG GB . 35.88 -0.73 31.08
C3 NAG GB . 36.78 -0.77 32.33
C4 NAG GB . 36.22 -1.80 33.31
C5 NAG GB . 36.17 -3.18 32.63
C6 NAG GB . 35.58 -4.23 33.55
C7 NAG GB . 35.63 0.90 29.32
C8 NAG GB . 36.18 1.84 28.30
N2 NAG GB . 36.44 0.19 30.10
O3 NAG GB . 36.81 0.53 32.94
O4 NAG GB . 37.06 -1.86 34.46
O5 NAG GB . 35.33 -3.11 31.43
O6 NAG GB . 35.69 -5.53 32.99
O7 NAG GB . 34.40 0.77 29.43
C1 NAG HB . 54.49 5.04 27.51
C2 NAG HB . 55.14 3.63 27.50
C3 NAG HB . 54.53 2.79 28.63
C4 NAG HB . 54.82 3.52 29.97
C5 NAG HB . 54.19 4.93 29.92
C6 NAG HB . 54.49 5.70 31.18
C7 NAG HB . 55.78 2.94 25.27
C8 NAG HB . 55.51 2.29 23.94
N2 NAG HB . 54.84 2.98 26.21
O3 NAG HB . 55.13 1.49 28.65
O4 NAG HB . 54.25 2.77 31.03
O5 NAG HB . 54.74 5.67 28.78
O6 NAG HB . 53.55 6.77 31.36
O7 NAG HB . 56.89 3.43 25.49
C1 NAG IB . 61.69 46.38 31.72
C2 NAG IB . 61.58 47.92 31.99
C3 NAG IB . 62.77 48.34 32.87
C4 NAG IB . 62.72 47.54 34.18
C5 NAG IB . 62.77 46.03 33.85
C6 NAG IB . 62.67 45.19 35.11
C7 NAG IB . 60.51 48.99 30.11
C8 NAG IB . 60.54 49.69 28.78
N2 NAG IB . 61.64 48.62 30.70
O3 NAG IB . 62.68 49.74 33.15
O4 NAG IB . 63.83 47.90 34.99
O5 NAG IB . 61.66 45.66 32.98
O6 NAG IB . 62.77 43.81 34.81
O7 NAG IB . 59.42 48.75 30.64
C1 NAG JB . 66.87 36.52 20.65
C2 NAG JB . 67.22 35.41 19.61
C3 NAG JB . 66.59 34.08 20.08
C4 NAG JB . 67.14 33.73 21.48
C5 NAG JB . 66.77 34.88 22.43
C6 NAG JB . 67.32 34.63 23.83
C7 NAG JB . 67.37 35.61 17.21
C8 NAG JB . 66.78 35.97 15.87
N2 NAG JB . 66.65 35.76 18.31
O3 NAG JB . 66.93 33.02 19.16
O4 NAG JB . 66.56 32.51 21.93
O5 NAG JB . 67.34 36.13 21.95
O6 NAG JB . 66.81 35.58 24.76
O7 NAG JB . 68.52 35.17 17.28
C1 NAG KB . 76.26 49.75 15.51
C2 NAG KB . 77.60 48.99 15.72
C3 NAG KB . 78.76 49.99 15.68
C4 NAG KB . 78.74 50.73 14.32
C5 NAG KB . 77.38 51.44 14.17
C6 NAG KB . 77.27 52.15 12.83
C7 NAG KB . 77.52 47.02 17.12
C8 NAG KB . 77.49 46.35 18.46
N2 NAG KB . 77.58 48.34 17.03
O3 NAG KB . 80.01 49.31 15.84
O4 NAG KB . 79.79 51.67 14.28
O5 NAG KB . 76.30 50.46 14.24
O6 NAG KB . 77.22 51.22 11.76
O7 NAG KB . 77.50 46.32 16.09
C1 NAG LB . 68.43 61.29 30.22
C2 NAG LB . 68.23 60.51 31.56
C3 NAG LB . 67.70 61.48 32.63
C4 NAG LB . 68.71 62.64 32.78
C5 NAG LB . 68.87 63.35 31.42
C6 NAG LB . 69.87 64.48 31.51
C7 NAG LB . 67.61 58.22 31.04
C8 NAG LB . 66.59 57.15 30.81
N2 NAG LB . 67.23 59.46 31.34
O3 NAG LB . 67.56 60.80 33.88
O4 NAG LB . 68.22 63.56 33.77
O5 NAG LB . 69.33 62.39 30.43
O6 NAG LB . 69.88 65.23 30.29
O7 NAG LB . 68.82 57.94 30.98
C1 NAG MB . 40.91 -9.74 -24.23
C2 NAG MB . 42.32 -10.15 -23.70
C3 NAG MB . 43.39 -9.49 -24.60
C4 NAG MB . 43.19 -9.95 -26.04
C5 NAG MB . 41.77 -9.54 -26.50
C6 NAG MB . 41.48 -10.00 -27.92
C7 NAG MB . 43.00 -10.42 -21.40
C8 NAG MB . 43.15 -9.93 -19.99
N2 NAG MB . 42.46 -9.64 -22.34
O3 NAG MB . 44.70 -9.87 -24.15
O4 NAG MB . 44.16 -9.34 -26.88
O5 NAG MB . 40.78 -10.16 -25.61
O6 NAG MB . 40.38 -9.28 -28.47
O7 NAG MB . 43.37 -11.57 -21.69
C1 NAG NB . 43.16 -25.51 8.05
C2 NAG NB . 43.73 -26.03 9.42
C3 NAG NB . 43.85 -24.71 10.21
C4 NAG NB . 44.76 -23.69 9.45
C5 NAG NB . 44.24 -23.47 8.00
C6 NAG NB . 45.09 -22.56 7.16
C7 NAG NB . 43.05 -28.20 10.31
C8 NAG NB . 42.03 -29.13 10.92
N2 NAG NB . 42.72 -26.94 10.03
O3 NAG NB . 44.39 -24.96 11.51
O4 NAG NB . 44.66 -22.43 10.10
O5 NAG NB . 44.08 -24.76 7.31
O6 NAG NB . 46.44 -23.01 7.14
O7 NAG NB . 44.19 -28.62 10.09
C1 NAG OB . 17.13 -36.23 2.48
C2 NAG OB . 16.07 -35.47 3.32
C3 NAG OB . 16.51 -35.48 4.80
C4 NAG OB . 16.65 -36.95 5.25
C5 NAG OB . 17.68 -37.65 4.36
C6 NAG OB . 17.83 -39.11 4.73
C7 NAG OB . 15.05 -33.70 2.03
C8 NAG OB . 14.98 -32.28 1.56
N2 NAG OB . 16.01 -34.07 2.87
O3 NAG OB . 15.53 -34.82 5.60
O4 NAG OB . 17.07 -36.97 6.61
O5 NAG OB . 17.25 -37.58 2.96
O6 NAG OB . 19.06 -39.63 4.25
O7 NAG OB . 14.22 -34.52 1.64
C1 NAG PB . 30.33 -44.38 -23.26
C2 NAG PB . 30.59 -45.58 -24.22
C3 NAG PB . 29.60 -45.51 -25.39
C4 NAG PB . 28.17 -45.55 -24.84
C5 NAG PB . 27.99 -44.36 -23.87
C6 NAG PB . 26.59 -44.35 -23.29
C7 NAG PB . 32.89 -46.33 -24.35
C8 NAG PB . 34.29 -46.22 -24.88
N2 NAG PB . 31.95 -45.47 -24.74
O3 NAG PB . 29.81 -46.62 -26.27
O4 NAG PB . 27.25 -45.47 -25.91
O5 NAG PB . 28.96 -44.44 -22.79
O6 NAG PB . 26.40 -45.42 -22.36
O7 NAG PB . 32.61 -47.21 -23.53
C1 NAG QB . 9.93 -49.75 -9.68
C2 NAG QB . 10.08 -50.48 -8.29
C3 NAG QB . 8.99 -51.56 -8.19
C4 NAG QB . 7.62 -50.88 -8.31
C5 NAG QB . 7.55 -50.16 -9.67
C6 NAG QB . 6.22 -49.43 -9.82
C7 NAG QB . 12.03 -51.19 -7.06
C8 NAG QB . 13.37 -51.82 -6.96
N2 NAG QB . 11.40 -51.11 -8.23
O3 NAG QB . 9.09 -52.22 -6.92
O4 NAG QB . 6.60 -51.87 -8.23
O5 NAG QB . 8.63 -49.17 -9.77
O6 NAG QB . 6.15 -48.77 -11.09
O7 NAG QB . 11.47 -50.75 -6.04
#